data_6P65
#
_entry.id   6P65
#
loop_
_entity.id
_entity.type
_entity.pdbx_description
1 polymer 'HIV Env 16055 NFL TD 2CC+'
2 polymer 'Rabbit antibody 1C2 heavy chain fragment antigen binding'
3 polymer 'Rabbit antibody 1C2 kappa chain'
4 branched alpha-D-mannopyranose-(1-3)-[alpha-D-mannopyranose-(1-6)]beta-D-mannopyranose-(1-4)-2-acetamido-2-deoxy-beta-D-glucopyranose-(1-4)-2-acetamido-2-deoxy-beta-D-glucopyranose
5 branched 2-acetamido-2-deoxy-beta-D-glucopyranose-(1-4)-2-acetamido-2-deoxy-beta-D-glucopyranose
6 branched beta-D-mannopyranose-(1-4)-2-acetamido-2-deoxy-beta-D-glucopyranose-(1-4)-2-acetamido-2-deoxy-beta-D-glucopyranose
7 branched 2-acetamido-2-deoxy-beta-D-glucopyranose-(1-4)-[alpha-L-fucopyranose-(1-6)]2-acetamido-2-deoxy-beta-D-glucopyranose
8 non-polymer 2-acetamido-2-deoxy-beta-D-glucopyranose
#
loop_
_entity_poly.entity_id
_entity_poly.type
_entity_poly.pdbx_seq_one_letter_code
_entity_poly.pdbx_strand_id
1 'polypeptide(L)'
;MPMGSLQPLATLYLLGMLVASVLANGNLWVTVYYGVPVWKDAETTLFCASDAKAYEKEKHNVWATHACVPTDPNPQEMVL
ENVTENFNMWKNDMVEQMHTDVISLWDQSLKPCVKLTPLCVTLECRQVNTTNATSSVNVTNGEEIKNCSFNATTELRDKK
QKVYALFYRLDIVPLEEERKGNSSKYRLINCNTSACTQACPKVTFDPIPIHYCAPAGYAILKCNNKTFNGTGPCNNVSTV
QCTHGIKPVVSTQLLLNGSLAEGEIIIRSENLTNNVKTIIVHLNESVEIVCTRPNNYTRKSIRIGPGQTFYATGDIIGNI
RQAYCNISKDDWIRTLQRVGKKLAEHFPRRIINFTSPAGGDLEITTHSFNCRGEFFYCNTSSLFNSTYNPNDTNSNSSSS
NSSLDITIPCRIKQIINMWQRVGQCMYAPPIEGNITCKSNITGLLLVRDGGVESNETEIFRPGGGDMRNNWRSELYKYKV
VEIKPLGIAPTRCKRRVVEGGGGSGGGGSDDDDKAVGLGAVRRGFLGAAGSTMGAASITLTVQARQLLSGIVQQQSNLLK
APEAQQHLLQLGVWGIKQLQTRVLAIERYLKDQQLLGIWGCSGKLICTTAVPWNSSWSNKSHDEIWGNMTWMQWDREIGN
YTNTIYRLLEDSQNQQEQNEKDLLACDGGGGSHHHHHHHH
;
A,B,E
2 'polypeptide(L)'
;MYRMQLLSCIALSLALVTNSQCQSLEESGGDLVKPGASLTLTCTASGFSFGWNDYMSWVRQAPGKGLEWIGCIYAGSTRS
TYYANWAKGRLTISKTSSTAVTLQMTSLTAADTATYFCARGAVTYDGLGGAYLKHFNLWGPGTLVTVSSGQPKAPSVFPL
APCCGDTPSSTVTLGCLVKGYLPEPVTVTWNSGTLTNGVRTFPSVRQSSGLYSLSSVVSVTSSSQPVTCNVAHPATNTKV
DKTVAPSTCSKHHHHHHHH
;
H,C,F
3 'polypeptide(L)'
;MYRMQLLSCIALSLALVTNSAIKMTQTPSSVSAAVGGTVTVNCRASEDIESYLAWYQQKPGQPPKLLIYDTSKLASGVPS
RFKGSGSGTQFALTISGVQCDDAATYYCLYGYISSDRIDFGFGGGTELVVKGDPVAPSVLIFPPAADQVATGTVTIVCVA
NKYFPDVTVTWEVDGTTQTTGIENSKTPQNSADCTYNLSSTLTLTSTQYNSHKEYTCKVTQGTTSVVQSFNRGDC
;
L,D,G
#
loop_
_chem_comp.id
_chem_comp.type
_chem_comp.name
_chem_comp.formula
BMA D-saccharide, beta linking beta-D-mannopyranose 'C6 H12 O6'
FUC L-saccharide, alpha linking alpha-L-fucopyranose 'C6 H12 O5'
MAN D-saccharide, alpha linking alpha-D-mannopyranose 'C6 H12 O6'
NAG D-saccharide, beta linking 2-acetamido-2-deoxy-beta-D-glucopyranose 'C8 H15 N O6'
#
# COMPACT_ATOMS: atom_id res chain seq x y z
N LEU A 28 -4.02 -34.63 -21.76
CA LEU A 28 -4.16 -34.04 -20.44
C LEU A 28 -4.36 -32.54 -20.55
N TRP A 29 -4.79 -31.94 -19.44
CA TRP A 29 -5.15 -30.53 -19.32
C TRP A 29 -4.38 -29.82 -18.24
N VAL A 30 -4.16 -28.53 -18.42
CA VAL A 30 -3.46 -27.76 -17.41
C VAL A 30 -4.37 -27.41 -16.24
N THR A 31 -3.94 -27.76 -15.05
CA THR A 31 -4.67 -27.41 -13.85
C THR A 31 -3.83 -26.44 -13.06
N VAL A 32 -4.49 -25.40 -12.58
CA VAL A 32 -3.89 -24.36 -11.78
C VAL A 32 -4.01 -24.69 -10.31
N TYR A 33 -2.89 -24.57 -9.61
CA TYR A 33 -2.89 -24.85 -8.20
C TYR A 33 -2.44 -23.64 -7.42
N TYR A 34 -3.02 -23.47 -6.26
CA TYR A 34 -2.59 -22.40 -5.37
C TYR A 34 -2.16 -22.97 -4.06
N GLY A 35 -1.01 -22.54 -3.57
CA GLY A 35 -0.51 -23.04 -2.32
C GLY A 35 0.56 -24.08 -2.57
N VAL A 36 1.17 -24.01 -3.72
CA VAL A 36 2.20 -24.95 -4.05
C VAL A 36 3.45 -24.70 -3.20
N PRO A 37 3.96 -25.68 -2.46
CA PRO A 37 5.07 -25.58 -1.53
C PRO A 37 6.43 -25.55 -2.17
N VAL A 38 6.70 -24.48 -2.88
CA VAL A 38 7.98 -24.30 -3.52
C VAL A 38 8.52 -22.96 -3.16
N TRP A 39 9.82 -22.79 -3.34
CA TRP A 39 10.43 -21.52 -3.04
C TRP A 39 11.64 -21.21 -3.87
N LYS A 40 12.01 -19.96 -3.89
CA LYS A 40 13.19 -19.50 -4.61
C LYS A 40 14.14 -18.82 -3.65
N ASP A 41 15.41 -18.90 -3.91
CA ASP A 41 16.33 -18.19 -3.04
C ASP A 41 15.98 -16.73 -3.19
N ALA A 42 15.91 -15.96 -2.09
CA ALA A 42 15.58 -14.57 -2.30
C ALA A 42 16.14 -13.67 -1.24
N GLU A 43 16.48 -12.46 -1.63
CA GLU A 43 16.95 -11.49 -0.67
C GLU A 43 15.81 -10.58 -0.30
N THR A 44 15.75 -10.19 0.96
CA THR A 44 14.73 -9.25 1.39
C THR A 44 15.14 -8.63 2.70
N THR A 45 14.56 -7.48 2.99
CA THR A 45 14.76 -6.88 4.29
C THR A 45 13.97 -7.69 5.30
N LEU A 46 14.61 -8.09 6.37
CA LEU A 46 13.94 -8.85 7.40
C LEU A 46 13.51 -7.91 8.49
N PHE A 47 12.56 -8.33 9.27
CA PHE A 47 12.16 -7.45 10.33
C PHE A 47 13.16 -7.53 11.40
N CYS A 48 13.43 -6.41 12.02
CA CYS A 48 14.26 -6.44 13.20
C CYS A 48 13.37 -6.59 14.40
N ALA A 49 13.52 -7.69 15.09
CA ALA A 49 12.73 -7.96 16.25
C ALA A 49 13.66 -7.88 17.42
N SER A 50 13.11 -7.45 18.52
CA SER A 50 13.87 -7.30 19.73
C SER A 50 13.36 -8.23 20.79
N ASP A 51 13.85 -8.01 21.98
CA ASP A 51 13.49 -8.78 23.15
C ASP A 51 12.18 -8.24 23.70
N ALA A 52 11.16 -9.07 23.75
CA ALA A 52 9.86 -8.63 24.22
C ALA A 52 9.96 -8.08 25.64
N LYS A 53 10.96 -8.52 26.40
CA LYS A 53 11.12 -8.10 27.77
C LYS A 53 11.97 -6.83 27.89
N ALA A 54 12.44 -6.30 26.77
CA ALA A 54 13.28 -5.12 26.78
C ALA A 54 12.54 -3.98 27.47
N ALA A 64 18.97 1.65 21.26
CA ALA A 64 19.10 0.80 20.08
C ALA A 64 17.95 -0.18 20.05
N THR A 65 16.93 0.07 20.85
CA THR A 65 15.79 -0.82 20.93
C THR A 65 14.53 -0.24 20.30
N HIS A 66 14.48 1.07 20.10
CA HIS A 66 13.29 1.75 19.58
C HIS A 66 13.01 1.43 18.13
N ALA A 67 14.04 0.97 17.46
CA ALA A 67 13.99 0.68 16.05
C ALA A 67 13.44 -0.69 15.73
N CYS A 68 13.35 -1.54 16.74
CA CYS A 68 12.98 -2.92 16.51
C CYS A 68 11.71 -3.30 17.25
N VAL A 69 11.04 -4.34 16.78
CA VAL A 69 9.80 -4.71 17.41
C VAL A 69 10.00 -5.68 18.59
N PRO A 70 9.62 -5.32 19.83
CA PRO A 70 9.78 -6.10 21.04
C PRO A 70 8.71 -7.17 21.15
N THR A 71 8.77 -8.12 20.25
CA THR A 71 7.80 -9.19 20.19
C THR A 71 8.38 -10.54 20.46
N ASP A 72 7.51 -11.52 20.48
CA ASP A 72 7.83 -12.92 20.67
C ASP A 72 8.28 -13.55 19.35
N PRO A 73 9.53 -14.00 19.19
CA PRO A 73 10.05 -14.61 17.97
C PRO A 73 9.21 -15.83 17.58
N ASN A 74 8.51 -16.43 18.55
CA ASN A 74 7.66 -17.55 18.31
C ASN A 74 8.32 -18.56 17.38
N PRO A 75 9.43 -19.19 17.79
CA PRO A 75 10.25 -20.05 16.98
C PRO A 75 9.61 -21.40 16.78
N GLN A 76 8.49 -21.40 16.05
CA GLN A 76 7.76 -22.63 15.83
C GLN A 76 8.38 -23.41 14.71
N GLU A 77 9.52 -23.98 15.01
CA GLU A 77 10.30 -24.71 14.05
C GLU A 77 9.61 -25.94 13.54
N MET A 78 9.62 -26.07 12.23
CA MET A 78 9.07 -27.24 11.56
C MET A 78 10.12 -27.93 10.76
N VAL A 79 10.25 -29.22 10.94
CA VAL A 79 11.26 -29.96 10.21
C VAL A 79 10.70 -30.45 8.91
N LEU A 80 11.45 -30.29 7.83
CA LEU A 80 10.96 -30.75 6.56
C LEU A 80 11.53 -32.13 6.31
N GLU A 81 10.69 -33.13 6.32
CA GLU A 81 11.24 -34.45 6.18
C GLU A 81 11.71 -34.66 4.77
N ASN A 82 12.81 -35.36 4.61
CA ASN A 82 13.31 -35.69 3.30
C ASN A 82 13.59 -34.47 2.42
N VAL A 83 14.09 -33.39 3.00
CA VAL A 83 14.42 -32.23 2.19
C VAL A 83 15.88 -31.86 2.30
N THR A 84 16.52 -31.73 1.15
CA THR A 84 17.92 -31.32 1.07
C THR A 84 17.96 -29.98 0.39
N GLU A 85 18.73 -29.06 0.96
CA GLU A 85 18.86 -27.70 0.40
C GLU A 85 20.29 -27.24 0.41
N ASN A 86 20.63 -26.34 -0.51
CA ASN A 86 21.97 -25.76 -0.60
C ASN A 86 22.12 -24.43 0.12
N PHE A 87 23.03 -24.44 1.07
CA PHE A 87 23.31 -23.27 1.88
C PHE A 87 24.68 -22.75 1.57
N ASN A 88 24.89 -21.46 1.71
CA ASN A 88 26.21 -20.88 1.51
C ASN A 88 26.38 -19.68 2.42
N MET A 89 27.07 -19.89 3.53
CA MET A 89 27.22 -18.87 4.56
C MET A 89 28.06 -17.68 4.10
N TRP A 90 28.77 -17.84 3.01
CA TRP A 90 29.66 -16.80 2.55
C TRP A 90 28.96 -15.84 1.61
N LYS A 91 27.74 -16.18 1.23
CA LYS A 91 26.96 -15.40 0.29
C LYS A 91 25.64 -15.03 0.90
N ASN A 92 25.59 -15.06 2.21
CA ASN A 92 24.38 -14.83 2.94
C ASN A 92 24.10 -13.33 3.18
N ASP A 93 23.04 -12.82 2.59
CA ASP A 93 22.74 -11.41 2.68
C ASP A 93 22.31 -11.02 4.06
N MET A 94 21.98 -11.99 4.89
CA MET A 94 21.56 -11.70 6.25
C MET A 94 22.76 -11.16 6.99
N VAL A 95 23.96 -11.60 6.62
CA VAL A 95 25.16 -11.17 7.29
C VAL A 95 25.42 -9.75 6.92
N GLU A 96 25.26 -9.46 5.63
CA GLU A 96 25.52 -8.11 5.21
C GLU A 96 24.47 -7.17 5.80
N GLN A 97 23.22 -7.64 5.85
CA GLN A 97 22.16 -6.84 6.38
C GLN A 97 22.40 -6.56 7.83
N MET A 98 22.86 -7.58 8.58
CA MET A 98 23.13 -7.35 9.97
C MET A 98 24.24 -6.37 10.14
N HIS A 99 25.29 -6.48 9.34
CA HIS A 99 26.41 -5.57 9.47
C HIS A 99 25.90 -4.15 9.39
N THR A 100 25.07 -3.87 8.40
CA THR A 100 24.55 -2.53 8.28
C THR A 100 23.69 -2.14 9.47
N ASP A 101 22.79 -3.00 9.93
CA ASP A 101 21.92 -2.61 11.04
C ASP A 101 22.66 -2.43 12.35
N VAL A 102 23.69 -3.22 12.59
CA VAL A 102 24.42 -3.06 13.82
C VAL A 102 25.11 -1.72 13.81
N ILE A 103 25.72 -1.37 12.68
CA ILE A 103 26.40 -0.11 12.61
C ILE A 103 25.45 1.02 12.72
N SER A 104 24.35 0.95 12.01
CA SER A 104 23.40 2.02 12.04
C SER A 104 22.87 2.30 13.42
N LEU A 105 22.49 1.28 14.17
CA LEU A 105 21.98 1.56 15.49
C LEU A 105 23.07 2.09 16.41
N TRP A 106 24.27 1.58 16.25
CA TRP A 106 25.37 2.04 17.06
C TRP A 106 25.59 3.51 16.80
N ASP A 107 25.59 3.93 15.53
CA ASP A 107 25.76 5.34 15.23
C ASP A 107 24.64 6.19 15.75
N GLN A 108 23.40 5.72 15.75
CA GLN A 108 22.35 6.58 16.25
C GLN A 108 22.59 6.93 17.71
N SER A 109 23.11 6.00 18.47
CA SER A 109 23.32 6.25 19.88
C SER A 109 24.32 7.38 20.16
N LEU A 110 25.17 7.73 19.21
CA LEU A 110 26.14 8.78 19.43
C LEU A 110 25.70 10.09 18.80
N LYS A 111 24.57 10.06 18.12
CA LYS A 111 24.12 11.22 17.40
C LYS A 111 23.94 12.47 18.25
N PRO A 112 23.35 12.42 19.46
CA PRO A 112 23.13 13.55 20.31
C PRO A 112 24.30 13.88 21.20
N CYS A 113 25.45 13.25 20.99
CA CYS A 113 26.53 13.42 21.93
C CYS A 113 27.49 14.52 21.51
N VAL A 114 28.31 14.95 22.45
CA VAL A 114 29.26 16.04 22.28
C VAL A 114 30.49 15.75 21.45
N LYS A 115 30.76 16.64 20.49
CA LYS A 115 31.95 16.53 19.65
C LYS A 115 33.07 17.26 20.36
N LEU A 116 34.16 16.59 20.62
CA LEU A 116 35.21 17.20 21.42
C LEU A 116 36.18 18.05 20.64
N THR A 117 35.65 19.04 19.97
CA THR A 117 36.46 19.94 19.19
C THR A 117 37.33 20.81 20.10
N PRO A 118 36.89 21.23 21.29
CA PRO A 118 37.66 22.02 22.20
C PRO A 118 38.88 21.31 22.72
N LEU A 119 39.00 20.00 22.53
CA LEU A 119 40.18 19.40 23.08
C LEU A 119 41.29 19.26 22.08
N CYS A 120 41.08 19.69 20.85
CA CYS A 120 42.17 19.59 19.91
C CYS A 120 43.07 20.80 19.98
N VAL A 121 43.79 20.85 21.08
CA VAL A 121 44.70 21.91 21.44
C VAL A 121 46.01 21.32 21.85
N THR A 122 47.02 22.13 21.98
CA THR A 122 48.30 21.66 22.42
C THR A 122 48.14 21.12 23.81
N LEU A 123 48.70 19.95 24.07
CA LEU A 123 48.63 19.42 25.41
C LEU A 123 50.00 19.46 26.01
N GLU A 124 50.08 19.95 27.22
CA GLU A 124 51.37 19.93 27.91
C GLU A 124 51.35 18.74 28.81
N CYS A 125 52.21 17.77 28.57
CA CYS A 125 52.08 16.59 29.40
C CYS A 125 53.32 16.28 30.21
N ARG A 126 53.07 15.73 31.38
CA ARG A 126 54.10 15.29 32.30
C ARG A 126 53.85 13.88 32.74
N GLN A 127 54.87 13.19 33.18
CA GLN A 127 54.65 11.86 33.69
C GLN A 127 53.89 11.87 35.01
N VAL A 128 52.86 11.00 35.13
CA VAL A 128 52.15 10.90 36.40
C VAL A 128 53.06 10.34 37.48
N ASN A 129 53.11 11.01 38.64
CA ASN A 129 53.97 10.58 39.73
C ASN A 129 53.24 9.83 40.85
N THR A 130 52.04 9.37 40.56
CA THR A 130 51.23 8.57 41.47
C THR A 130 51.54 7.10 41.30
N GLU A 143 53.78 3.31 33.02
CA GLU A 143 54.48 4.40 32.36
C GLU A 143 53.68 4.82 31.14
N GLU A 144 52.46 4.34 31.11
CA GLU A 144 51.52 4.61 30.03
C GLU A 144 50.61 5.76 30.30
N ILE A 145 50.60 6.29 31.52
CA ILE A 145 49.68 7.36 31.83
C ILE A 145 50.38 8.69 32.01
N LYS A 146 49.92 9.66 31.24
CA LYS A 146 50.48 10.99 31.27
C LYS A 146 49.48 11.99 31.77
N ASN A 147 49.98 12.98 32.47
CA ASN A 147 49.22 14.07 33.04
C ASN A 147 49.24 15.27 32.14
N CYS A 148 48.12 15.57 31.49
CA CYS A 148 48.16 16.65 30.52
C CYS A 148 47.34 17.88 30.86
N SER A 149 47.90 19.04 30.54
CA SER A 149 47.23 20.34 30.74
C SER A 149 46.70 20.91 29.44
N PHE A 150 45.53 21.52 29.57
CA PHE A 150 44.78 22.16 28.49
C PHE A 150 44.29 23.52 28.83
N ASN A 151 44.07 24.34 27.81
CA ASN A 151 43.32 25.56 28.00
C ASN A 151 41.93 25.36 27.44
N ALA A 152 41.00 24.98 28.30
CA ALA A 152 39.66 24.59 27.90
C ALA A 152 38.76 25.77 27.77
N THR A 153 37.72 25.61 26.96
CA THR A 153 36.73 26.64 26.78
C THR A 153 35.70 26.62 27.89
N THR A 154 35.45 27.77 28.44
CA THR A 154 34.51 27.95 29.52
C THR A 154 33.10 28.16 29.00
N GLU A 155 32.12 28.24 29.89
CA GLU A 155 30.75 28.47 29.45
C GLU A 155 30.72 29.74 28.63
N LEU A 156 31.52 30.72 29.05
CA LEU A 156 31.65 31.94 28.30
C LEU A 156 32.74 31.70 27.27
N ARG A 157 32.52 32.15 26.05
CA ARG A 157 33.47 31.93 24.98
C ARG A 157 34.70 32.80 25.02
N ASP A 158 34.68 33.82 25.84
CA ASP A 158 35.79 34.73 25.94
C ASP A 158 36.73 34.38 27.08
N LYS A 159 36.52 33.23 27.73
CA LYS A 159 37.38 32.82 28.80
C LYS A 159 37.87 31.41 28.61
N LYS A 160 39.07 31.20 29.11
CA LYS A 160 39.69 29.89 29.08
C LYS A 160 40.05 29.51 30.47
N GLN A 161 40.15 28.23 30.71
CA GLN A 161 40.55 27.75 32.00
C GLN A 161 41.65 26.74 31.86
N LYS A 162 42.55 26.70 32.83
CA LYS A 162 43.57 25.70 32.77
C LYS A 162 43.13 24.49 33.54
N VAL A 163 43.03 23.38 32.84
CA VAL A 163 42.53 22.14 33.40
C VAL A 163 43.47 21.03 33.08
N TYR A 164 43.31 19.90 33.75
CA TYR A 164 44.16 18.78 33.42
C TYR A 164 43.35 17.51 33.39
N ALA A 165 43.88 16.51 32.70
CA ALA A 165 43.28 15.19 32.60
C ALA A 165 44.34 14.16 32.37
N LEU A 166 44.05 12.91 32.72
CA LEU A 166 45.04 11.90 32.45
C LEU A 166 44.70 11.13 31.20
N PHE A 167 45.73 10.78 30.46
CA PHE A 167 45.55 10.04 29.23
C PHE A 167 46.46 8.87 29.09
N TYR A 168 46.01 7.92 28.30
CA TYR A 168 46.79 6.77 27.97
C TYR A 168 47.72 7.19 26.87
N ARG A 169 48.94 6.72 26.91
CA ARG A 169 49.91 7.05 25.90
C ARG A 169 49.44 6.69 24.50
N LEU A 170 48.64 5.65 24.37
CA LEU A 170 48.17 5.21 23.06
C LEU A 170 47.27 6.21 22.36
N ASP A 171 46.66 7.11 23.11
CA ASP A 171 45.75 8.08 22.53
C ASP A 171 46.45 9.41 22.30
N ILE A 172 47.74 9.48 22.59
CA ILE A 172 48.45 10.73 22.48
C ILE A 172 49.55 10.70 21.45
N VAL A 173 49.61 11.73 20.63
CA VAL A 173 50.62 11.84 19.60
C VAL A 173 51.59 12.98 19.89
N PRO A 174 52.89 12.76 19.97
CA PRO A 174 53.84 13.80 20.27
C PRO A 174 53.93 14.78 19.17
N LEU A 175 54.22 16.01 19.53
CA LEU A 175 54.45 17.03 18.57
C LEU A 175 55.91 16.98 18.33
N GLU A 176 56.48 18.00 17.74
CA GLU A 176 57.89 17.95 17.45
C GLU A 176 58.69 18.30 18.69
N GLU A 177 58.67 17.37 19.64
CA GLU A 177 59.30 17.51 20.94
C GLU A 177 59.74 16.14 21.44
N GLU A 178 60.74 16.12 22.28
CA GLU A 178 61.26 14.89 22.85
C GLU A 178 60.93 14.67 24.30
N ARG A 179 61.01 13.43 24.75
CA ARG A 179 60.84 13.23 26.17
C ARG A 179 62.05 13.80 26.87
N LYS A 180 61.81 14.62 27.88
CA LYS A 180 62.88 15.21 28.67
C LYS A 180 62.93 14.62 30.08
N GLY A 181 61.90 13.87 30.41
CA GLY A 181 61.73 13.25 31.71
C GLY A 181 60.81 14.01 32.64
N ASN A 182 60.55 15.27 32.31
CA ASN A 182 59.68 16.10 33.10
C ASN A 182 58.44 16.49 32.30
N SER A 183 58.68 17.05 31.12
CA SER A 183 57.57 17.47 30.28
C SER A 183 57.89 17.48 28.79
N SER A 184 56.82 17.42 28.00
CA SER A 184 56.82 17.49 26.53
C SER A 184 55.45 17.90 25.97
N LYS A 185 55.37 18.21 24.67
CA LYS A 185 54.06 18.58 24.11
C LYS A 185 53.49 17.57 23.14
N TYR A 186 52.16 17.45 23.20
CA TYR A 186 51.37 16.49 22.43
C TYR A 186 50.11 17.02 21.78
N ARG A 187 49.60 16.24 20.84
CA ARG A 187 48.30 16.39 20.19
C ARG A 187 47.44 15.19 20.55
N LEU A 188 46.13 15.35 20.65
CA LEU A 188 45.37 14.13 20.84
C LEU A 188 45.36 13.39 19.52
N ILE A 189 45.39 12.08 19.59
CA ILE A 189 45.34 11.33 18.38
C ILE A 189 44.03 11.64 17.71
N ASN A 190 44.07 11.70 16.40
CA ASN A 190 42.98 12.02 15.51
C ASN A 190 42.54 13.45 15.49
N CYS A 191 43.27 14.38 16.09
CA CYS A 191 42.85 15.76 15.85
C CYS A 191 43.17 16.24 14.46
N ASN A 192 43.94 15.46 13.72
CA ASN A 192 44.25 15.79 12.35
C ASN A 192 43.29 15.08 11.41
N THR A 193 42.36 14.32 11.99
CA THR A 193 41.42 13.51 11.24
C THR A 193 39.97 13.83 11.53
N SER A 194 39.58 13.82 12.80
CA SER A 194 38.17 14.02 13.13
C SER A 194 37.83 14.53 14.52
N ALA A 195 36.72 15.21 14.59
CA ALA A 195 36.20 15.70 15.85
C ALA A 195 35.56 14.57 16.60
N CYS A 196 36.39 13.82 17.27
CA CYS A 196 35.97 12.60 17.93
C CYS A 196 34.86 12.88 18.93
N THR A 197 33.81 12.05 18.89
CA THR A 197 32.62 12.21 19.73
C THR A 197 32.64 11.45 21.03
N GLN A 198 32.30 12.11 22.12
CA GLN A 198 32.23 11.46 23.42
C GLN A 198 31.00 10.64 23.55
N ALA A 199 31.13 9.41 23.99
CA ALA A 199 29.93 8.64 24.18
C ALA A 199 29.14 9.29 25.30
N CYS A 200 27.84 9.35 25.14
CA CYS A 200 27.02 9.93 26.16
C CYS A 200 26.88 8.99 27.34
N PRO A 201 26.58 9.51 28.52
CA PRO A 201 26.17 8.72 29.61
C PRO A 201 24.95 8.02 29.08
N LYS A 202 24.78 6.78 29.48
CA LYS A 202 23.69 5.92 29.06
C LYS A 202 23.77 5.44 27.60
N VAL A 203 24.93 5.58 26.95
CA VAL A 203 25.09 4.85 25.72
C VAL A 203 25.26 3.45 26.21
N THR A 204 24.56 2.53 25.60
CA THR A 204 24.67 1.17 26.06
C THR A 204 25.58 0.35 25.19
N PHE A 205 26.39 -0.44 25.86
CA PHE A 205 27.33 -1.33 25.25
C PHE A 205 26.89 -2.76 25.48
N ASP A 206 25.63 -2.90 25.88
CA ASP A 206 25.00 -4.17 26.16
C ASP A 206 24.64 -4.83 24.82
N PRO A 207 25.22 -5.98 24.46
CA PRO A 207 25.00 -6.66 23.21
C PRO A 207 23.66 -7.37 23.26
N ILE A 208 22.60 -6.58 23.25
CA ILE A 208 21.24 -7.05 23.34
C ILE A 208 20.97 -7.85 22.09
N PRO A 209 20.49 -9.09 22.17
CA PRO A 209 20.28 -9.94 21.04
C PRO A 209 19.25 -9.42 20.09
N ILE A 210 19.49 -9.67 18.82
CA ILE A 210 18.61 -9.32 17.73
C ILE A 210 18.04 -10.55 17.10
N HIS A 211 16.77 -10.52 16.77
CA HIS A 211 16.16 -11.65 16.09
C HIS A 211 15.73 -11.20 14.73
N TYR A 212 15.99 -12.00 13.70
CA TYR A 212 15.48 -11.58 12.40
C TYR A 212 14.26 -12.36 12.08
N CYS A 213 13.23 -11.70 11.57
CA CYS A 213 12.01 -12.41 11.24
C CYS A 213 11.59 -12.20 9.80
N ALA A 214 11.10 -13.25 9.18
CA ALA A 214 10.67 -13.16 7.80
C ALA A 214 9.37 -12.36 7.61
N PRO A 215 9.27 -11.55 6.53
CA PRO A 215 8.07 -10.90 6.05
C PRO A 215 7.13 -11.97 5.57
N ALA A 216 5.85 -11.70 5.58
CA ALA A 216 4.96 -12.70 5.04
C ALA A 216 5.36 -12.99 3.61
N GLY A 217 5.34 -14.27 3.25
CA GLY A 217 5.71 -14.70 1.91
C GLY A 217 7.13 -15.24 1.88
N TYR A 218 7.85 -15.02 2.95
CA TYR A 218 9.21 -15.48 3.06
C TYR A 218 9.36 -16.44 4.21
N ALA A 219 10.37 -17.27 4.14
CA ALA A 219 10.63 -18.18 5.23
C ALA A 219 12.11 -18.28 5.45
N ILE A 220 12.49 -18.56 6.69
CA ILE A 220 13.90 -18.73 6.95
C ILE A 220 14.18 -20.19 7.15
N LEU A 221 15.10 -20.69 6.38
CA LEU A 221 15.45 -22.09 6.45
C LEU A 221 16.66 -22.25 7.29
N LYS A 222 16.56 -23.14 8.23
CA LYS A 222 17.63 -23.41 9.15
C LYS A 222 18.26 -24.73 8.83
N CYS A 223 19.59 -24.76 8.82
CA CYS A 223 20.29 -26.01 8.58
C CYS A 223 20.65 -26.70 9.89
N ASN A 224 20.14 -27.91 10.08
CA ASN A 224 20.35 -28.70 11.28
C ASN A 224 21.32 -29.83 11.03
N ASN A 225 22.04 -29.74 9.96
CA ASN A 225 22.96 -30.82 9.67
C ASN A 225 24.24 -30.61 10.45
N LYS A 226 24.30 -31.26 11.57
CA LYS A 226 25.45 -31.11 12.42
C LYS A 226 26.65 -31.45 11.58
N THR A 227 27.70 -30.65 11.70
CA THR A 227 28.98 -30.75 10.98
C THR A 227 28.96 -30.14 9.58
N PHE A 228 27.83 -29.56 9.18
CA PHE A 228 27.77 -28.85 7.92
C PHE A 228 28.85 -27.78 7.94
N ASN A 229 29.61 -27.69 6.86
CA ASN A 229 30.76 -26.80 6.83
C ASN A 229 30.50 -25.43 6.23
N GLY A 230 29.24 -25.06 6.09
CA GLY A 230 28.88 -23.75 5.59
C GLY A 230 28.52 -23.69 4.12
N THR A 231 28.89 -24.71 3.34
CA THR A 231 28.55 -24.70 1.92
C THR A 231 28.01 -26.04 1.46
N GLY A 232 27.37 -26.05 0.31
CA GLY A 232 26.90 -27.32 -0.21
C GLY A 232 25.59 -27.69 0.46
N PRO A 233 25.12 -28.92 0.27
CA PRO A 233 23.86 -29.41 0.73
C PRO A 233 23.83 -29.64 2.22
N CYS A 234 22.65 -29.43 2.74
CA CYS A 234 22.28 -29.70 4.10
C CYS A 234 21.11 -30.66 4.00
N ASN A 235 21.25 -31.83 4.58
CA ASN A 235 20.22 -32.87 4.43
C ASN A 235 19.22 -32.90 5.56
N ASN A 236 19.26 -31.88 6.38
CA ASN A 236 18.31 -31.77 7.48
C ASN A 236 17.95 -30.31 7.68
N VAL A 237 16.81 -29.92 7.18
CA VAL A 237 16.48 -28.54 7.25
C VAL A 237 15.13 -28.37 7.87
N SER A 238 14.90 -27.19 8.37
CA SER A 238 13.66 -26.85 9.00
C SER A 238 13.33 -25.41 8.76
N THR A 239 12.10 -25.01 9.00
CA THR A 239 11.79 -23.61 8.80
C THR A 239 11.33 -22.95 10.06
N VAL A 240 11.69 -21.68 10.16
CA VAL A 240 11.29 -20.84 11.25
C VAL A 240 10.78 -19.51 10.76
N GLN A 241 10.03 -18.83 11.62
CA GLN A 241 9.63 -17.47 11.30
C GLN A 241 10.75 -16.53 11.66
N CYS A 242 11.44 -16.85 12.76
CA CYS A 242 12.50 -16.01 13.29
C CYS A 242 13.73 -16.80 13.66
N THR A 243 14.89 -16.14 13.61
CA THR A 243 16.18 -16.70 14.01
C THR A 243 16.29 -16.65 15.51
N HIS A 244 17.31 -17.32 16.04
CA HIS A 244 17.55 -17.25 17.45
C HIS A 244 18.10 -15.87 17.70
N GLY A 245 18.22 -15.46 18.95
CA GLY A 245 18.74 -14.14 19.16
C GLY A 245 20.22 -14.17 18.95
N ILE A 246 20.73 -13.17 18.26
CA ILE A 246 22.15 -13.05 18.06
C ILE A 246 22.69 -11.88 18.78
N LYS A 247 23.64 -12.10 19.64
CA LYS A 247 24.21 -11.00 20.36
C LYS A 247 25.28 -10.37 19.50
N PRO A 248 25.22 -9.08 19.19
CA PRO A 248 26.18 -8.38 18.36
C PRO A 248 27.41 -8.08 19.16
N VAL A 249 28.12 -9.13 19.52
CA VAL A 249 29.31 -8.99 20.30
C VAL A 249 30.43 -8.67 19.35
N VAL A 250 31.20 -7.65 19.67
CA VAL A 250 32.27 -7.23 18.82
C VAL A 250 33.63 -7.60 19.37
N SER A 251 34.38 -8.32 18.57
CA SER A 251 35.73 -8.73 18.92
C SER A 251 36.52 -9.12 17.70
N THR A 252 37.80 -9.30 17.91
CA THR A 252 38.70 -9.85 16.89
C THR A 252 39.37 -11.05 17.48
N GLN A 253 39.99 -11.91 16.68
CA GLN A 253 40.77 -13.06 17.12
C GLN A 253 39.97 -14.15 17.87
N LEU A 254 39.39 -13.79 19.00
CA LEU A 254 38.60 -14.72 19.79
C LEU A 254 37.17 -14.23 19.81
N LEU A 255 36.30 -15.14 19.38
CA LEU A 255 34.87 -14.91 19.30
C LEU A 255 34.30 -15.22 20.64
N LEU A 256 33.56 -14.29 21.19
CA LEU A 256 33.04 -14.50 22.51
C LEU A 256 31.53 -14.58 22.55
N ASN A 257 31.04 -15.33 23.54
CA ASN A 257 29.64 -15.44 23.90
C ASN A 257 28.73 -15.86 22.75
N GLY A 258 29.15 -16.75 21.88
CA GLY A 258 28.29 -17.20 20.80
C GLY A 258 27.68 -18.55 21.13
N SER A 259 27.17 -19.20 20.11
CA SER A 259 26.55 -20.51 20.27
C SER A 259 27.59 -21.59 20.01
N LEU A 260 27.69 -22.55 20.91
CA LEU A 260 28.65 -23.65 20.75
C LEU A 260 28.16 -24.70 19.81
N ALA A 261 29.09 -25.34 19.14
CA ALA A 261 28.79 -26.42 18.23
C ALA A 261 28.18 -27.59 18.97
N GLU A 262 27.18 -28.22 18.36
CA GLU A 262 26.51 -29.38 18.96
C GLU A 262 27.37 -30.62 19.06
N GLY A 263 28.18 -30.85 18.03
CA GLY A 263 29.03 -32.02 17.90
C GLY A 263 30.44 -31.64 18.20
N GLU A 264 31.35 -31.97 17.28
CA GLU A 264 32.75 -31.67 17.44
C GLU A 264 33.10 -30.29 16.91
N ILE A 265 34.37 -29.92 17.03
CA ILE A 265 34.79 -28.61 16.57
C ILE A 265 34.71 -28.55 15.06
N ILE A 266 34.07 -27.52 14.55
CA ILE A 266 33.91 -27.39 13.12
C ILE A 266 34.69 -26.25 12.57
N ILE A 267 35.43 -26.52 11.52
CA ILE A 267 36.23 -25.51 10.89
C ILE A 267 35.63 -25.15 9.56
N ARG A 268 35.27 -23.88 9.38
CA ARG A 268 34.63 -23.45 8.15
C ARG A 268 35.40 -22.34 7.44
N SER A 269 35.41 -22.39 6.13
CA SER A 269 36.03 -21.34 5.32
C SER A 269 35.41 -21.27 3.97
N GLU A 270 35.45 -20.12 3.35
CA GLU A 270 34.98 -19.99 2.00
C GLU A 270 35.82 -20.86 1.09
N ASN A 271 37.12 -20.92 1.38
CA ASN A 271 38.07 -21.67 0.59
C ASN A 271 39.27 -22.03 1.46
N LEU A 272 39.42 -23.28 1.84
CA LEU A 272 40.47 -23.68 2.77
C LEU A 272 41.85 -23.71 2.17
N THR A 273 41.95 -23.55 0.88
CA THR A 273 43.24 -23.58 0.23
C THR A 273 43.62 -22.16 -0.17
N ASN A 274 42.81 -21.19 0.22
CA ASN A 274 43.07 -19.79 -0.07
C ASN A 274 43.61 -19.12 1.18
N ASN A 275 44.86 -18.67 1.13
CA ASN A 275 45.50 -18.12 2.33
C ASN A 275 45.09 -16.70 2.64
N VAL A 276 44.13 -16.18 1.91
CA VAL A 276 43.64 -14.85 2.15
C VAL A 276 42.26 -14.91 2.82
N LYS A 277 41.71 -16.11 2.99
CA LYS A 277 40.41 -16.24 3.62
C LYS A 277 40.55 -16.47 5.11
N THR A 278 39.55 -16.02 5.85
CA THR A 278 39.51 -16.25 7.28
C THR A 278 38.86 -17.59 7.56
N ILE A 279 39.44 -18.32 8.48
CA ILE A 279 38.91 -19.60 8.89
C ILE A 279 38.18 -19.45 10.19
N ILE A 280 36.93 -19.85 10.22
CA ILE A 280 36.16 -19.68 11.42
C ILE A 280 36.07 -21.00 12.14
N VAL A 281 36.53 -21.02 13.37
CA VAL A 281 36.52 -22.26 14.12
C VAL A 281 35.46 -22.18 15.19
N HIS A 282 34.53 -23.13 15.15
CA HIS A 282 33.43 -23.17 16.09
C HIS A 282 33.68 -24.21 17.14
N LEU A 283 33.82 -23.77 18.37
CA LEU A 283 34.14 -24.71 19.43
C LEU A 283 32.87 -25.35 19.92
N ASN A 284 33.00 -26.56 20.46
CA ASN A 284 31.87 -27.28 21.02
C ASN A 284 31.86 -27.18 22.54
N GLU A 285 32.85 -26.50 23.06
CA GLU A 285 33.01 -26.28 24.48
C GLU A 285 33.45 -24.87 24.65
N SER A 286 32.98 -24.19 25.68
CA SER A 286 33.44 -22.85 25.94
C SER A 286 34.74 -22.86 26.70
N VAL A 287 35.50 -21.80 26.57
CA VAL A 287 36.70 -21.64 27.37
C VAL A 287 36.54 -20.42 28.24
N GLU A 288 36.75 -20.58 29.52
CA GLU A 288 36.58 -19.47 30.42
C GLU A 288 37.66 -18.42 30.34
N ILE A 289 37.21 -17.19 30.14
CA ILE A 289 38.05 -16.01 30.11
C ILE A 289 37.49 -14.87 30.97
N VAL A 290 38.28 -14.30 31.83
CA VAL A 290 37.78 -13.12 32.54
C VAL A 290 38.77 -11.99 32.46
N CYS A 291 38.28 -10.81 32.11
CA CYS A 291 39.18 -9.67 31.95
C CYS A 291 38.88 -8.55 32.92
N THR A 292 39.92 -7.89 33.38
CA THR A 292 39.76 -6.83 34.34
C THR A 292 40.74 -5.66 34.22
N ARG A 293 40.32 -4.49 34.68
CA ARG A 293 41.16 -3.29 34.74
C ARG A 293 41.26 -2.74 36.17
N PRO A 294 42.09 -3.33 37.02
CA PRO A 294 42.16 -3.08 38.45
C PRO A 294 42.97 -1.85 38.84
N ASN A 295 42.59 -0.67 38.36
CA ASN A 295 43.40 0.51 38.70
C ASN A 295 42.66 1.73 39.29
N ASN A 296 41.40 1.55 39.68
CA ASN A 296 40.62 2.57 40.39
C ASN A 296 40.73 4.01 39.86
N TYR A 297 40.19 4.29 38.69
CA TYR A 297 40.20 5.67 38.19
C TYR A 297 39.01 6.43 38.73
N THR A 298 39.15 7.74 38.82
CA THR A 298 38.10 8.67 39.25
C THR A 298 37.63 9.46 38.03
N ARG A 299 36.32 9.65 37.89
CA ARG A 299 35.82 10.46 36.81
C ARG A 299 35.67 11.93 37.19
N LYS A 300 36.28 12.82 36.42
CA LYS A 300 36.16 14.25 36.64
C LYS A 300 35.31 14.83 35.54
N SER A 301 34.66 15.96 35.79
CA SER A 301 33.87 16.56 34.74
C SER A 301 34.30 17.97 34.44
N ILE A 302 34.74 18.16 33.21
CA ILE A 302 35.27 19.43 32.76
C ILE A 302 34.33 20.11 31.82
N ARG A 303 33.95 21.34 32.13
CA ARG A 303 33.09 22.04 31.22
C ARG A 303 33.95 22.43 30.06
N ILE A 304 33.50 22.17 28.83
CA ILE A 304 34.30 22.53 27.67
C ILE A 304 33.50 23.40 26.71
N GLY A 305 32.39 23.90 27.19
CA GLY A 305 31.56 24.73 26.37
C GLY A 305 30.22 25.02 27.03
N PRO A 306 29.40 25.83 26.40
CA PRO A 306 28.12 26.32 26.87
C PRO A 306 27.05 25.26 26.86
N GLY A 307 27.08 24.41 27.88
CA GLY A 307 26.13 23.32 27.99
C GLY A 307 26.72 21.95 27.77
N GLN A 308 28.04 21.85 27.68
CA GLN A 308 28.61 20.53 27.48
C GLN A 308 29.87 20.25 28.29
N THR A 309 30.02 19.00 28.68
CA THR A 309 31.17 18.58 29.45
C THR A 309 31.88 17.38 28.90
N PHE A 310 33.13 17.30 29.26
CA PHE A 310 34.03 16.21 28.97
C PHE A 310 34.32 15.41 30.20
N TYR A 311 34.31 14.09 30.06
CA TYR A 311 34.64 13.27 31.21
C TYR A 311 36.08 12.86 31.16
N ALA A 312 36.79 13.29 32.17
CA ALA A 312 38.21 13.09 32.26
C ALA A 312 38.62 12.06 33.26
N THR A 313 39.68 11.37 32.93
CA THR A 313 40.30 10.43 33.83
C THR A 313 41.14 11.21 34.82
N GLY A 314 41.09 10.85 36.08
CA GLY A 314 41.99 11.47 37.04
C GLY A 314 41.96 10.76 38.37
N ASP A 315 42.68 11.34 39.34
CA ASP A 315 42.77 10.83 40.70
C ASP A 315 42.84 9.31 40.76
N ILE A 316 44.01 8.77 40.42
CA ILE A 316 44.20 7.34 40.45
C ILE A 316 44.31 6.94 41.90
N ILE A 317 43.56 5.95 42.34
CA ILE A 317 43.67 5.70 43.76
C ILE A 317 44.85 4.82 44.15
N GLY A 318 45.95 5.49 44.35
CA GLY A 318 47.17 4.92 44.89
C GLY A 318 48.04 4.07 43.97
N ASN A 319 47.49 2.92 43.60
CA ASN A 319 48.23 1.94 42.82
C ASN A 319 48.09 2.00 41.33
N ILE A 320 49.17 1.63 40.67
CA ILE A 320 49.18 1.52 39.23
C ILE A 320 49.21 0.05 38.89
N ARG A 321 48.25 -0.39 38.10
CA ARG A 321 48.15 -1.78 37.71
C ARG A 321 47.84 -1.93 36.25
N GLN A 322 48.40 -2.96 35.67
CA GLN A 322 48.18 -3.33 34.29
C GLN A 322 46.90 -4.13 34.14
N ALA A 323 46.10 -3.81 33.13
CA ALA A 323 44.89 -4.58 32.86
C ALA A 323 45.28 -5.92 32.31
N TYR A 324 44.48 -6.94 32.55
CA TYR A 324 44.82 -8.26 32.05
C TYR A 324 43.63 -9.19 31.92
N CYS A 325 43.84 -10.27 31.19
CA CYS A 325 42.86 -11.33 31.14
C CYS A 325 43.38 -12.63 31.73
N ASN A 326 42.46 -13.31 32.38
CA ASN A 326 42.60 -14.58 33.07
C ASN A 326 42.04 -15.73 32.24
N ILE A 327 42.90 -16.55 31.63
CA ILE A 327 42.41 -17.65 30.79
C ILE A 327 42.79 -19.03 31.32
N SER A 328 41.82 -19.95 31.40
CA SER A 328 42.17 -21.30 31.90
C SER A 328 43.21 -22.00 31.01
N LYS A 329 44.28 -22.51 31.61
CA LYS A 329 45.34 -23.10 30.80
C LYS A 329 45.02 -24.46 30.24
N ASP A 330 44.38 -25.31 31.02
CA ASP A 330 44.13 -26.64 30.51
C ASP A 330 43.11 -26.62 29.42
N ASP A 331 42.17 -25.68 29.50
CA ASP A 331 41.13 -25.65 28.51
C ASP A 331 41.67 -25.03 27.25
N TRP A 332 42.55 -24.05 27.40
CA TRP A 332 43.12 -23.48 26.20
C TRP A 332 43.95 -24.52 25.48
N ILE A 333 44.76 -25.26 26.22
CA ILE A 333 45.62 -26.24 25.57
C ILE A 333 44.82 -27.33 24.93
N ARG A 334 43.83 -27.85 25.62
CA ARG A 334 43.03 -28.89 25.01
C ARG A 334 42.38 -28.37 23.77
N THR A 335 41.89 -27.13 23.82
CA THR A 335 41.23 -26.59 22.68
C THR A 335 42.15 -26.54 21.50
N LEU A 336 43.36 -26.04 21.66
CA LEU A 336 44.19 -25.97 20.48
C LEU A 336 44.64 -27.32 19.99
N GLN A 337 44.87 -28.29 20.87
CA GLN A 337 45.31 -29.56 20.32
C GLN A 337 44.17 -30.16 19.50
N ARG A 338 42.94 -29.95 19.94
CA ARG A 338 41.79 -30.46 19.23
C ARG A 338 41.59 -29.74 17.90
N VAL A 339 41.82 -28.42 17.89
CA VAL A 339 41.70 -27.67 16.66
C VAL A 339 42.78 -28.11 15.71
N GLY A 340 43.98 -28.33 16.24
CA GLY A 340 45.12 -28.77 15.47
C GLY A 340 44.76 -30.05 14.76
N LYS A 341 44.20 -31.00 15.47
CA LYS A 341 43.84 -32.23 14.82
C LYS A 341 42.82 -32.01 13.71
N LYS A 342 41.79 -31.20 13.96
CA LYS A 342 40.80 -31.01 12.90
C LYS A 342 41.44 -30.31 11.72
N LEU A 343 42.36 -29.39 11.97
CA LEU A 343 43.02 -28.77 10.85
C LEU A 343 43.84 -29.78 10.10
N ALA A 344 44.48 -30.71 10.81
CA ALA A 344 45.28 -31.74 10.16
C ALA A 344 44.43 -32.57 9.21
N GLU A 345 43.16 -32.78 9.55
CA GLU A 345 42.31 -33.54 8.66
C GLU A 345 42.15 -32.79 7.33
N HIS A 346 42.05 -31.47 7.40
CA HIS A 346 41.93 -30.64 6.20
C HIS A 346 43.28 -30.44 5.50
N PHE A 347 44.34 -30.45 6.29
CA PHE A 347 45.71 -30.23 5.82
C PHE A 347 46.61 -31.35 6.29
N PRO A 348 46.49 -32.56 5.74
CA PRO A 348 47.22 -33.74 6.13
C PRO A 348 48.66 -33.63 5.67
N ARG A 349 49.53 -34.38 6.34
CA ARG A 349 50.95 -34.44 6.05
C ARG A 349 51.63 -33.07 6.17
N ARG A 350 51.20 -32.32 7.17
CA ARG A 350 51.75 -31.02 7.49
C ARG A 350 51.86 -30.85 8.98
N ILE A 351 52.81 -30.04 9.39
CA ILE A 351 52.94 -29.66 10.79
C ILE A 351 52.11 -28.43 11.02
N ILE A 352 51.35 -28.39 12.09
CA ILE A 352 50.52 -27.24 12.36
C ILE A 352 51.09 -26.32 13.38
N ASN A 353 51.19 -25.05 13.04
CA ASN A 353 51.81 -24.11 13.94
C ASN A 353 50.90 -22.95 14.33
N PHE A 354 50.33 -23.01 15.52
CA PHE A 354 49.48 -21.92 15.99
C PHE A 354 50.43 -21.01 16.70
N THR A 355 51.35 -20.45 15.97
CA THR A 355 52.45 -19.77 16.60
C THR A 355 52.64 -18.30 16.41
N SER A 356 51.77 -17.57 15.71
CA SER A 356 52.17 -16.18 15.60
C SER A 356 51.06 -15.15 15.56
N PRO A 357 51.24 -14.00 16.19
CA PRO A 357 50.39 -12.85 16.11
C PRO A 357 50.62 -12.23 14.76
N ALA A 358 49.79 -11.26 14.43
CA ALA A 358 49.81 -10.53 13.15
C ALA A 358 51.12 -9.81 12.78
N GLY A 359 51.88 -9.30 13.75
CA GLY A 359 53.10 -8.57 13.41
C GLY A 359 53.41 -7.27 14.18
N GLY A 360 52.46 -6.69 14.94
CA GLY A 360 52.80 -5.50 15.73
C GLY A 360 51.85 -4.28 15.69
N ASP A 361 50.98 -4.17 14.70
CA ASP A 361 50.05 -3.05 14.70
C ASP A 361 48.91 -3.39 15.63
N LEU A 362 48.78 -2.64 16.72
CA LEU A 362 47.83 -2.91 17.79
C LEU A 362 46.43 -3.14 17.28
N GLU A 363 46.01 -2.39 16.26
CA GLU A 363 44.64 -2.52 15.80
C GLU A 363 44.32 -3.90 15.25
N ILE A 364 45.30 -4.57 14.67
CA ILE A 364 45.04 -5.88 14.10
C ILE A 364 45.82 -7.00 14.80
N THR A 365 46.75 -6.64 15.67
CA THR A 365 47.58 -7.63 16.31
C THR A 365 46.99 -8.11 17.62
N THR A 366 46.24 -7.28 18.29
CA THR A 366 45.68 -7.67 19.56
C THR A 366 44.22 -8.05 19.52
N HIS A 367 43.76 -8.57 20.63
CA HIS A 367 42.40 -9.00 20.82
C HIS A 367 41.53 -7.84 21.15
N SER A 368 40.69 -7.44 20.21
CA SER A 368 39.84 -6.32 20.47
C SER A 368 38.74 -6.84 21.34
N PHE A 369 38.60 -6.23 22.50
CA PHE A 369 37.64 -6.67 23.50
C PHE A 369 36.96 -5.54 24.26
N ASN A 370 35.65 -5.64 24.45
CA ASN A 370 34.95 -4.62 25.21
C ASN A 370 34.46 -5.13 26.54
N CYS A 371 34.62 -4.32 27.57
CA CYS A 371 34.12 -4.66 28.90
C CYS A 371 33.36 -3.51 29.53
N ARG A 372 32.04 -3.61 29.56
CA ARG A 372 31.23 -2.54 30.10
C ARG A 372 31.50 -1.19 29.47
N GLY A 373 31.81 -1.13 28.20
CA GLY A 373 32.09 0.15 27.59
C GLY A 373 33.58 0.48 27.58
N GLU A 374 34.38 -0.31 28.28
CA GLU A 374 35.82 -0.10 28.29
C GLU A 374 36.45 -0.80 27.12
N PHE A 375 37.54 -0.27 26.59
CA PHE A 375 38.17 -0.90 25.45
C PHE A 375 39.57 -1.43 25.66
N PHE A 376 39.66 -2.73 25.51
CA PHE A 376 40.86 -3.49 25.70
C PHE A 376 41.43 -3.94 24.38
N TYR A 377 42.74 -3.95 24.35
CA TYR A 377 43.53 -4.45 23.26
C TYR A 377 44.54 -5.41 23.86
N CYS A 378 44.12 -6.66 23.99
CA CYS A 378 44.90 -7.62 24.76
C CYS A 378 45.88 -8.44 23.91
N ASN A 379 47.03 -8.70 24.48
CA ASN A 379 48.09 -9.42 23.77
C ASN A 379 47.98 -10.92 23.92
N THR A 380 47.58 -11.56 22.83
CA THR A 380 47.30 -12.97 22.75
C THR A 380 48.44 -13.80 22.23
N SER A 381 49.61 -13.21 22.10
CA SER A 381 50.74 -13.94 21.58
C SER A 381 51.15 -15.09 22.47
N SER A 382 50.81 -15.05 23.77
CA SER A 382 51.13 -16.14 24.66
C SER A 382 50.14 -17.29 24.51
N LEU A 383 49.00 -17.05 23.86
CA LEU A 383 48.01 -18.10 23.68
C LEU A 383 48.34 -18.86 22.43
N PHE A 384 48.66 -18.12 21.40
CA PHE A 384 48.97 -18.71 20.11
C PHE A 384 50.46 -18.92 20.02
N ASN A 385 50.93 -19.82 20.85
CA ASN A 385 52.35 -20.16 20.92
C ASN A 385 52.57 -21.66 20.96
N SER A 386 51.96 -22.39 20.05
CA SER A 386 52.14 -23.84 20.08
C SER A 386 51.96 -24.51 18.74
N THR A 387 52.41 -25.76 18.69
CA THR A 387 52.26 -26.55 17.49
C THR A 387 51.53 -27.85 17.74
N TYR A 388 51.30 -28.54 16.65
CA TYR A 388 50.67 -29.83 16.62
C TYR A 388 51.30 -30.76 15.58
N ASN A 389 51.54 -31.98 16.01
CA ASN A 389 52.11 -33.00 15.16
C ASN A 389 51.33 -34.29 15.39
N PRO A 390 50.48 -34.69 14.44
CA PRO A 390 49.54 -35.79 14.58
C PRO A 390 50.16 -37.15 14.83
N ASN A 391 51.44 -37.36 14.49
CA ASN A 391 52.01 -38.67 14.73
C ASN A 391 53.16 -38.62 15.72
N ASP A 392 53.21 -37.56 16.52
CA ASP A 392 54.25 -37.41 17.51
C ASP A 392 53.79 -37.82 18.91
N SER A 403 46.13 -21.68 40.36
CA SER A 403 47.04 -21.47 39.25
C SER A 403 46.56 -22.13 37.98
N LEU A 404 47.49 -22.61 37.17
CA LEU A 404 47.20 -23.26 35.92
C LEU A 404 46.40 -22.38 35.00
N ASP A 405 46.70 -21.10 34.97
CA ASP A 405 46.06 -20.17 34.09
C ASP A 405 47.08 -19.52 33.15
N ILE A 406 46.58 -18.67 32.27
CA ILE A 406 47.41 -17.95 31.32
C ILE A 406 47.19 -16.47 31.52
N THR A 407 48.27 -15.70 31.64
CA THR A 407 48.12 -14.27 31.83
C THR A 407 48.28 -13.53 30.54
N ILE A 408 47.27 -12.76 30.22
CA ILE A 408 47.27 -11.95 29.05
C ILE A 408 47.37 -10.50 29.46
N PRO A 409 48.45 -9.78 29.21
CA PRO A 409 48.54 -8.39 29.57
C PRO A 409 47.65 -7.67 28.60
N CYS A 410 47.02 -6.59 29.02
CA CYS A 410 46.20 -5.82 28.11
C CYS A 410 46.48 -4.33 28.08
N ARG A 411 46.27 -3.73 26.91
CA ARG A 411 46.38 -2.30 26.79
C ARG A 411 44.98 -1.72 26.81
N ILE A 412 44.86 -0.51 27.31
CA ILE A 412 43.59 0.21 27.35
C ILE A 412 43.67 1.45 26.49
N LYS A 413 42.65 1.69 25.68
CA LYS A 413 42.67 2.85 24.78
C LYS A 413 41.30 3.55 24.79
N GLN A 414 41.25 4.89 24.85
CA GLN A 414 39.97 5.59 24.86
C GLN A 414 39.48 6.06 23.50
N ILE A 415 40.35 6.15 22.51
CA ILE A 415 39.95 6.57 21.17
C ILE A 415 39.68 5.39 20.28
N ILE A 416 38.44 5.25 19.86
CA ILE A 416 38.04 4.08 19.12
C ILE A 416 37.63 4.29 17.67
N ASN A 417 38.33 3.62 16.76
CA ASN A 417 37.98 3.70 15.34
C ASN A 417 37.02 2.58 15.05
N MET A 418 35.81 2.75 15.53
CA MET A 418 34.89 1.65 15.47
C MET A 418 34.57 1.29 14.03
N TRP A 419 34.43 0.00 13.80
CA TRP A 419 34.05 -0.60 12.53
C TRP A 419 35.03 -0.41 11.40
N GLN A 420 36.26 0.00 11.73
CA GLN A 420 37.32 0.21 10.75
C GLN A 420 37.04 1.40 9.86
N ARG A 421 36.15 2.27 10.28
CA ARG A 421 35.89 3.47 9.50
C ARG A 421 36.90 4.49 9.89
N VAL A 422 37.14 5.45 9.02
CA VAL A 422 38.08 6.50 9.36
C VAL A 422 37.38 7.83 9.50
N GLY A 423 37.56 8.43 10.67
CA GLY A 423 36.98 9.71 11.02
C GLY A 423 35.75 9.55 11.89
N GLN A 424 35.19 8.36 11.92
CA GLN A 424 34.03 8.10 12.75
C GLN A 424 34.53 7.68 14.10
N CYS A 425 35.08 8.63 14.80
CA CYS A 425 35.74 8.38 16.06
C CYS A 425 34.89 8.56 17.27
N MET A 426 34.96 7.57 18.17
CA MET A 426 34.29 7.63 19.45
C MET A 426 35.28 7.72 20.60
N TYR A 427 34.96 8.55 21.57
CA TYR A 427 35.74 8.66 22.78
C TYR A 427 35.03 7.97 23.92
N ALA A 428 35.75 7.06 24.55
CA ALA A 428 35.21 6.32 25.65
C ALA A 428 35.56 7.01 26.97
N PRO A 429 34.59 7.51 27.75
CA PRO A 429 34.81 8.21 28.98
C PRO A 429 35.29 7.17 29.95
N PRO A 430 35.98 7.54 31.01
CA PRO A 430 36.46 6.66 32.05
C PRO A 430 35.29 6.10 32.81
N ILE A 431 35.44 4.85 33.23
CA ILE A 431 34.41 4.21 34.01
C ILE A 431 34.95 3.90 35.38
N GLU A 432 34.23 4.33 36.39
CA GLU A 432 34.61 4.13 37.77
C GLU A 432 34.17 2.77 38.30
N GLY A 433 34.91 2.23 39.26
CA GLY A 433 34.49 1.01 39.91
C GLY A 433 35.15 -0.27 39.42
N ASN A 434 34.46 -1.36 39.65
CA ASN A 434 35.02 -2.69 39.42
C ASN A 434 34.86 -3.11 37.97
N ILE A 435 35.84 -2.79 37.15
CA ILE A 435 35.65 -3.10 35.75
C ILE A 435 36.15 -4.47 35.44
N THR A 436 35.27 -5.45 35.64
CA THR A 436 35.57 -6.84 35.37
C THR A 436 34.46 -7.50 34.56
N CYS A 437 34.84 -8.24 33.53
CA CYS A 437 33.87 -8.97 32.72
C CYS A 437 34.27 -10.41 32.50
N LYS A 438 33.36 -11.32 32.78
CA LYS A 438 33.60 -12.75 32.58
C LYS A 438 32.85 -13.24 31.37
N SER A 439 33.55 -13.89 30.45
CA SER A 439 32.94 -14.32 29.21
C SER A 439 33.40 -15.68 28.71
N ASN A 440 32.73 -16.15 27.68
CA ASN A 440 32.99 -17.47 27.10
C ASN A 440 33.64 -17.42 25.74
N ILE A 441 34.82 -18.00 25.59
CA ILE A 441 35.36 -18.02 24.25
C ILE A 441 34.62 -19.12 23.58
N THR A 442 33.99 -18.83 22.45
CA THR A 442 33.22 -19.83 21.74
C THR A 442 33.79 -20.13 20.38
N GLY A 443 34.76 -19.35 19.93
CA GLY A 443 35.33 -19.63 18.63
C GLY A 443 36.59 -18.83 18.35
N LEU A 444 37.22 -19.20 17.25
CA LEU A 444 38.47 -18.57 16.85
C LEU A 444 38.40 -18.05 15.44
N LEU A 445 39.08 -16.96 15.15
CA LEU A 445 39.23 -16.53 13.77
C LEU A 445 40.68 -16.71 13.39
N LEU A 446 40.97 -17.68 12.55
CA LEU A 446 42.35 -17.97 12.23
C LEU A 446 42.64 -17.65 10.78
N VAL A 447 43.87 -17.25 10.52
CA VAL A 447 44.27 -17.02 9.17
C VAL A 447 45.47 -17.89 8.86
N ARG A 448 45.38 -18.66 7.80
CA ARG A 448 46.47 -19.53 7.40
C ARG A 448 47.48 -18.68 6.65
N ASP A 449 48.74 -18.87 6.93
CA ASP A 449 49.77 -18.14 6.21
C ASP A 449 49.73 -18.44 4.72
N SER A 454 55.29 -24.31 2.00
CA SER A 454 56.66 -24.01 1.64
C SER A 454 57.61 -24.70 2.59
N ASN A 455 57.18 -24.75 3.84
CA ASN A 455 57.94 -25.37 4.92
C ASN A 455 57.24 -26.62 5.44
N GLU A 456 56.30 -27.11 4.65
CA GLU A 456 55.51 -28.30 4.96
C GLU A 456 54.87 -28.14 6.34
N THR A 457 54.52 -26.90 6.64
CA THR A 457 53.95 -26.50 7.87
C THR A 457 52.83 -25.53 7.55
N GLU A 458 51.74 -25.64 8.24
CA GLU A 458 50.65 -24.72 8.08
C GLU A 458 50.70 -23.81 9.29
N ILE A 459 51.04 -22.56 9.04
CA ILE A 459 51.22 -21.59 10.09
C ILE A 459 49.98 -20.76 10.24
N PHE A 460 49.47 -20.68 11.45
CA PHE A 460 48.27 -19.93 11.68
C PHE A 460 48.47 -18.79 12.63
N ARG A 461 47.73 -17.74 12.34
CA ARG A 461 47.72 -16.57 13.17
C ARG A 461 46.29 -16.24 13.50
N PRO A 462 45.98 -15.70 14.67
CA PRO A 462 44.66 -15.25 14.99
C PRO A 462 44.48 -14.02 14.15
N GLY A 463 43.26 -13.70 13.77
CA GLY A 463 43.07 -12.48 13.00
C GLY A 463 41.66 -11.95 13.04
N GLY A 464 41.36 -11.02 12.15
CA GLY A 464 40.03 -10.43 12.17
C GLY A 464 40.08 -8.97 11.81
N GLY A 465 39.01 -8.29 12.17
CA GLY A 465 38.79 -6.87 11.88
C GLY A 465 37.61 -6.69 10.95
N ASP A 466 37.30 -7.74 10.19
CA ASP A 466 36.13 -7.69 9.35
C ASP A 466 35.03 -8.27 10.19
N MET A 467 34.17 -7.39 10.67
CA MET A 467 33.14 -7.72 11.64
C MET A 467 32.14 -8.67 11.09
N ARG A 468 32.08 -8.79 9.78
CA ARG A 468 31.12 -9.69 9.22
C ARG A 468 31.39 -11.09 9.70
N ASN A 469 32.65 -11.44 9.95
CA ASN A 469 32.93 -12.80 10.36
C ASN A 469 32.36 -13.12 11.71
N ASN A 470 32.08 -12.10 12.52
CA ASN A 470 31.56 -12.35 13.83
C ASN A 470 30.10 -12.67 13.76
N TRP A 471 29.49 -12.44 12.61
CA TRP A 471 28.09 -12.68 12.44
C TRP A 471 27.89 -13.86 11.54
N ARG A 472 28.86 -14.13 10.65
CA ARG A 472 28.75 -15.30 9.80
C ARG A 472 28.75 -16.50 10.72
N SER A 473 29.49 -16.38 11.82
CA SER A 473 29.63 -17.43 12.81
C SER A 473 28.31 -17.81 13.49
N GLU A 474 27.27 -17.00 13.37
CA GLU A 474 25.97 -17.37 13.93
C GLU A 474 24.97 -17.60 12.79
N LEU A 475 25.06 -16.77 11.76
CA LEU A 475 24.11 -16.78 10.67
C LEU A 475 24.34 -17.84 9.63
N TYR A 476 25.41 -18.60 9.75
CA TYR A 476 25.69 -19.69 8.85
C TYR A 476 24.57 -20.70 8.84
N LYS A 477 23.75 -20.74 9.88
CA LYS A 477 22.68 -21.71 9.86
C LYS A 477 21.47 -21.25 9.11
N TYR A 478 21.39 -20.00 8.68
CA TYR A 478 20.14 -19.56 8.07
C TYR A 478 20.17 -19.10 6.62
N LYS A 479 19.10 -19.39 5.90
CA LYS A 479 18.91 -18.92 4.53
C LYS A 479 17.52 -18.33 4.35
N VAL A 480 17.40 -17.29 3.52
CA VAL A 480 16.07 -16.73 3.28
C VAL A 480 15.54 -17.08 1.92
N VAL A 481 14.30 -17.59 1.88
CA VAL A 481 13.72 -17.93 0.61
C VAL A 481 12.36 -17.31 0.46
N GLU A 482 11.91 -17.18 -0.78
CA GLU A 482 10.60 -16.65 -1.07
C GLU A 482 9.65 -17.73 -1.51
N ILE A 483 8.48 -17.75 -0.93
CA ILE A 483 7.47 -18.71 -1.26
C ILE A 483 6.75 -18.29 -2.52
N LYS A 484 6.57 -19.23 -3.44
CA LYS A 484 5.88 -18.98 -4.70
C LYS A 484 4.68 -19.91 -4.85
N PRO A 485 3.50 -19.59 -4.27
CA PRO A 485 2.30 -20.40 -4.20
C PRO A 485 1.63 -20.81 -5.50
N LEU A 486 1.90 -20.15 -6.62
CA LEU A 486 1.24 -20.59 -7.82
C LEU A 486 2.04 -21.59 -8.58
N GLY A 487 1.35 -22.51 -9.20
CA GLY A 487 2.01 -23.43 -10.08
C GLY A 487 0.98 -24.22 -10.85
N ILE A 488 1.45 -24.93 -11.85
CA ILE A 488 0.55 -25.71 -12.66
C ILE A 488 1.09 -27.11 -12.82
N ALA A 489 0.22 -28.03 -13.22
CA ALA A 489 0.59 -29.42 -13.54
C ALA A 489 -0.53 -30.00 -14.40
N PRO A 490 -0.28 -31.01 -15.24
CA PRO A 490 -1.32 -31.68 -15.99
C PRO A 490 -2.20 -32.58 -15.14
N THR A 491 -3.47 -32.64 -15.49
CA THR A 491 -4.45 -33.57 -14.93
C THR A 491 -5.27 -34.09 -16.08
N ARG A 492 -6.13 -35.04 -15.82
CA ARG A 492 -6.97 -35.58 -16.87
C ARG A 492 -8.27 -34.81 -17.06
N CYS A 493 -8.51 -33.79 -16.23
CA CYS A 493 -9.78 -33.09 -16.28
C CYS A 493 -9.77 -31.76 -16.98
N LYS A 494 -10.62 -31.61 -17.98
CA LYS A 494 -10.79 -30.35 -18.68
C LYS A 494 -11.79 -29.53 -17.90
N ARG A 495 -11.61 -28.23 -17.81
CA ARG A 495 -12.62 -27.43 -17.17
C ARG A 495 -13.99 -27.80 -17.72
N GLY A 524 3.33 -23.64 8.67
CA GLY A 524 3.13 -25.06 8.39
C GLY A 524 2.93 -25.23 6.90
N PHE A 525 2.94 -24.12 6.21
CA PHE A 525 2.72 -24.08 4.78
C PHE A 525 3.64 -25.00 3.97
N LEU A 526 4.90 -25.04 4.32
CA LEU A 526 5.84 -25.85 3.57
C LEU A 526 5.98 -27.24 4.12
N GLY A 527 5.11 -27.63 5.06
CA GLY A 527 5.24 -28.95 5.61
C GLY A 527 5.15 -30.00 4.51
N ALA A 528 4.34 -29.74 3.49
CA ALA A 528 4.20 -30.67 2.38
C ALA A 528 5.32 -30.46 1.39
N ALA A 529 6.52 -30.77 1.83
CA ALA A 529 7.69 -30.60 1.01
C ALA A 529 8.56 -31.80 1.22
N GLY A 530 9.10 -32.32 0.14
CA GLY A 530 9.96 -33.51 0.19
C GLY A 530 9.13 -34.74 -0.22
N SER A 531 7.81 -34.58 -0.17
CA SER A 531 6.82 -35.58 -0.54
C SER A 531 6.49 -35.36 -2.00
N THR A 532 5.79 -36.29 -2.62
CA THR A 532 5.47 -36.12 -4.02
C THR A 532 4.38 -35.10 -4.19
N MET A 533 4.23 -34.65 -5.43
CA MET A 533 3.22 -33.66 -5.72
C MET A 533 1.87 -34.21 -5.45
N GLY A 534 1.69 -35.48 -5.72
CA GLY A 534 0.43 -36.10 -5.48
C GLY A 534 0.07 -35.99 -4.01
N ALA A 535 0.98 -36.42 -3.14
CA ALA A 535 0.69 -36.37 -1.73
C ALA A 535 0.42 -34.96 -1.28
N ALA A 536 1.18 -34.01 -1.80
CA ALA A 536 0.99 -32.65 -1.43
C ALA A 536 -0.34 -32.13 -1.90
N SER A 537 -0.80 -32.55 -3.08
CA SER A 537 -2.04 -32.01 -3.59
C SER A 537 -3.20 -32.37 -2.70
N ILE A 538 -3.10 -33.48 -1.99
CA ILE A 538 -4.16 -33.83 -1.08
C ILE A 538 -4.06 -32.93 0.14
N THR A 539 -2.84 -32.80 0.65
CA THR A 539 -2.56 -32.01 1.83
C THR A 539 -2.96 -30.56 1.67
N LEU A 540 -2.71 -30.01 0.49
CA LEU A 540 -2.93 -28.61 0.19
C LEU A 540 -4.36 -28.21 0.13
N THR A 541 -5.28 -29.16 0.17
CA THR A 541 -6.68 -28.80 0.16
C THR A 541 -7.02 -28.11 1.49
N VAL A 542 -6.14 -28.27 2.46
CA VAL A 542 -6.24 -27.64 3.75
C VAL A 542 -5.09 -26.65 3.95
N GLN A 543 -3.88 -27.16 3.75
CA GLN A 543 -2.64 -26.44 4.03
C GLN A 543 -2.47 -25.15 3.24
N ALA A 544 -3.01 -25.06 2.03
CA ALA A 544 -2.81 -23.86 1.25
C ALA A 544 -3.32 -22.61 1.97
N ARG A 545 -4.28 -22.78 2.86
CA ARG A 545 -4.91 -21.66 3.55
C ARG A 545 -4.01 -21.06 4.61
N GLN A 546 -2.89 -21.70 4.92
CA GLN A 546 -2.02 -21.14 5.92
C GLN A 546 -1.33 -19.91 5.34
N LEU A 547 -1.36 -19.75 4.01
CA LEU A 547 -0.78 -18.58 3.37
C LEU A 547 -1.66 -17.38 3.58
N LEU A 548 -2.87 -17.61 4.06
CA LEU A 548 -3.77 -16.52 4.24
C LEU A 548 -3.42 -15.84 5.53
N SER A 549 -2.54 -16.43 6.31
CA SER A 549 -2.11 -15.81 7.54
C SER A 549 -1.21 -14.63 7.22
N GLY A 550 -0.73 -14.56 5.97
CA GLY A 550 0.15 -13.49 5.54
C GLY A 550 -0.60 -12.28 4.99
N ILE A 551 -1.93 -12.33 4.96
CA ILE A 551 -2.66 -11.21 4.41
C ILE A 551 -2.31 -9.94 5.15
N LEU A 571 11.11 6.90 13.22
CA LEU A 571 12.29 6.06 13.36
C LEU A 571 13.18 6.23 12.13
N GLY A 572 12.80 7.18 11.30
CA GLY A 572 13.56 7.50 10.10
C GLY A 572 13.56 6.36 9.11
N VAL A 573 14.75 5.89 8.77
CA VAL A 573 14.92 4.81 7.81
C VAL A 573 14.20 3.54 8.26
N TRP A 574 14.02 3.37 9.57
CA TRP A 574 13.34 2.20 10.05
C TRP A 574 11.85 2.25 9.72
N GLY A 575 11.29 3.46 9.58
CA GLY A 575 9.90 3.62 9.23
C GLY A 575 9.78 3.20 7.79
N ILE A 576 10.78 3.59 7.00
CA ILE A 576 10.79 3.23 5.60
C ILE A 576 10.92 1.74 5.43
N LYS A 577 11.81 1.10 6.18
CA LYS A 577 11.92 -0.33 6.01
C LYS A 577 10.57 -1.01 6.24
N GLN A 578 9.82 -0.56 7.27
CA GLN A 578 8.54 -1.17 7.49
C GLN A 578 7.56 -0.85 6.37
N LEU A 579 7.56 0.38 5.87
CA LEU A 579 6.61 0.71 4.82
C LEU A 579 6.92 -0.06 3.56
N GLN A 580 8.18 -0.23 3.23
CA GLN A 580 8.47 -0.96 2.02
C GLN A 580 8.05 -2.39 2.19
N THR A 581 8.23 -2.94 3.39
CA THR A 581 7.86 -4.30 3.64
C THR A 581 6.36 -4.49 3.50
N ARG A 582 5.56 -3.58 4.07
CA ARG A 582 4.13 -3.74 3.98
C ARG A 582 3.65 -3.53 2.57
N VAL A 583 4.21 -2.55 1.87
CA VAL A 583 3.77 -2.29 0.53
C VAL A 583 4.09 -3.45 -0.35
N LEU A 584 5.29 -4.03 -0.21
CA LEU A 584 5.60 -5.17 -1.03
C LEU A 584 4.67 -6.32 -0.73
N ALA A 585 4.40 -6.59 0.55
CA ALA A 585 3.53 -7.70 0.82
C ALA A 585 2.19 -7.51 0.14
N ILE A 586 1.69 -6.27 0.14
CA ILE A 586 0.43 -6.00 -0.52
C ILE A 586 0.57 -6.21 -2.00
N GLU A 587 1.65 -5.68 -2.59
CA GLU A 587 1.82 -5.82 -4.01
C GLU A 587 1.86 -7.26 -4.45
N ARG A 588 2.60 -8.11 -3.74
CA ARG A 588 2.66 -9.49 -4.20
C ARG A 588 1.32 -10.16 -4.06
N TYR A 589 0.63 -9.87 -2.96
CA TYR A 589 -0.67 -10.45 -2.75
C TYR A 589 -1.59 -10.09 -3.88
N LEU A 590 -1.64 -8.81 -4.22
CA LEU A 590 -2.55 -8.41 -5.24
C LEU A 590 -2.19 -9.00 -6.57
N LYS A 591 -0.89 -9.13 -6.89
CA LYS A 591 -0.58 -9.72 -8.18
C LYS A 591 -1.07 -11.15 -8.27
N ASP A 592 -0.95 -11.93 -7.21
CA ASP A 592 -1.44 -13.29 -7.30
C ASP A 592 -2.95 -13.31 -7.38
N GLN A 593 -3.62 -12.43 -6.65
CA GLN A 593 -5.06 -12.45 -6.70
C GLN A 593 -5.51 -12.08 -8.08
N GLN A 594 -4.81 -11.13 -8.68
CA GLN A 594 -5.16 -10.69 -10.00
C GLN A 594 -4.98 -11.77 -11.04
N LEU A 595 -3.91 -12.55 -10.95
CA LEU A 595 -3.73 -13.58 -11.94
C LEU A 595 -4.80 -14.62 -11.83
N LEU A 596 -5.16 -14.97 -10.61
CA LEU A 596 -6.18 -15.98 -10.44
C LEU A 596 -7.50 -15.45 -10.93
N GLY A 597 -7.75 -14.18 -10.74
CA GLY A 597 -8.98 -13.61 -11.23
C GLY A 597 -9.09 -13.74 -12.74
N ILE A 598 -8.05 -13.32 -13.44
CA ILE A 598 -8.10 -13.35 -14.91
C ILE A 598 -8.10 -14.76 -15.48
N TRP A 599 -7.57 -15.73 -14.75
CA TRP A 599 -7.58 -17.10 -15.21
C TRP A 599 -8.87 -17.80 -14.87
N GLY A 600 -9.79 -17.12 -14.19
CA GLY A 600 -11.05 -17.72 -13.82
C GLY A 600 -10.91 -18.68 -12.66
N CYS A 601 -9.92 -18.45 -11.80
CA CYS A 601 -9.66 -19.36 -10.72
C CYS A 601 -9.97 -18.79 -9.35
N SER A 602 -11.21 -18.38 -9.15
CA SER A 602 -11.66 -18.07 -7.80
C SER A 602 -11.82 -19.46 -7.19
N GLY A 603 -11.73 -19.63 -5.86
CA GLY A 603 -11.83 -21.03 -5.38
C GLY A 603 -10.53 -21.70 -5.81
N LYS A 604 -9.50 -20.86 -5.75
CA LYS A 604 -8.15 -21.03 -6.20
C LYS A 604 -7.39 -22.24 -5.76
N LEU A 605 -7.75 -22.89 -4.68
CA LEU A 605 -6.90 -24.00 -4.33
C LEU A 605 -6.78 -24.99 -5.49
N ILE A 606 -7.89 -25.31 -6.18
CA ILE A 606 -7.81 -26.18 -7.34
C ILE A 606 -8.60 -25.59 -8.48
N CYS A 607 -7.95 -25.31 -9.59
CA CYS A 607 -8.66 -24.73 -10.70
C CYS A 607 -8.38 -25.36 -12.05
N THR A 608 -9.35 -26.10 -12.56
CA THR A 608 -9.15 -26.71 -13.85
C THR A 608 -9.31 -25.66 -14.89
N THR A 609 -8.66 -25.84 -16.04
CA THR A 609 -8.74 -24.87 -17.12
C THR A 609 -8.99 -25.58 -18.43
N ALA A 610 -9.15 -24.79 -19.48
CA ALA A 610 -9.35 -25.29 -20.82
C ALA A 610 -8.06 -25.31 -21.66
N VAL A 611 -6.91 -25.08 -21.03
CA VAL A 611 -5.66 -25.11 -21.77
C VAL A 611 -5.13 -26.54 -21.78
N PRO A 612 -4.85 -27.15 -22.94
CA PRO A 612 -4.33 -28.50 -23.07
C PRO A 612 -2.90 -28.57 -22.64
N TRP A 613 -2.48 -29.74 -22.19
CA TRP A 613 -1.10 -29.95 -21.82
C TRP A 613 -0.21 -30.20 -23.01
N ASN A 614 0.93 -29.53 -23.05
CA ASN A 614 1.92 -29.74 -24.09
C ASN A 614 2.96 -30.77 -23.70
N SER A 615 3.12 -31.77 -24.53
CA SER A 615 4.12 -32.80 -24.31
C SER A 615 5.50 -32.21 -24.45
N SER A 616 5.56 -31.03 -25.07
CA SER A 616 6.81 -30.30 -25.25
C SER A 616 7.26 -29.66 -23.94
N TRP A 617 6.34 -29.48 -22.99
CA TRP A 617 6.70 -28.91 -21.72
C TRP A 617 7.20 -30.08 -20.92
N SER A 618 6.40 -31.14 -20.94
CA SER A 618 6.74 -32.39 -20.28
C SER A 618 6.06 -33.56 -20.93
N ASN A 619 6.86 -34.58 -21.24
CA ASN A 619 6.38 -35.79 -21.85
C ASN A 619 6.33 -36.94 -20.88
N LYS A 620 6.32 -36.63 -19.59
CA LYS A 620 6.22 -37.65 -18.57
C LYS A 620 4.75 -38.01 -18.41
N SER A 621 4.47 -39.25 -18.01
CA SER A 621 3.09 -39.69 -17.86
C SER A 621 2.44 -39.17 -16.61
N HIS A 622 1.13 -39.35 -16.51
CA HIS A 622 0.40 -38.87 -15.35
C HIS A 622 0.98 -39.38 -14.04
N ASP A 623 1.29 -40.66 -13.96
CA ASP A 623 1.82 -41.16 -12.71
C ASP A 623 3.31 -40.89 -12.59
N GLU A 624 4.04 -40.83 -13.70
CA GLU A 624 5.46 -40.52 -13.59
C GLU A 624 5.64 -39.14 -12.99
N ILE A 625 4.75 -38.21 -13.34
CA ILE A 625 4.84 -36.89 -12.79
C ILE A 625 4.32 -36.82 -11.37
N TRP A 626 3.10 -37.25 -11.14
CA TRP A 626 2.51 -37.04 -9.84
C TRP A 626 3.06 -37.88 -8.71
N GLY A 627 3.54 -39.08 -9.00
CA GLY A 627 4.06 -39.93 -7.95
C GLY A 627 5.58 -40.00 -7.90
N ASN A 628 6.31 -39.25 -8.71
CA ASN A 628 7.76 -39.42 -8.66
C ASN A 628 8.48 -38.08 -8.63
N MET A 629 7.75 -37.05 -8.32
CA MET A 629 8.31 -35.73 -8.27
C MET A 629 7.73 -34.96 -7.12
N THR A 630 8.52 -34.06 -6.57
CA THR A 630 8.07 -33.12 -5.56
C THR A 630 7.71 -31.86 -6.31
N TRP A 631 7.06 -30.92 -5.65
CA TRP A 631 6.70 -29.72 -6.38
C TRP A 631 7.88 -28.89 -6.83
N MET A 632 8.99 -28.91 -6.10
CA MET A 632 10.10 -28.10 -6.55
C MET A 632 10.76 -28.72 -7.76
N GLN A 633 10.74 -30.04 -7.83
CA GLN A 633 11.38 -30.66 -8.96
C GLN A 633 10.61 -30.34 -10.19
N TRP A 634 9.30 -30.36 -10.05
CA TRP A 634 8.42 -30.05 -11.14
C TRP A 634 8.60 -28.62 -11.56
N ASP A 635 8.66 -27.72 -10.58
CA ASP A 635 8.82 -26.33 -10.92
C ASP A 635 10.08 -26.12 -11.75
N ARG A 636 11.15 -26.84 -11.43
CA ARG A 636 12.32 -26.68 -12.25
C ARG A 636 12.12 -27.27 -13.65
N GLU A 637 11.50 -28.45 -13.74
CA GLU A 637 11.37 -29.11 -15.04
C GLU A 637 10.55 -28.36 -16.07
N ILE A 638 9.54 -27.63 -15.63
CA ILE A 638 8.71 -26.85 -16.56
C ILE A 638 8.78 -25.35 -16.32
N GLY A 639 9.79 -24.91 -15.58
CA GLY A 639 9.87 -23.52 -15.17
C GLY A 639 9.90 -22.47 -16.27
N ASN A 640 10.49 -22.78 -17.41
CA ASN A 640 10.60 -21.78 -18.46
C ASN A 640 9.37 -21.74 -19.34
N TYR A 641 8.33 -22.45 -18.95
CA TYR A 641 7.13 -22.37 -19.73
C TYR A 641 6.13 -21.57 -18.93
N THR A 642 6.56 -20.98 -17.83
CA THR A 642 5.65 -20.23 -16.99
C THR A 642 4.91 -19.15 -17.75
N ASN A 643 5.63 -18.39 -18.55
CA ASN A 643 4.97 -17.31 -19.25
C ASN A 643 4.07 -17.84 -20.34
N THR A 644 4.44 -18.97 -20.92
CA THR A 644 3.64 -19.55 -21.98
C THR A 644 2.31 -19.96 -21.44
N ILE A 645 2.33 -20.63 -20.31
CA ILE A 645 1.09 -21.12 -19.76
C ILE A 645 0.23 -19.96 -19.37
N TYR A 646 0.81 -18.95 -18.74
CA TYR A 646 0.00 -17.85 -18.32
C TYR A 646 -0.66 -17.18 -19.50
N ARG A 647 0.07 -17.00 -20.61
CA ARG A 647 -0.58 -16.37 -21.76
C ARG A 647 -1.72 -17.21 -22.27
N LEU A 648 -1.53 -18.52 -22.31
CA LEU A 648 -2.59 -19.36 -22.84
C LEU A 648 -3.83 -19.24 -21.96
N LEU A 649 -3.63 -19.15 -20.65
CA LEU A 649 -4.76 -19.03 -19.77
C LEU A 649 -5.44 -17.66 -19.82
N GLU A 650 -4.67 -16.58 -19.79
CA GLU A 650 -5.32 -15.27 -19.72
C GLU A 650 -5.76 -14.66 -21.03
N ASP A 651 -5.00 -14.87 -22.09
CA ASP A 651 -5.33 -14.23 -23.35
C ASP A 651 -6.29 -15.03 -24.17
N SER A 652 -6.28 -16.32 -23.98
CA SER A 652 -7.10 -17.14 -24.82
C SER A 652 -8.20 -17.84 -24.08
N GLN A 653 -7.87 -18.77 -23.21
CA GLN A 653 -8.97 -19.54 -22.68
C GLN A 653 -9.93 -18.81 -21.79
N ASN A 654 -9.48 -17.83 -21.03
CA ASN A 654 -10.46 -17.16 -20.19
C ASN A 654 -11.06 -15.97 -20.84
N GLN A 655 -10.80 -15.82 -22.13
CA GLN A 655 -11.44 -14.76 -22.85
C GLN A 655 -12.45 -15.43 -23.73
N GLN A 656 -11.99 -16.46 -24.44
CA GLN A 656 -12.81 -17.21 -25.35
C GLN A 656 -13.95 -17.88 -24.61
N GLU A 657 -13.69 -18.40 -23.42
CA GLU A 657 -14.70 -19.05 -22.61
C GLU A 657 -15.76 -18.10 -22.10
N GLN A 658 -15.55 -16.79 -22.19
CA GLN A 658 -16.59 -15.89 -21.77
C GLN A 658 -17.28 -15.33 -23.01
N ASN A 659 -16.50 -14.98 -24.01
CA ASN A 659 -17.11 -14.32 -25.15
C ASN A 659 -18.00 -15.23 -25.95
N GLU A 660 -17.61 -16.49 -26.05
CA GLU A 660 -18.35 -17.45 -26.84
C GLU A 660 -19.51 -18.05 -26.09
N LYS A 661 -19.72 -17.64 -24.84
CA LYS A 661 -20.83 -18.20 -24.12
C LYS A 661 -21.81 -17.11 -23.71
N ASP A 662 -21.28 -15.98 -23.21
CA ASP A 662 -22.12 -14.92 -22.72
C ASP A 662 -22.50 -13.86 -23.73
N LEU A 663 -21.71 -13.56 -24.75
CA LEU A 663 -22.13 -12.45 -25.60
C LEU A 663 -23.24 -12.93 -26.52
N LEU A 664 -23.38 -14.24 -26.63
CA LEU A 664 -24.37 -14.86 -27.46
C LEU A 664 -25.74 -14.79 -26.80
N ALA A 665 -25.77 -14.42 -25.53
CA ALA A 665 -26.99 -14.34 -24.78
C ALA A 665 -27.67 -13.00 -25.01
N CYS A 666 -26.99 -12.07 -25.70
CA CYS A 666 -27.48 -10.72 -25.96
C CYS A 666 -28.96 -10.57 -25.58
N GLN B 23 11.80 -58.41 1.08
CA GLN B 23 11.04 -57.46 1.85
C GLN B 23 9.72 -58.06 2.33
N SER B 24 9.44 -57.90 3.61
CA SER B 24 8.19 -58.43 4.16
C SER B 24 7.75 -57.66 5.38
N LEU B 25 6.50 -57.82 5.75
CA LEU B 25 6.05 -57.18 6.96
C LEU B 25 5.85 -58.14 8.09
N GLU B 26 6.27 -57.71 9.27
CA GLU B 26 6.05 -58.47 10.48
C GLU B 26 5.02 -57.74 11.29
N GLU B 27 4.25 -58.45 12.08
CA GLU B 27 3.24 -57.77 12.87
C GLU B 27 3.07 -58.41 14.23
N SER B 28 3.01 -57.58 15.28
CA SER B 28 2.85 -58.10 16.63
C SER B 28 2.30 -57.09 17.64
N GLY B 29 1.95 -57.58 18.83
CA GLY B 29 1.46 -56.74 19.93
C GLY B 29 0.04 -57.08 20.38
N GLY B 30 -0.63 -57.98 19.66
CA GLY B 30 -1.97 -58.38 20.06
C GLY B 30 -1.89 -59.32 21.26
N ASP B 31 -2.88 -59.22 22.15
CA ASP B 31 -3.02 -60.08 23.32
C ASP B 31 -4.46 -60.02 23.80
N LEU B 32 -4.81 -60.75 24.84
CA LEU B 32 -6.16 -60.65 25.37
C LEU B 32 -6.17 -59.56 26.42
N VAL B 33 -7.06 -58.62 26.24
CA VAL B 33 -7.15 -57.49 27.16
C VAL B 33 -8.57 -57.26 27.67
N LYS B 34 -8.73 -56.42 28.67
CA LYS B 34 -10.05 -56.10 29.17
C LYS B 34 -10.92 -55.48 28.04
N PRO B 35 -12.23 -55.77 27.93
CA PRO B 35 -13.09 -55.13 26.96
C PRO B 35 -13.00 -53.64 27.19
N GLY B 36 -12.89 -52.87 26.12
CA GLY B 36 -12.78 -51.42 26.24
C GLY B 36 -11.34 -50.95 26.47
N ALA B 37 -10.39 -51.89 26.50
CA ALA B 37 -8.97 -51.60 26.70
C ALA B 37 -8.34 -51.08 25.43
N SER B 38 -7.19 -50.41 25.58
CA SER B 38 -6.42 -49.91 24.46
C SER B 38 -5.55 -50.98 23.80
N LEU B 39 -5.07 -50.66 22.60
CA LEU B 39 -4.19 -51.52 21.79
C LEU B 39 -3.13 -50.78 20.99
N THR B 40 -1.91 -51.29 20.98
CA THR B 40 -0.87 -50.72 20.15
C THR B 40 -0.19 -51.78 19.29
N LEU B 41 -0.69 -52.05 18.08
CA LEU B 41 -0.05 -53.10 17.27
C LEU B 41 1.05 -52.51 16.44
N THR B 42 2.15 -53.22 16.31
CA THR B 42 3.23 -52.68 15.51
C THR B 42 3.49 -53.49 14.27
N CYS B 43 3.55 -52.80 13.16
CA CYS B 43 3.89 -53.43 11.89
C CYS B 43 5.27 -52.97 11.44
N THR B 44 6.13 -53.93 11.14
CA THR B 44 7.53 -53.65 10.82
C THR B 44 8.00 -54.01 9.40
N ALA B 45 8.71 -53.05 8.81
CA ALA B 45 9.28 -53.15 7.48
C ALA B 45 10.56 -53.97 7.48
N SER B 46 10.42 -55.27 7.44
CA SER B 46 11.60 -56.08 7.53
C SER B 46 12.32 -56.07 6.20
N GLY B 47 13.56 -55.57 6.23
CA GLY B 47 14.39 -55.45 5.05
C GLY B 47 14.20 -54.14 4.29
N PHE B 48 13.40 -53.21 4.81
CA PHE B 48 13.17 -51.96 4.08
C PHE B 48 12.69 -50.82 4.94
N SER B 49 12.61 -49.64 4.35
CA SER B 49 12.03 -48.48 5.01
C SER B 49 10.91 -48.01 4.12
N PHE B 50 9.99 -47.23 4.66
CA PHE B 50 8.89 -46.76 3.83
C PHE B 50 9.24 -45.40 3.21
N GLY B 51 8.98 -45.23 1.93
CA GLY B 51 9.31 -43.97 1.24
C GLY B 51 8.16 -43.36 0.46
N TRP B 52 8.48 -42.70 -0.64
CA TRP B 52 7.44 -42.06 -1.41
C TRP B 52 6.44 -43.06 -1.88
N ASN B 53 5.21 -42.66 -1.81
CA ASN B 53 4.06 -43.42 -2.24
C ASN B 53 3.81 -44.67 -1.44
N ASP B 54 4.48 -44.83 -0.32
CA ASP B 54 4.19 -45.95 0.52
C ASP B 54 3.12 -45.61 1.51
N TYR B 55 1.99 -46.22 1.29
CA TYR B 55 0.84 -46.02 2.14
C TYR B 55 0.79 -47.20 3.05
N MET B 56 0.98 -46.93 4.31
CA MET B 56 1.03 -48.03 5.24
C MET B 56 -0.31 -48.14 5.91
N SER B 57 -1.02 -49.21 5.57
CA SER B 57 -2.40 -49.40 5.94
C SER B 57 -2.73 -50.54 6.86
N TRP B 58 -3.91 -50.44 7.45
CA TRP B 58 -4.48 -51.49 8.28
C TRP B 58 -5.91 -51.85 7.83
N VAL B 59 -6.22 -53.14 7.95
CA VAL B 59 -7.57 -53.70 7.67
C VAL B 59 -8.10 -54.66 8.75
N ARG B 60 -9.42 -54.89 8.74
CA ARG B 60 -10.11 -55.82 9.66
C ARG B 60 -10.73 -57.02 8.95
N GLN B 61 -10.29 -58.22 9.30
CA GLN B 61 -10.81 -59.44 8.68
C GLN B 61 -11.74 -60.26 9.55
N ALA B 62 -13.05 -60.14 9.31
CA ALA B 62 -14.03 -60.87 10.09
C ALA B 62 -14.24 -62.24 9.45
N PRO B 63 -14.61 -63.29 10.19
CA PRO B 63 -14.96 -64.56 9.62
C PRO B 63 -16.11 -64.38 8.66
N GLY B 64 -16.01 -64.96 7.48
CA GLY B 64 -17.09 -64.89 6.49
C GLY B 64 -17.09 -63.59 5.67
N LYS B 65 -16.17 -62.69 5.98
CA LYS B 65 -16.09 -61.41 5.31
C LYS B 65 -14.75 -61.21 4.62
N GLY B 66 -14.54 -59.99 4.15
CA GLY B 66 -13.28 -59.60 3.55
C GLY B 66 -12.57 -58.66 4.50
N LEU B 67 -11.90 -57.69 3.95
CA LEU B 67 -11.10 -56.74 4.68
C LEU B 67 -11.78 -55.40 4.83
N GLU B 68 -12.17 -55.05 6.03
CA GLU B 68 -12.81 -53.77 6.19
C GLU B 68 -11.68 -52.77 6.38
N TRP B 69 -11.83 -51.56 5.87
CA TRP B 69 -10.76 -50.57 5.97
C TRP B 69 -10.65 -49.87 7.31
N ILE B 70 -9.41 -49.80 7.84
CA ILE B 70 -9.16 -49.07 9.06
C ILE B 70 -8.58 -47.71 8.70
N GLY B 71 -7.52 -47.70 7.91
CA GLY B 71 -6.84 -46.46 7.55
C GLY B 71 -5.38 -46.66 7.18
N CYS B 72 -4.68 -45.55 6.89
CA CYS B 72 -3.28 -45.60 6.50
C CYS B 72 -2.52 -44.31 6.73
N ILE B 73 -1.19 -44.40 6.72
CA ILE B 73 -0.35 -43.20 6.80
C ILE B 73 0.57 -43.07 5.61
N TYR B 74 1.03 -41.84 5.36
CA TYR B 74 1.93 -41.62 4.22
C TYR B 74 3.39 -41.45 4.60
N ALA B 75 4.24 -42.38 4.19
CA ALA B 75 5.64 -42.21 4.54
C ALA B 75 6.18 -40.97 3.83
N GLY B 76 6.98 -40.17 4.52
CA GLY B 76 7.52 -38.94 3.94
C GLY B 76 6.74 -37.73 4.44
N SER B 77 5.61 -37.98 5.08
CA SER B 77 4.84 -36.90 5.64
C SER B 77 4.24 -37.33 6.96
N THR B 78 3.33 -36.52 7.45
CA THR B 78 2.69 -36.76 8.74
C THR B 78 1.20 -36.94 8.61
N ARG B 79 0.72 -37.16 7.40
CA ARG B 79 -0.71 -37.33 7.20
C ARG B 79 -1.13 -38.74 7.56
N SER B 80 -2.23 -38.81 8.30
CA SER B 80 -2.81 -40.08 8.74
C SER B 80 -4.29 -40.05 8.44
N THR B 81 -4.70 -40.94 7.56
CA THR B 81 -6.06 -41.00 7.07
C THR B 81 -6.76 -42.22 7.59
N TYR B 82 -7.88 -42.03 8.26
CA TYR B 82 -8.55 -43.21 8.76
C TYR B 82 -10.02 -43.09 8.75
N TYR B 83 -10.68 -44.24 8.73
CA TYR B 83 -12.11 -44.24 8.62
C TYR B 83 -12.78 -44.03 9.96
N ALA B 84 -12.87 -42.76 10.31
CA ALA B 84 -13.44 -42.25 11.55
C ALA B 84 -14.91 -42.65 11.67
N ASN B 85 -15.53 -42.94 10.54
CA ASN B 85 -16.91 -43.34 10.51
C ASN B 85 -17.07 -44.73 11.16
N TRP B 86 -15.95 -45.43 11.33
CA TRP B 86 -15.85 -46.68 12.05
C TRP B 86 -15.33 -46.39 13.43
N ALA B 87 -14.24 -45.61 13.50
CA ALA B 87 -13.58 -45.37 14.77
C ALA B 87 -13.19 -43.91 15.11
N LYS B 88 -14.08 -42.95 14.94
CA LYS B 88 -13.72 -41.62 15.38
C LYS B 88 -13.56 -41.65 16.89
N GLY B 89 -12.39 -41.23 17.38
CA GLY B 89 -12.09 -41.22 18.81
C GLY B 89 -11.61 -42.58 19.31
N ARG B 90 -11.63 -43.57 18.40
CA ARG B 90 -11.24 -44.90 18.77
C ARG B 90 -9.96 -45.28 18.08
N LEU B 91 -9.72 -44.70 16.90
CA LEU B 91 -8.56 -45.03 16.08
C LEU B 91 -7.57 -43.94 15.77
N THR B 92 -6.32 -44.25 16.03
CA THR B 92 -5.18 -43.42 15.67
C THR B 92 -4.15 -44.28 14.93
N ILE B 93 -3.65 -43.81 13.81
CA ILE B 93 -2.60 -44.58 13.17
C ILE B 93 -1.38 -43.69 13.20
N SER B 94 -0.34 -44.16 13.85
CA SER B 94 0.83 -43.33 14.04
C SER B 94 2.11 -43.87 13.45
N LYS B 95 2.85 -42.99 12.84
CA LYS B 95 4.16 -43.32 12.29
C LYS B 95 5.13 -43.39 13.44
N THR B 96 6.07 -44.33 13.44
CA THR B 96 7.04 -44.33 14.51
C THR B 96 8.40 -44.17 13.87
N SER B 97 9.05 -45.28 13.62
CA SER B 97 10.34 -45.29 12.96
C SER B 97 10.06 -45.17 11.49
N SER B 98 11.11 -45.00 10.71
CA SER B 98 10.97 -44.95 9.25
C SER B 98 10.60 -46.32 8.69
N THR B 99 10.70 -47.34 9.55
CA THR B 99 10.44 -48.74 9.27
C THR B 99 9.19 -49.25 9.97
N ALA B 100 8.42 -48.42 10.68
CA ALA B 100 7.29 -49.00 11.39
C ALA B 100 6.11 -48.06 11.64
N VAL B 101 4.96 -48.70 11.80
CA VAL B 101 3.72 -48.01 12.14
C VAL B 101 3.01 -48.66 13.31
N THR B 102 2.39 -47.84 14.14
CA THR B 102 1.60 -48.37 15.24
C THR B 102 0.10 -48.14 15.04
N LEU B 103 -0.68 -49.21 15.19
CA LEU B 103 -2.12 -49.07 15.13
C LEU B 103 -2.59 -48.88 16.54
N GLN B 104 -3.14 -47.71 16.82
CA GLN B 104 -3.53 -47.39 18.17
C GLN B 104 -5.03 -47.34 18.38
N MET B 105 -5.53 -48.20 19.25
CA MET B 105 -6.95 -48.22 19.55
C MET B 105 -7.17 -47.73 20.97
N THR B 106 -8.23 -46.95 21.18
CA THR B 106 -8.51 -46.46 22.54
C THR B 106 -9.52 -47.33 23.29
N SER B 107 -10.31 -48.15 22.58
CA SER B 107 -11.31 -49.02 23.20
C SER B 107 -11.66 -50.23 22.33
N LEU B 108 -11.28 -51.44 22.74
CA LEU B 108 -11.55 -52.59 21.87
C LEU B 108 -12.86 -53.35 22.11
N THR B 109 -13.55 -53.63 21.01
CA THR B 109 -14.77 -54.42 20.96
C THR B 109 -14.62 -55.49 19.87
N ALA B 110 -14.84 -55.08 18.62
CA ALA B 110 -14.87 -55.89 17.38
C ALA B 110 -13.53 -56.56 17.07
N ALA B 111 -12.51 -56.14 17.78
CA ALA B 111 -11.16 -56.66 17.71
C ALA B 111 -11.15 -58.15 18.05
N ASP B 112 -12.20 -58.59 18.77
CA ASP B 112 -12.37 -59.96 19.17
C ASP B 112 -13.03 -60.81 18.11
N THR B 113 -13.33 -60.20 16.98
CA THR B 113 -13.98 -60.88 15.88
C THR B 113 -13.11 -60.84 14.67
N ALA B 114 -12.76 -59.63 14.26
CA ALA B 114 -11.98 -59.48 13.07
C ALA B 114 -10.52 -59.39 13.42
N THR B 115 -9.66 -60.01 12.61
CA THR B 115 -8.25 -59.89 12.89
C THR B 115 -7.71 -58.65 12.23
N TYR B 116 -6.57 -58.23 12.67
CA TYR B 116 -5.96 -57.09 12.05
C TYR B 116 -4.84 -57.51 11.18
N PHE B 117 -4.70 -56.82 10.07
CA PHE B 117 -3.53 -57.00 9.23
C PHE B 117 -2.97 -55.66 8.86
N CYS B 118 -1.65 -55.58 8.76
CA CYS B 118 -1.05 -54.37 8.23
C CYS B 118 -0.63 -54.66 6.80
N ALA B 119 -0.54 -53.63 5.96
CA ALA B 119 -0.09 -53.82 4.59
C ALA B 119 0.58 -52.59 3.97
N ARG B 120 1.45 -52.86 3.01
CA ARG B 120 2.12 -51.83 2.25
C ARG B 120 1.48 -51.73 0.89
N GLY B 121 0.84 -50.59 0.66
CA GLY B 121 0.17 -50.36 -0.58
C GLY B 121 0.61 -49.09 -1.28
N ALA B 122 -0.11 -48.76 -2.34
CA ALA B 122 0.16 -47.58 -3.16
C ALA B 122 -1.09 -47.15 -3.88
N VAL B 123 -1.10 -45.88 -4.28
CA VAL B 123 -2.23 -45.26 -4.95
C VAL B 123 -1.83 -44.51 -6.19
N THR B 124 -2.82 -44.19 -6.98
CA THR B 124 -2.65 -43.28 -8.11
C THR B 124 -3.31 -41.99 -7.73
N TYR B 125 -2.65 -40.89 -7.98
CA TYR B 125 -3.19 -39.59 -7.61
C TYR B 125 -3.98 -39.04 -8.76
N ASP B 126 -5.06 -38.34 -8.48
CA ASP B 126 -5.83 -37.74 -9.57
C ASP B 126 -5.40 -36.33 -9.93
N GLY B 127 -4.71 -35.65 -9.03
CA GLY B 127 -4.26 -34.27 -9.27
C GLY B 127 -5.38 -33.29 -8.95
N LEU B 128 -6.49 -33.81 -8.46
CA LEU B 128 -7.66 -33.03 -8.15
C LEU B 128 -7.90 -33.03 -6.65
N GLY B 129 -6.90 -33.46 -5.89
CA GLY B 129 -6.99 -33.48 -4.43
C GLY B 129 -7.21 -34.86 -3.80
N GLY B 130 -7.09 -35.95 -4.56
CA GLY B 130 -7.27 -37.27 -3.96
C GLY B 130 -6.51 -38.37 -4.68
N ALA B 131 -6.77 -39.60 -4.26
CA ALA B 131 -6.07 -40.74 -4.84
C ALA B 131 -6.85 -42.04 -4.75
N TYR B 132 -6.53 -42.99 -5.62
CA TYR B 132 -7.21 -44.28 -5.60
C TYR B 132 -6.27 -45.42 -5.35
N LEU B 133 -6.77 -46.44 -4.68
CA LEU B 133 -5.96 -47.61 -4.36
C LEU B 133 -5.62 -48.44 -5.57
N LYS B 134 -4.38 -48.93 -5.60
CA LYS B 134 -3.95 -49.85 -6.63
C LYS B 134 -3.29 -51.11 -6.08
N HIS B 135 -2.32 -50.89 -5.21
CA HIS B 135 -1.48 -51.98 -4.76
C HIS B 135 -1.57 -52.18 -3.30
N PHE B 136 -1.50 -53.44 -2.92
CA PHE B 136 -1.31 -53.95 -1.57
C PHE B 136 -0.40 -55.13 -1.74
N ASN B 137 0.89 -54.87 -1.81
CA ASN B 137 1.81 -55.93 -2.21
C ASN B 137 2.40 -56.64 -1.04
N LEU B 138 2.62 -55.94 0.07
CA LEU B 138 3.19 -56.65 1.20
C LEU B 138 2.17 -56.66 2.31
N TRP B 139 2.03 -57.81 2.92
CA TRP B 139 1.09 -57.95 4.02
C TRP B 139 1.77 -58.56 5.22
N GLY B 140 1.36 -58.13 6.41
CA GLY B 140 1.88 -58.74 7.62
C GLY B 140 1.06 -60.00 7.83
N PRO B 141 1.45 -60.88 8.75
CA PRO B 141 0.72 -62.10 9.09
C PRO B 141 -0.61 -61.85 9.79
N GLY B 142 -0.76 -60.70 10.42
CA GLY B 142 -1.98 -60.34 11.10
C GLY B 142 -2.10 -60.95 12.49
N THR B 143 -3.08 -60.46 13.24
CA THR B 143 -3.34 -60.98 14.58
C THR B 143 -4.75 -60.67 15.10
N LEU B 144 -5.31 -61.52 15.96
CA LEU B 144 -6.61 -61.22 16.55
C LEU B 144 -6.37 -60.57 17.87
N VAL B 145 -7.13 -59.54 18.23
CA VAL B 145 -6.91 -58.99 19.55
C VAL B 145 -8.20 -59.05 20.31
N THR B 146 -8.36 -60.06 21.10
CA THR B 146 -9.64 -60.21 21.74
C THR B 146 -9.68 -59.66 23.11
N VAL B 147 -10.87 -59.72 23.67
CA VAL B 147 -11.07 -59.20 24.99
C VAL B 147 -11.85 -60.15 25.89
N SER B 148 -11.68 -59.97 27.20
CA SER B 148 -12.40 -60.69 28.25
C SER B 148 -11.80 -60.39 29.63
N ILE C 22 -17.95 -46.92 1.33
CA ILE C 22 -18.57 -46.95 0.02
C ILE C 22 -19.78 -47.84 -0.02
N LYS C 23 -20.57 -47.67 -1.05
CA LYS C 23 -21.68 -48.57 -1.23
C LYS C 23 -21.39 -49.57 -2.33
N MET C 24 -21.28 -50.85 -1.94
CA MET C 24 -21.03 -51.92 -2.89
C MET C 24 -21.69 -53.21 -2.45
N THR C 25 -22.00 -54.03 -3.43
CA THR C 25 -22.56 -55.36 -3.29
C THR C 25 -21.76 -56.32 -4.17
N GLN C 26 -22.09 -57.59 -4.10
CA GLN C 26 -21.43 -58.60 -4.91
C GLN C 26 -22.40 -59.74 -5.15
N THR C 27 -22.08 -60.55 -6.13
CA THR C 27 -22.82 -61.78 -6.36
C THR C 27 -21.91 -62.76 -7.08
N PRO C 28 -22.00 -64.05 -6.80
CA PRO C 28 -22.75 -64.81 -5.81
C PRO C 28 -22.02 -64.75 -4.46
N SER C 29 -22.51 -65.50 -3.48
CA SER C 29 -21.78 -65.66 -2.21
C SER C 29 -20.72 -66.79 -2.30
N SER C 30 -20.91 -67.71 -3.26
CA SER C 30 -19.97 -68.81 -3.46
C SER C 30 -20.00 -69.23 -4.90
N VAL C 31 -18.91 -69.85 -5.34
CA VAL C 31 -18.79 -70.33 -6.70
C VAL C 31 -18.27 -71.75 -6.82
N SER C 32 -18.54 -72.35 -7.96
CA SER C 32 -18.04 -73.66 -8.26
C SER C 32 -17.83 -73.77 -9.74
N ALA C 33 -17.04 -74.77 -10.11
CA ALA C 33 -16.75 -75.06 -11.51
C ALA C 33 -16.21 -76.44 -11.65
N ALA C 34 -16.20 -76.94 -12.89
CA ALA C 34 -15.51 -78.18 -13.15
C ALA C 34 -14.04 -77.87 -13.17
N VAL C 35 -13.21 -78.80 -12.75
CA VAL C 35 -11.80 -78.48 -12.83
C VAL C 35 -11.42 -78.34 -14.28
N GLY C 36 -10.68 -77.29 -14.58
CA GLY C 36 -10.24 -76.98 -15.92
C GLY C 36 -11.22 -76.08 -16.67
N GLY C 37 -12.33 -75.75 -16.03
CA GLY C 37 -13.38 -74.92 -16.61
C GLY C 37 -13.26 -73.48 -16.14
N THR C 38 -14.42 -72.81 -16.01
CA THR C 38 -14.38 -71.40 -15.63
C THR C 38 -15.25 -71.07 -14.44
N VAL C 39 -14.87 -69.99 -13.77
CA VAL C 39 -15.53 -69.38 -12.62
C VAL C 39 -15.76 -67.89 -12.78
N THR C 40 -16.97 -67.40 -12.47
CA THR C 40 -17.17 -65.96 -12.55
C THR C 40 -17.62 -65.35 -11.23
N VAL C 41 -16.92 -64.31 -10.82
CA VAL C 41 -17.21 -63.58 -9.59
C VAL C 41 -17.58 -62.15 -9.96
N ASN C 42 -18.74 -61.67 -9.51
CA ASN C 42 -19.20 -60.34 -9.88
C ASN C 42 -19.18 -59.32 -8.75
N CYS C 43 -18.50 -58.22 -9.01
CA CYS C 43 -18.43 -57.11 -8.08
C CYS C 43 -19.45 -56.07 -8.53
N ARG C 44 -20.40 -55.75 -7.67
CA ARG C 44 -21.46 -54.85 -8.09
C ARG C 44 -21.55 -53.66 -7.19
N ALA C 45 -20.87 -52.61 -7.58
CA ALA C 45 -20.78 -51.42 -6.79
C ALA C 45 -22.09 -50.69 -6.88
N SER C 46 -22.44 -49.91 -5.89
CA SER C 46 -23.59 -49.06 -6.12
C SER C 46 -23.03 -47.81 -6.78
N GLU C 47 -21.80 -47.50 -6.39
CA GLU C 47 -21.07 -46.33 -6.88
C GLU C 47 -20.43 -46.56 -8.25
N ASP C 48 -20.41 -45.51 -9.06
CA ASP C 48 -19.82 -45.53 -10.40
C ASP C 48 -18.31 -45.29 -10.33
N ILE C 49 -17.53 -46.32 -10.63
CA ILE C 49 -16.08 -46.27 -10.49
C ILE C 49 -15.35 -46.34 -11.82
N GLU C 50 -14.52 -45.36 -12.07
CA GLU C 50 -13.78 -45.26 -13.32
C GLU C 50 -12.51 -46.12 -13.35
N SER C 51 -12.73 -47.42 -13.41
CA SER C 51 -11.69 -48.45 -13.47
C SER C 51 -10.64 -48.42 -12.36
N TYR C 52 -11.08 -48.25 -11.12
CA TYR C 52 -10.19 -48.21 -9.95
C TYR C 52 -10.34 -49.36 -8.97
N LEU C 53 -10.77 -50.52 -9.42
CA LEU C 53 -10.98 -51.61 -8.48
C LEU C 53 -9.94 -52.69 -8.66
N ALA C 54 -9.83 -53.57 -7.69
CA ALA C 54 -8.86 -54.64 -7.79
C ALA C 54 -9.38 -55.97 -7.26
N TRP C 55 -8.85 -57.04 -7.82
CA TRP C 55 -9.25 -58.36 -7.38
C TRP C 55 -8.18 -59.01 -6.57
N TYR C 56 -8.61 -59.67 -5.50
CA TYR C 56 -7.76 -60.41 -4.58
C TYR C 56 -8.14 -61.88 -4.38
N GLN C 57 -7.13 -62.70 -4.11
CA GLN C 57 -7.30 -64.12 -3.78
C GLN C 57 -6.88 -64.46 -2.37
N GLN C 58 -7.80 -64.87 -1.53
CA GLN C 58 -7.39 -65.17 -0.16
C GLN C 58 -7.45 -66.62 0.20
N LYS C 59 -6.28 -67.22 0.35
CA LYS C 59 -6.20 -68.61 0.72
C LYS C 59 -6.44 -68.61 2.22
N PRO C 60 -7.02 -69.64 2.82
CA PRO C 60 -7.27 -69.69 4.24
C PRO C 60 -6.00 -69.46 5.03
N GLY C 61 -6.09 -68.60 6.05
CA GLY C 61 -4.98 -68.29 6.93
C GLY C 61 -4.06 -67.21 6.38
N GLN C 62 -4.31 -66.75 5.16
CA GLN C 62 -3.45 -65.77 4.53
C GLN C 62 -4.12 -64.39 4.38
N PRO C 63 -3.34 -63.32 4.24
CA PRO C 63 -3.80 -62.04 3.78
C PRO C 63 -4.20 -62.33 2.34
N PRO C 64 -5.12 -61.62 1.71
CA PRO C 64 -5.43 -61.77 0.30
C PRO C 64 -4.27 -61.39 -0.60
N LYS C 65 -4.07 -62.12 -1.68
CA LYS C 65 -3.04 -61.79 -2.67
C LYS C 65 -3.64 -60.97 -3.80
N LEU C 66 -2.96 -59.92 -4.21
CA LEU C 66 -3.49 -59.16 -5.33
C LEU C 66 -3.40 -59.90 -6.64
N LEU C 67 -4.50 -59.95 -7.36
CA LEU C 67 -4.58 -60.59 -8.64
C LEU C 67 -4.61 -59.63 -9.81
N ILE C 68 -5.53 -58.67 -9.72
CA ILE C 68 -5.79 -57.71 -10.81
C ILE C 68 -5.84 -56.24 -10.40
N TYR C 69 -5.19 -55.39 -11.20
CA TYR C 69 -5.20 -53.93 -11.00
C TYR C 69 -6.15 -53.22 -11.94
N ASP C 70 -6.74 -52.13 -11.46
CA ASP C 70 -7.53 -51.25 -12.31
C ASP C 70 -8.59 -52.02 -13.08
N THR C 71 -9.19 -52.98 -12.41
CA THR C 71 -10.23 -53.90 -12.88
C THR C 71 -9.81 -54.94 -13.94
N SER C 72 -8.62 -54.81 -14.57
CA SER C 72 -8.28 -55.77 -15.64
C SER C 72 -6.79 -56.12 -15.86
N LYS C 73 -5.87 -55.43 -15.21
CA LYS C 73 -4.45 -55.66 -15.42
C LYS C 73 -3.90 -56.75 -14.55
N LEU C 74 -3.28 -57.76 -15.15
CA LEU C 74 -2.78 -58.86 -14.36
C LEU C 74 -1.59 -58.43 -13.49
N ALA C 75 -1.65 -58.78 -12.21
CA ALA C 75 -0.59 -58.47 -11.28
C ALA C 75 0.59 -59.42 -11.45
N SER C 76 1.79 -58.94 -11.18
CA SER C 76 2.95 -59.80 -11.30
C SER C 76 2.87 -60.95 -10.31
N GLY C 77 3.25 -62.14 -10.77
CA GLY C 77 3.27 -63.33 -9.93
C GLY C 77 1.93 -64.07 -9.96
N VAL C 78 0.97 -63.53 -10.70
CA VAL C 78 -0.34 -64.10 -10.81
C VAL C 78 -0.48 -64.68 -12.22
N PRO C 79 -0.98 -65.91 -12.39
CA PRO C 79 -1.15 -66.56 -13.67
C PRO C 79 -2.27 -65.92 -14.48
N SER C 80 -2.19 -66.16 -15.79
CA SER C 80 -3.12 -65.69 -16.82
C SER C 80 -4.52 -66.22 -16.64
N ARG C 81 -4.67 -67.18 -15.74
CA ARG C 81 -5.94 -67.78 -15.40
C ARG C 81 -6.89 -66.72 -14.89
N PHE C 82 -6.36 -65.66 -14.28
CA PHE C 82 -7.20 -64.63 -13.73
C PHE C 82 -7.31 -63.42 -14.63
N LYS C 83 -8.47 -63.24 -15.25
CA LYS C 83 -8.71 -62.14 -16.17
C LYS C 83 -10.01 -61.45 -15.81
N GLY C 84 -10.20 -60.22 -16.24
CA GLY C 84 -11.48 -59.61 -15.92
C GLY C 84 -11.66 -58.26 -16.55
N SER C 85 -12.83 -57.69 -16.33
CA SER C 85 -13.20 -56.39 -16.89
C SER C 85 -14.44 -55.79 -16.28
N GLY C 86 -14.81 -54.62 -16.78
CA GLY C 86 -16.02 -53.94 -16.35
C GLY C 86 -15.92 -52.44 -16.39
N SER C 87 -17.01 -51.81 -16.00
CA SER C 87 -17.13 -50.36 -15.99
C SER C 87 -18.27 -49.95 -15.07
N GLY C 88 -18.30 -48.67 -14.70
CA GLY C 88 -19.47 -48.23 -13.94
C GLY C 88 -19.53 -48.97 -12.64
N THR C 89 -20.59 -49.71 -12.46
CA THR C 89 -20.83 -50.47 -11.25
C THR C 89 -20.56 -51.96 -11.37
N GLN C 90 -20.45 -52.49 -12.59
CA GLN C 90 -20.32 -53.92 -12.77
C GLN C 90 -18.99 -54.39 -13.30
N PHE C 91 -18.32 -55.16 -12.44
CA PHE C 91 -17.00 -55.66 -12.75
C PHE C 91 -16.95 -57.14 -12.49
N ALA C 92 -16.17 -57.88 -13.25
CA ALA C 92 -16.11 -59.29 -12.94
C ALA C 92 -14.77 -59.92 -13.19
N LEU C 93 -14.53 -60.93 -12.37
CA LEU C 93 -13.38 -61.78 -12.43
C LEU C 93 -13.75 -63.09 -13.04
N THR C 94 -13.04 -63.46 -14.09
CA THR C 94 -13.25 -64.74 -14.72
C THR C 94 -12.00 -65.55 -14.52
N ILE C 95 -12.17 -66.74 -14.01
CA ILE C 95 -10.99 -67.55 -13.80
C ILE C 95 -11.14 -68.65 -14.81
N SER C 96 -10.11 -68.93 -15.62
CA SER C 96 -10.21 -69.96 -16.65
C SER C 96 -9.09 -70.99 -16.62
N GLY C 97 -9.46 -72.29 -16.73
CA GLY C 97 -8.47 -73.35 -16.62
C GLY C 97 -8.26 -73.51 -15.13
N VAL C 98 -9.38 -73.34 -14.45
CA VAL C 98 -9.52 -73.30 -13.02
C VAL C 98 -9.21 -74.55 -12.22
N GLN C 99 -8.47 -74.33 -11.16
CA GLN C 99 -8.14 -75.31 -10.17
C GLN C 99 -8.53 -74.63 -8.88
N CYS C 100 -8.90 -75.39 -7.85
CA CYS C 100 -9.24 -74.74 -6.59
C CYS C 100 -8.25 -75.21 -5.57
N ASP C 101 -7.05 -75.51 -6.03
CA ASP C 101 -5.99 -76.03 -5.17
C ASP C 101 -5.71 -75.04 -4.05
N ASP C 102 -5.87 -73.77 -4.37
CA ASP C 102 -5.67 -72.69 -3.44
C ASP C 102 -6.81 -72.56 -2.41
N ALA C 103 -8.00 -73.09 -2.75
CA ALA C 103 -9.20 -73.03 -1.92
C ALA C 103 -9.45 -71.61 -1.42
N ALA C 104 -9.31 -70.65 -2.30
CA ALA C 104 -9.42 -69.26 -1.95
C ALA C 104 -10.80 -68.68 -2.11
N THR C 105 -10.99 -67.60 -1.38
CA THR C 105 -12.15 -66.75 -1.53
C THR C 105 -11.70 -65.58 -2.40
N TYR C 106 -12.46 -65.29 -3.43
CA TYR C 106 -12.07 -64.19 -4.30
C TYR C 106 -12.82 -62.93 -3.94
N TYR C 107 -12.09 -61.82 -3.87
CA TYR C 107 -12.63 -60.54 -3.44
C TYR C 107 -12.43 -59.34 -4.32
N CYS C 108 -13.38 -58.44 -4.23
CA CYS C 108 -13.32 -57.15 -4.90
C CYS C 108 -12.97 -56.01 -3.93
N LEU C 109 -11.96 -55.22 -4.29
CA LEU C 109 -11.44 -54.06 -3.54
C LEU C 109 -11.60 -52.72 -4.23
N TYR C 110 -11.94 -51.69 -3.44
CA TYR C 110 -11.99 -50.31 -3.94
C TYR C 110 -11.79 -49.26 -2.86
N GLY C 111 -11.14 -48.14 -3.21
CA GLY C 111 -11.11 -47.06 -2.26
C GLY C 111 -10.45 -45.78 -2.76
N TYR C 112 -11.00 -44.66 -2.28
CA TYR C 112 -10.58 -43.31 -2.62
C TYR C 112 -10.30 -42.39 -1.43
N ILE C 113 -9.16 -41.74 -1.52
CA ILE C 113 -8.66 -40.81 -0.53
C ILE C 113 -8.92 -39.38 -0.92
N SER C 114 -9.48 -38.61 -0.01
CA SER C 114 -9.69 -37.19 -0.21
C SER C 114 -9.57 -36.61 1.17
N SER C 115 -9.46 -35.29 1.30
CA SER C 115 -9.40 -34.74 2.64
C SER C 115 -10.79 -34.59 3.27
N ASP C 116 -11.85 -34.52 2.46
CA ASP C 116 -13.20 -34.37 3.00
C ASP C 116 -13.88 -35.70 3.30
N ARG C 117 -13.59 -36.73 2.52
CA ARG C 117 -14.25 -38.00 2.72
C ARG C 117 -13.33 -39.19 2.48
N ILE C 118 -13.56 -40.25 3.21
CA ILE C 118 -12.80 -41.48 3.04
C ILE C 118 -13.73 -42.53 2.50
N ASP C 119 -13.56 -42.88 1.22
CA ASP C 119 -14.46 -43.82 0.57
C ASP C 119 -13.81 -45.16 0.37
N PHE C 120 -14.00 -46.10 1.29
CA PHE C 120 -13.32 -47.40 1.18
C PHE C 120 -14.15 -48.62 1.46
N GLY C 121 -13.80 -49.73 0.81
CA GLY C 121 -14.44 -50.99 1.11
C GLY C 121 -13.88 -52.18 0.35
N PHE C 122 -14.45 -53.32 0.65
CA PHE C 122 -14.02 -54.59 0.12
C PHE C 122 -15.23 -55.51 0.25
N GLY C 123 -15.42 -56.43 -0.67
CA GLY C 123 -16.57 -57.34 -0.58
C GLY C 123 -16.36 -58.52 0.37
N GLY C 124 -17.38 -59.40 0.45
CA GLY C 124 -17.33 -60.60 1.30
C GLY C 124 -16.61 -61.70 0.55
N GLY C 125 -16.62 -61.56 -0.76
CA GLY C 125 -15.95 -62.44 -1.70
C GLY C 125 -16.73 -63.69 -1.95
N THR C 126 -16.23 -64.53 -2.84
CA THR C 126 -16.86 -65.81 -3.13
C THR C 126 -15.92 -66.97 -2.91
N GLU C 127 -16.41 -67.98 -2.20
CA GLU C 127 -15.57 -69.15 -1.95
C GLU C 127 -15.59 -70.11 -3.13
N LEU C 128 -14.41 -70.52 -3.62
CA LEU C 128 -14.39 -71.44 -4.76
C LEU C 128 -13.96 -72.89 -4.54
N VAL C 129 -14.82 -73.79 -5.00
CA VAL C 129 -14.54 -75.23 -5.01
C VAL C 129 -14.77 -75.81 -6.42
N VAL C 130 -13.80 -76.56 -6.94
CA VAL C 130 -14.01 -77.16 -8.25
C VAL C 130 -13.72 -78.63 -8.26
N LYS C 131 -14.26 -79.28 -9.26
CA LYS C 131 -14.06 -80.69 -9.55
C LYS C 131 -14.93 -81.10 -10.73
N LEU D 28 -31.05 -23.00 14.01
CA LEU D 28 -30.70 -21.79 13.28
C LEU D 28 -29.31 -21.91 12.67
N TRP D 29 -29.02 -20.99 11.75
CA TRP D 29 -27.81 -20.95 10.95
C TRP D 29 -27.06 -19.65 11.08
N VAL D 30 -25.75 -19.70 10.94
CA VAL D 30 -24.96 -18.48 11.01
C VAL D 30 -25.04 -17.69 9.72
N THR D 31 -25.42 -16.43 9.84
CA THR D 31 -25.46 -15.55 8.69
C THR D 31 -24.40 -14.49 8.89
N VAL D 32 -23.66 -14.22 7.82
CA VAL D 32 -22.63 -13.23 7.79
C VAL D 32 -23.16 -11.90 7.33
N TYR D 33 -22.84 -10.86 8.07
CA TYR D 33 -23.29 -9.54 7.71
C TYR D 33 -22.12 -8.62 7.49
N TYR D 34 -22.29 -7.71 6.55
CA TYR D 34 -21.27 -6.70 6.32
C TYR D 34 -21.87 -5.34 6.47
N GLY D 35 -21.20 -4.47 7.21
CA GLY D 35 -21.72 -3.14 7.43
C GLY D 35 -22.36 -3.04 8.79
N VAL D 36 -21.97 -3.92 9.68
CA VAL D 36 -22.52 -3.91 11.00
C VAL D 36 -22.05 -2.67 11.77
N PRO D 37 -22.95 -1.84 12.30
CA PRO D 37 -22.66 -0.58 12.97
C PRO D 37 -22.17 -0.72 14.38
N VAL D 38 -20.98 -1.26 14.51
CA VAL D 38 -20.36 -1.41 15.81
C VAL D 38 -18.98 -0.85 15.77
N TRP D 39 -18.43 -0.57 16.93
CA TRP D 39 -17.10 -0.02 16.99
C TRP D 39 -16.36 -0.38 18.25
N LYS D 40 -15.05 -0.24 18.19
CA LYS D 40 -14.19 -0.49 19.33
C LYS D 40 -13.41 0.76 19.68
N ASP D 41 -13.10 0.95 20.93
CA ASP D 41 -12.28 2.10 21.25
C ASP D 41 -10.97 1.90 20.53
N ALA D 42 -10.41 2.93 19.89
CA ALA D 42 -9.15 2.66 19.22
C ALA D 42 -8.29 3.89 19.10
N GLU D 43 -6.99 3.67 19.16
CA GLU D 43 -6.07 4.77 18.98
C GLU D 43 -5.57 4.76 17.56
N THR D 44 -5.39 5.93 16.99
CA THR D 44 -4.85 6.03 15.65
C THR D 44 -4.31 7.41 15.40
N THR D 45 -3.43 7.53 14.44
CA THR D 45 -2.98 8.83 14.03
C THR D 45 -4.11 9.49 13.24
N LEU D 46 -4.46 10.70 13.61
CA LEU D 46 -5.50 11.41 12.92
C LEU D 46 -4.89 12.32 11.91
N PHE D 47 -5.66 12.72 10.92
CA PHE D 47 -5.08 13.60 9.96
C PHE D 47 -5.02 14.95 10.55
N CYS D 48 -3.96 15.65 10.25
CA CYS D 48 -3.93 17.05 10.63
C CYS D 48 -4.48 17.87 9.49
N ALA D 49 -5.58 18.53 9.76
CA ALA D 49 -6.22 19.34 8.77
C ALA D 49 -6.04 20.76 9.21
N SER D 50 -5.94 21.62 8.24
CA SER D 50 -5.75 23.02 8.49
C SER D 50 -6.92 23.81 7.98
N ASP D 51 -6.73 25.10 7.98
CA ASP D 51 -7.72 26.04 7.52
C ASP D 51 -7.66 26.13 6.02
N ALA D 52 -8.74 25.80 5.35
CA ALA D 52 -8.75 25.82 3.89
C ALA D 52 -8.39 27.21 3.36
N LYS D 53 -8.64 28.25 4.14
CA LYS D 53 -8.38 29.61 3.73
C LYS D 53 -6.96 30.05 4.06
N ALA D 54 -6.17 29.17 4.67
CA ALA D 54 -4.80 29.52 5.05
C ALA D 54 -4.02 29.95 3.82
N ALA D 64 3.98 26.51 9.80
CA ALA D 64 3.37 25.42 10.54
C ALA D 64 2.11 24.96 9.83
N THR D 65 1.96 25.38 8.59
CA THR D 65 0.78 25.03 7.81
C THR D 65 1.06 24.03 6.70
N HIS D 66 2.33 23.87 6.31
CA HIS D 66 2.71 22.99 5.21
C HIS D 66 2.52 21.53 5.51
N ALA D 67 2.47 21.23 6.78
CA ALA D 67 2.37 19.89 7.28
C ALA D 67 0.96 19.35 7.29
N CYS D 68 -0.01 20.23 7.17
CA CYS D 68 -1.39 19.84 7.34
C CYS D 68 -2.21 20.08 6.10
N VAL D 69 -3.32 19.38 5.96
CA VAL D 69 -4.12 19.55 4.75
C VAL D 69 -5.14 20.68 4.87
N PRO D 70 -5.07 21.73 4.02
CA PRO D 70 -5.94 22.89 4.03
C PRO D 70 -7.27 22.59 3.37
N THR D 71 -8.03 21.73 4.00
CA THR D 71 -9.31 21.31 3.48
C THR D 71 -10.47 21.72 4.34
N ASP D 72 -11.65 21.40 3.86
CA ASP D 72 -12.91 21.64 4.52
C ASP D 72 -13.20 20.54 5.53
N PRO D 73 -13.25 20.80 6.85
CA PRO D 73 -13.52 19.81 7.88
C PRO D 73 -14.86 19.11 7.63
N ASN D 74 -15.76 19.76 6.89
CA ASN D 74 -17.04 19.21 6.55
C ASN D 74 -17.68 18.53 7.75
N PRO D 75 -18.02 19.28 8.81
CA PRO D 75 -18.50 18.76 10.06
C PRO D 75 -19.93 18.30 9.97
N GLN D 76 -20.15 17.25 9.20
CA GLN D 76 -21.49 16.74 8.99
C GLN D 76 -21.90 15.87 10.14
N GLU D 77 -22.16 16.53 11.25
CA GLU D 77 -22.51 15.87 12.48
C GLU D 77 -23.79 15.11 12.41
N MET D 78 -23.75 13.87 12.87
CA MET D 78 -24.92 13.02 12.95
C MET D 78 -25.17 12.60 14.36
N VAL D 79 -26.38 12.77 14.82
CA VAL D 79 -26.70 12.41 16.19
C VAL D 79 -27.14 10.97 16.24
N LEU D 80 -26.64 10.22 17.21
CA LEU D 80 -27.03 8.85 17.31
C LEU D 80 -28.15 8.76 18.33
N GLU D 81 -29.33 8.45 17.88
CA GLU D 81 -30.42 8.46 18.83
C GLU D 81 -30.30 7.29 19.77
N ASN D 82 -30.63 7.50 21.02
CA ASN D 82 -30.63 6.42 21.99
C ASN D 82 -29.26 5.73 22.13
N VAL D 83 -28.17 6.48 22.06
CA VAL D 83 -26.86 5.87 22.25
C VAL D 83 -26.12 6.49 23.41
N THR D 84 -25.66 5.64 24.31
CA THR D 84 -24.87 6.05 25.46
C THR D 84 -23.49 5.48 25.30
N GLU D 85 -22.47 6.30 25.51
CA GLU D 85 -21.08 5.87 25.39
C GLU D 85 -20.23 6.38 26.53
N ASN D 86 -19.15 5.67 26.84
CA ASN D 86 -18.21 6.06 27.88
C ASN D 86 -17.02 6.84 27.39
N PHE D 87 -16.89 8.04 27.91
CA PHE D 87 -15.82 8.94 27.53
C PHE D 87 -14.90 9.13 28.71
N ASN D 88 -13.63 9.37 28.45
CA ASN D 88 -12.68 9.66 29.51
C ASN D 88 -11.62 10.62 29.01
N MET D 89 -11.78 11.89 29.34
CA MET D 89 -10.91 12.94 28.83
C MET D 89 -9.48 12.84 29.36
N TRP D 90 -9.28 12.05 30.39
CA TRP D 90 -7.98 11.96 31.01
C TRP D 90 -7.14 10.88 30.38
N LYS D 91 -7.75 10.08 29.52
CA LYS D 91 -7.10 8.95 28.87
C LYS D 91 -7.20 9.10 27.37
N ASN D 92 -7.43 10.31 26.93
CA ASN D 92 -7.65 10.59 25.53
C ASN D 92 -6.34 10.77 24.75
N ASP D 93 -6.06 9.86 23.83
CA ASP D 93 -4.82 9.89 23.09
C ASP D 93 -4.76 11.07 22.14
N MET D 94 -5.89 11.70 21.89
CA MET D 94 -5.92 12.84 21.01
C MET D 94 -5.17 13.97 21.67
N VAL D 95 -5.20 14.00 23.01
CA VAL D 95 -4.54 15.06 23.74
C VAL D 95 -3.07 14.85 23.64
N GLU D 96 -2.67 13.60 23.82
CA GLU D 96 -1.25 13.33 23.75
C GLU D 96 -0.74 13.56 22.35
N GLN D 97 -1.54 13.17 21.36
CA GLN D 97 -1.14 13.33 19.98
C GLN D 97 -1.02 14.80 19.66
N MET D 98 -1.96 15.61 20.15
CA MET D 98 -1.86 17.02 19.88
C MET D 98 -0.64 17.60 20.52
N HIS D 99 -0.34 17.20 21.75
CA HIS D 99 0.83 17.74 22.42
C HIS D 99 2.04 17.54 21.55
N THR D 100 2.21 16.33 21.04
CA THR D 100 3.35 16.08 20.20
C THR D 100 3.32 16.92 18.92
N ASP D 101 2.19 17.01 18.24
CA ASP D 101 2.16 17.78 17.00
C ASP D 101 2.36 19.26 17.18
N VAL D 102 1.86 19.81 18.27
CA VAL D 102 2.06 21.23 18.49
C VAL D 102 3.53 21.49 18.69
N ILE D 103 4.18 20.65 19.49
CA ILE D 103 5.58 20.86 19.74
C ILE D 103 6.37 20.68 18.50
N SER D 104 6.09 19.64 17.75
CA SER D 104 6.84 19.37 16.56
C SER D 104 6.77 20.50 15.56
N LEU D 105 5.59 21.04 15.31
CA LEU D 105 5.53 22.12 14.34
C LEU D 105 6.21 23.36 14.87
N TRP D 106 6.09 23.61 16.16
CA TRP D 106 6.71 24.77 16.75
C TRP D 106 8.22 24.64 16.57
N ASP D 107 8.79 23.47 16.83
CA ASP D 107 10.22 23.29 16.65
C ASP D 107 10.65 23.43 15.20
N GLN D 108 9.85 22.99 14.24
CA GLN D 108 10.30 23.13 12.87
C GLN D 108 10.50 24.59 12.52
N SER D 109 9.65 25.46 13.04
CA SER D 109 9.76 26.86 12.71
C SER D 109 11.07 27.51 13.16
N LEU D 110 11.77 26.92 14.13
CA LEU D 110 13.02 27.49 14.60
C LEU D 110 14.22 26.79 13.99
N LYS D 111 13.98 25.77 13.19
CA LYS D 111 15.05 24.97 12.66
C LYS D 111 16.06 25.75 11.84
N PRO D 112 15.68 26.68 10.95
CA PRO D 112 16.59 27.44 10.13
C PRO D 112 17.10 28.70 10.80
N CYS D 113 16.86 28.87 12.09
CA CYS D 113 17.19 30.13 12.71
C CYS D 113 18.56 30.10 13.37
N VAL D 114 19.07 31.29 13.67
CA VAL D 114 20.40 31.48 14.24
C VAL D 114 20.58 31.11 15.69
N LYS D 115 21.63 30.34 15.96
CA LYS D 115 21.97 29.95 17.33
C LYS D 115 22.89 31.02 17.87
N LEU D 116 22.51 31.62 18.99
CA LEU D 116 23.27 32.76 19.49
C LEU D 116 24.47 32.38 20.34
N THR D 117 25.36 31.60 19.76
CA THR D 117 26.54 31.19 20.46
C THR D 117 27.49 32.35 20.69
N PRO D 118 27.59 33.35 19.78
CA PRO D 118 28.45 34.49 19.93
C PRO D 118 28.05 35.37 21.08
N LEU D 119 26.86 35.19 21.66
CA LEU D 119 26.54 36.09 22.73
C LEU D 119 26.86 35.52 24.08
N CYS D 120 27.37 34.31 24.15
CA CYS D 120 27.72 33.80 25.45
C CYS D 120 29.11 34.22 25.87
N VAL D 121 29.20 35.49 26.16
CA VAL D 121 30.42 36.18 26.53
C VAL D 121 30.16 37.00 27.75
N THR D 122 31.21 37.48 28.36
CA THR D 122 31.07 38.32 29.51
C THR D 122 30.31 39.55 29.11
N LEU D 123 29.32 39.95 29.90
CA LEU D 123 28.62 41.16 29.57
C LEU D 123 28.96 42.19 30.60
N GLU D 124 29.28 43.38 30.14
CA GLU D 124 29.53 44.47 31.08
C GLU D 124 28.27 45.26 31.15
N CYS D 125 27.62 45.31 32.30
CA CYS D 125 26.35 46.00 32.28
C CYS D 125 26.29 47.17 33.24
N ARG D 126 25.54 48.16 32.82
CA ARG D 126 25.29 49.36 33.58
C ARG D 126 23.81 49.64 33.66
N GLN D 127 23.39 50.38 34.64
CA GLN D 127 21.99 50.75 34.71
C GLN D 127 21.60 51.72 33.60
N VAL D 128 20.48 51.45 32.92
CA VAL D 128 20.00 52.39 31.91
C VAL D 128 19.58 53.70 32.56
N ASN D 129 20.07 54.83 32.02
CA ASN D 129 19.75 56.14 32.58
C ASN D 129 18.68 56.91 31.81
N THR D 130 17.95 56.22 30.98
CA THR D 130 16.84 56.76 30.21
C THR D 130 15.55 56.65 31.00
N GLU D 143 13.71 49.52 36.79
CA GLU D 143 15.04 49.16 37.29
C GLU D 143 15.38 47.77 36.83
N GLU D 144 14.58 47.31 35.88
CA GLU D 144 14.73 45.98 35.31
C GLU D 144 15.53 45.96 34.03
N ILE D 145 15.86 47.12 33.49
CA ILE D 145 16.57 47.14 32.23
C ILE D 145 18.01 47.59 32.39
N LYS D 146 18.91 46.74 31.92
CA LYS D 146 20.32 47.01 32.00
C LYS D 146 20.92 47.18 30.63
N ASN D 147 21.91 48.03 30.57
CA ASN D 147 22.65 48.34 29.37
C ASN D 147 23.92 47.54 29.28
N CYS D 148 23.99 46.57 28.38
CA CYS D 148 25.15 45.71 28.40
C CYS D 148 26.04 45.79 27.18
N SER D 149 27.34 45.73 27.41
CA SER D 149 28.36 45.72 26.36
C SER D 149 28.94 44.34 26.10
N PHE D 150 29.17 44.09 24.82
CA PHE D 150 29.72 42.83 24.30
C PHE D 150 30.83 43.03 23.33
N ASN D 151 31.68 42.03 23.20
CA ASN D 151 32.60 41.99 22.08
C ASN D 151 32.10 40.98 21.08
N ALA D 152 31.36 41.46 20.09
CA ALA D 152 30.66 40.62 19.14
C ALA D 152 31.56 40.22 18.00
N THR D 153 31.22 39.11 17.38
CA THR D 153 31.94 38.63 16.22
C THR D 153 31.48 39.32 14.96
N THR D 154 32.44 39.79 14.20
CA THR D 154 32.19 40.48 12.96
C THR D 154 32.07 39.52 11.79
N GLU D 155 31.75 40.03 10.61
CA GLU D 155 31.64 39.15 9.45
C GLU D 155 32.96 38.41 9.29
N LEU D 156 34.05 39.12 9.57
CA LEU D 156 35.35 38.50 9.55
C LEU D 156 35.56 37.90 10.93
N ARG D 157 36.09 36.70 10.97
CA ARG D 157 36.30 36.01 12.23
C ARG D 157 37.47 36.50 13.04
N ASP D 158 38.31 37.30 12.45
CA ASP D 158 39.48 37.80 13.13
C ASP D 158 39.25 39.18 13.73
N LYS D 159 38.02 39.67 13.69
CA LYS D 159 37.72 40.96 14.26
C LYS D 159 36.55 40.90 15.20
N LYS D 160 36.61 41.77 16.18
CA LYS D 160 35.55 41.91 17.14
C LYS D 160 35.10 43.34 17.14
N GLN D 161 33.88 43.54 17.56
CA GLN D 161 33.36 44.88 17.66
C GLN D 161 32.72 45.08 19.01
N LYS D 162 32.81 46.30 19.52
CA LYS D 162 32.15 46.56 20.77
C LYS D 162 30.77 47.09 20.50
N VAL D 163 29.79 46.36 20.97
CA VAL D 163 28.39 46.68 20.74
C VAL D 163 27.64 46.66 22.03
N TYR D 164 26.44 47.19 22.03
CA TYR D 164 25.66 47.13 23.23
C TYR D 164 24.22 46.79 22.92
N ALA D 165 23.52 46.29 23.92
CA ALA D 165 22.11 45.94 23.82
C ALA D 165 21.46 46.05 25.17
N LEU D 166 20.15 46.23 25.19
CA LEU D 166 19.50 46.29 26.47
C LEU D 166 18.85 44.97 26.80
N PHE D 167 18.90 44.62 28.06
CA PHE D 167 18.31 43.38 28.53
C PHE D 167 17.47 43.52 29.75
N TYR D 168 16.56 42.59 29.88
CA TYR D 168 15.73 42.51 31.05
C TYR D 168 16.53 41.81 32.08
N ARG D 169 16.43 42.25 33.32
CA ARG D 169 17.16 41.63 34.40
C ARG D 169 16.88 40.15 34.53
N LEU D 170 15.68 39.71 34.19
CA LEU D 170 15.31 38.30 34.31
C LEU D 170 16.10 37.37 33.42
N ASP D 171 16.68 37.90 32.35
CA ASP D 171 17.42 37.08 31.42
C ASP D 171 18.92 37.15 31.71
N ILE D 172 19.31 37.86 32.75
CA ILE D 172 20.71 38.05 33.03
C ILE D 172 21.14 37.46 34.35
N VAL D 173 22.24 36.74 34.34
CA VAL D 173 22.77 36.13 35.54
C VAL D 173 24.09 36.77 35.96
N PRO D 174 24.24 37.28 37.17
CA PRO D 174 25.44 37.93 37.61
C PRO D 174 26.55 36.95 37.73
N LEU D 175 27.74 37.44 37.50
CA LEU D 175 28.92 36.64 37.68
C LEU D 175 29.31 36.92 39.09
N GLU D 176 30.52 36.60 39.47
CA GLU D 176 30.92 36.80 40.84
C GLU D 176 31.30 38.25 41.05
N GLU D 177 30.28 39.11 41.03
CA GLU D 177 30.41 40.55 41.15
C GLU D 177 29.16 41.12 41.80
N GLU D 178 29.31 42.25 42.45
CA GLU D 178 28.21 42.92 43.12
C GLU D 178 27.71 44.17 42.42
N ARG D 179 26.50 44.57 42.73
CA ARG D 179 26.05 45.84 42.21
C ARG D 179 26.85 46.93 42.89
N LYS D 180 27.42 47.83 42.10
CA LYS D 180 28.17 48.95 42.62
C LYS D 180 27.44 50.26 42.42
N GLY D 181 26.38 50.20 41.62
CA GLY D 181 25.56 51.35 41.26
C GLY D 181 25.91 51.93 39.90
N ASN D 182 27.07 51.58 39.37
CA ASN D 182 27.51 52.05 38.08
C ASN D 182 27.64 50.89 37.11
N SER D 183 28.40 49.89 37.52
CA SER D 183 28.61 48.73 36.66
C SER D 183 28.91 47.44 37.41
N SER D 184 28.66 46.33 36.72
CA SER D 184 28.93 44.95 37.16
C SER D 184 29.01 43.97 35.98
N LYS D 185 29.46 42.73 36.22
CA LYS D 185 29.52 41.77 35.11
C LYS D 185 28.53 40.62 35.22
N TYR D 186 28.04 40.22 34.04
CA TYR D 186 27.01 39.20 33.88
C TYR D 186 27.26 38.17 32.78
N ARG D 187 26.50 37.09 32.87
CA ARG D 187 26.36 36.04 31.86
C ARG D 187 24.93 36.04 31.35
N LEU D 188 24.70 35.70 30.10
CA LEU D 188 23.31 35.58 29.73
C LEU D 188 22.78 34.31 30.35
N ILE D 189 21.54 34.33 30.77
CA ILE D 189 20.97 33.16 31.35
C ILE D 189 20.99 32.09 30.29
N ASN D 190 21.24 30.88 30.72
CA ASN D 190 21.35 29.68 29.93
C ASN D 190 22.60 29.55 29.09
N CYS D 191 23.60 30.39 29.27
CA CYS D 191 24.83 30.08 28.54
C CYS D 191 25.56 28.91 29.12
N ASN D 192 25.14 28.45 30.27
CA ASN D 192 25.73 27.28 30.89
C ASN D 192 24.91 26.04 30.54
N THR D 193 23.85 26.24 29.76
CA THR D 193 22.92 25.19 29.40
C THR D 193 22.78 24.97 27.91
N SER D 194 22.49 26.03 27.16
CA SER D 194 22.23 25.87 25.74
C SER D 194 22.44 27.07 24.84
N ALA D 195 22.76 26.79 23.60
CA ALA D 195 22.90 27.81 22.59
C ALA D 195 21.55 28.25 22.13
N CYS D 196 20.98 29.15 22.89
CA CYS D 196 19.61 29.57 22.70
C CYS D 196 19.43 30.14 21.29
N THR D 197 18.35 29.72 20.62
CA THR D 197 18.05 30.10 19.24
C THR D 197 17.16 31.31 19.08
N GLN D 198 17.54 32.24 18.23
CA GLN D 198 16.72 33.41 17.97
C GLN D 198 15.58 33.09 17.07
N ALA D 199 14.39 33.50 17.43
CA ALA D 199 13.29 33.24 16.53
C ALA D 199 13.54 34.04 15.27
N CYS D 200 13.24 33.45 14.14
CA CYS D 200 13.43 34.15 12.90
C CYS D 200 12.34 35.17 12.70
N PRO D 201 12.59 36.20 11.90
CA PRO D 201 11.57 37.06 11.42
C PRO D 201 10.63 36.12 10.72
N LYS D 202 9.36 36.39 10.83
CA LYS D 202 8.29 35.59 10.25
C LYS D 202 8.06 34.24 10.93
N VAL D 203 8.60 34.03 12.12
CA VAL D 203 8.12 32.90 12.89
C VAL D 203 6.77 33.38 13.32
N THR D 204 5.78 32.53 13.18
CA THR D 204 4.46 32.94 13.55
C THR D 204 4.06 32.41 14.89
N PHE D 205 3.45 33.29 15.65
CA PHE D 205 2.94 33.01 16.97
C PHE D 205 1.43 33.03 16.94
N ASP D 206 0.89 32.97 15.73
CA ASP D 206 -0.53 32.96 15.47
C ASP D 206 -1.08 31.57 15.78
N PRO D 207 -1.96 31.39 16.77
CA PRO D 207 -2.49 30.12 17.17
C PRO D 207 -3.54 29.68 16.17
N ILE D 208 -3.09 29.33 14.99
CA ILE D 208 -3.94 28.94 13.89
C ILE D 208 -4.60 27.64 14.28
N PRO D 209 -5.92 27.51 14.21
CA PRO D 209 -6.63 26.35 14.64
C PRO D 209 -6.30 25.12 13.86
N ILE D 210 -6.30 24.01 14.55
CA ILE D 210 -6.06 22.69 14.00
C ILE D 210 -7.31 21.87 14.06
N HIS D 211 -7.58 21.12 13.02
CA HIS D 211 -8.74 20.24 13.04
C HIS D 211 -8.24 18.82 12.95
N TYR D 212 -8.78 17.92 13.74
CA TYR D 212 -8.35 16.54 13.56
C TYR D 212 -9.40 15.80 12.82
N CYS D 213 -8.98 14.99 11.85
CA CYS D 213 -9.95 14.23 11.09
C CYS D 213 -9.67 12.74 11.08
N ALA D 214 -10.74 11.96 11.17
CA ALA D 214 -10.58 10.51 11.20
C ALA D 214 -10.15 9.93 9.84
N PRO D 215 -9.27 8.91 9.84
CA PRO D 215 -8.93 8.07 8.71
C PRO D 215 -10.13 7.26 8.36
N ALA D 216 -10.23 6.83 7.12
CA ALA D 216 -11.37 5.99 6.81
C ALA D 216 -11.33 4.77 7.70
N GLY D 217 -12.50 4.38 8.20
CA GLY D 217 -12.62 3.24 9.08
C GLY D 217 -12.73 3.68 10.53
N TYR D 218 -12.47 4.94 10.78
CA TYR D 218 -12.54 5.49 12.11
C TYR D 218 -13.57 6.59 12.17
N ALA D 219 -14.06 6.84 13.35
CA ALA D 219 -15.00 7.92 13.53
C ALA D 219 -14.71 8.63 14.82
N ILE D 220 -15.04 9.92 14.86
CA ILE D 220 -14.84 10.64 16.08
C ILE D 220 -16.18 10.87 16.73
N LEU D 221 -16.29 10.44 17.96
CA LEU D 221 -17.53 10.58 18.68
C LEU D 221 -17.45 11.78 19.54
N LYS D 222 -18.46 12.60 19.44
CA LYS D 222 -18.54 13.81 20.19
C LYS D 222 -19.57 13.68 21.28
N CYS D 223 -19.24 14.13 22.47
CA CYS D 223 -20.19 14.10 23.57
C CYS D 223 -20.92 15.43 23.69
N ASN D 224 -22.24 15.39 23.55
CA ASN D 224 -23.09 16.57 23.61
C ASN D 224 -23.87 16.62 24.91
N ASN D 225 -23.43 15.87 25.87
CA ASN D 225 -24.16 15.87 27.12
C ASN D 225 -23.70 17.04 27.96
N LYS D 226 -24.46 18.10 27.86
CA LYS D 226 -24.11 19.30 28.57
C LYS D 226 -23.98 18.90 30.02
N THR D 227 -22.94 19.40 30.68
CA THR D 227 -22.58 19.16 32.08
C THR D 227 -21.81 17.87 32.31
N PHE D 228 -21.53 17.13 31.25
CA PHE D 228 -20.69 15.94 31.37
C PHE D 228 -19.38 16.36 32.00
N ASN D 229 -18.92 15.61 32.99
CA ASN D 229 -17.76 16.01 33.76
C ASN D 229 -16.45 15.40 33.28
N GLY D 230 -16.44 14.86 32.09
CA GLY D 230 -15.22 14.32 31.51
C GLY D 230 -15.06 12.81 31.64
N THR D 231 -15.82 12.17 32.53
CA THR D 231 -15.71 10.72 32.66
C THR D 231 -17.07 10.05 32.74
N GLY D 232 -17.11 8.76 32.54
CA GLY D 232 -18.37 8.07 32.67
C GLY D 232 -19.19 8.24 31.40
N PRO D 233 -20.46 7.84 31.43
CA PRO D 233 -21.34 7.84 30.30
C PRO D 233 -21.77 9.20 29.87
N CYS D 234 -21.98 9.31 28.59
CA CYS D 234 -22.51 10.44 27.91
C CYS D 234 -23.74 9.92 27.19
N ASN D 235 -24.90 10.48 27.49
CA ASN D 235 -26.15 9.95 26.94
C ASN D 235 -26.61 10.67 25.69
N ASN D 236 -25.75 11.48 25.16
CA ASN D 236 -26.06 12.19 23.93
C ASN D 236 -24.81 12.31 23.09
N VAL D 237 -24.69 11.45 22.11
CA VAL D 237 -23.48 11.45 21.36
C VAL D 237 -23.78 11.59 19.90
N SER D 238 -22.80 12.02 19.17
CA SER D 238 -22.90 12.20 17.75
C SER D 238 -21.60 11.91 17.09
N THR D 239 -21.60 11.73 15.77
CA THR D 239 -20.32 11.48 15.13
C THR D 239 -20.00 12.52 14.12
N VAL D 240 -18.71 12.78 14.02
CA VAL D 240 -18.17 13.71 13.06
C VAL D 240 -16.98 13.12 12.32
N GLN D 241 -16.67 13.69 11.18
CA GLN D 241 -15.44 13.30 10.50
C GLN D 241 -14.28 14.06 11.10
N CYS D 242 -14.54 15.31 11.46
CA CYS D 242 -13.52 16.21 11.99
C CYS D 242 -13.98 16.95 13.23
N THR D 243 -13.01 17.31 14.07
CA THR D 243 -13.25 18.12 15.27
C THR D 243 -13.38 19.56 14.89
N HIS D 244 -13.80 20.38 15.85
CA HIS D 244 -13.85 21.80 15.60
C HIS D 244 -12.42 22.26 15.57
N GLY D 245 -12.17 23.49 15.17
CA GLY D 245 -10.80 23.92 15.15
C GLY D 245 -10.38 24.22 16.57
N ILE D 246 -9.19 23.79 16.92
CA ILE D 246 -8.66 24.09 18.22
C ILE D 246 -7.49 24.98 18.11
N LYS D 247 -7.55 26.11 18.77
CA LYS D 247 -6.45 27.02 18.71
C LYS D 247 -5.43 26.61 19.74
N PRO D 248 -4.17 26.34 19.39
CA PRO D 248 -3.13 25.90 20.29
C PRO D 248 -2.61 27.09 21.05
N VAL D 249 -3.46 27.63 21.90
CA VAL D 249 -3.10 28.78 22.69
C VAL D 249 -2.34 28.29 23.88
N VAL D 250 -1.21 28.89 24.15
CA VAL D 250 -0.39 28.47 25.25
C VAL D 250 -0.43 29.43 26.41
N SER D 251 -0.80 28.92 27.56
CA SER D 251 -0.86 29.69 28.78
C SER D 251 -0.83 28.79 30.00
N THR D 252 -0.68 29.43 31.14
CA THR D 252 -0.81 28.76 32.44
C THR D 252 -1.84 29.50 33.23
N GLN D 253 -2.37 28.92 34.30
CA GLN D 253 -3.32 29.58 35.22
C GLN D 253 -4.67 29.97 34.60
N LEU D 254 -4.65 30.84 33.62
CA LEU D 254 -5.86 31.27 32.95
C LEU D 254 -5.80 30.82 31.51
N LEU D 255 -6.84 30.09 31.14
CA LEU D 255 -7.02 29.54 29.82
C LEU D 255 -7.66 30.59 28.98
N LEU D 256 -7.06 30.88 27.86
CA LEU D 256 -7.58 31.94 27.03
C LEU D 256 -8.10 31.46 25.70
N ASN D 257 -9.07 32.19 25.18
CA ASN D 257 -9.62 32.04 23.84
C ASN D 257 -10.12 30.65 23.51
N GLY D 258 -10.73 29.94 24.45
CA GLY D 258 -11.25 28.61 24.16
C GLY D 258 -12.74 28.67 23.92
N SER D 259 -13.37 27.51 23.99
CA SER D 259 -14.81 27.41 23.79
C SER D 259 -15.51 27.48 25.14
N LEU D 260 -16.52 28.34 25.25
CA LEU D 260 -17.26 28.47 26.49
C LEU D 260 -18.27 27.39 26.67
N ALA D 261 -18.53 27.05 27.92
CA ALA D 261 -19.52 26.05 28.28
C ALA D 261 -20.90 26.50 27.85
N GLU D 262 -21.70 25.57 27.35
CA GLU D 262 -23.06 25.86 26.92
C GLU D 262 -24.02 26.20 28.05
N GLY D 263 -23.86 25.51 29.16
CA GLY D 263 -24.71 25.63 30.33
C GLY D 263 -24.01 26.41 31.40
N GLU D 264 -23.94 25.84 32.59
CA GLU D 264 -23.28 26.49 33.71
C GLU D 264 -21.80 26.15 33.77
N ILE D 265 -21.10 26.71 34.75
CA ILE D 265 -19.69 26.47 34.87
C ILE D 265 -19.44 25.04 35.26
N ILE D 266 -18.58 24.37 34.50
CA ILE D 266 -18.30 22.97 34.78
C ILE D 266 -16.92 22.77 35.30
N ILE D 267 -16.83 22.03 36.37
CA ILE D 267 -15.55 21.74 36.98
C ILE D 267 -15.20 20.29 36.75
N ARG D 268 -14.06 20.05 36.09
CA ARG D 268 -13.67 18.69 35.76
C ARG D 268 -12.30 18.33 36.33
N SER D 269 -12.16 17.09 36.77
CA SER D 269 -10.88 16.58 37.27
C SER D 269 -10.81 15.11 37.11
N GLU D 270 -9.62 14.59 36.98
CA GLU D 270 -9.44 13.15 36.95
C GLU D 270 -9.91 12.56 38.26
N ASN D 271 -9.64 13.27 39.34
CA ASN D 271 -9.98 12.83 40.68
C ASN D 271 -10.10 14.05 41.60
N LEU D 272 -11.30 14.40 42.01
CA LEU D 272 -11.51 15.62 42.77
C LEU D 272 -11.07 15.54 44.21
N THR D 273 -10.72 14.36 44.66
CA THR D 273 -10.28 14.19 46.03
C THR D 273 -8.78 14.00 46.06
N ASN D 274 -8.14 14.12 44.91
CA ASN D 274 -6.70 13.98 44.79
C ASN D 274 -6.08 15.37 44.67
N ASN D 275 -5.30 15.77 45.67
CA ASN D 275 -4.76 17.12 45.70
C ASN D 275 -3.56 17.32 44.78
N VAL D 276 -3.24 16.32 43.99
CA VAL D 276 -2.14 16.43 43.06
C VAL D 276 -2.69 16.59 41.63
N LYS D 277 -4.00 16.51 41.47
CA LYS D 277 -4.58 16.67 40.14
C LYS D 277 -4.96 18.10 39.86
N THR D 278 -4.92 18.48 38.61
CA THR D 278 -5.34 19.80 38.18
C THR D 278 -6.83 19.79 37.93
N ILE D 279 -7.50 20.83 38.38
CA ILE D 279 -8.91 20.98 38.19
C ILE D 279 -9.15 21.96 37.06
N ILE D 280 -9.89 21.55 36.07
CA ILE D 280 -10.11 22.41 34.94
C ILE D 280 -11.48 23.00 35.04
N VAL D 281 -11.55 24.32 35.07
CA VAL D 281 -12.82 24.98 35.21
C VAL D 281 -13.20 25.63 33.90
N HIS D 282 -14.35 25.24 33.37
CA HIS D 282 -14.83 25.74 32.11
C HIS D 282 -15.90 26.79 32.32
N LEU D 283 -15.61 28.00 31.91
CA LEU D 283 -16.55 29.06 32.17
C LEU D 283 -17.58 29.07 31.07
N ASN D 284 -18.77 29.58 31.39
CA ASN D 284 -19.85 29.70 30.43
C ASN D 284 -19.97 31.12 29.92
N GLU D 285 -19.11 31.97 30.42
CA GLU D 285 -19.06 33.37 30.04
C GLU D 285 -17.61 33.73 29.95
N SER D 286 -17.25 34.56 28.99
CA SER D 286 -15.88 35.01 28.90
C SER D 286 -15.63 36.17 29.83
N VAL D 287 -14.39 36.34 30.24
CA VAL D 287 -14.01 37.51 31.01
C VAL D 287 -13.01 38.31 30.20
N GLU D 288 -13.28 39.59 30.04
CA GLU D 288 -12.40 40.41 29.26
C GLU D 288 -11.09 40.74 29.93
N ILE D 289 -10.01 40.44 29.20
CA ILE D 289 -8.65 40.74 29.60
C ILE D 289 -7.85 41.39 28.47
N VAL D 290 -7.20 42.49 28.73
CA VAL D 290 -6.32 43.03 27.70
C VAL D 290 -4.96 43.33 28.25
N CYS D 291 -3.93 42.87 27.57
CA CYS D 291 -2.57 43.07 28.07
C CYS D 291 -1.72 43.91 27.14
N THR D 292 -0.87 44.73 27.74
CA THR D 292 -0.03 45.62 26.95
C THR D 292 1.37 45.87 27.51
N ARG D 293 2.31 46.20 26.61
CA ARG D 293 3.67 46.59 26.99
C ARG D 293 4.02 47.98 26.45
N PRO D 294 3.58 49.05 27.11
CA PRO D 294 3.64 50.42 26.65
C PRO D 294 4.98 51.10 26.87
N ASN D 295 6.06 50.57 26.32
CA ASN D 295 7.36 51.20 26.56
C ASN D 295 8.22 51.55 25.33
N ASN D 296 7.66 51.48 24.14
CA ASN D 296 8.31 51.91 22.90
C ASN D 296 9.77 51.50 22.71
N TYR D 297 10.05 50.23 22.51
CA TYR D 297 11.43 49.81 22.24
C TYR D 297 11.75 49.93 20.78
N THR D 298 13.03 50.12 20.46
CA THR D 298 13.55 50.18 19.11
C THR D 298 14.34 48.91 18.82
N ARG D 299 14.17 48.34 17.63
CA ARG D 299 14.95 47.17 17.27
C ARG D 299 16.24 47.54 16.56
N LYS D 300 17.36 47.06 17.07
CA LYS D 300 18.66 47.27 16.46
C LYS D 300 19.13 45.97 15.86
N SER D 301 19.98 46.02 14.85
CA SER D 301 20.49 44.77 14.28
C SER D 301 21.98 44.69 14.33
N ILE D 302 22.45 43.70 15.05
CA ILE D 302 23.87 43.50 15.26
C ILE D 302 24.38 42.31 14.51
N ARG D 303 25.39 42.52 13.70
CA ARG D 303 25.95 41.39 12.98
C ARG D 303 26.71 40.62 14.01
N ILE D 304 26.51 39.30 14.07
CA ILE D 304 27.24 38.49 15.04
C ILE D 304 27.98 37.35 14.35
N GLY D 305 28.07 37.44 13.06
CA GLY D 305 28.74 36.41 12.31
C GLY D 305 28.54 36.59 10.81
N PRO D 306 29.17 35.74 10.02
CA PRO D 306 29.21 35.76 8.57
C PRO D 306 27.91 35.35 7.96
N GLY D 307 26.97 36.28 7.91
CA GLY D 307 25.65 36.02 7.37
C GLY D 307 24.55 35.97 8.39
N GLN D 308 24.83 36.34 9.63
CA GLN D 308 23.77 36.30 10.62
C GLN D 308 23.75 37.48 11.57
N THR D 309 22.54 37.86 11.97
CA THR D 309 22.36 38.96 12.90
C THR D 309 21.50 38.64 14.08
N PHE D 310 21.72 39.40 15.12
CA PHE D 310 20.98 39.40 16.35
C PHE D 310 20.13 40.63 16.47
N TYR D 311 18.89 40.45 16.92
CA TYR D 311 18.05 41.61 17.11
C TYR D 311 18.07 42.05 18.54
N ALA D 312 18.54 43.25 18.72
CA ALA D 312 18.74 43.81 20.03
C ALA D 312 17.74 44.85 20.40
N THR D 313 17.43 44.89 21.68
CA THR D 313 16.59 45.91 22.24
C THR D 313 17.43 47.15 22.44
N GLY D 314 16.89 48.31 22.11
CA GLY D 314 17.60 49.54 22.41
C GLY D 314 16.74 50.76 22.20
N ASP D 315 17.36 51.93 22.35
CA ASP D 315 16.71 53.22 22.17
C ASP D 315 15.28 53.24 22.69
N ILE D 316 15.14 53.32 24.00
CA ILE D 316 13.83 53.36 24.60
C ILE D 316 13.29 54.74 24.37
N ILE D 317 12.07 54.87 23.86
CA ILE D 317 11.67 56.23 23.60
C ILE D 317 11.11 56.97 24.80
N GLY D 318 12.04 57.55 25.53
CA GLY D 318 11.76 58.46 26.62
C GLY D 318 11.33 57.86 27.95
N ASN D 319 10.12 57.28 27.94
CA ASN D 319 9.52 56.77 29.15
C ASN D 319 9.73 55.33 29.48
N ILE D 320 9.78 55.07 30.77
CA ILE D 320 9.87 53.71 31.26
C ILE D 320 8.53 53.36 31.85
N ARG D 321 7.96 52.27 31.38
CA ARG D 321 6.66 51.82 31.85
C ARG D 321 6.63 50.33 32.07
N GLN D 322 5.88 49.95 33.08
CA GLN D 322 5.66 48.56 33.43
C GLN D 322 4.57 47.96 32.58
N ALA D 323 4.78 46.75 32.08
CA ALA D 323 3.75 46.04 31.32
C ALA D 323 2.66 45.62 32.27
N TYR D 324 1.43 45.54 31.78
CA TYR D 324 0.35 45.14 32.65
C TYR D 324 -0.85 44.58 31.91
N CYS D 325 -1.73 43.93 32.67
CA CYS D 325 -3.00 43.50 32.13
C CYS D 325 -4.17 44.20 32.82
N ASN D 326 -5.16 44.47 32.00
CA ASN D 326 -6.43 45.12 32.31
C ASN D 326 -7.56 44.11 32.42
N ILE D 327 -8.01 43.80 33.64
CA ILE D 327 -9.09 42.81 33.81
C ILE D 327 -10.36 43.39 34.41
N SER D 328 -11.52 43.11 33.80
CA SER D 328 -12.77 43.64 34.37
C SER D 328 -13.02 43.14 35.80
N LYS D 329 -13.28 44.05 36.74
CA LYS D 329 -13.43 43.63 38.13
C LYS D 329 -14.74 42.95 38.44
N ASP D 330 -15.84 43.43 37.88
CA ASP D 330 -17.10 42.83 38.23
C ASP D 330 -17.21 41.45 37.65
N ASP D 331 -16.61 41.24 36.50
CA ASP D 331 -16.73 39.95 35.86
C ASP D 331 -15.82 38.99 36.55
N TRP D 332 -14.66 39.45 36.99
CA TRP D 332 -13.80 38.55 37.69
C TRP D 332 -14.44 38.11 38.99
N ILE D 333 -15.03 39.06 39.73
CA ILE D 333 -15.62 38.71 41.00
C ILE D 333 -16.79 37.80 40.83
N ARG D 334 -17.67 38.10 39.88
CA ARG D 334 -18.79 37.20 39.67
C ARG D 334 -18.31 35.84 39.32
N THR D 335 -17.28 35.76 38.49
CA THR D 335 -16.79 34.49 38.08
C THR D 335 -16.32 33.69 39.27
N LEU D 336 -15.53 34.27 40.15
CA LEU D 336 -15.07 33.45 41.24
C LEU D 336 -16.16 33.10 42.21
N GLN D 337 -17.13 33.97 42.45
CA GLN D 337 -18.15 33.56 43.40
C GLN D 337 -18.93 32.38 42.83
N ARG D 338 -19.13 32.38 41.52
CA ARG D 338 -19.84 31.30 40.88
C ARG D 338 -19.03 30.01 40.89
N VAL D 339 -17.71 30.12 40.69
CA VAL D 339 -16.86 28.95 40.73
C VAL D 339 -16.86 28.42 42.14
N GLY D 340 -16.79 29.32 43.11
CA GLY D 340 -16.78 28.97 44.52
C GLY D 340 -18.00 28.13 44.82
N LYS D 341 -19.17 28.58 44.40
CA LYS D 341 -20.34 27.79 44.66
C LYS D 341 -20.27 26.42 44.01
N LYS D 342 -19.82 26.32 42.77
CA LYS D 342 -19.77 25.00 42.16
C LYS D 342 -18.76 24.12 42.88
N LEU D 343 -17.67 24.71 43.34
CA LEU D 343 -16.74 23.91 44.10
C LEU D 343 -17.38 23.46 45.38
N ALA D 344 -18.17 24.30 46.03
CA ALA D 344 -18.84 23.93 47.27
C ALA D 344 -19.73 22.72 47.06
N GLU D 345 -20.33 22.60 45.88
CA GLU D 345 -21.17 21.45 45.63
C GLU D 345 -20.31 20.17 45.67
N HIS D 346 -19.10 20.25 45.15
CA HIS D 346 -18.19 19.10 45.17
C HIS D 346 -17.52 18.92 46.53
N PHE D 347 -17.33 20.02 47.23
CA PHE D 347 -16.67 20.05 48.54
C PHE D 347 -17.56 20.77 49.56
N PRO D 348 -18.67 20.17 49.99
CA PRO D 348 -19.63 20.74 50.89
C PRO D 348 -19.06 20.81 52.29
N ARG D 349 -19.62 21.71 53.09
CA ARG D 349 -19.24 21.92 54.48
C ARG D 349 -17.76 22.31 54.63
N ARG D 350 -17.31 23.13 53.70
CA ARG D 350 -15.96 23.66 53.69
C ARG D 350 -15.97 25.11 53.26
N ILE D 351 -15.00 25.85 53.73
CA ILE D 351 -14.79 27.21 53.28
C ILE D 351 -13.89 27.19 52.08
N ILE D 352 -14.21 27.94 51.06
CA ILE D 352 -13.38 27.94 49.86
C ILE D 352 -12.49 29.13 49.77
N ASN D 353 -11.22 28.89 49.58
CA ASN D 353 -10.26 29.98 49.56
C ASN D 353 -9.47 30.07 48.26
N PHE D 354 -9.85 30.99 47.39
CA PHE D 354 -9.12 31.18 46.14
C PHE D 354 -8.09 32.21 46.48
N THR D 355 -7.20 31.85 47.36
CA THR D 355 -6.33 32.84 47.94
C THR D 355 -4.85 32.78 47.71
N SER D 356 -4.32 31.86 46.93
CA SER D 356 -2.86 31.94 46.89
C SER D 356 -2.19 31.55 45.59
N PRO D 357 -1.13 32.25 45.20
CA PRO D 357 -0.27 31.92 44.11
C PRO D 357 0.58 30.75 44.54
N ALA D 358 1.31 30.18 43.60
CA ALA D 358 2.18 29.02 43.81
C ALA D 358 3.28 29.15 44.87
N GLY D 359 3.85 30.34 45.07
CA GLY D 359 4.93 30.45 46.05
C GLY D 359 6.14 31.33 45.67
N GLY D 360 6.32 31.74 44.41
CA GLY D 360 7.45 32.64 44.10
C GLY D 360 8.33 32.32 42.89
N ASP D 361 8.33 31.10 42.38
CA ASP D 361 9.14 30.82 41.19
C ASP D 361 8.37 31.29 39.98
N LEU D 362 8.89 32.30 39.30
CA LEU D 362 8.23 32.96 38.19
C LEU D 362 7.68 32.00 37.15
N GLU D 363 8.42 30.93 36.88
CA GLU D 363 7.97 30.02 35.83
C GLU D 363 6.65 29.35 36.14
N ILE D 364 6.36 29.12 37.42
CA ILE D 364 5.12 28.45 37.78
C ILE D 364 4.19 29.33 38.59
N THR D 365 4.67 30.47 39.05
CA THR D 365 3.87 31.33 39.88
C THR D 365 3.08 32.33 39.11
N THR D 366 3.56 32.74 37.96
CA THR D 366 2.86 33.73 37.18
C THR D 366 2.09 33.18 36.00
N HIS D 367 1.31 34.05 35.40
CA HIS D 367 0.50 33.74 34.26
C HIS D 367 1.31 33.79 33.02
N SER D 368 1.58 32.64 32.43
CA SER D 368 2.38 32.64 31.23
C SER D 368 1.45 33.05 30.14
N PHE D 369 1.83 34.12 29.45
CA PHE D 369 1.01 34.71 28.41
C PHE D 369 1.79 35.23 27.22
N ASN D 370 1.30 34.96 26.02
CA ASN D 370 1.97 35.46 24.83
C ASN D 370 1.17 36.53 24.13
N CYS D 371 1.84 37.58 23.69
CA CYS D 371 1.19 38.64 22.93
C CYS D 371 1.98 39.02 21.69
N ARG D 372 1.51 38.59 20.54
CA ARG D 372 2.23 38.86 19.30
C ARG D 372 3.67 38.40 19.32
N GLY D 373 3.99 37.31 19.99
CA GLY D 373 5.37 36.89 20.03
C GLY D 373 6.11 37.40 21.27
N GLU D 374 5.48 38.30 22.02
CA GLU D 374 6.09 38.82 23.23
C GLU D 374 5.75 37.90 24.38
N PHE D 375 6.64 37.80 25.36
CA PHE D 375 6.37 36.92 26.49
C PHE D 375 6.23 37.58 27.84
N PHE D 376 5.04 37.43 28.37
CA PHE D 376 4.63 37.99 29.62
C PHE D 376 4.54 36.94 30.69
N TYR D 377 4.91 37.35 31.88
CA TYR D 377 4.81 36.57 33.09
C TYR D 377 4.09 37.45 34.10
N CYS D 378 2.77 37.39 34.07
CA CYS D 378 1.97 38.34 34.84
C CYS D 378 1.59 37.85 36.22
N ASN D 379 1.58 38.77 37.16
CA ASN D 379 1.30 38.45 38.55
C ASN D 379 -0.19 38.49 38.87
N THR D 380 -0.75 37.33 39.06
CA THR D 380 -2.17 37.10 39.27
C THR D 380 -2.56 36.96 40.71
N SER D 381 -1.64 37.26 41.62
CA SER D 381 -1.95 37.14 43.04
C SER D 381 -3.06 38.08 43.47
N SER D 382 -3.29 39.18 42.75
CA SER D 382 -4.36 40.09 43.09
C SER D 382 -5.71 39.57 42.60
N LEU D 383 -5.71 38.57 41.71
CA LEU D 383 -6.96 38.03 41.21
C LEU D 383 -7.43 36.95 42.13
N PHE D 384 -6.49 36.11 42.51
CA PHE D 384 -6.79 34.99 43.39
C PHE D 384 -6.55 35.41 44.80
N ASN D 385 -7.39 36.31 45.26
CA ASN D 385 -7.33 36.86 46.60
C ASN D 385 -8.69 36.92 47.26
N SER D 386 -9.44 35.82 47.24
CA SER D 386 -10.76 35.87 47.83
C SER D 386 -11.27 34.54 48.31
N THR D 387 -12.32 34.59 49.11
CA THR D 387 -12.95 33.38 49.61
C THR D 387 -14.42 33.32 49.26
N TYR D 388 -14.99 32.19 49.62
CA TYR D 388 -16.39 31.92 49.47
C TYR D 388 -16.96 31.12 50.64
N ASN D 389 -18.10 31.56 51.11
CA ASN D 389 -18.79 30.91 52.20
C ASN D 389 -20.27 30.82 51.83
N PRO D 390 -20.77 29.63 51.49
CA PRO D 390 -22.09 29.40 50.95
C PRO D 390 -23.24 29.80 51.84
N ASN D 391 -23.04 29.92 53.16
CA ASN D 391 -24.16 30.29 54.00
C ASN D 391 -23.91 31.61 54.71
N ASP D 392 -23.01 32.42 54.17
CA ASP D 392 -22.71 33.71 54.76
C ASP D 392 -23.42 34.85 54.03
N SER D 403 -13.18 52.93 35.38
CA SER D 403 -12.57 52.20 36.49
C SER D 403 -13.16 50.82 36.65
N LEU D 404 -13.24 50.37 37.89
CA LEU D 404 -13.77 49.08 38.23
C LEU D 404 -13.03 47.96 37.52
N ASP D 405 -11.72 48.08 37.41
CA ASP D 405 -10.90 47.07 36.83
C ASP D 405 -9.87 46.55 37.83
N ILE D 406 -9.09 45.59 37.41
CA ILE D 406 -8.04 45.01 38.22
C ILE D 406 -6.72 45.18 37.49
N THR D 407 -5.71 45.68 38.19
CA THR D 407 -4.40 45.85 37.55
C THR D 407 -3.49 44.73 37.88
N ILE D 408 -3.00 44.11 36.83
CA ILE D 408 -2.06 43.03 36.95
C ILE D 408 -0.72 43.51 36.45
N PRO D 409 0.31 43.66 37.27
CA PRO D 409 1.59 44.09 36.82
C PRO D 409 2.17 42.89 36.10
N CYS D 410 2.96 43.10 35.07
CA CYS D 410 3.59 42.00 34.37
C CYS D 410 5.09 42.11 34.18
N ARG D 411 5.75 40.97 34.16
CA ARG D 411 7.16 40.95 33.86
C ARG D 411 7.31 40.51 32.42
N ILE D 412 8.37 40.97 31.78
CA ILE D 412 8.68 40.61 30.40
C ILE D 412 10.00 39.86 30.36
N LYS D 413 10.06 38.76 29.63
CA LYS D 413 11.29 37.97 29.56
C LYS D 413 11.56 37.53 28.12
N GLN D 414 12.82 37.62 27.64
CA GLN D 414 13.12 37.21 26.27
C GLN D 414 13.62 35.78 26.11
N ILE D 415 14.09 35.15 27.18
CA ILE D 415 14.55 33.78 27.11
C ILE D 415 13.48 32.81 27.52
N ILE D 416 13.06 31.97 26.58
CA ILE D 416 11.94 31.11 26.82
C ILE D 416 12.22 29.62 26.84
N ASN D 417 11.90 28.97 27.97
CA ASN D 417 12.07 27.53 28.08
C ASN D 417 10.78 26.88 27.65
N MET D 418 10.53 26.92 26.37
CA MET D 418 9.24 26.52 25.90
C MET D 418 9.01 25.04 26.17
N TRP D 419 7.78 24.73 26.54
CA TRP D 419 7.27 23.39 26.77
C TRP D 419 7.88 22.68 27.96
N GLN D 420 8.57 23.42 28.82
CA GLN D 420 9.21 22.87 30.01
C GLN D 420 10.37 21.97 29.68
N ARG D 421 10.90 22.09 28.47
CA ARG D 421 12.06 21.32 28.11
C ARG D 421 13.27 22.06 28.58
N VAL D 422 14.37 21.36 28.77
CA VAL D 422 15.58 22.04 29.17
C VAL D 422 16.62 21.98 28.09
N GLY D 423 17.09 23.15 27.71
CA GLY D 423 18.09 23.34 26.68
C GLY D 423 17.48 23.72 25.34
N GLN D 424 16.18 23.52 25.21
CA GLN D 424 15.51 23.89 23.98
C GLN D 424 15.05 25.32 24.14
N CYS D 425 16.01 26.20 24.11
CA CYS D 425 15.80 27.59 24.38
C CYS D 425 15.56 28.45 23.18
N MET D 426 14.51 29.28 23.28
CA MET D 426 14.21 30.26 22.26
C MET D 426 14.42 31.68 22.75
N TYR D 427 14.97 32.51 21.89
CA TYR D 427 15.13 33.91 22.18
C TYR D 427 14.12 34.72 21.40
N ALA D 428 13.38 35.53 22.12
CA ALA D 428 12.37 36.35 21.52
C ALA D 428 12.94 37.73 21.21
N PRO D 429 13.03 38.15 19.94
CA PRO D 429 13.60 39.40 19.53
C PRO D 429 12.62 40.45 19.97
N PRO D 430 13.01 41.69 20.14
CA PRO D 430 12.16 42.80 20.52
C PRO D 430 11.20 43.09 19.41
N ILE D 431 10.00 43.50 19.79
CA ILE D 431 9.00 43.85 18.83
C ILE D 431 8.67 45.32 18.98
N GLU D 432 8.74 46.03 17.88
CA GLU D 432 8.46 47.45 17.85
C GLU D 432 6.97 47.74 17.71
N GLY D 433 6.54 48.88 18.24
CA GLY D 433 5.17 49.31 18.04
C GLY D 433 4.21 49.02 19.19
N ASN D 434 2.94 48.97 18.83
CA ASN D 434 1.87 48.90 19.81
C ASN D 434 1.63 47.48 20.26
N ILE D 435 2.32 47.06 21.29
CA ILE D 435 2.16 45.66 21.66
C ILE D 435 1.04 45.49 22.63
N THR D 436 -0.15 45.34 22.09
CA THR D 436 -1.36 45.15 22.87
C THR D 436 -2.19 43.98 22.34
N CYS D 437 -2.65 43.13 23.23
CA CYS D 437 -3.50 42.00 22.85
C CYS D 437 -4.73 41.88 23.73
N LYS D 438 -5.89 41.81 23.10
CA LYS D 438 -7.14 41.64 23.82
C LYS D 438 -7.66 40.24 23.68
N SER D 439 -7.95 39.60 24.80
CA SER D 439 -8.37 38.21 24.77
C SER D 439 -9.46 37.85 25.78
N ASN D 440 -9.95 36.63 25.64
CA ASN D 440 -11.05 36.13 26.46
C ASN D 440 -10.63 35.08 27.46
N ILE D 441 -10.83 35.32 28.74
CA ILE D 441 -10.51 34.25 29.66
C ILE D 441 -11.68 33.32 29.56
N THR D 442 -11.42 32.06 29.25
CA THR D 442 -12.49 31.09 29.10
C THR D 442 -12.43 30.00 30.13
N GLY D 443 -11.36 29.95 30.90
CA GLY D 443 -11.28 28.90 31.91
C GLY D 443 -10.13 29.09 32.87
N LEU D 444 -10.15 28.26 33.90
CA LEU D 444 -9.15 28.35 34.94
C LEU D 444 -8.49 27.01 35.17
N LEU D 445 -7.21 27.01 35.54
CA LEU D 445 -6.58 25.77 35.98
C LEU D 445 -6.28 25.91 37.44
N LEU D 446 -7.02 25.19 38.27
CA LEU D 446 -6.85 25.34 39.70
C LEU D 446 -6.27 24.11 40.32
N VAL D 447 -5.51 24.29 41.38
CA VAL D 447 -5.00 23.16 42.10
C VAL D 447 -5.44 23.25 43.54
N ARG D 448 -6.05 22.19 44.03
CA ARG D 448 -6.51 22.17 45.40
C ARG D 448 -5.33 21.84 46.29
N ASP D 449 -5.19 22.53 47.39
CA ASP D 449 -4.11 22.23 48.30
C ASP D 449 -4.20 20.81 48.83
N SER D 454 -7.84 19.96 56.50
CA SER D 454 -7.12 20.09 57.75
C SER D 454 -7.64 21.27 58.52
N ASN D 455 -7.99 22.31 57.76
CA ASN D 455 -8.51 23.56 58.29
C ASN D 455 -9.96 23.76 57.88
N GLU D 456 -10.59 22.69 57.44
CA GLU D 456 -11.98 22.67 57.00
C GLU D 456 -12.20 23.75 55.95
N THR D 457 -11.16 23.95 55.16
CA THR D 457 -11.11 24.93 54.13
C THR D 457 -10.45 24.27 52.93
N GLU D 458 -10.96 24.55 51.77
CA GLU D 458 -10.37 24.07 50.55
C GLU D 458 -9.65 25.24 49.93
N ILE D 459 -8.34 25.16 49.93
CA ILE D 459 -7.51 26.25 49.45
C ILE D 459 -7.10 25.99 48.04
N PHE D 460 -7.33 26.96 47.18
CA PHE D 460 -6.98 26.79 45.79
C PHE D 460 -5.98 27.80 45.32
N ARG D 461 -5.14 27.30 44.41
CA ARG D 461 -4.16 28.12 43.79
C ARG D 461 -4.29 27.95 42.30
N PRO D 462 -4.02 28.96 41.49
CA PRO D 462 -4.01 28.82 40.06
C PRO D 462 -2.77 28.02 39.78
N GLY D 463 -2.76 27.25 38.71
CA GLY D 463 -1.55 26.51 38.41
C GLY D 463 -1.45 26.08 36.95
N GLY D 464 -0.52 25.18 36.68
CA GLY D 464 -0.34 24.76 35.30
C GLY D 464 1.12 24.48 35.01
N GLY D 465 1.41 24.48 33.72
CA GLY D 465 2.73 24.20 33.17
C GLY D 465 2.70 22.92 32.36
N ASP D 466 1.73 22.06 32.63
CA ASP D 466 1.56 20.87 31.84
C ASP D 466 0.59 21.26 30.77
N MET D 467 1.11 21.45 29.58
CA MET D 467 0.37 22.00 28.45
C MET D 467 -0.73 21.10 28.02
N ARG D 468 -0.69 19.85 28.41
CA ARG D 468 -1.73 18.97 28.00
C ARG D 468 -3.06 19.47 28.54
N ASN D 469 -3.07 20.12 29.69
CA ASN D 469 -4.33 20.55 30.23
C ASN D 469 -4.98 21.62 29.39
N ASN D 470 -4.20 22.31 28.58
CA ASN D 470 -4.77 23.36 27.77
C ASN D 470 -5.47 22.78 26.59
N TRP D 471 -5.27 21.50 26.34
CA TRP D 471 -5.86 20.85 25.21
C TRP D 471 -6.92 19.89 25.68
N ARG D 472 -6.78 19.38 26.91
CA ARG D 472 -7.81 18.51 27.44
C ARG D 472 -9.07 19.33 27.53
N SER D 473 -8.91 20.62 27.81
CA SER D 473 -9.99 21.56 27.94
C SER D 473 -10.83 21.74 26.67
N GLU D 474 -10.33 21.30 25.52
CA GLU D 474 -11.12 21.36 24.30
C GLU D 474 -11.47 19.94 23.83
N LEU D 475 -10.51 19.04 23.97
CA LEU D 475 -10.64 17.70 23.47
C LEU D 475 -11.43 16.76 24.33
N TYR D 476 -11.87 17.21 25.49
CA TYR D 476 -12.70 16.41 26.36
C TYR D 476 -13.98 15.99 25.67
N LYS D 477 -14.39 16.69 24.63
CA LYS D 477 -15.61 16.27 23.97
C LYS D 477 -15.41 15.15 22.99
N TYR D 478 -14.18 14.77 22.65
CA TYR D 478 -14.04 13.79 21.60
C TYR D 478 -13.39 12.45 21.94
N LYS D 479 -13.87 11.41 21.29
CA LYS D 479 -13.29 10.07 21.40
C LYS D 479 -13.09 9.44 20.03
N VAL D 480 -12.03 8.66 19.86
CA VAL D 480 -11.84 8.00 18.57
C VAL D 480 -12.13 6.53 18.62
N VAL D 481 -12.95 6.05 17.69
CA VAL D 481 -13.27 4.65 17.68
C VAL D 481 -13.03 4.05 16.31
N GLU D 482 -12.87 2.75 16.27
CA GLU D 482 -12.69 2.05 15.01
C GLU D 482 -13.93 1.27 14.64
N ILE D 483 -14.36 1.41 13.41
CA ILE D 483 -15.50 0.72 12.90
C ILE D 483 -15.13 -0.70 12.53
N LYS D 484 -15.95 -1.65 12.95
CA LYS D 484 -15.74 -3.05 12.65
C LYS D 484 -16.93 -3.65 11.90
N PRO D 485 -17.04 -3.49 10.57
CA PRO D 485 -18.16 -3.86 9.72
C PRO D 485 -18.55 -5.33 9.66
N LEU D 486 -17.70 -6.25 10.05
CA LEU D 486 -18.14 -7.63 9.97
C LEU D 486 -18.75 -8.11 11.24
N GLY D 487 -19.75 -8.95 11.10
CA GLY D 487 -20.31 -9.59 12.26
C GLY D 487 -21.25 -10.68 11.82
N ILE D 488 -21.65 -11.49 12.77
CA ILE D 488 -22.53 -12.59 12.47
C ILE D 488 -23.69 -12.60 13.43
N ALA D 489 -24.75 -13.31 13.07
CA ALA D 489 -25.92 -13.53 13.93
C ALA D 489 -26.67 -14.74 13.38
N PRO D 490 -27.45 -15.48 14.18
CA PRO D 490 -28.27 -16.55 13.68
C PRO D 490 -29.49 -16.10 12.91
N THR D 491 -29.86 -16.86 11.91
CA THR D 491 -31.09 -16.70 11.14
C THR D 491 -31.66 -18.08 10.93
N ARG D 492 -32.84 -18.16 10.36
CA ARG D 492 -33.44 -19.45 10.12
C ARG D 492 -33.05 -20.05 8.76
N CYS D 493 -32.26 -19.32 7.98
CA CYS D 493 -31.95 -19.77 6.64
C CYS D 493 -30.58 -20.38 6.45
N LYS D 494 -30.54 -21.61 5.96
CA LYS D 494 -29.30 -22.28 5.64
C LYS D 494 -28.91 -21.86 4.25
N ARG D 495 -27.63 -21.67 3.97
CA ARG D 495 -27.24 -21.38 2.61
C ARG D 495 -27.90 -22.39 1.68
N GLY D 524 -22.71 8.47 7.59
CA GLY D 524 -24.07 8.09 7.93
C GLY D 524 -24.09 6.61 8.28
N PHE D 525 -22.94 6.01 8.17
CA PHE D 525 -22.77 4.59 8.41
C PHE D 525 -23.27 4.11 9.77
N LEU D 526 -23.00 4.87 10.81
CA LEU D 526 -23.40 4.45 12.15
C LEU D 526 -24.76 4.98 12.53
N GLY D 527 -25.50 5.54 11.57
CA GLY D 527 -26.81 6.07 11.92
C GLY D 527 -27.67 4.98 12.51
N ALA D 528 -27.51 3.73 12.03
CA ALA D 528 -28.28 2.61 12.53
C ALA D 528 -27.64 2.09 13.79
N ALA D 529 -27.65 2.88 14.82
CA ALA D 529 -27.05 2.52 16.08
C ALA D 529 -27.97 2.98 17.16
N GLY D 530 -28.17 2.13 18.16
CA GLY D 530 -29.06 2.43 19.27
C GLY D 530 -30.41 1.72 19.04
N SER D 531 -30.63 1.32 17.80
CA SER D 531 -31.81 0.60 17.34
C SER D 531 -31.49 -0.88 17.44
N THR D 532 -32.49 -1.73 17.29
CA THR D 532 -32.22 -3.15 17.39
C THR D 532 -31.54 -3.65 16.16
N MET D 533 -30.98 -4.84 16.27
CA MET D 533 -30.29 -5.43 15.14
C MET D 533 -31.23 -5.66 14.02
N GLY D 534 -32.45 -6.01 14.34
CA GLY D 534 -33.43 -6.23 13.32
C GLY D 534 -33.62 -4.98 12.51
N ALA D 535 -33.89 -3.87 13.18
CA ALA D 535 -34.12 -2.65 12.45
C ALA D 535 -32.91 -2.26 11.63
N ALA D 536 -31.73 -2.46 12.19
CA ALA D 536 -30.54 -2.13 11.48
C ALA D 536 -30.36 -3.01 10.27
N SER D 537 -30.72 -4.28 10.36
CA SER D 537 -30.49 -5.17 9.25
C SER D 537 -31.27 -4.74 8.03
N ILE D 538 -32.40 -4.08 8.25
CA ILE D 538 -33.16 -3.60 7.12
C ILE D 538 -32.44 -2.40 6.55
N THR D 539 -32.04 -1.50 7.44
CA THR D 539 -31.38 -0.25 7.07
C THR D 539 -30.09 -0.50 6.30
N LEU D 540 -29.33 -1.50 6.74
CA LEU D 540 -28.02 -1.82 6.21
C LEU D 540 -28.03 -2.34 4.80
N THR D 541 -29.21 -2.65 4.27
CA THR D 541 -29.25 -3.13 2.89
C THR D 541 -28.88 -1.98 1.97
N VAL D 542 -28.91 -0.76 2.49
CA VAL D 542 -28.52 0.44 1.79
C VAL D 542 -27.28 1.04 2.47
N GLN D 543 -27.40 1.25 3.78
CA GLN D 543 -26.40 1.96 4.57
C GLN D 543 -25.03 1.33 4.58
N ALA D 544 -24.93 0.02 4.44
CA ALA D 544 -23.62 -0.62 4.50
C ALA D 544 -22.68 -0.07 3.43
N ARG D 545 -23.24 0.44 2.32
CA ARG D 545 -22.45 0.91 1.21
C ARG D 545 -21.77 2.23 1.50
N GLN D 546 -22.10 2.88 2.59
CA GLN D 546 -21.46 4.14 2.89
C GLN D 546 -20.01 3.87 3.31
N LEU D 547 -19.69 2.62 3.65
CA LEU D 547 -18.33 2.27 4.02
C LEU D 547 -17.47 2.20 2.78
N LEU D 548 -18.09 2.23 1.62
CA LEU D 548 -17.33 2.12 0.41
C LEU D 548 -16.77 3.48 0.10
N SER D 549 -17.20 4.50 0.84
CA SER D 549 -16.65 5.82 0.63
C SER D 549 -15.22 5.85 1.18
N GLY D 550 -14.85 4.85 1.98
CA GLY D 550 -13.54 4.79 2.58
C GLY D 550 -12.52 4.05 1.71
N ILE D 551 -12.94 3.57 0.54
CA ILE D 551 -12.00 2.84 -0.30
C ILE D 551 -10.80 3.70 -0.61
N LEU D 571 7.87 16.44 3.65
CA LEU D 571 7.38 16.95 4.93
C LEU D 571 7.96 16.11 6.06
N GLY D 572 8.87 15.23 5.69
CA GLY D 572 9.55 14.37 6.65
C GLY D 572 8.60 13.41 7.32
N VAL D 573 8.53 13.48 8.64
CA VAL D 573 7.68 12.61 9.42
C VAL D 573 6.21 12.74 9.03
N TRP D 574 5.83 13.89 8.51
CA TRP D 574 4.46 14.07 8.12
C TRP D 574 4.13 13.26 6.87
N GLY D 575 5.15 12.97 6.03
CA GLY D 575 4.95 12.18 4.84
C GLY D 575 4.72 10.76 5.31
N ILE D 576 5.47 10.38 6.36
CA ILE D 576 5.33 9.05 6.92
C ILE D 576 3.97 8.90 7.54
N LYS D 577 3.51 9.88 8.30
CA LYS D 577 2.20 9.71 8.90
C LYS D 577 1.16 9.44 7.82
N GLN D 578 1.23 10.17 6.69
CA GLN D 578 0.26 9.92 5.67
C GLN D 578 0.44 8.54 5.03
N LEU D 579 1.68 8.12 4.80
CA LEU D 579 1.87 6.82 4.19
C LEU D 579 1.40 5.71 5.09
N GLN D 580 1.63 5.82 6.39
CA GLN D 580 1.18 4.77 7.26
C GLN D 580 -0.32 4.73 7.27
N THR D 581 -0.94 5.90 7.23
CA THR D 581 -2.38 5.96 7.24
C THR D 581 -2.96 5.31 5.99
N ARG D 582 -2.40 5.61 4.82
CA ARG D 582 -2.93 5.02 3.61
C ARG D 582 -2.68 3.53 3.56
N VAL D 583 -1.50 3.11 3.99
CA VAL D 583 -1.19 1.70 3.93
C VAL D 583 -2.09 0.95 4.85
N LEU D 584 -2.31 1.47 6.06
CA LEU D 584 -3.19 0.77 6.95
C LEU D 584 -4.59 0.70 6.38
N ALA D 585 -5.10 1.79 5.82
CA ALA D 585 -6.44 1.72 5.30
C ALA D 585 -6.54 0.62 4.25
N ILE D 586 -5.50 0.49 3.42
CA ILE D 586 -5.52 -0.55 2.43
C ILE D 586 -5.46 -1.90 3.08
N GLU D 587 -4.58 -2.06 4.05
CA GLU D 587 -4.47 -3.34 4.71
C GLU D 587 -5.77 -3.79 5.33
N ARG D 588 -6.46 -2.91 6.02
CA ARG D 588 -7.69 -3.36 6.66
C ARG D 588 -8.72 -3.71 5.62
N TYR D 589 -8.79 -2.91 4.57
CA TYR D 589 -9.74 -3.17 3.51
C TYR D 589 -9.50 -4.54 2.93
N LEU D 590 -8.25 -4.83 2.60
CA LEU D 590 -7.99 -6.09 1.98
C LEU D 590 -8.26 -7.23 2.91
N LYS D 591 -7.98 -7.10 4.21
CA LYS D 591 -8.27 -8.22 5.08
C LYS D 591 -9.76 -8.52 5.10
N ASP D 592 -10.61 -7.50 5.12
CA ASP D 592 -12.02 -7.82 5.14
C ASP D 592 -12.46 -8.40 3.82
N GLN D 593 -11.91 -7.91 2.71
CA GLN D 593 -12.33 -8.45 1.44
C GLN D 593 -11.91 -9.89 1.35
N GLN D 594 -10.74 -10.18 1.88
CA GLN D 594 -10.23 -11.52 1.84
C GLN D 594 -11.07 -12.48 2.67
N LEU D 595 -11.52 -12.05 3.85
CA LEU D 595 -12.31 -12.95 4.64
C LEU D 595 -13.61 -13.26 3.96
N LEU D 596 -14.22 -12.25 3.37
CA LEU D 596 -15.48 -12.46 2.71
C LEU D 596 -15.29 -13.37 1.52
N GLY D 597 -14.17 -13.22 0.84
CA GLY D 597 -13.92 -14.08 -0.29
C GLY D 597 -13.86 -15.54 0.13
N ILE D 598 -13.06 -15.84 1.16
CA ILE D 598 -12.91 -17.23 1.58
C ILE D 598 -14.17 -17.81 2.21
N TRP D 599 -15.04 -16.98 2.75
CA TRP D 599 -16.29 -17.46 3.30
C TRP D 599 -17.37 -17.60 2.27
N GLY D 600 -17.07 -17.27 1.01
CA GLY D 600 -18.04 -17.37 -0.05
C GLY D 600 -19.07 -16.26 0.01
N CYS D 601 -18.69 -15.11 0.55
CA CYS D 601 -19.63 -14.03 0.73
C CYS D 601 -19.37 -12.84 -0.16
N SER D 602 -19.35 -13.05 -1.46
CA SER D 602 -19.37 -11.93 -2.38
C SER D 602 -20.82 -11.46 -2.29
N GLY D 603 -21.14 -10.20 -2.58
CA GLY D 603 -22.56 -9.83 -2.39
C GLY D 603 -22.76 -9.81 -0.87
N LYS D 604 -21.69 -9.37 -0.24
CA LYS D 604 -21.42 -9.34 1.17
C LYS D 604 -22.41 -8.70 2.10
N LEU D 605 -23.28 -7.83 1.64
CA LEU D 605 -24.14 -7.26 2.64
C LEU D 605 -24.89 -8.34 3.42
N ILE D 606 -25.41 -9.37 2.73
CA ILE D 606 -26.06 -10.46 3.44
C ILE D 606 -25.55 -11.79 2.90
N CYS D 607 -24.96 -12.60 3.75
CA CYS D 607 -24.45 -13.87 3.29
C CYS D 607 -24.79 -15.05 4.16
N THR D 608 -25.70 -15.89 3.67
CA THR D 608 -26.05 -17.05 4.46
C THR D 608 -24.94 -18.06 4.31
N THR D 609 -24.78 -18.92 5.31
CA THR D 609 -23.73 -19.93 5.28
C THR D 609 -24.29 -21.27 5.70
N ALA D 610 -23.45 -22.28 5.64
CA ALA D 610 -23.80 -23.63 6.04
C ALA D 610 -23.33 -23.97 7.45
N VAL D 611 -22.88 -22.98 8.22
CA VAL D 611 -22.46 -23.25 9.59
C VAL D 611 -23.66 -23.12 10.51
N PRO D 612 -24.01 -24.13 11.32
CA PRO D 612 -25.12 -24.13 12.24
C PRO D 612 -24.85 -23.23 13.41
N TRP D 613 -25.90 -22.71 14.00
CA TRP D 613 -25.76 -21.90 15.19
C TRP D 613 -25.59 -22.72 16.45
N ASN D 614 -24.63 -22.35 17.27
CA ASN D 614 -24.41 -22.99 18.55
C ASN D 614 -25.14 -22.30 19.68
N SER D 615 -25.94 -23.06 20.40
CA SER D 615 -26.68 -22.55 21.55
C SER D 615 -25.70 -22.18 22.65
N SER D 616 -24.47 -22.71 22.53
CA SER D 616 -23.41 -22.42 23.47
C SER D 616 -22.86 -21.02 23.27
N TRP D 617 -23.07 -20.44 22.09
CA TRP D 617 -22.61 -19.10 21.84
C TRP D 617 -23.69 -18.21 22.39
N SER D 618 -24.92 -18.55 22.01
CA SER D 618 -26.10 -17.86 22.49
C SER D 618 -27.32 -18.73 22.46
N ASN D 619 -28.01 -18.79 23.59
CA ASN D 619 -29.20 -19.57 23.73
C ASN D 619 -30.46 -18.71 23.73
N LYS D 620 -30.34 -17.50 23.21
CA LYS D 620 -31.48 -16.60 23.12
C LYS D 620 -32.25 -16.98 21.87
N SER D 621 -33.55 -16.74 21.87
CA SER D 621 -34.39 -17.08 20.72
C SER D 621 -34.25 -16.11 19.59
N HIS D 622 -34.80 -16.48 18.44
CA HIS D 622 -34.71 -15.62 17.27
C HIS D 622 -35.21 -14.21 17.54
N ASP D 623 -36.35 -14.06 18.19
CA ASP D 623 -36.84 -12.73 18.43
C ASP D 623 -36.18 -12.10 19.64
N GLU D 624 -35.78 -12.89 20.63
CA GLU D 624 -35.09 -12.29 21.76
C GLU D 624 -33.82 -11.62 21.31
N ILE D 625 -33.14 -12.22 20.34
CA ILE D 625 -31.93 -11.63 19.83
C ILE D 625 -32.21 -10.46 18.89
N TRP D 626 -32.99 -10.69 17.85
CA TRP D 626 -33.13 -9.66 16.85
C TRP D 626 -33.94 -8.43 17.25
N GLY D 627 -34.90 -8.59 18.15
CA GLY D 627 -35.70 -7.46 18.55
C GLY D 627 -35.35 -6.88 19.92
N ASN D 628 -34.32 -7.37 20.59
CA ASN D 628 -34.08 -6.83 21.93
C ASN D 628 -32.61 -6.52 22.15
N MET D 629 -31.88 -6.43 21.07
CA MET D 629 -30.47 -6.15 21.15
C MET D 629 -30.07 -5.25 20.03
N THR D 630 -29.07 -4.43 20.29
CA THR D 630 -28.44 -3.61 19.28
C THR D 630 -27.24 -4.39 18.80
N TRP D 631 -26.61 -3.96 17.72
CA TRP D 631 -25.48 -4.72 17.25
C TRP D 631 -24.29 -4.72 18.19
N MET D 632 -24.10 -3.65 18.96
CA MET D 632 -22.96 -3.66 19.85
C MET D 632 -23.19 -4.60 21.00
N GLN D 633 -24.44 -4.71 21.44
CA GLN D 633 -24.71 -5.57 22.56
C GLN D 633 -24.44 -6.99 22.15
N TRP D 634 -24.85 -7.31 20.93
CA TRP D 634 -24.65 -8.61 20.38
C TRP D 634 -23.19 -8.90 20.25
N ASP D 635 -22.45 -7.94 19.71
CA ASP D 635 -21.03 -8.15 19.52
C ASP D 635 -20.38 -8.49 20.86
N ARG D 636 -20.79 -7.84 21.93
CA ARG D 636 -20.21 -8.21 23.20
C ARG D 636 -20.64 -9.61 23.64
N GLU D 637 -21.91 -9.95 23.48
CA GLU D 637 -22.40 -11.24 23.97
C GLU D 637 -21.76 -12.46 23.32
N ILE D 638 -21.42 -12.37 22.06
CA ILE D 638 -20.79 -13.50 21.37
C ILE D 638 -19.38 -13.19 20.88
N GLY D 639 -18.77 -12.14 21.42
CA GLY D 639 -17.50 -11.67 20.94
C GLY D 639 -16.34 -12.67 20.99
N ASN D 640 -16.31 -13.55 21.97
CA ASN D 640 -15.19 -14.46 22.09
C ASN D 640 -15.37 -15.70 21.25
N TYR D 641 -16.39 -15.72 20.42
CA TYR D 641 -16.54 -16.86 19.56
C TYR D 641 -16.17 -16.43 18.17
N THR D 642 -15.64 -15.22 18.02
CA THR D 642 -15.30 -14.72 16.70
C THR D 642 -14.38 -15.65 15.95
N ASN D 643 -13.34 -16.13 16.61
CA ASN D 643 -12.41 -16.97 15.90
C ASN D 643 -13.02 -18.33 15.60
N THR D 644 -13.90 -18.78 16.47
CA THR D 644 -14.53 -20.07 16.27
C THR D 644 -15.37 -20.03 15.02
N ILE D 645 -16.16 -18.98 14.89
CA ILE D 645 -17.04 -18.91 13.77
C ILE D 645 -16.24 -18.80 12.51
N TYR D 646 -15.20 -17.98 12.52
CA TYR D 646 -14.45 -17.81 11.31
C TYR D 646 -13.83 -19.13 10.89
N ARG D 647 -13.31 -19.91 11.84
CA ARG D 647 -12.73 -21.19 11.43
C ARG D 647 -13.78 -22.10 10.82
N LEU D 648 -14.96 -22.12 11.41
CA LEU D 648 -15.99 -23.00 10.89
C LEU D 648 -16.34 -22.60 9.46
N LEU D 649 -16.37 -21.30 9.20
CA LEU D 649 -16.70 -20.85 7.87
C LEU D 649 -15.59 -21.08 6.86
N GLU D 650 -14.34 -20.76 7.19
CA GLU D 650 -13.29 -20.87 6.19
C GLU D 650 -12.66 -22.22 6.02
N ASP D 651 -12.50 -22.97 7.10
CA ASP D 651 -11.81 -24.24 6.99
C ASP D 651 -12.73 -25.37 6.64
N SER D 652 -13.98 -25.24 7.00
CA SER D 652 -14.87 -26.33 6.77
C SER D 652 -15.94 -26.03 5.77
N GLN D 653 -16.86 -25.13 6.08
CA GLN D 653 -17.97 -25.03 5.18
C GLN D 653 -17.67 -24.50 3.81
N ASN D 654 -16.72 -23.60 3.67
CA ASN D 654 -16.48 -23.12 2.32
C ASN D 654 -15.41 -23.91 1.61
N GLN D 655 -15.03 -25.02 2.20
CA GLN D 655 -14.10 -25.88 1.53
C GLN D 655 -14.90 -27.08 1.10
N GLN D 656 -15.65 -27.62 2.06
CA GLN D 656 -16.47 -28.78 1.85
C GLN D 656 -17.52 -28.50 0.80
N GLU D 657 -18.10 -27.31 0.81
CA GLU D 657 -19.12 -26.92 -0.15
C GLU D 657 -18.59 -26.77 -1.56
N GLN D 658 -17.28 -26.74 -1.74
CA GLN D 658 -16.77 -26.66 -3.09
C GLN D 658 -16.26 -28.04 -3.48
N ASN D 659 -15.57 -28.70 -2.58
CA ASN D 659 -14.95 -29.96 -2.96
C ASN D 659 -15.96 -31.05 -3.23
N GLU D 660 -17.04 -31.06 -2.47
CA GLU D 660 -18.05 -32.08 -2.58
C GLU D 660 -19.05 -31.79 -3.67
N LYS D 661 -18.89 -30.68 -4.37
CA LYS D 661 -19.83 -30.40 -5.43
C LYS D 661 -19.12 -30.31 -6.77
N ASP D 662 -17.97 -29.63 -6.79
CA ASP D 662 -17.26 -29.42 -8.04
C ASP D 662 -16.23 -30.46 -8.40
N LEU D 663 -15.59 -31.14 -7.45
CA LEU D 663 -14.54 -32.04 -7.90
C LEU D 663 -15.17 -33.29 -8.47
N LEU D 664 -16.44 -33.49 -8.16
CA LEU D 664 -17.20 -34.63 -8.59
C LEU D 664 -17.60 -34.48 -10.04
N ALA D 665 -17.43 -33.28 -10.58
CA ALA D 665 -17.79 -33.00 -11.94
C ALA D 665 -16.68 -33.40 -12.89
N CYS D 666 -15.52 -33.78 -12.35
CA CYS D 666 -14.34 -34.14 -13.13
C CYS D 666 -14.66 -34.29 -14.62
N GLN E 23 -52.32 3.03 28.39
CA GLN E 23 -51.74 3.54 27.15
C GLN E 23 -52.74 3.51 26.02
N SER E 24 -52.85 4.63 25.31
CA SER E 24 -53.77 4.69 24.19
C SER E 24 -53.33 5.72 23.16
N LEU E 25 -53.89 5.63 21.97
CA LEU E 25 -53.57 6.63 20.98
C LEU E 25 -54.69 7.59 20.75
N GLU E 26 -54.33 8.86 20.62
CA GLU E 26 -55.29 9.89 20.28
C GLU E 26 -54.99 10.33 18.87
N GLU E 27 -55.99 10.79 18.15
CA GLU E 27 -55.73 11.20 16.79
C GLU E 27 -56.58 12.41 16.40
N SER E 28 -55.95 13.39 15.77
CA SER E 28 -56.68 14.60 15.36
C SER E 28 -56.00 15.38 14.23
N GLY E 29 -56.74 16.37 13.70
CA GLY E 29 -56.22 17.25 12.64
C GLY E 29 -57.01 17.18 11.34
N GLY E 30 -57.96 16.25 11.25
CA GLY E 30 -58.76 16.16 10.04
C GLY E 30 -59.80 17.27 10.02
N ASP E 31 -60.11 17.78 8.83
CA ASP E 31 -61.12 18.80 8.60
C ASP E 31 -61.53 18.75 7.14
N LEU E 32 -62.47 19.59 6.73
CA LEU E 32 -62.82 19.63 5.31
C LEU E 32 -61.94 20.64 4.64
N VAL E 33 -61.26 20.21 3.59
CA VAL E 33 -60.34 21.07 2.88
C VAL E 33 -60.59 21.07 1.37
N LYS E 34 -59.98 21.99 0.66
CA LYS E 34 -60.11 22.01 -0.79
C LYS E 34 -59.62 20.69 -1.40
N PRO E 35 -60.25 20.12 -2.45
CA PRO E 35 -59.74 18.94 -3.13
C PRO E 35 -58.34 19.24 -3.58
N GLY E 36 -57.43 18.30 -3.38
CA GLY E 36 -56.03 18.50 -3.77
C GLY E 36 -55.21 19.22 -2.69
N ALA E 37 -55.84 19.55 -1.56
CA ALA E 37 -55.20 20.22 -0.44
C ALA E 37 -54.36 19.26 0.37
N SER E 38 -53.41 19.82 1.14
CA SER E 38 -52.57 19.05 2.03
C SER E 38 -53.26 18.69 3.36
N LEU E 39 -52.65 17.74 4.06
CA LEU E 39 -53.10 17.26 5.38
C LEU E 39 -52.00 16.89 6.34
N THR E 40 -52.13 17.28 7.60
CA THR E 40 -51.19 16.87 8.62
C THR E 40 -51.89 16.27 9.83
N LEU E 41 -52.12 14.95 9.85
CA LEU E 41 -52.82 14.36 11.00
C LEU E 41 -51.84 13.99 12.06
N THR E 42 -52.18 14.21 13.31
CA THR E 42 -51.27 13.85 14.37
C THR E 42 -51.80 12.76 15.24
N CYS E 43 -50.96 11.75 15.44
CA CYS E 43 -51.30 10.66 16.33
C CYS E 43 -50.41 10.72 17.56
N THR E 44 -51.04 10.71 18.74
CA THR E 44 -50.33 10.88 20.01
C THR E 44 -50.34 9.70 20.98
N ALA E 45 -49.16 9.42 21.50
CA ALA E 45 -48.91 8.37 22.48
C ALA E 45 -49.33 8.78 23.87
N SER E 46 -50.60 8.65 24.16
CA SER E 46 -51.05 9.11 25.44
C SER E 46 -50.66 8.10 26.51
N GLY E 47 -49.84 8.57 27.45
CA GLY E 47 -49.33 7.76 28.53
C GLY E 47 -48.04 7.01 28.19
N PHE E 48 -47.44 7.26 27.03
CA PHE E 48 -46.22 6.54 26.67
C PHE E 48 -45.38 7.23 25.60
N SER E 49 -44.21 6.69 25.35
CA SER E 49 -43.36 7.15 24.26
C SER E 49 -43.11 5.94 23.39
N PHE E 50 -42.69 6.17 22.16
CA PHE E 50 -42.45 5.03 21.28
C PHE E 50 -40.98 4.61 21.38
N GLY E 51 -40.70 3.31 21.49
CA GLY E 51 -39.33 2.84 21.61
C GLY E 51 -38.97 1.73 20.64
N TRP E 52 -38.09 0.82 21.07
CA TRP E 52 -37.67 -0.23 20.18
C TRP E 52 -38.84 -1.05 19.74
N ASN E 53 -38.82 -1.39 18.49
CA ASN E 53 -39.80 -2.20 17.82
C ASN E 53 -41.17 -1.60 17.75
N ASP E 54 -41.28 -0.31 18.04
CA ASP E 54 -42.54 0.33 17.86
C ASP E 54 -42.65 0.91 16.49
N TYR E 55 -43.53 0.30 15.73
CA TYR E 55 -43.78 0.72 14.38
C TYR E 55 -45.04 1.51 14.41
N MET E 56 -44.90 2.76 14.09
CA MET E 56 -46.05 3.62 14.18
C MET E 56 -46.62 3.78 12.81
N SER E 57 -47.79 3.18 12.61
CA SER E 57 -48.41 3.05 11.31
C SER E 57 -49.72 3.77 11.09
N TRP E 58 -50.03 3.92 9.80
CA TRP E 58 -51.31 4.46 9.37
C TRP E 58 -51.98 3.53 8.34
N VAL E 59 -53.32 3.50 8.41
CA VAL E 59 -54.20 2.76 7.48
C VAL E 59 -55.40 3.57 6.96
N ARG E 60 -55.99 3.10 5.84
CA ARG E 60 -57.19 3.69 5.22
C ARG E 60 -58.40 2.77 5.26
N GLN E 61 -59.47 3.21 5.91
CA GLN E 61 -60.69 2.40 6.04
C GLN E 61 -61.85 2.87 5.17
N ALA E 62 -62.07 2.20 4.05
CA ALA E 62 -63.14 2.58 3.13
C ALA E 62 -64.41 1.87 3.57
N PRO E 63 -65.62 2.39 3.34
CA PRO E 63 -66.85 1.69 3.60
C PRO E 63 -66.87 0.41 2.81
N GLY E 64 -67.23 -0.69 3.45
CA GLY E 64 -67.33 -1.99 2.78
C GLY E 64 -65.98 -2.71 2.63
N LYS E 65 -64.91 -2.08 3.09
CA LYS E 65 -63.58 -2.63 2.96
C LYS E 65 -62.92 -2.81 4.32
N GLY E 66 -61.65 -3.14 4.29
CA GLY E 66 -60.84 -3.26 5.47
C GLY E 66 -59.87 -2.09 5.53
N LEU E 67 -58.68 -2.36 6.00
CA LEU E 67 -57.66 -1.35 6.19
C LEU E 67 -56.60 -1.40 5.12
N GLU E 68 -56.54 -0.39 4.28
CA GLU E 68 -55.52 -0.42 3.26
C GLU E 68 -54.28 0.19 3.89
N TRP E 69 -53.11 -0.31 3.56
CA TRP E 69 -51.88 0.19 4.17
C TRP E 69 -51.36 1.50 3.63
N ILE E 70 -51.02 2.42 4.55
CA ILE E 70 -50.42 3.68 4.17
C ILE E 70 -48.92 3.59 4.37
N GLY E 71 -48.51 3.20 5.58
CA GLY E 71 -47.09 3.15 5.92
C GLY E 71 -46.82 3.29 7.41
N CYS E 72 -45.53 3.29 7.78
CA CYS E 72 -45.13 3.42 9.16
C CYS E 72 -43.72 3.93 9.38
N ILE E 73 -43.43 4.36 10.60
CA ILE E 73 -42.07 4.78 10.95
C ILE E 73 -41.51 3.97 12.12
N TYR E 74 -40.19 3.93 12.23
CA TYR E 74 -39.58 3.19 13.32
C TYR E 74 -39.05 4.04 14.46
N ALA E 75 -39.64 3.92 15.65
CA ALA E 75 -39.14 4.74 16.73
C ALA E 75 -37.71 4.30 17.06
N GLY E 76 -36.82 5.25 17.31
CA GLY E 76 -35.41 4.93 17.59
C GLY E 76 -34.56 5.17 16.36
N SER E 77 -35.20 5.38 15.23
CA SER E 77 -34.47 5.68 14.02
C SER E 77 -35.23 6.70 13.20
N THR E 78 -34.78 6.88 11.98
CA THR E 78 -35.36 7.86 11.07
C THR E 78 -35.94 7.23 9.83
N ARG E 79 -36.11 5.91 9.86
CA ARG E 79 -36.64 5.23 8.69
C ARG E 79 -38.15 5.38 8.63
N SER E 80 -38.64 5.70 7.44
CA SER E 80 -40.06 5.86 7.17
C SER E 80 -40.40 5.08 5.93
N THR E 81 -41.25 4.08 6.12
CA THR E 81 -41.61 3.15 5.07
C THR E 81 -43.05 3.36 4.65
N TYR E 82 -43.27 3.61 3.38
CA TYR E 82 -44.65 3.81 3.00
C TYR E 82 -44.95 3.30 1.63
N TYR E 83 -46.21 3.02 1.40
CA TYR E 83 -46.61 2.44 0.16
C TYR E 83 -46.78 3.47 -0.93
N ALA E 84 -45.64 3.80 -1.52
CA ALA E 84 -45.49 4.79 -2.57
C ALA E 84 -46.30 4.38 -3.80
N ASN E 85 -46.59 3.10 -3.91
CA ASN E 85 -47.36 2.59 -5.02
C ASN E 85 -48.81 3.11 -4.93
N TRP E 86 -49.18 3.62 -3.77
CA TRP E 86 -50.44 4.27 -3.51
C TRP E 86 -50.22 5.78 -3.57
N ALA E 87 -49.18 6.24 -2.87
CA ALA E 87 -48.94 7.67 -2.75
C ALA E 87 -47.49 8.16 -2.95
N LYS E 88 -46.81 7.74 -4.00
CA LYS E 88 -45.49 8.31 -4.24
C LYS E 88 -45.69 9.79 -4.54
N GLY E 89 -45.03 10.65 -3.79
CA GLY E 89 -45.13 12.11 -3.97
C GLY E 89 -46.35 12.69 -3.27
N ARG E 90 -47.17 11.81 -2.70
CA ARG E 90 -48.37 12.22 -2.06
C ARG E 90 -48.28 12.01 -0.56
N LEU E 91 -47.51 11.00 -0.16
CA LEU E 91 -47.39 10.62 1.23
C LEU E 91 -46.03 10.71 1.89
N THR E 92 -46.01 11.37 3.02
CA THR E 92 -44.85 11.45 3.90
C THR E 92 -45.27 11.08 5.32
N ILE E 93 -44.53 10.21 5.98
CA ILE E 93 -44.88 9.93 7.36
C ILE E 93 -43.69 10.41 8.16
N SER E 94 -43.94 11.37 9.04
CA SER E 94 -42.85 11.98 9.77
C SER E 94 -42.93 11.84 11.27
N LYS E 95 -41.80 11.55 11.86
CA LYS E 95 -41.67 11.47 13.31
C LYS E 95 -41.62 12.88 13.83
N THR E 96 -42.25 13.18 14.96
CA THR E 96 -42.12 14.51 15.51
C THR E 96 -41.50 14.38 16.88
N SER E 97 -42.34 14.32 17.89
CA SER E 97 -41.89 14.15 19.24
C SER E 97 -41.66 12.67 19.43
N SER E 98 -41.09 12.30 20.56
CA SER E 98 -40.89 10.89 20.87
C SER E 98 -42.22 10.19 21.15
N THR E 99 -43.27 11.00 21.29
CA THR E 99 -44.63 10.60 21.58
C THR E 99 -45.57 10.80 20.38
N ALA E 100 -45.09 11.25 19.22
CA ALA E 100 -46.07 11.50 18.17
C ALA E 100 -45.54 11.36 16.74
N VAL E 101 -46.49 11.09 15.84
CA VAL E 101 -46.23 11.02 14.42
C VAL E 101 -47.20 11.85 13.62
N THR E 102 -46.72 12.45 12.53
CA THR E 102 -47.59 13.18 11.65
C THR E 102 -47.76 12.49 10.30
N LEU E 103 -49.02 12.34 9.88
CA LEU E 103 -49.28 11.80 8.57
C LEU E 103 -49.42 12.96 7.64
N GLN E 104 -48.51 13.07 6.70
CA GLN E 104 -48.50 14.22 5.83
C GLN E 104 -48.90 13.91 4.39
N MET E 105 -49.98 14.53 3.94
CA MET E 105 -50.43 14.32 2.57
C MET E 105 -50.23 15.59 1.78
N THR E 106 -49.82 15.46 0.52
CA THR E 106 -49.62 16.65 -0.31
C THR E 106 -50.83 16.99 -1.18
N SER E 107 -51.73 16.02 -1.41
CA SER E 107 -52.93 16.24 -2.23
C SER E 107 -54.05 15.25 -1.90
N LEU E 108 -55.15 15.72 -1.31
CA LEU E 108 -56.20 14.77 -0.93
C LEU E 108 -57.33 14.53 -1.94
N THR E 109 -57.63 13.24 -2.12
CA THR E 109 -58.71 12.75 -2.96
C THR E 109 -59.54 11.75 -2.14
N ALA E 110 -59.04 10.51 -2.08
CA ALA E 110 -59.65 9.30 -1.46
C ALA E 110 -59.87 9.46 0.04
N ALA E 111 -59.28 10.49 0.60
CA ALA E 111 -59.38 10.86 2.00
C ALA E 111 -60.84 11.13 2.38
N ASP E 112 -61.66 11.44 1.34
CA ASP E 112 -63.06 11.71 1.48
C ASP E 112 -63.91 10.45 1.49
N THR E 113 -63.26 9.31 1.39
CA THR E 113 -63.94 8.04 1.36
C THR E 113 -63.48 7.20 2.51
N ALA E 114 -62.19 6.98 2.59
CA ALA E 114 -61.65 6.12 3.62
C ALA E 114 -61.21 6.95 4.78
N THR E 115 -61.45 6.47 6.00
CA THR E 115 -60.97 7.21 7.15
C THR E 115 -59.56 6.82 7.44
N TYR E 116 -58.90 7.64 8.20
CA TYR E 116 -57.56 7.32 8.59
C TYR E 116 -57.52 6.86 9.99
N PHE E 117 -56.68 5.89 10.26
CA PHE E 117 -56.40 5.49 11.63
C PHE E 117 -54.92 5.39 11.83
N CYS E 118 -54.46 5.75 13.01
CA CYS E 118 -53.08 5.50 13.35
C CYS E 118 -53.04 4.29 14.27
N ALA E 119 -51.91 3.57 14.29
CA ALA E 119 -51.78 2.43 15.19
C ALA E 119 -50.35 2.11 15.61
N ARG E 120 -50.23 1.50 16.77
CA ARG E 120 -48.95 1.05 17.28
C ARG E 120 -48.84 -0.44 17.11
N GLY E 121 -47.91 -0.83 16.26
CA GLY E 121 -47.71 -2.23 15.98
C GLY E 121 -46.29 -2.69 16.20
N ALA E 122 -46.03 -3.91 15.78
CA ALA E 122 -44.72 -4.56 15.92
C ALA E 122 -44.56 -5.65 14.89
N VAL E 123 -43.31 -5.98 14.61
CA VAL E 123 -42.94 -6.97 13.62
C VAL E 123 -41.95 -7.98 14.13
N THR E 124 -41.81 -9.05 13.39
CA THR E 124 -40.74 -10.02 13.62
C THR E 124 -39.75 -9.84 12.51
N TYR E 125 -38.49 -9.81 12.84
CA TYR E 125 -37.46 -9.60 11.83
C TYR E 125 -37.00 -10.94 11.32
N ASP E 126 -36.68 -11.01 10.03
CA ASP E 126 -36.18 -12.27 9.50
C ASP E 126 -34.66 -12.43 9.57
N GLY E 127 -33.94 -11.32 9.70
CA GLY E 127 -32.49 -11.34 9.76
C GLY E 127 -31.90 -11.40 8.34
N LEU E 128 -32.78 -11.33 7.35
CA LEU E 128 -32.41 -11.41 5.96
C LEU E 128 -32.68 -10.09 5.26
N GLY E 129 -32.91 -9.05 6.06
CA GLY E 129 -33.16 -7.71 5.52
C GLY E 129 -34.62 -7.24 5.56
N GLY E 130 -35.52 -7.94 6.24
CA GLY E 130 -36.90 -7.50 6.30
C GLY E 130 -37.64 -7.94 7.56
N ALA E 131 -38.93 -7.68 7.58
CA ALA E 131 -39.74 -8.02 8.74
C ALA E 131 -41.21 -8.25 8.40
N TYR E 132 -41.89 -8.99 9.26
CA TYR E 132 -43.32 -9.26 9.04
C TYR E 132 -44.18 -8.73 10.17
N LEU E 133 -45.37 -8.31 9.82
CA LEU E 133 -46.30 -7.78 10.81
C LEU E 133 -46.83 -8.82 11.76
N LYS E 134 -46.95 -8.44 13.03
CA LYS E 134 -47.56 -9.30 14.04
C LYS E 134 -48.63 -8.60 14.84
N HIS E 135 -48.28 -7.45 15.37
CA HIS E 135 -49.14 -6.77 16.32
C HIS E 135 -49.57 -5.43 15.83
N PHE E 136 -50.78 -5.10 16.17
CA PHE E 136 -51.40 -3.78 16.08
C PHE E 136 -52.25 -3.68 17.31
N ASN E 137 -51.62 -3.28 18.41
CA ASN E 137 -52.31 -3.39 19.69
C ASN E 137 -53.00 -2.10 20.07
N LEU E 138 -52.41 -0.96 19.69
CA LEU E 138 -53.09 0.27 20.06
C LEU E 138 -53.53 0.95 18.82
N TRP E 139 -54.74 1.45 18.85
CA TRP E 139 -55.30 2.15 17.71
C TRP E 139 -55.85 3.49 18.13
N GLY E 140 -55.71 4.48 17.25
CA GLY E 140 -56.32 5.77 17.53
C GLY E 140 -57.77 5.65 17.11
N PRO E 141 -58.62 6.61 17.44
CA PRO E 141 -60.03 6.64 17.07
C PRO E 141 -60.26 6.85 15.57
N GLY E 142 -59.30 7.43 14.89
CA GLY E 142 -59.40 7.66 13.47
C GLY E 142 -60.20 8.91 13.10
N THR E 143 -60.11 9.30 11.83
CA THR E 143 -60.87 10.45 11.35
C THR E 143 -61.04 10.47 9.82
N LEU E 144 -62.12 11.04 9.32
CA LEU E 144 -62.28 11.17 7.86
C LEU E 144 -61.78 12.52 7.46
N VAL E 145 -61.06 12.64 6.35
CA VAL E 145 -60.66 13.96 5.97
C VAL E 145 -61.18 14.23 4.58
N THR E 146 -62.29 14.89 4.50
CA THR E 146 -62.89 15.04 3.21
C THR E 146 -62.56 16.34 2.56
N VAL E 147 -63.03 16.45 1.33
CA VAL E 147 -62.78 17.65 0.58
C VAL E 147 -64.01 18.19 -0.11
N SER E 148 -63.98 19.48 -0.42
CA SER E 148 -65.01 20.20 -1.18
C SER E 148 -64.75 21.71 -1.17
N ILE F 22 -49.80 -6.51 -1.94
CA ILE F 22 -49.81 -7.96 -2.08
C ILE F 22 -50.99 -8.44 -2.87
N LYS F 23 -50.91 -9.67 -3.32
CA LYS F 23 -52.06 -10.24 -3.97
C LYS F 23 -52.78 -11.21 -3.05
N MET F 24 -54.01 -10.86 -2.68
CA MET F 24 -54.83 -11.69 -1.83
C MET F 24 -56.29 -11.55 -2.15
N THR F 25 -57.03 -12.60 -1.87
CA THR F 25 -58.47 -12.71 -2.00
C THR F 25 -59.04 -13.30 -0.71
N GLN F 26 -60.35 -13.39 -0.64
CA GLN F 26 -61.01 -13.96 0.53
C GLN F 26 -62.33 -14.56 0.10
N THR F 27 -62.87 -15.40 0.94
CA THR F 27 -64.22 -15.91 0.72
C THR F 27 -64.80 -16.30 2.07
N PRO F 28 -66.09 -16.12 2.30
CA PRO F 28 -67.15 -15.47 1.56
C PRO F 28 -67.08 -13.96 1.76
N SER F 29 -68.06 -13.22 1.26
CA SER F 29 -68.19 -11.79 1.56
C SER F 29 -68.95 -11.56 2.89
N SER F 30 -69.75 -12.54 3.31
CA SER F 30 -70.49 -12.45 4.55
C SER F 30 -70.70 -13.83 5.11
N VAL F 31 -70.93 -13.90 6.41
CA VAL F 31 -71.17 -15.15 7.10
C VAL F 31 -72.36 -15.12 8.05
N SER F 32 -72.84 -16.31 8.35
CA SER F 32 -73.90 -16.47 9.30
C SER F 32 -73.75 -17.78 9.99
N ALA F 33 -74.43 -17.89 11.11
CA ALA F 33 -74.43 -19.13 11.92
C ALA F 33 -75.57 -19.12 12.88
N ALA F 34 -75.86 -20.30 13.43
CA ALA F 34 -76.82 -20.35 14.52
C ALA F 34 -76.10 -19.86 15.74
N VAL F 35 -76.81 -19.21 16.64
CA VAL F 35 -76.11 -18.78 17.83
C VAL F 35 -75.66 -20.02 18.59
N GLY F 36 -74.42 -20.01 19.02
CA GLY F 36 -73.82 -21.11 19.75
C GLY F 36 -73.13 -22.11 18.82
N GLY F 37 -73.23 -21.88 17.52
CA GLY F 37 -72.64 -22.75 16.51
C GLY F 37 -71.31 -22.22 16.01
N THR F 38 -71.01 -22.48 14.72
CA THR F 38 -69.72 -22.06 14.20
C THR F 38 -69.81 -21.23 12.94
N VAL F 39 -68.77 -20.42 12.74
CA VAL F 39 -68.54 -19.55 11.59
C VAL F 39 -67.16 -19.74 10.97
N THR F 40 -67.08 -19.84 9.65
CA THR F 40 -65.75 -19.94 9.04
C THR F 40 -65.49 -18.83 8.03
N VAL F 41 -64.36 -18.16 8.20
CA VAL F 41 -63.92 -17.08 7.33
C VAL F 41 -62.61 -17.50 6.67
N ASN F 42 -62.54 -17.47 5.34
CA ASN F 42 -61.35 -17.92 4.63
C ASN F 42 -60.53 -16.82 3.99
N CYS F 43 -59.26 -16.80 4.32
CA CYS F 43 -58.31 -15.87 3.75
C CYS F 43 -57.56 -16.60 2.67
N ARG F 44 -57.64 -16.11 1.44
CA ARG F 44 -57.02 -16.82 0.34
C ARG F 44 -56.04 -15.97 -0.39
N ALA F 45 -54.80 -16.07 0.02
CA ALA F 45 -53.75 -15.26 -0.53
C ALA F 45 -53.42 -15.77 -1.90
N SER F 46 -52.90 -14.93 -2.77
CA SER F 46 -52.39 -15.51 -3.99
C SER F 46 -50.95 -15.89 -3.67
N GLU F 47 -50.36 -15.10 -2.78
CA GLU F 47 -48.99 -15.26 -2.34
C GLU F 47 -48.83 -16.33 -1.27
N ASP F 48 -47.72 -17.06 -1.32
CA ASP F 48 -47.39 -18.11 -0.35
C ASP F 48 -46.74 -17.52 0.90
N ILE F 49 -47.46 -17.57 2.02
CA ILE F 49 -47.03 -16.95 3.25
C ILE F 49 -46.71 -17.94 4.35
N GLU F 50 -45.50 -17.86 4.87
CA GLU F 50 -45.04 -18.78 5.90
C GLU F 50 -45.49 -18.41 7.31
N SER F 51 -46.78 -18.58 7.54
CA SER F 51 -47.46 -18.32 8.81
C SER F 51 -47.29 -16.91 9.39
N TYR F 52 -47.42 -15.89 8.56
CA TYR F 52 -47.29 -14.50 8.97
C TYR F 52 -48.57 -13.66 8.88
N LEU F 53 -49.73 -14.27 9.00
CA LEU F 53 -50.95 -13.50 8.86
C LEU F 53 -51.65 -13.36 10.18
N ALA F 54 -52.60 -12.43 10.24
CA ALA F 54 -53.33 -12.23 11.48
C ALA F 54 -54.80 -11.96 11.26
N TRP F 55 -55.59 -12.34 12.25
CA TRP F 55 -57.03 -12.11 12.15
C TRP F 55 -57.45 -11.00 13.06
N TYR F 56 -58.35 -10.17 12.54
CA TYR F 56 -58.94 -9.03 13.24
C TYR F 56 -60.47 -9.02 13.29
N GLN F 57 -61.00 -8.45 14.37
CA GLN F 57 -62.44 -8.26 14.56
C GLN F 57 -62.84 -6.80 14.60
N GLN F 58 -63.60 -6.33 13.62
CA GLN F 58 -63.96 -4.93 13.66
C GLN F 58 -65.41 -4.66 13.94
N LYS F 59 -65.66 -4.14 15.12
CA LYS F 59 -67.01 -3.81 15.51
C LYS F 59 -67.29 -2.48 14.83
N PRO F 60 -68.51 -2.15 14.43
CA PRO F 60 -68.82 -0.90 13.78
C PRO F 60 -68.36 0.28 14.60
N GLY F 61 -67.71 1.23 13.93
CA GLY F 61 -67.22 2.45 14.56
C GLY F 61 -65.86 2.29 15.22
N GLN F 62 -65.33 1.07 15.24
CA GLN F 62 -64.06 0.81 15.90
C GLN F 62 -62.93 0.48 14.92
N PRO F 63 -61.67 0.66 15.33
CA PRO F 63 -60.51 0.11 14.66
C PRO F 63 -60.71 -1.39 14.86
N PRO F 64 -60.20 -2.27 14.01
CA PRO F 64 -60.24 -3.70 14.21
C PRO F 64 -59.44 -4.14 15.43
N LYS F 65 -59.92 -5.11 16.17
CA LYS F 65 -59.18 -5.67 17.30
C LYS F 65 -58.42 -6.91 16.86
N LEU F 66 -57.18 -7.03 17.28
CA LEU F 66 -56.44 -8.24 16.92
C LEU F 66 -56.94 -9.46 17.65
N LEU F 67 -57.20 -10.52 16.90
CA LEU F 67 -57.65 -11.78 17.44
C LEU F 67 -56.59 -12.85 17.47
N ILE F 68 -55.95 -13.05 16.33
CA ILE F 68 -54.97 -14.12 16.13
C ILE F 68 -53.64 -13.70 15.51
N TYR F 69 -52.54 -14.20 16.08
CA TYR F 69 -51.19 -13.96 15.55
C TYR F 69 -50.65 -15.15 14.78
N ASP F 70 -49.84 -14.86 13.76
CA ASP F 70 -49.11 -15.90 13.04
C ASP F 70 -50.03 -17.01 12.58
N THR F 71 -51.22 -16.62 12.12
CA THR F 71 -52.30 -17.45 11.62
C THR F 71 -53.04 -18.34 12.66
N SER F 72 -52.49 -18.52 13.88
CA SER F 72 -53.16 -19.45 14.83
C SER F 72 -53.04 -19.16 16.34
N LYS F 73 -52.21 -18.20 16.75
CA LYS F 73 -52.01 -17.92 18.16
C LYS F 73 -53.01 -16.95 18.71
N LEU F 74 -53.71 -17.34 19.76
CA LEU F 74 -54.72 -16.46 20.32
C LEU F 74 -54.10 -15.23 20.96
N ALA F 75 -54.63 -14.05 20.62
CA ALA F 75 -54.16 -12.81 21.18
C ALA F 75 -54.71 -12.60 22.59
N SER F 76 -53.95 -11.93 23.43
CA SER F 76 -54.43 -11.67 24.78
C SER F 76 -55.68 -10.81 24.75
N GLY F 77 -56.64 -11.14 25.61
CA GLY F 77 -57.88 -10.39 25.73
C GLY F 77 -58.96 -10.90 24.77
N VAL F 78 -58.61 -11.91 23.98
CA VAL F 78 -59.51 -12.48 23.01
C VAL F 78 -59.90 -13.87 23.50
N PRO F 79 -61.18 -14.24 23.50
CA PRO F 79 -61.67 -15.53 23.94
C PRO F 79 -61.27 -16.64 23.00
N SER F 80 -61.30 -17.86 23.56
CA SER F 80 -60.97 -19.12 22.89
C SER F 80 -61.89 -19.46 21.75
N ARG F 81 -62.97 -18.69 21.64
CA ARG F 81 -63.94 -18.82 20.58
C ARG F 81 -63.27 -18.64 19.24
N PHE F 82 -62.20 -17.85 19.19
CA PHE F 82 -61.54 -17.57 17.93
C PHE F 82 -60.29 -18.43 17.75
N LYS F 83 -60.37 -19.39 16.85
CA LYS F 83 -59.26 -20.31 16.59
C LYS F 83 -59.02 -20.39 15.10
N GLY F 84 -57.84 -20.81 14.66
CA GLY F 84 -57.67 -20.93 13.24
C GLY F 84 -56.34 -21.54 12.86
N SER F 85 -56.16 -21.72 11.56
CA SER F 85 -54.96 -22.32 11.00
C SER F 85 -54.82 -22.15 9.51
N GLY F 86 -53.75 -22.70 8.97
CA GLY F 86 -53.50 -22.69 7.54
C GLY F 86 -52.04 -22.65 7.17
N SER F 87 -51.80 -22.63 5.88
CA SER F 87 -50.46 -22.60 5.31
C SER F 87 -50.51 -22.13 3.88
N GLY F 88 -49.35 -21.74 3.33
CA GLY F 88 -49.37 -21.41 1.92
C GLY F 88 -50.26 -20.24 1.67
N THR F 89 -51.30 -20.46 0.90
CA THR F 89 -52.25 -19.43 0.54
C THR F 89 -53.57 -19.50 1.28
N GLN F 90 -53.87 -20.63 1.92
CA GLN F 90 -55.18 -20.81 2.55
C GLN F 90 -55.17 -20.86 4.05
N PHE F 91 -55.82 -19.86 4.62
CA PHE F 91 -55.89 -19.71 6.06
C PHE F 91 -57.33 -19.50 6.48
N ALA F 92 -57.70 -19.97 7.65
CA ALA F 92 -59.07 -19.70 8.04
C ALA F 92 -59.26 -19.50 9.51
N LEU F 93 -60.26 -18.69 9.78
CA LEU F 93 -60.73 -18.39 11.11
C LEU F 93 -62.01 -19.12 11.38
N THR F 94 -62.02 -19.88 12.46
CA THR F 94 -63.20 -20.59 12.86
C THR F 94 -63.65 -19.99 14.17
N ILE F 95 -64.90 -19.61 14.24
CA ILE F 95 -65.36 -19.05 15.47
C ILE F 95 -66.31 -20.09 16.00
N SER F 96 -66.17 -20.49 17.26
CA SER F 96 -67.04 -21.55 17.81
C SER F 96 -67.72 -21.17 19.13
N GLY F 97 -69.03 -21.44 19.24
CA GLY F 97 -69.78 -21.03 20.43
C GLY F 97 -70.07 -19.56 20.19
N VAL F 98 -70.32 -19.31 18.92
CA VAL F 98 -70.52 -18.01 18.33
C VAL F 98 -71.73 -17.19 18.74
N GLN F 99 -71.45 -15.94 19.00
CA GLN F 99 -72.43 -14.93 19.30
C GLN F 99 -72.08 -13.83 18.32
N CYS F 100 -73.03 -13.01 17.90
CA CYS F 100 -72.69 -11.93 17.00
C CYS F 100 -73.00 -10.65 17.72
N ASP F 101 -72.88 -10.67 19.03
CA ASP F 101 -73.20 -9.52 19.86
C ASP F 101 -72.34 -8.34 19.47
N ASP F 102 -71.13 -8.65 19.01
CA ASP F 102 -70.17 -7.67 18.57
C ASP F 102 -70.51 -7.10 17.19
N ALA F 103 -71.30 -7.84 16.40
CA ALA F 103 -71.70 -7.46 15.03
C ALA F 103 -70.49 -7.03 14.21
N ALA F 104 -69.41 -7.77 14.32
CA ALA F 104 -68.17 -7.44 13.67
C ALA F 104 -67.98 -8.05 12.32
N THR F 105 -67.11 -7.38 11.56
CA THR F 105 -66.61 -7.89 10.31
C THR F 105 -65.26 -8.51 10.62
N TYR F 106 -65.05 -9.73 10.18
CA TYR F 106 -63.77 -10.38 10.45
C TYR F 106 -62.84 -10.25 9.29
N TYR F 107 -61.59 -9.90 9.58
CA TYR F 107 -60.58 -9.63 8.56
C TYR F 107 -59.27 -10.35 8.65
N CYS F 108 -58.69 -10.57 7.48
CA CYS F 108 -57.36 -11.13 7.35
C CYS F 108 -56.31 -10.06 6.99
N LEU F 109 -55.22 -10.03 7.78
CA LEU F 109 -54.08 -9.10 7.64
C LEU F 109 -52.75 -9.76 7.29
N TYR F 110 -51.98 -9.09 6.43
CA TYR F 110 -50.62 -9.53 6.11
C TYR F 110 -49.71 -8.42 5.62
N GLY F 111 -48.43 -8.49 5.98
CA GLY F 111 -47.51 -7.55 5.36
C GLY F 111 -46.04 -7.75 5.72
N TYR F 112 -45.20 -7.45 4.73
CA TYR F 112 -43.75 -7.57 4.78
C TYR F 112 -42.97 -6.32 4.38
N ILE F 113 -42.01 -6.00 5.22
CA ILE F 113 -41.13 -4.86 5.07
C ILE F 113 -39.79 -5.27 4.52
N SER F 114 -39.34 -4.58 3.49
CA SER F 114 -38.02 -4.80 2.93
C SER F 114 -37.63 -3.43 2.42
N SER F 115 -36.36 -3.23 2.08
CA SER F 115 -36.00 -1.94 1.52
C SER F 115 -36.33 -1.81 0.03
N ASP F 116 -36.46 -2.93 -0.68
CA ASP F 116 -36.76 -2.88 -2.12
C ASP F 116 -38.26 -2.88 -2.40
N ARG F 117 -39.05 -3.56 -1.57
CA ARG F 117 -40.47 -3.63 -1.84
C ARG F 117 -41.30 -3.58 -0.56
N ILE F 118 -42.49 -3.01 -0.67
CA ILE F 118 -43.41 -2.96 0.45
C ILE F 118 -44.60 -3.82 0.11
N ASP F 119 -44.71 -4.97 0.76
CA ASP F 119 -45.76 -5.92 0.45
C ASP F 119 -46.83 -5.93 1.52
N PHE F 120 -47.91 -5.16 1.36
CA PHE F 120 -48.94 -5.08 2.41
C PHE F 120 -50.36 -5.15 1.95
N GLY F 121 -51.22 -5.68 2.81
CA GLY F 121 -52.64 -5.65 2.53
C GLY F 121 -53.51 -6.22 3.65
N PHE F 122 -54.80 -6.17 3.39
CA PHE F 122 -55.80 -6.57 4.35
C PHE F 122 -57.04 -6.89 3.50
N GLY F 123 -57.84 -7.85 3.91
CA GLY F 123 -59.04 -8.19 3.12
C GLY F 123 -60.23 -7.27 3.38
N GLY F 124 -61.37 -7.58 2.72
CA GLY F 124 -62.61 -6.80 2.86
C GLY F 124 -63.35 -7.29 4.09
N GLY F 125 -63.04 -8.52 4.46
CA GLY F 125 -63.56 -9.20 5.62
C GLY F 125 -64.94 -9.74 5.39
N THR F 126 -65.47 -10.44 6.38
CA THR F 126 -66.82 -10.98 6.31
C THR F 126 -67.68 -10.49 7.43
N GLU F 127 -68.88 -10.02 7.09
CA GLU F 127 -69.79 -9.54 8.13
C GLU F 127 -70.55 -10.68 8.78
N LEU F 128 -70.54 -10.76 10.12
CA LEU F 128 -71.25 -11.86 10.78
C LEU F 128 -72.53 -11.56 11.55
N VAL F 129 -73.57 -12.30 11.20
CA VAL F 129 -74.86 -12.27 11.90
C VAL F 129 -75.29 -13.69 12.33
N VAL F 130 -75.66 -13.88 13.59
CA VAL F 130 -76.10 -15.20 13.99
C VAL F 130 -77.41 -15.16 14.71
N LYS F 131 -78.04 -16.31 14.75
CA LYS F 131 -79.30 -16.55 15.46
C LYS F 131 -79.76 -17.97 15.18
N LEU G 28 -32.49 1.74 -25.11
CA LEU G 28 -31.14 1.22 -24.95
C LEU G 28 -30.78 1.12 -23.48
N TRP G 29 -29.71 0.39 -23.21
CA TRP G 29 -29.21 0.05 -21.88
C TRP G 29 -27.79 0.47 -21.65
N VAL G 30 -27.45 0.79 -20.42
CA VAL G 30 -26.07 1.16 -20.11
C VAL G 30 -25.17 -0.05 -20.03
N THR G 31 -24.10 -0.02 -20.79
CA THR G 31 -23.11 -1.08 -20.74
C THR G 31 -21.83 -0.50 -20.19
N VAL G 32 -21.22 -1.24 -19.27
CA VAL G 32 -19.99 -0.88 -18.63
C VAL G 32 -18.81 -1.46 -19.39
N TYR G 33 -17.83 -0.61 -19.65
CA TYR G 33 -16.66 -1.05 -20.36
C TYR G 33 -15.43 -0.82 -19.52
N TYR G 34 -14.48 -1.74 -19.65
CA TYR G 34 -13.20 -1.57 -18.99
C TYR G 34 -12.10 -1.58 -20.00
N GLY G 35 -11.19 -0.63 -19.90
CA GLY G 35 -10.10 -0.56 -20.84
C GLY G 35 -10.38 0.50 -21.87
N VAL G 36 -11.22 1.44 -21.54
CA VAL G 36 -11.55 2.49 -22.45
C VAL G 36 -10.35 3.42 -22.66
N PRO G 37 -9.88 3.64 -23.89
CA PRO G 37 -8.70 4.41 -24.23
C PRO G 37 -8.88 5.89 -24.19
N VAL G 38 -9.08 6.41 -22.99
CA VAL G 38 -9.23 7.84 -22.81
C VAL G 38 -8.30 8.29 -21.73
N TRP G 39 -8.04 9.58 -21.69
CA TRP G 39 -7.16 10.11 -20.68
C TRP G 39 -7.46 11.53 -20.30
N LYS G 40 -6.94 11.92 -19.15
CA LYS G 40 -7.09 13.28 -18.67
C LYS G 40 -5.74 13.92 -18.46
N ASP G 41 -5.64 15.21 -18.64
CA ASP G 41 -4.36 15.83 -18.37
C ASP G 41 -4.09 15.59 -16.90
N ALA G 42 -2.87 15.22 -16.52
CA ALA G 42 -2.67 15.01 -15.09
C ALA G 42 -1.26 15.24 -14.65
N GLU G 43 -1.10 15.72 -13.45
CA GLU G 43 0.23 15.91 -12.90
C GLU G 43 0.55 14.74 -12.01
N THR G 44 1.79 14.31 -12.03
CA THR G 44 2.22 13.25 -11.14
C THR G 44 3.72 13.24 -11.02
N THR G 45 4.21 12.64 -9.97
CA THR G 45 5.64 12.45 -9.83
C THR G 45 6.04 11.36 -10.81
N LEU G 46 7.05 11.62 -11.61
CA LEU G 46 7.52 10.65 -12.55
C LEU G 46 8.69 9.94 -11.96
N PHE G 47 9.00 8.77 -12.47
CA PHE G 47 10.12 8.08 -11.92
C PHE G 47 11.35 8.71 -12.47
N CYS G 48 12.36 8.81 -11.65
CA CYS G 48 13.63 9.23 -12.17
C CYS G 48 14.41 8.00 -12.56
N ALA G 49 14.70 7.90 -13.83
CA ALA G 49 15.42 6.78 -14.35
C ALA G 49 16.76 7.29 -14.76
N SER G 50 17.74 6.45 -14.63
CA SER G 50 19.09 6.80 -14.98
C SER G 50 19.59 5.95 -16.11
N ASP G 51 20.86 6.05 -16.35
CA ASP G 51 21.55 5.31 -17.38
C ASP G 51 21.85 3.93 -16.88
N ALA G 52 21.33 2.92 -17.54
CA ALA G 52 21.54 1.55 -17.10
C ALA G 52 23.03 1.22 -17.03
N LYS G 53 23.84 1.91 -17.83
CA LYS G 53 25.26 1.66 -17.89
C LYS G 53 26.03 2.47 -16.85
N ALA G 54 25.34 3.28 -16.06
CA ALA G 54 26.00 4.12 -15.07
C ALA G 54 26.80 3.24 -14.11
N ALA G 64 24.96 11.48 -7.76
CA ALA G 64 23.65 11.94 -8.20
C ALA G 64 22.95 10.82 -8.95
N THR G 65 23.47 9.61 -8.83
CA THR G 65 22.92 8.47 -9.53
C THR G 65 22.20 7.49 -8.62
N HIS G 66 22.46 7.55 -7.31
CA HIS G 66 21.89 6.61 -6.36
C HIS G 66 20.40 6.78 -6.16
N ALA G 67 19.93 7.95 -6.51
CA ALA G 67 18.56 8.33 -6.34
C ALA G 67 17.65 7.85 -7.45
N CYS G 68 18.23 7.42 -8.55
CA CYS G 68 17.45 7.10 -9.73
C CYS G 68 17.62 5.66 -10.14
N VAL G 69 16.66 5.13 -10.88
CA VAL G 69 16.76 3.73 -11.26
C VAL G 69 17.54 3.52 -12.57
N PRO G 70 18.66 2.79 -12.56
CA PRO G 70 19.53 2.54 -13.71
C PRO G 70 18.96 1.46 -14.59
N THR G 71 17.84 1.76 -15.21
CA THR G 71 17.15 0.82 -16.07
C THR G 71 17.10 1.25 -17.50
N ASP G 72 16.53 0.38 -18.31
CA ASP G 72 16.31 0.57 -19.73
C ASP G 72 15.04 1.39 -19.96
N PRO G 73 15.09 2.62 -20.50
CA PRO G 73 13.94 3.46 -20.77
C PRO G 73 12.94 2.74 -21.67
N ASN G 74 13.41 1.75 -22.44
CA ASN G 74 12.57 0.98 -23.30
C ASN G 74 11.58 1.87 -24.06
N PRO G 75 12.05 2.77 -24.93
CA PRO G 75 11.25 3.77 -25.59
C PRO G 75 10.42 3.17 -26.69
N GLN G 76 9.46 2.35 -26.33
CA GLN G 76 8.64 1.66 -27.30
C GLN G 76 7.53 2.59 -27.76
N GLU G 77 7.94 3.55 -28.56
CA GLU G 77 7.04 4.57 -29.04
C GLU G 77 5.97 4.04 -29.94
N MET G 78 4.75 4.44 -29.66
CA MET G 78 3.60 4.08 -30.47
C MET G 78 2.93 5.31 -31.01
N VAL G 79 2.70 5.33 -32.29
CA VAL G 79 2.07 6.50 -32.90
C VAL G 79 0.57 6.35 -32.87
N LEU G 80 -0.12 7.40 -32.49
CA LEU G 80 -1.56 7.31 -32.44
C LEU G 80 -2.09 7.89 -33.74
N GLU G 81 -2.66 7.05 -34.56
CA GLU G 81 -3.08 7.57 -35.84
C GLU G 81 -4.29 8.46 -35.66
N ASN G 82 -4.36 9.52 -36.42
CA ASN G 82 -5.51 10.39 -36.39
C ASN G 82 -5.81 10.97 -35.00
N VAL G 83 -4.78 11.31 -34.23
CA VAL G 83 -5.01 11.91 -32.93
C VAL G 83 -4.38 13.27 -32.82
N THR G 84 -5.18 14.25 -32.42
CA THR G 84 -4.73 15.61 -32.20
C THR G 84 -4.86 15.92 -30.73
N GLU G 85 -3.82 16.49 -30.15
CA GLU G 85 -3.83 16.84 -28.73
C GLU G 85 -3.25 18.21 -28.49
N ASN G 86 -3.68 18.85 -27.40
CA ASN G 86 -3.18 20.17 -27.01
C ASN G 86 -2.04 20.14 -26.02
N PHE G 87 -0.93 20.70 -26.44
CA PHE G 87 0.27 20.75 -25.63
C PHE G 87 0.55 22.17 -25.24
N ASN G 88 1.17 22.37 -24.10
CA ASN G 88 1.57 23.70 -23.67
C ASN G 88 2.85 23.62 -22.86
N MET G 89 3.96 23.93 -23.50
CA MET G 89 5.28 23.79 -22.89
C MET G 89 5.51 24.76 -21.75
N TRP G 90 4.67 25.78 -21.64
CA TRP G 90 4.87 26.80 -20.65
C TRP G 90 4.16 26.47 -19.35
N LYS G 91 3.35 25.42 -19.39
CA LYS G 91 2.55 24.99 -18.25
C LYS G 91 2.86 23.56 -17.91
N ASN G 92 4.02 23.10 -18.35
CA ASN G 92 4.42 21.72 -18.20
C ASN G 92 5.06 21.45 -16.83
N ASP G 93 4.40 20.64 -16.01
CA ASP G 93 4.88 20.38 -14.67
C ASP G 93 6.14 19.55 -14.69
N MET G 94 6.46 18.94 -15.82
CA MET G 94 7.66 18.14 -15.92
C MET G 94 8.84 19.06 -15.80
N VAL G 95 8.69 20.31 -16.26
CA VAL G 95 9.77 21.26 -16.23
C VAL G 95 10.00 21.66 -14.82
N GLU G 96 8.91 21.92 -14.13
CA GLU G 96 9.06 22.34 -12.75
C GLU G 96 9.61 21.20 -11.91
N GLN G 97 9.15 19.99 -12.21
CA GLN G 97 9.60 18.84 -11.46
C GLN G 97 11.07 18.62 -11.71
N MET G 98 11.52 18.78 -12.96
CA MET G 98 12.92 18.62 -13.22
C MET G 98 13.72 19.66 -12.50
N HIS G 99 13.26 20.90 -12.50
CA HIS G 99 14.01 21.95 -11.83
C HIS G 99 14.28 21.54 -10.42
N THR G 100 13.24 21.08 -9.72
CA THR G 100 13.45 20.67 -8.35
C THR G 100 14.41 19.49 -8.23
N ASP G 101 14.27 18.46 -9.07
CA ASP G 101 15.16 17.31 -8.94
C ASP G 101 16.61 17.61 -9.28
N VAL G 102 16.84 18.48 -10.24
CA VAL G 102 18.20 18.81 -10.58
C VAL G 102 18.84 19.50 -9.40
N ILE G 103 18.12 20.45 -8.81
CA ILE G 103 18.68 21.17 -7.70
C ILE G 103 18.90 20.26 -6.54
N SER G 104 17.93 19.43 -6.24
CA SER G 104 18.05 18.57 -5.10
C SER G 104 19.24 17.64 -5.21
N LEU G 105 19.46 17.01 -6.35
CA LEU G 105 20.60 16.12 -6.44
C LEU G 105 21.90 16.89 -6.37
N TRP G 106 21.92 18.07 -6.97
CA TRP G 106 23.11 18.88 -6.95
C TRP G 106 23.45 19.21 -5.51
N ASP G 107 22.45 19.62 -4.71
CA ASP G 107 22.71 19.93 -3.31
C ASP G 107 23.16 18.73 -2.52
N GLN G 108 22.65 17.54 -2.80
CA GLN G 108 23.10 16.41 -2.01
C GLN G 108 24.59 16.19 -2.17
N SER G 109 25.10 16.42 -3.35
CA SER G 109 26.52 16.19 -3.59
C SER G 109 27.44 17.09 -2.76
N LEU G 110 26.93 18.22 -2.25
CA LEU G 110 27.77 19.10 -1.46
C LEU G 110 27.53 18.92 0.02
N LYS G 111 26.59 18.06 0.37
CA LYS G 111 26.21 17.89 1.75
C LYS G 111 27.35 17.50 2.67
N PRO G 112 28.25 16.57 2.32
CA PRO G 112 29.34 16.13 3.16
C PRO G 112 30.58 16.98 3.02
N CYS G 113 30.50 18.11 2.34
CA CYS G 113 31.70 18.85 2.05
C CYS G 113 31.98 19.94 3.09
N VAL G 114 33.20 20.44 3.08
CA VAL G 114 33.68 21.43 4.02
C VAL G 114 33.18 22.85 3.85
N LYS G 115 32.70 23.43 4.94
CA LYS G 115 32.25 24.82 4.94
C LYS G 115 33.45 25.69 5.25
N LEU G 116 33.76 26.62 4.38
CA LEU G 116 34.98 27.39 4.56
C LEU G 116 34.84 28.58 5.47
N THR G 117 34.43 28.32 6.69
CA THR G 117 34.27 29.36 7.68
C THR G 117 35.62 29.94 8.08
N PRO G 118 36.71 29.16 8.16
CA PRO G 118 38.01 29.64 8.52
C PRO G 118 38.58 30.61 7.52
N LEU G 119 38.00 30.74 6.33
CA LEU G 119 38.62 31.67 5.42
C LEU G 119 37.98 33.02 5.46
N CYS G 120 36.97 33.22 6.29
CA CYS G 120 36.39 34.55 6.34
C CYS G 120 37.13 35.43 7.33
N VAL G 121 38.33 35.77 6.92
CA VAL G 121 39.28 36.56 7.68
C VAL G 121 39.81 37.65 6.82
N THR G 122 40.48 38.60 7.41
CA THR G 122 41.07 39.66 6.66
C THR G 122 42.09 39.07 5.72
N LEU G 123 42.08 39.48 4.47
CA LEU G 123 43.08 38.98 3.56
C LEU G 123 44.02 40.09 3.21
N GLU G 124 45.30 39.81 3.28
CA GLU G 124 46.27 40.82 2.87
C GLU G 124 46.66 40.48 1.47
N CYS G 125 46.36 41.33 0.52
CA CYS G 125 46.66 40.92 -0.84
C CYS G 125 47.63 41.83 -1.55
N ARG G 126 48.42 41.21 -2.40
CA ARG G 126 49.38 41.89 -3.24
C ARG G 126 49.23 41.47 -4.68
N GLN G 127 49.67 42.27 -5.59
CA GLN G 127 49.62 41.86 -6.98
C GLN G 127 50.58 40.72 -7.28
N VAL G 128 50.11 39.69 -8.00
CA VAL G 128 51.01 38.61 -8.39
C VAL G 128 52.04 39.12 -9.38
N ASN G 129 53.32 38.83 -9.12
CA ASN G 129 54.40 39.29 -10.00
C ASN G 129 54.95 38.22 -10.95
N THR G 130 54.19 37.16 -11.12
CA THR G 130 54.50 36.09 -12.05
C THR G 130 53.93 36.38 -13.42
N GLU G 143 45.84 40.95 -14.68
CA GLU G 143 45.81 41.86 -13.53
C GLU G 143 44.65 41.49 -12.66
N GLU G 144 44.11 40.32 -12.93
CA GLU G 144 42.97 39.78 -12.20
C GLU G 144 43.35 38.86 -11.08
N ILE G 145 44.63 38.50 -10.97
CA ILE G 145 45.01 37.56 -9.93
C ILE G 145 45.82 38.21 -8.84
N LYS G 146 45.34 38.04 -7.62
CA LYS G 146 45.97 38.62 -6.45
C LYS G 146 46.49 37.54 -5.54
N ASN G 147 47.59 37.85 -4.90
CA ASN G 147 48.26 36.99 -3.96
C ASN G 147 47.86 37.32 -2.54
N CYS G 148 47.08 36.47 -1.90
CA CYS G 148 46.59 36.85 -0.59
C CYS G 148 47.08 36.00 0.57
N SER G 149 47.36 36.67 1.69
CA SER G 149 47.78 36.03 2.93
C SER G 149 46.66 35.94 3.95
N PHE G 150 46.67 34.81 4.64
CA PHE G 150 45.70 34.46 5.69
C PHE G 150 46.33 33.93 6.93
N ASN G 151 45.64 34.07 8.04
CA ASN G 151 46.02 33.33 9.24
C ASN G 151 45.05 32.18 9.41
N ALA G 152 45.44 31.02 8.91
CA ALA G 152 44.57 29.86 8.86
C ALA G 152 44.60 29.09 10.13
N THR G 153 43.52 28.35 10.38
CA THR G 153 43.44 27.49 11.53
C THR G 153 44.14 26.17 11.31
N THR G 154 44.96 25.80 12.25
CA THR G 154 45.72 24.57 12.21
C THR G 154 44.92 23.41 12.77
N GLU G 155 45.49 22.20 12.70
CA GLU G 155 44.78 21.05 13.24
C GLU G 155 44.47 21.32 14.69
N LEU G 156 45.40 21.99 15.37
CA LEU G 156 45.19 22.39 16.73
C LEU G 156 44.49 23.73 16.68
N ARG G 157 43.49 23.91 17.51
CA ARG G 157 42.72 25.14 17.52
C ARG G 157 43.40 26.32 18.16
N ASP G 158 44.48 26.08 18.85
CA ASP G 158 45.19 27.14 19.53
C ASP G 158 46.36 27.67 18.71
N LYS G 159 46.48 27.23 17.46
CA LYS G 159 47.55 27.70 16.61
C LYS G 159 47.03 28.18 15.29
N LYS G 160 47.74 29.15 14.76
CA LYS G 160 47.44 29.71 13.46
C LYS G 160 48.67 29.60 12.62
N GLN G 161 48.47 29.57 11.32
CA GLN G 161 49.58 29.54 10.42
C GLN G 161 49.41 30.59 9.35
N LYS G 162 50.51 31.14 8.89
CA LYS G 162 50.40 32.11 7.83
C LYS G 162 50.56 31.40 6.51
N VAL G 163 49.53 31.48 5.71
CA VAL G 163 49.47 30.79 4.43
C VAL G 163 49.06 31.75 3.36
N TYR G 164 49.23 31.35 2.11
CA TYR G 164 48.79 32.21 1.05
C TYR G 164 48.11 31.41 -0.03
N ALA G 165 47.29 32.10 -0.82
CA ALA G 165 46.58 31.52 -1.95
C ALA G 165 46.32 32.56 -2.99
N LEU G 166 46.12 32.13 -4.23
CA LEU G 166 45.81 33.12 -5.23
C LEU G 166 44.33 33.16 -5.50
N PHE G 167 43.84 34.35 -5.75
CA PHE G 167 42.44 34.54 -6.04
C PHE G 167 42.17 35.41 -7.22
N TYR G 168 41.01 35.19 -7.80
CA TYR G 168 40.54 36.00 -8.88
C TYR G 168 39.95 37.23 -8.27
N ARG G 169 40.17 38.36 -8.88
CA ARG G 169 39.65 39.61 -8.38
C ARG G 169 38.14 39.59 -8.22
N LEU G 170 37.44 38.83 -9.04
CA LEU G 170 35.98 38.78 -8.97
C LEU G 170 35.44 38.17 -7.70
N ASP G 171 36.25 37.39 -7.00
CA ASP G 171 35.81 36.74 -5.79
C ASP G 171 36.25 37.53 -4.57
N ILE G 172 36.89 38.67 -4.77
CA ILE G 172 37.44 39.40 -3.66
C ILE G 172 36.80 40.78 -3.51
N VAL G 173 36.44 41.12 -2.29
CA VAL G 173 35.84 42.41 -2.01
C VAL G 173 36.75 43.28 -1.15
N PRO G 174 37.12 44.48 -1.56
CA PRO G 174 38.01 45.33 -0.81
C PRO G 174 37.38 45.79 0.44
N LEU G 175 38.21 45.99 1.43
CA LEU G 175 37.76 46.54 2.68
C LEU G 175 37.94 48.01 2.50
N GLU G 176 37.92 48.76 3.57
CA GLU G 176 38.04 50.19 3.43
C GLU G 176 39.50 50.57 3.25
N GLU G 177 40.03 50.23 2.08
CA GLU G 177 41.41 50.43 1.71
C GLU G 177 41.52 50.64 0.20
N GLU G 178 42.55 51.34 -0.22
CA GLU G 178 42.78 51.62 -1.63
C GLU G 178 43.91 50.84 -2.24
N ARG G 179 43.92 50.72 -3.55
CA ARG G 179 45.07 50.13 -4.17
C ARG G 179 46.24 51.07 -4.02
N LYS G 180 47.36 50.56 -3.53
CA LYS G 180 48.57 51.35 -3.37
C LYS G 180 49.64 50.94 -4.37
N GLY G 181 49.39 49.84 -5.05
CA GLY G 181 50.30 49.25 -6.03
C GLY G 181 51.13 48.12 -5.47
N ASN G 182 51.19 48.01 -4.15
CA ASN G 182 51.95 46.96 -3.49
C ASN G 182 51.02 46.06 -2.72
N SER G 183 50.21 46.66 -1.84
CA SER G 183 49.29 45.89 -1.03
C SER G 183 48.05 46.65 -0.60
N SER G 184 47.01 45.88 -0.26
CA SER G 184 45.72 46.34 0.27
C SER G 184 44.98 45.23 1.02
N LYS G 185 43.90 45.56 1.73
CA LYS G 185 43.15 44.51 2.44
C LYS G 185 41.77 44.23 1.88
N TYR G 186 41.41 42.94 1.92
CA TYR G 186 40.18 42.40 1.37
C TYR G 186 39.42 41.42 2.25
N ARG G 187 38.16 41.21 1.89
CA ARG G 187 37.26 40.18 2.41
C ARG G 187 36.94 39.21 1.29
N LEU G 188 36.72 37.94 1.57
CA LEU G 188 36.26 37.12 0.48
C LEU G 188 34.82 37.48 0.20
N ILE G 189 34.45 37.45 -1.05
CA ILE G 189 33.09 37.75 -1.37
C ILE G 189 32.22 36.72 -0.69
N ASN G 190 31.08 37.18 -0.23
CA ASN G 190 30.09 36.43 0.50
C ASN G 190 30.43 36.07 1.92
N CYS G 191 31.49 36.60 2.50
CA CYS G 191 31.64 36.32 3.92
C CYS G 191 30.64 37.09 4.76
N ASN G 192 29.93 38.01 4.16
CA ASN G 192 28.90 38.74 4.86
C ASN G 192 27.55 38.09 4.62
N THR G 193 27.54 37.01 3.86
CA THR G 193 26.33 36.32 3.46
C THR G 193 26.29 34.86 3.87
N SER G 194 27.32 34.10 3.51
CA SER G 194 27.28 32.67 3.79
C SER G 194 28.61 31.93 3.88
N ALA G 195 28.60 30.87 4.65
CA ALA G 195 29.75 30.01 4.79
C ALA G 195 29.85 29.13 3.58
N CYS G 196 30.43 29.67 2.55
CA CYS G 196 30.49 29.04 1.25
C CYS G 196 31.17 27.69 1.34
N THR G 197 30.55 26.67 0.73
CA THR G 197 31.02 25.28 0.78
C THR G 197 31.94 24.87 -0.35
N GLN G 198 33.05 24.23 -0.03
CA GLN G 198 33.97 23.74 -1.04
C GLN G 198 33.46 22.50 -1.68
N ALA G 199 33.47 22.45 -2.99
CA ALA G 199 33.05 21.21 -3.62
C ALA G 199 34.04 20.15 -3.25
N CYS G 200 33.55 18.96 -2.97
CA CYS G 200 34.44 17.89 -2.62
C CYS G 200 35.14 17.35 -3.86
N PRO G 201 36.29 16.72 -3.70
CA PRO G 201 36.89 15.96 -4.73
C PRO G 201 35.83 14.95 -5.06
N LYS G 202 35.72 14.61 -6.33
CA LYS G 202 34.73 13.69 -6.85
C LYS G 202 33.29 14.20 -6.85
N VAL G 203 33.08 15.50 -6.67
CA VAL G 203 31.77 16.02 -6.99
C VAL G 203 31.78 15.98 -8.48
N THR G 204 30.72 15.48 -9.07
CA THR G 204 30.69 15.38 -10.50
C THR G 204 29.89 16.49 -11.12
N PHE G 205 30.45 17.02 -12.17
CA PHE G 205 29.86 18.08 -12.96
C PHE G 205 29.45 17.54 -14.31
N ASP G 206 29.41 16.21 -14.40
CA ASP G 206 29.05 15.48 -15.59
C ASP G 206 27.52 15.53 -15.74
N PRO G 207 26.97 16.15 -16.79
CA PRO G 207 25.55 16.31 -16.99
C PRO G 207 24.98 15.00 -17.49
N ILE G 208 24.94 14.02 -16.60
CA ILE G 208 24.48 12.69 -16.89
C ILE G 208 23.01 12.79 -17.21
N PRO G 209 22.53 12.26 -18.34
CA PRO G 209 21.16 12.39 -18.74
C PRO G 209 20.20 11.72 -17.82
N ILE G 210 19.04 12.34 -17.69
CA ILE G 210 17.93 11.85 -16.89
C ILE G 210 16.79 11.46 -17.78
N HIS G 211 16.15 10.36 -17.46
CA HIS G 211 14.98 9.96 -18.23
C HIS G 211 13.79 9.99 -17.32
N TYR G 212 12.67 10.52 -17.77
CA TYR G 212 11.50 10.45 -16.91
C TYR G 212 10.60 9.37 -17.38
N CYS G 213 10.09 8.57 -16.44
CA CYS G 213 9.21 7.49 -16.84
C CYS G 213 7.87 7.54 -16.13
N ALA G 214 6.82 7.23 -16.86
CA ALA G 214 5.49 7.26 -16.28
C ALA G 214 5.23 6.11 -15.29
N PRO G 215 4.52 6.37 -14.18
CA PRO G 215 3.96 5.41 -13.26
C PRO G 215 2.90 4.64 -13.97
N ALA G 216 2.64 3.42 -13.54
CA ALA G 216 1.57 2.71 -14.20
C ALA G 216 0.29 3.52 -14.07
N GLY G 217 -0.47 3.58 -15.16
CA GLY G 217 -1.71 4.33 -15.19
C GLY G 217 -1.53 5.66 -15.88
N TYR G 218 -0.29 6.03 -16.11
CA TYR G 218 0.03 7.26 -16.77
C TYR G 218 0.78 7.01 -18.04
N ALA G 219 0.72 7.97 -18.94
CA ALA G 219 1.46 7.85 -20.18
C ALA G 219 2.04 9.17 -20.55
N ILE G 220 3.16 9.15 -21.25
CA ILE G 220 3.73 10.39 -21.69
C ILE G 220 3.48 10.55 -23.16
N LEU G 221 2.88 11.66 -23.51
CA LEU G 221 2.57 11.91 -24.89
C LEU G 221 3.61 12.79 -25.47
N LYS G 222 4.12 12.38 -26.60
CA LYS G 222 5.15 13.09 -27.28
C LYS G 222 4.59 13.76 -28.51
N CYS G 223 4.94 15.01 -28.73
CA CYS G 223 4.49 15.72 -29.92
C CYS G 223 5.54 15.63 -31.02
N ASN G 224 5.14 15.04 -32.15
CA ASN G 224 6.02 14.84 -33.30
C ASN G 224 5.68 15.80 -34.42
N ASN G 225 4.95 16.82 -34.10
CA ASN G 225 4.58 17.75 -35.14
C ASN G 225 5.70 18.73 -35.36
N LYS G 226 6.51 18.42 -36.34
CA LYS G 226 7.64 19.25 -36.61
C LYS G 226 7.11 20.64 -36.84
N THR G 227 7.78 21.63 -36.27
CA THR G 227 7.46 23.06 -36.31
C THR G 227 6.41 23.50 -35.29
N PHE G 228 5.94 22.57 -34.47
CA PHE G 228 5.03 22.93 -33.40
C PHE G 228 5.71 23.99 -32.55
N ASN G 229 4.99 25.05 -32.22
CA ASN G 229 5.59 26.18 -31.53
C ASN G 229 5.45 26.15 -30.02
N GLY G 230 5.10 25.02 -29.47
CA GLY G 230 5.01 24.88 -28.03
C GLY G 230 3.60 25.00 -27.46
N THR G 231 2.65 25.55 -28.21
CA THR G 231 1.29 25.67 -27.71
C THR G 231 0.27 25.25 -28.75
N GLY G 232 -0.95 25.01 -28.32
CA GLY G 232 -1.98 24.67 -29.28
C GLY G 232 -1.87 23.21 -29.66
N PRO G 233 -2.60 22.78 -30.68
CA PRO G 233 -2.71 21.43 -31.12
C PRO G 233 -1.46 20.92 -31.80
N CYS G 234 -1.25 19.65 -31.61
CA CYS G 234 -0.23 18.86 -32.23
C CYS G 234 -0.98 17.76 -32.94
N ASN G 235 -0.81 17.67 -34.26
CA ASN G 235 -1.59 16.70 -35.03
C ASN G 235 -0.87 15.40 -35.27
N ASN G 236 0.23 15.21 -34.59
CA ASN G 236 0.99 13.98 -34.70
C ASN G 236 1.56 13.63 -33.35
N VAL G 237 0.92 12.72 -32.67
CA VAL G 237 1.36 12.42 -31.34
C VAL G 237 1.61 10.95 -31.20
N SER G 238 2.39 10.62 -30.22
CA SER G 238 2.72 9.25 -29.92
C SER G 238 2.91 9.07 -28.45
N THR G 239 2.91 7.83 -27.98
CA THR G 239 3.13 7.66 -26.57
C THR G 239 4.35 6.85 -26.27
N VAL G 240 4.97 7.21 -25.16
CA VAL G 240 6.13 6.52 -24.67
C VAL G 240 6.01 6.22 -23.19
N GLN G 241 6.80 5.27 -22.72
CA GLN G 241 6.87 5.04 -21.30
C GLN G 241 7.82 6.02 -20.67
N CYS G 242 8.89 6.32 -21.41
CA CYS G 242 9.95 7.19 -20.93
C CYS G 242 10.36 8.22 -21.96
N THR G 243 10.86 9.36 -21.48
CA THR G 243 11.40 10.44 -22.32
C THR G 243 12.78 10.09 -22.76
N HIS G 244 13.31 10.87 -23.70
CA HIS G 244 14.68 10.66 -24.11
C HIS G 244 15.52 11.15 -22.96
N GLY G 245 16.82 10.89 -22.99
CA GLY G 245 17.61 11.36 -21.89
C GLY G 245 17.82 12.84 -22.05
N ILE G 246 17.69 13.57 -20.97
CA ILE G 246 17.95 14.98 -20.99
C ILE G 246 19.14 15.31 -20.19
N LYS G 247 20.11 15.94 -20.80
CA LYS G 247 21.29 16.30 -20.06
C LYS G 247 21.04 17.60 -19.36
N PRO G 248 21.18 17.70 -18.03
CA PRO G 248 20.95 18.87 -17.24
C PRO G 248 22.11 19.81 -17.39
N VAL G 249 22.27 20.33 -18.58
CA VAL G 249 23.36 21.23 -18.87
C VAL G 249 22.94 22.60 -18.42
N VAL G 250 23.79 23.26 -17.66
CA VAL G 250 23.47 24.57 -17.15
C VAL G 250 24.21 25.66 -17.85
N SER G 251 23.46 26.60 -18.39
CA SER G 251 24.02 27.76 -19.07
C SER G 251 23.00 28.88 -19.15
N THR G 252 23.49 30.03 -19.57
CA THR G 252 22.64 31.17 -19.88
C THR G 252 22.95 31.59 -21.29
N GLN G 253 22.11 32.39 -21.92
CA GLN G 253 22.34 32.95 -23.26
C GLN G 253 22.41 31.93 -24.40
N LEU G 254 23.39 31.04 -24.35
CA LEU G 254 23.55 30.01 -25.35
C LEU G 254 23.33 28.66 -24.70
N LEU G 255 22.40 27.94 -25.30
CA LEU G 255 22.00 26.62 -24.86
C LEU G 255 22.93 25.66 -25.50
N LEU G 256 23.54 24.81 -24.71
CA LEU G 256 24.50 23.90 -25.24
C LEU G 256 24.09 22.44 -25.13
N ASN G 257 24.57 21.66 -26.07
CA ASN G 257 24.47 20.21 -26.09
C ASN G 257 23.04 19.68 -26.00
N GLY G 258 22.08 20.32 -26.63
CA GLY G 258 20.71 19.82 -26.59
C GLY G 258 20.37 19.10 -27.87
N SER G 259 19.09 18.90 -28.09
CA SER G 259 18.61 18.22 -29.29
C SER G 259 18.30 19.25 -30.36
N LEU G 260 18.81 19.04 -31.57
CA LEU G 260 18.57 19.95 -32.68
C LEU G 260 17.23 19.74 -33.30
N ALA G 261 16.66 20.81 -33.82
CA ALA G 261 15.39 20.78 -34.51
C ALA G 261 15.48 19.92 -35.75
N GLU G 262 14.44 19.14 -36.02
CA GLU G 262 14.40 18.28 -37.20
C GLU G 262 14.31 19.02 -38.52
N GLY G 263 13.54 20.10 -38.51
CA GLY G 263 13.25 20.91 -39.68
C GLY G 263 14.04 22.18 -39.62
N GLU G 264 13.37 23.31 -39.77
CA GLU G 264 14.00 24.61 -39.73
C GLU G 264 14.10 25.15 -38.32
N ILE G 265 14.68 26.34 -38.18
CA ILE G 265 14.84 26.92 -36.86
C ILE G 265 13.48 27.32 -36.32
N ILE G 266 13.20 26.89 -35.11
CA ILE G 266 11.92 27.19 -34.51
C ILE G 266 12.04 28.15 -33.37
N ILE G 267 11.21 29.17 -33.40
CA ILE G 267 11.22 30.16 -32.36
C ILE G 267 9.97 30.01 -31.51
N ARG G 268 10.15 29.77 -30.21
CA ARG G 268 9.01 29.55 -29.34
C ARG G 268 8.97 30.54 -28.17
N SER G 269 7.78 30.97 -27.81
CA SER G 269 7.59 31.85 -26.66
C SER G 269 6.23 31.67 -26.09
N GLU G 270 6.08 31.94 -24.81
CA GLU G 270 4.78 31.92 -24.20
C GLU G 270 3.90 32.97 -24.85
N ASN G 271 4.50 34.11 -25.17
CA ASN G 271 3.81 35.23 -25.76
C ASN G 271 4.80 36.09 -26.53
N LEU G 272 4.75 36.07 -27.85
CA LEU G 272 5.75 36.77 -28.66
C LEU G 272 5.59 38.27 -28.69
N THR G 273 4.51 38.77 -28.14
CA THR G 273 4.28 40.18 -28.14
C THR G 273 4.51 40.73 -26.74
N ASN G 274 4.97 39.87 -25.84
CA ASN G 274 5.26 40.25 -24.47
C ASN G 274 6.76 40.40 -24.31
N ASN G 275 7.23 41.61 -24.04
CA ASN G 275 8.66 41.87 -24.00
C ASN G 275 9.32 41.43 -22.70
N VAL G 276 8.56 40.77 -21.84
CA VAL G 276 9.10 40.27 -20.60
C VAL G 276 9.29 38.75 -20.68
N LYS G 277 8.88 38.15 -21.80
CA LYS G 277 9.05 36.70 -21.94
C LYS G 277 10.33 36.37 -22.64
N THR G 278 10.87 35.21 -22.32
CA THR G 278 12.07 34.71 -22.98
C THR G 278 11.67 33.97 -24.23
N ILE G 279 12.42 34.20 -25.29
CA ILE G 279 12.19 33.53 -26.54
C ILE G 279 13.21 32.43 -26.71
N ILE G 280 12.75 31.23 -26.93
CA ILE G 280 13.66 30.12 -27.04
C ILE G 280 13.82 29.77 -28.49
N VAL G 281 15.05 29.83 -28.96
CA VAL G 281 15.30 29.54 -30.35
C VAL G 281 15.99 28.20 -30.48
N HIS G 282 15.37 27.30 -31.23
CA HIS G 282 15.89 25.96 -31.42
C HIS G 282 16.55 25.83 -32.76
N LEU G 283 17.84 25.60 -32.76
CA LEU G 283 18.55 25.54 -34.01
C LEU G 283 18.42 24.17 -34.59
N ASN G 284 18.52 24.09 -35.92
CA ASN G 284 18.46 22.81 -36.62
C ASN G 284 19.86 22.34 -37.00
N GLU G 285 20.84 23.13 -36.66
CA GLU G 285 22.23 22.85 -36.93
C GLU G 285 22.99 23.27 -35.71
N SER G 286 24.02 22.52 -35.34
CA SER G 286 24.83 22.92 -34.23
C SER G 286 25.88 23.92 -34.65
N VAL G 287 26.33 24.73 -33.71
CA VAL G 287 27.45 25.62 -33.99
C VAL G 287 28.60 25.24 -33.08
N GLU G 288 29.76 25.03 -33.67
CA GLU G 288 30.89 24.63 -32.88
C GLU G 288 31.48 25.72 -32.03
N ILE G 289 31.60 25.39 -30.75
CA ILE G 289 32.22 26.24 -29.74
C ILE G 289 33.20 25.48 -28.86
N VAL G 290 34.40 25.99 -28.71
CA VAL G 290 35.30 25.33 -27.76
C VAL G 290 35.89 26.33 -26.80
N CYS G 291 35.84 26.02 -25.52
CA CYS G 291 36.34 26.96 -24.54
C CYS G 291 37.51 26.42 -23.74
N THR G 292 38.44 27.29 -23.41
CA THR G 292 39.63 26.87 -22.69
C THR G 292 40.19 27.88 -21.69
N ARG G 293 40.89 27.37 -20.67
CA ARG G 293 41.58 28.21 -19.69
C ARG G 293 43.09 27.87 -19.64
N PRO G 294 43.88 28.38 -20.57
CA PRO G 294 45.26 28.01 -20.80
C PRO G 294 46.26 28.69 -19.88
N ASN G 295 46.14 28.52 -18.56
CA ASN G 295 47.06 29.22 -17.67
C ASN G 295 47.80 28.39 -16.62
N ASN G 296 47.74 27.06 -16.72
CA ASN G 296 48.50 26.14 -15.89
C ASN G 296 48.55 26.45 -14.39
N TYR G 297 47.45 26.30 -13.67
CA TYR G 297 47.47 26.52 -12.22
C TYR G 297 47.88 25.25 -11.51
N THR G 298 48.46 25.39 -10.34
CA THR G 298 48.85 24.30 -9.46
C THR G 298 47.90 24.26 -8.26
N ARG G 299 47.47 23.08 -7.86
CA ARG G 299 46.64 22.96 -6.68
C ARG G 299 47.45 22.74 -5.41
N LYS G 300 47.24 23.59 -4.43
CA LYS G 300 47.89 23.47 -3.13
C LYS G 300 46.86 23.02 -2.12
N SER G 301 47.28 22.37 -1.05
CA SER G 301 46.33 21.96 -0.04
C SER G 301 46.66 22.51 1.32
N ILE G 302 45.75 23.32 1.82
CA ILE G 302 45.93 24.00 3.09
C ILE G 302 45.05 23.42 4.15
N ARG G 303 45.64 23.01 5.25
CA ARG G 303 44.83 22.49 6.32
C ARG G 303 44.16 23.69 6.93
N ILE G 304 42.85 23.63 7.14
CA ILE G 304 42.15 24.76 7.74
C ILE G 304 41.37 24.33 8.96
N GLY G 305 41.65 23.15 9.44
CA GLY G 305 40.97 22.64 10.58
C GLY G 305 41.28 21.17 10.83
N PRO G 306 40.76 20.62 11.91
CA PRO G 306 40.98 19.28 12.39
C PRO G 306 40.32 18.23 11.55
N GLY G 307 40.95 17.91 10.43
CA GLY G 307 40.41 16.93 9.49
C GLY G 307 39.91 17.52 8.20
N GLN G 308 40.17 18.80 7.94
CA GLN G 308 39.70 19.36 6.69
C GLN G 308 40.68 20.29 6.01
N THR G 309 40.65 20.26 4.68
CA THR G 309 41.52 21.10 3.89
C THR G 309 40.81 21.91 2.84
N PHE G 310 41.46 22.98 2.48
CA PHE G 310 41.08 23.89 1.43
C PHE G 310 41.99 23.75 0.24
N TYR G 311 41.41 23.74 -0.95
CA TYR G 311 42.25 23.68 -2.13
C TYR G 311 42.48 25.04 -2.70
N ALA G 312 43.72 25.41 -2.70
CA ALA G 312 44.13 26.74 -3.11
C ALA G 312 44.79 26.78 -4.45
N THR G 313 44.56 27.86 -5.15
CA THR G 313 45.22 28.14 -6.39
C THR G 313 46.60 28.66 -6.09
N GLY G 314 47.61 28.20 -6.83
CA GLY G 314 48.93 28.77 -6.67
C GLY G 314 49.87 28.32 -7.75
N ASP G 315 51.14 28.71 -7.61
CA ASP G 315 52.21 28.36 -8.52
C ASP G 315 51.76 28.36 -9.98
N ILE G 316 51.61 29.55 -10.54
CA ILE G 316 51.20 29.68 -11.93
C ILE G 316 52.39 29.32 -12.77
N ILE G 317 52.24 28.43 -13.74
CA ILE G 317 53.45 28.09 -14.43
C ILE G 317 53.83 29.06 -15.54
N GLY G 318 54.55 30.07 -15.12
CA GLY G 318 55.18 31.04 -16.00
C GLY G 318 54.31 32.11 -16.63
N ASN G 319 53.43 31.67 -17.51
CA ASN G 319 52.61 32.58 -18.29
C ASN G 319 51.25 32.92 -17.75
N ILE G 320 50.84 34.13 -18.03
CA ILE G 320 49.51 34.59 -17.69
C ILE G 320 48.71 34.67 -18.96
N ARG G 321 47.59 33.99 -18.99
CA ARG G 321 46.73 33.97 -20.16
C ARG G 321 45.27 34.12 -19.80
N GLN G 322 44.56 34.79 -20.66
CA GLN G 322 43.13 35.01 -20.54
C GLN G 322 42.37 33.81 -21.07
N ALA G 323 41.36 33.37 -20.35
CA ALA G 323 40.50 32.28 -20.81
C ALA G 323 39.67 32.78 -21.96
N TYR G 324 39.31 31.90 -22.87
CA TYR G 324 38.51 32.33 -24.00
C TYR G 324 37.73 31.22 -24.67
N CYS G 325 36.77 31.61 -25.49
CA CYS G 325 36.08 30.65 -26.33
C CYS G 325 36.32 30.92 -27.81
N ASN G 326 36.41 29.81 -28.53
CA ASN G 326 36.62 29.70 -29.96
C ASN G 326 35.33 29.39 -30.70
N ILE G 327 34.75 30.36 -31.39
CA ILE G 327 33.47 30.12 -32.09
C ILE G 327 33.59 30.26 -33.61
N SER G 328 33.08 29.29 -34.37
CA SER G 328 33.16 29.41 -35.84
C SER G 328 32.42 30.66 -36.35
N LYS G 329 33.08 31.47 -37.18
CA LYS G 329 32.45 32.71 -37.61
C LYS G 329 31.39 32.54 -38.66
N ASP G 330 31.62 31.65 -39.63
CA ASP G 330 30.64 31.53 -40.69
C ASP G 330 29.38 30.89 -40.18
N ASP G 331 29.51 30.01 -39.20
CA ASP G 331 28.34 29.33 -38.72
C ASP G 331 27.58 30.25 -37.82
N TRP G 332 28.28 31.08 -37.05
CA TRP G 332 27.58 32.00 -36.23
C TRP G 332 26.80 33.00 -37.08
N ILE G 333 27.43 33.51 -38.13
CA ILE G 333 26.76 34.49 -38.95
C ILE G 333 25.59 33.90 -39.67
N ARG G 334 25.76 32.72 -40.25
CA ARG G 334 24.62 32.12 -40.91
C ARG G 334 23.51 31.89 -39.94
N THR G 335 23.84 31.46 -38.73
CA THR G 335 22.82 31.21 -37.77
C THR G 335 22.04 32.45 -37.47
N LEU G 336 22.69 33.57 -37.23
CA LEU G 336 21.89 34.72 -36.91
C LEU G 336 21.12 35.25 -38.07
N GLN G 337 21.64 35.17 -39.29
CA GLN G 337 20.84 35.71 -40.38
C GLN G 337 19.57 34.86 -40.53
N ARG G 338 19.69 33.56 -40.30
CA ARG G 338 18.56 32.68 -40.40
C ARG G 338 17.56 32.92 -39.28
N VAL G 339 18.06 33.19 -38.06
CA VAL G 339 17.18 33.48 -36.94
C VAL G 339 16.48 34.79 -37.22
N GLY G 340 17.22 35.75 -37.75
CA GLY G 340 16.70 37.06 -38.08
C GLY G 340 15.52 36.90 -39.01
N LYS G 341 15.68 36.12 -40.06
CA LYS G 341 14.57 35.93 -40.95
C LYS G 341 13.37 35.31 -40.26
N LYS G 342 13.58 34.29 -39.43
CA LYS G 342 12.42 33.68 -38.79
C LYS G 342 11.77 34.69 -37.84
N LEU G 343 12.57 35.51 -37.18
CA LEU G 343 11.97 36.51 -36.34
C LEU G 343 11.18 37.49 -37.17
N ALA G 344 11.68 37.84 -38.35
CA ALA G 344 10.96 38.77 -39.22
C ALA G 344 9.60 38.22 -39.59
N GLU G 345 9.47 36.91 -39.72
CA GLU G 345 8.17 36.35 -40.02
C GLU G 345 7.19 36.64 -38.88
N HIS G 346 7.68 36.56 -37.65
CA HIS G 346 6.85 36.85 -36.48
C HIS G 346 6.67 38.35 -36.25
N PHE G 347 7.68 39.12 -36.65
CA PHE G 347 7.72 40.56 -36.49
C PHE G 347 8.00 41.25 -37.81
N PRO G 348 7.06 41.25 -38.76
CA PRO G 348 7.20 41.79 -40.08
C PRO G 348 7.25 43.30 -40.03
N ARG G 349 7.84 43.89 -41.07
CA ARG G 349 7.95 45.34 -41.24
C ARG G 349 8.72 45.99 -40.08
N ARG G 350 9.75 45.30 -39.63
CA ARG G 350 10.63 45.76 -38.58
C ARG G 350 12.06 45.42 -38.90
N ILE G 351 12.98 46.21 -38.41
CA ILE G 351 14.39 45.91 -38.51
C ILE G 351 14.78 45.10 -37.31
N ILE G 352 15.55 44.05 -37.52
CA ILE G 352 15.95 43.21 -36.40
C ILE G 352 17.34 43.47 -35.94
N ASN G 353 17.50 43.72 -34.66
CA ASN G 353 18.80 44.06 -34.13
C ASN G 353 19.29 43.12 -33.06
N PHE G 354 20.18 42.20 -33.40
CA PHE G 354 20.73 41.29 -32.41
C PHE G 354 21.95 42.00 -31.92
N THR G 355 21.74 43.12 -31.27
CA THR G 355 22.85 43.99 -30.99
C THR G 355 23.24 44.28 -29.57
N SER G 356 22.62 43.69 -28.55
CA SER G 356 23.10 44.15 -27.26
C SER G 356 23.11 43.15 -26.14
N PRO G 357 24.12 43.17 -25.28
CA PRO G 357 24.20 42.42 -24.06
C PRO G 357 23.27 43.08 -23.07
N ALA G 358 23.06 42.43 -21.94
CA ALA G 358 22.17 42.87 -20.86
C ALA G 358 22.46 44.26 -20.26
N GLY G 359 23.72 44.69 -20.18
CA GLY G 359 23.99 45.98 -19.55
C GLY G 359 25.23 46.07 -18.62
N GLY G 360 25.84 44.96 -18.19
CA GLY G 360 27.05 45.08 -17.35
C GLY G 360 27.16 44.24 -16.08
N ASP G 361 26.07 43.71 -15.54
CA ASP G 361 26.19 42.87 -14.35
C ASP G 361 26.59 41.48 -14.81
N LEU G 362 27.79 41.05 -14.45
CA LEU G 362 28.39 39.81 -14.90
C LEU G 362 27.46 38.63 -14.76
N GLU G 363 26.68 38.57 -13.68
CA GLU G 363 25.84 37.41 -13.47
C GLU G 363 24.79 37.23 -14.54
N ILE G 364 24.32 38.32 -15.13
CA ILE G 364 23.28 38.21 -16.15
C ILE G 364 23.74 38.69 -17.51
N THR G 365 24.91 39.31 -17.58
CA THR G 365 25.38 39.86 -18.83
C THR G 365 26.22 38.89 -19.62
N THR G 366 26.90 37.99 -18.94
CA THR G 366 27.75 37.05 -19.63
C THR G 366 27.16 35.67 -19.78
N HIS G 367 27.86 34.87 -20.56
CA HIS G 367 27.50 33.50 -20.83
C HIS G 367 27.94 32.62 -19.73
N SER G 368 27.00 32.12 -18.94
CA SER G 368 27.38 31.27 -17.85
C SER G 368 27.67 29.94 -18.47
N PHE G 369 28.88 29.46 -18.24
CA PHE G 369 29.35 28.22 -18.83
C PHE G 369 30.24 27.39 -17.92
N ASN G 370 30.00 26.08 -17.89
CA ASN G 370 30.84 25.21 -17.08
C ASN G 370 31.72 24.32 -17.91
N CYS G 371 32.96 24.18 -17.49
CA CYS G 371 33.89 23.28 -18.16
C CYS G 371 34.65 22.40 -17.18
N ARG G 372 34.26 21.14 -17.10
CA ARG G 372 34.89 20.23 -16.15
C ARG G 372 34.87 20.72 -14.72
N GLY G 373 33.83 21.41 -14.31
CA GLY G 373 33.80 21.92 -12.95
C GLY G 373 34.32 23.36 -12.85
N GLU G 374 34.90 23.88 -13.92
CA GLU G 374 35.39 25.24 -13.92
C GLU G 374 34.27 26.18 -14.30
N PHE G 375 34.30 27.38 -13.78
CA PHE G 375 33.23 28.33 -14.10
C PHE G 375 33.63 29.56 -14.86
N PHE G 376 33.08 29.65 -16.05
CA PHE G 376 33.32 30.72 -16.99
C PHE G 376 32.15 31.65 -17.08
N TYR G 377 32.49 32.90 -17.24
CA TYR G 377 31.55 33.98 -17.48
C TYR G 377 32.04 34.72 -18.71
N CYS G 378 31.63 34.23 -19.87
CA CYS G 378 32.20 34.71 -21.12
C CYS G 378 31.44 35.86 -21.75
N ASN G 379 32.17 36.78 -22.34
CA ASN G 379 31.60 37.97 -22.93
C ASN G 379 31.18 37.76 -24.37
N THR G 380 29.89 37.71 -24.58
CA THR G 380 29.25 37.41 -25.84
C THR G 380 28.81 38.63 -26.61
N SER G 381 29.24 39.80 -26.17
CA SER G 381 28.83 41.03 -26.85
C SER G 381 29.36 41.09 -28.27
N SER G 382 30.43 40.37 -28.59
CA SER G 382 30.95 40.35 -29.94
C SER G 382 30.14 39.42 -30.84
N LEU G 383 29.32 38.54 -30.25
CA LEU G 383 28.52 37.64 -31.05
C LEU G 383 27.24 38.30 -31.41
N PHE G 384 26.65 38.95 -30.43
CA PHE G 384 25.39 39.62 -30.63
C PHE G 384 25.65 41.06 -30.99
N ASN G 385 26.21 41.22 -32.18
CA ASN G 385 26.57 42.53 -32.70
C ASN G 385 26.15 42.68 -34.16
N SER G 386 24.91 42.36 -34.47
CA SER G 386 24.49 42.47 -35.86
C SER G 386 23.01 42.70 -36.05
N THR G 387 22.67 43.10 -37.27
CA THR G 387 21.28 43.30 -37.62
C THR G 387 20.85 42.48 -38.81
N TYR G 388 19.57 42.58 -39.09
CA TYR G 388 18.93 41.94 -40.20
C TYR G 388 17.86 42.83 -40.83
N ASN G 389 17.89 42.89 -42.14
CA ASN G 389 16.93 43.66 -42.91
C ASN G 389 16.48 42.80 -44.09
N PRO G 390 15.25 42.28 -44.06
CA PRO G 390 14.74 41.30 -45.00
C PRO G 390 14.68 41.76 -46.44
N ASN G 391 14.66 43.07 -46.70
CA ASN G 391 14.59 43.49 -48.09
C ASN G 391 15.81 44.29 -48.51
N ASP G 392 16.91 44.11 -47.77
CA ASP G 392 18.14 44.81 -48.10
C ASP G 392 19.12 43.92 -48.86
N SER G 403 41.73 30.55 -39.41
CA SER G 403 41.06 31.76 -38.99
C SER G 403 39.56 31.67 -39.14
N LEU G 404 38.94 32.79 -39.46
CA LEU G 404 37.51 32.88 -39.64
C LEU G 404 36.76 32.43 -38.41
N ASP G 405 37.26 32.78 -37.24
CA ASP G 405 36.60 32.48 -36.01
C ASP G 405 36.27 33.75 -35.24
N ILE G 406 35.62 33.59 -34.10
CA ILE G 406 35.26 34.69 -33.23
C ILE G 406 35.88 34.47 -31.88
N THR G 407 36.56 35.48 -31.35
CA THR G 407 37.18 35.34 -30.03
C THR G 407 36.31 35.92 -28.96
N ILE G 408 36.01 35.08 -27.99
CA ILE G 408 35.23 35.48 -26.86
C ILE G 408 36.13 35.49 -25.65
N PRO G 409 36.45 36.62 -25.03
CA PRO G 409 37.27 36.64 -23.86
C PRO G 409 36.40 36.12 -22.76
N CYS G 410 36.97 35.43 -21.78
CA CYS G 410 36.19 34.96 -20.65
C CYS G 410 36.74 35.29 -19.29
N ARG G 411 35.85 35.46 -18.34
CA ARG G 411 36.26 35.67 -16.96
C ARG G 411 36.08 34.34 -16.23
N ILE G 412 36.91 34.11 -15.24
CA ILE G 412 36.84 32.92 -14.40
C ILE G 412 36.51 33.31 -12.98
N LYS G 413 35.59 32.60 -12.36
CA LYS G 413 35.18 32.93 -10.99
C LYS G 413 35.04 31.65 -10.15
N GLN G 414 35.55 31.63 -8.90
CA GLN G 414 35.42 30.44 -8.06
C GLN G 414 34.23 30.42 -7.13
N ILE G 415 33.62 31.55 -6.86
CA ILE G 415 32.45 31.60 -5.98
C ILE G 415 31.18 31.58 -6.78
N ILE G 416 30.40 30.53 -6.60
CA ILE G 416 29.23 30.34 -7.41
C ILE G 416 27.87 30.41 -6.70
N ASN G 417 27.03 31.33 -7.13
CA ASN G 417 25.69 31.45 -6.58
C ASN G 417 24.77 30.58 -7.40
N MET G 418 24.92 29.29 -7.22
CA MET G 418 24.24 28.39 -8.11
C MET G 418 22.73 28.52 -7.94
N TRP G 419 22.04 28.43 -9.08
CA TRP G 419 20.58 28.44 -9.18
C TRP G 419 19.92 29.73 -8.79
N GLN G 420 20.70 30.80 -8.67
CA GLN G 420 20.19 32.13 -8.31
C GLN G 420 19.72 32.17 -6.88
N ARG G 421 20.14 31.23 -6.06
CA ARG G 421 19.78 31.26 -4.67
C ARG G 421 20.76 32.14 -3.96
N VAL G 422 20.39 32.66 -2.82
CA VAL G 422 21.31 33.48 -2.07
C VAL G 422 21.69 32.83 -0.78
N GLY G 423 23.00 32.66 -0.60
CA GLY G 423 23.58 32.05 0.58
C GLY G 423 23.96 30.59 0.32
N GLN G 424 23.43 30.02 -0.74
CA GLN G 424 23.76 28.65 -1.07
C GLN G 424 24.97 28.69 -1.97
N CYS G 425 26.08 29.02 -1.37
CA CYS G 425 27.30 29.25 -2.09
C CYS G 425 28.22 28.07 -2.19
N MET G 426 28.69 27.84 -3.42
CA MET G 426 29.68 26.81 -3.67
C MET G 426 31.02 27.39 -4.08
N TYR G 427 32.08 26.80 -3.57
CA TYR G 427 33.42 27.17 -3.95
C TYR G 427 34.01 26.12 -4.86
N ALA G 428 34.47 26.58 -6.01
CA ALA G 428 35.05 25.69 -6.98
C ALA G 428 36.57 25.64 -6.80
N PRO G 429 37.16 24.50 -6.45
CA PRO G 429 38.57 24.35 -6.20
C PRO G 429 39.22 24.47 -7.55
N PRO G 430 40.50 24.81 -7.63
CA PRO G 430 41.25 24.91 -8.85
C PRO G 430 41.41 23.55 -9.45
N ILE G 431 41.41 23.51 -10.78
CA ILE G 431 41.60 22.27 -11.49
C ILE G 431 42.88 22.35 -12.28
N GLU G 432 43.72 21.36 -12.09
CA GLU G 432 45.00 21.29 -12.77
C GLU G 432 44.88 20.67 -14.15
N GLY G 433 45.77 21.05 -15.06
CA GLY G 433 45.82 20.40 -16.37
C GLY G 433 45.12 21.14 -17.49
N ASN G 434 44.76 20.38 -18.50
CA ASN G 434 44.26 20.94 -19.75
C ASN G 434 42.78 21.22 -19.68
N ILE G 435 42.43 22.41 -19.24
CA ILE G 435 41.01 22.65 -19.07
C ILE G 435 40.40 23.18 -20.33
N THR G 436 40.00 22.26 -21.18
CA THR G 436 39.37 22.57 -22.45
C THR G 436 38.10 21.74 -22.66
N CYS G 437 37.03 22.40 -23.08
CA CYS G 437 35.79 21.70 -23.39
C CYS G 437 35.20 22.10 -24.72
N LYS G 438 34.89 21.12 -25.54
CA LYS G 438 34.29 21.36 -26.85
C LYS G 438 32.82 21.01 -26.82
N SER G 439 31.98 21.94 -27.24
CA SER G 439 30.54 21.72 -27.17
C SER G 439 29.77 22.27 -28.36
N ASN G 440 28.49 21.94 -28.38
CA ASN G 440 27.59 22.31 -29.47
C ASN G 440 26.57 23.37 -29.08
N ILE G 441 26.57 24.51 -29.75
CA ILE G 441 25.52 25.44 -29.42
C ILE G 441 24.32 24.91 -30.14
N THR G 442 23.24 24.67 -29.42
CA THR G 442 22.05 24.12 -30.02
C THR G 442 20.87 25.08 -29.96
N GLY G 443 21.02 26.16 -29.23
CA GLY G 443 19.91 27.10 -29.15
C GLY G 443 20.28 28.41 -28.48
N LEU G 444 19.35 29.34 -28.57
CA LEU G 444 19.57 30.66 -28.02
C LEU G 444 18.45 31.06 -27.08
N LEU G 445 18.76 31.84 -26.05
CA LEU G 445 17.71 32.42 -25.25
C LEU G 445 17.71 33.91 -25.48
N LEU G 446 16.71 34.40 -26.18
CA LEU G 446 16.70 35.81 -26.53
C LEU G 446 15.61 36.55 -25.83
N VAL G 447 15.86 37.81 -25.53
CA VAL G 447 14.82 38.62 -24.95
C VAL G 447 14.59 39.83 -25.83
N ARG G 448 13.34 40.05 -26.20
CA ARG G 448 13.00 41.17 -27.04
C ARG G 448 12.91 42.39 -26.15
N ASP G 449 13.45 43.50 -26.59
CA ASP G 449 13.34 44.72 -25.82
C ASP G 449 11.89 45.13 -25.62
N SER G 454 9.01 51.07 -31.04
CA SER G 454 9.16 52.49 -30.83
C SER G 454 10.04 53.07 -31.91
N ASN G 455 11.03 52.28 -32.30
CA ASN G 455 11.99 52.65 -33.32
C ASN G 455 11.84 51.77 -34.56
N GLU G 456 10.70 51.10 -34.64
CA GLU G 456 10.36 50.21 -35.75
C GLU G 456 11.46 49.19 -35.95
N THR G 457 12.06 48.81 -34.83
CA THR G 457 13.14 47.89 -34.76
C THR G 457 12.87 46.97 -33.60
N GLU G 458 13.15 45.71 -33.77
CA GLU G 458 13.02 44.75 -32.70
C GLU G 458 14.42 44.45 -32.23
N ILE G 459 14.72 44.90 -31.03
CA ILE G 459 16.04 44.78 -30.48
C ILE G 459 16.11 43.59 -29.58
N PHE G 460 17.08 42.73 -29.82
CA PHE G 460 17.21 41.54 -29.02
C PHE G 460 18.51 41.47 -28.27
N ARG G 461 18.40 40.89 -27.09
CA ARG G 461 19.54 40.67 -26.26
C ARG G 461 19.55 39.22 -25.86
N PRO G 462 20.69 38.58 -25.67
CA PRO G 462 20.76 37.25 -25.18
C PRO G 462 20.38 37.37 -23.73
N GLY G 463 19.80 36.36 -23.14
CA GLY G 463 19.47 36.46 -21.73
C GLY G 463 19.30 35.11 -21.04
N GLY G 464 18.74 35.13 -19.85
CA GLY G 464 18.58 33.89 -19.12
C GLY G 464 18.77 34.10 -17.64
N GLY G 465 19.02 32.99 -16.96
CA GLY G 465 19.20 32.91 -15.52
C GLY G 465 18.09 32.10 -14.89
N ASP G 466 16.96 32.00 -15.59
CA ASP G 466 15.90 31.15 -15.12
C ASP G 466 16.15 29.82 -15.78
N MET G 467 16.64 28.89 -14.99
CA MET G 467 17.10 27.60 -15.46
C MET G 467 16.00 26.79 -16.04
N ARG G 468 14.77 27.13 -15.74
CA ARG G 468 13.69 26.36 -16.27
C ARG G 468 13.73 26.42 -17.78
N ASN G 469 14.18 27.52 -18.35
CA ASN G 469 14.16 27.62 -19.80
C ASN G 469 15.10 26.65 -20.45
N ASN G 470 16.10 26.17 -19.71
CA ASN G 470 17.04 25.26 -20.28
C ASN G 470 16.47 23.88 -20.36
N TRP G 471 15.33 23.68 -19.71
CA TRP G 471 14.70 22.39 -19.68
C TRP G 471 13.43 22.43 -20.48
N ARG G 472 12.82 23.62 -20.58
CA ARG G 472 11.63 23.73 -21.40
C ARG G 472 12.04 23.42 -22.82
N SER G 473 13.28 23.77 -23.15
CA SER G 473 13.84 23.57 -24.47
C SER G 473 13.95 22.09 -24.86
N GLU G 474 13.83 21.16 -23.92
CA GLU G 474 13.84 19.75 -24.27
C GLU G 474 12.46 19.14 -23.98
N LEU G 475 11.84 19.58 -22.90
CA LEU G 475 10.60 19.01 -22.43
C LEU G 475 9.37 19.52 -23.12
N TYR G 476 9.52 20.47 -24.02
CA TYR G 476 8.41 20.98 -24.80
C TYR G 476 7.73 19.88 -25.60
N LYS G 477 8.43 18.78 -25.84
CA LYS G 477 7.78 17.74 -26.61
C LYS G 477 6.92 16.83 -25.77
N TYR G 478 6.94 16.93 -24.45
CA TYR G 478 6.20 15.96 -23.68
C TYR G 478 5.07 16.45 -22.80
N LYS G 479 4.03 15.64 -22.69
CA LYS G 479 2.90 15.90 -21.79
C LYS G 479 2.55 14.67 -20.98
N VAL G 480 2.13 14.83 -19.73
CA VAL G 480 1.73 13.67 -18.96
C VAL G 480 0.24 13.57 -18.78
N VAL G 481 -0.32 12.39 -19.08
CA VAL G 481 -1.74 12.23 -18.92
C VAL G 481 -2.04 11.00 -18.09
N GLU G 482 -3.23 10.97 -17.51
CA GLU G 482 -3.68 9.82 -16.74
C GLU G 482 -4.71 9.03 -17.50
N ILE G 483 -4.52 7.73 -17.54
CA ILE G 483 -5.44 6.84 -18.20
C ILE G 483 -6.63 6.56 -17.30
N LYS G 484 -7.82 6.65 -17.88
CA LYS G 484 -9.06 6.40 -17.15
C LYS G 484 -9.85 5.26 -17.81
N PRO G 485 -9.55 3.98 -17.52
CA PRO G 485 -10.10 2.78 -18.15
C PRO G 485 -11.59 2.54 -18.03
N LEU G 486 -12.29 3.17 -17.10
CA LEU G 486 -13.71 2.89 -17.05
C LEU G 486 -14.51 3.86 -17.84
N GLY G 487 -15.57 3.36 -18.42
CA GLY G 487 -16.49 4.23 -19.10
C GLY G 487 -17.74 3.47 -19.46
N ILE G 488 -18.74 4.19 -19.88
CA ILE G 488 -20.00 3.57 -20.23
C ILE G 488 -20.45 4.07 -21.56
N ALA G 489 -21.39 3.35 -22.19
CA ALA G 489 -22.04 3.75 -23.43
C ALA G 489 -23.32 2.93 -23.56
N PRO G 490 -24.35 3.39 -24.27
CA PRO G 490 -25.54 2.61 -24.53
C PRO G 490 -25.35 1.49 -25.52
N THR G 491 -26.02 0.38 -25.29
CA THR G 491 -26.12 -0.74 -26.21
C THR G 491 -27.56 -1.19 -26.22
N ARG G 492 -27.89 -2.13 -27.08
CA ARG G 492 -29.26 -2.61 -27.13
C ARG G 492 -29.53 -3.76 -26.18
N CYS G 493 -28.50 -4.20 -25.45
CA CYS G 493 -28.66 -5.37 -24.61
C CYS G 493 -28.83 -5.10 -23.13
N LYS G 494 -29.92 -5.59 -22.56
CA LYS G 494 -30.16 -5.49 -21.13
C LYS G 494 -29.46 -6.66 -20.47
N ARG G 495 -28.89 -6.47 -19.31
CA ARG G 495 -28.32 -7.61 -18.61
C ARG G 495 -29.33 -8.74 -18.60
N GLY G 524 0.63 -0.35 -25.39
CA GLY G 524 -0.17 -0.50 -26.60
C GLY G 524 -1.62 -0.23 -26.27
N PHE G 525 -1.85 0.03 -25.01
CA PHE G 525 -3.19 0.27 -24.50
C PHE G 525 -3.97 1.36 -25.22
N LEU G 526 -3.32 2.46 -25.55
CA LEU G 526 -4.01 3.55 -26.20
C LEU G 526 -3.93 3.46 -27.70
N GLY G 527 -3.48 2.34 -28.24
CA GLY G 527 -3.40 2.23 -29.68
C GLY G 527 -4.76 2.46 -30.30
N ALA G 528 -5.82 2.01 -29.62
CA ALA G 528 -7.18 2.19 -30.12
C ALA G 528 -7.67 3.57 -29.78
N ALA G 529 -7.06 4.56 -30.36
CA ALA G 529 -7.40 5.94 -30.11
C ALA G 529 -7.37 6.66 -31.42
N GLY G 530 -8.37 7.49 -31.65
CA GLY G 530 -8.50 8.25 -32.89
C GLY G 530 -9.51 7.54 -33.80
N SER G 531 -9.78 6.28 -33.49
CA SER G 531 -10.75 5.43 -34.17
C SER G 531 -12.07 5.58 -33.47
N THR G 532 -13.13 5.06 -34.05
CA THR G 532 -14.42 5.19 -33.40
C THR G 532 -14.54 4.26 -32.24
N MET G 533 -15.53 4.51 -31.40
CA MET G 533 -15.75 3.68 -30.25
C MET G 533 -16.06 2.29 -30.67
N GLY G 534 -16.79 2.16 -31.75
CA GLY G 534 -17.14 0.86 -32.23
C GLY G 534 -15.89 0.08 -32.54
N ALA G 535 -15.00 0.65 -33.35
CA ALA G 535 -13.80 -0.06 -33.70
C ALA G 535 -12.99 -0.41 -32.48
N ALA G 536 -12.92 0.51 -31.53
CA ALA G 536 -12.17 0.26 -30.34
C ALA G 536 -12.79 -0.84 -29.53
N SER G 537 -14.11 -0.92 -29.49
CA SER G 537 -14.74 -1.93 -28.65
C SER G 537 -14.39 -3.31 -29.11
N ILE G 538 -14.10 -3.48 -30.39
CA ILE G 538 -13.71 -4.78 -30.86
C ILE G 538 -12.28 -5.03 -30.41
N THR G 539 -11.44 -4.03 -30.61
CA THR G 539 -10.02 -4.11 -30.29
C THR G 539 -9.78 -4.40 -28.82
N LEU G 540 -10.58 -3.76 -27.97
CA LEU G 540 -10.45 -3.82 -26.52
C LEU G 540 -10.75 -5.15 -25.93
N THR G 541 -11.30 -6.08 -26.71
CA THR G 541 -11.58 -7.40 -26.17
C THR G 541 -10.25 -8.11 -25.90
N VAL G 542 -9.18 -7.58 -26.47
CA VAL G 542 -7.84 -8.05 -26.27
C VAL G 542 -7.01 -6.98 -25.57
N GLN G 543 -7.02 -5.78 -26.15
CA GLN G 543 -6.18 -4.67 -25.73
C GLN G 543 -6.39 -4.22 -24.30
N ALA G 544 -7.59 -4.35 -23.76
CA ALA G 544 -7.84 -3.88 -22.41
C ALA G 544 -6.90 -4.54 -21.41
N ARG G 545 -6.42 -5.75 -21.71
CA ARG G 545 -5.60 -6.51 -20.79
C ARG G 545 -4.20 -5.96 -20.67
N GLN G 546 -3.82 -5.03 -21.53
CA GLN G 546 -2.49 -4.48 -21.44
C GLN G 546 -2.40 -3.60 -20.19
N LEU G 547 -3.54 -3.22 -19.62
CA LEU G 547 -3.55 -2.42 -18.41
C LEU G 547 -3.20 -3.29 -17.22
N LEU G 548 -3.18 -4.60 -17.42
CA LEU G 548 -2.91 -5.47 -16.33
C LEU G 548 -1.42 -5.52 -16.15
N SER G 549 -0.67 -4.94 -17.08
CA SER G 549 0.76 -4.89 -16.94
C SER G 549 1.13 -3.90 -15.84
N GLY G 550 0.16 -3.05 -15.44
CA GLY G 550 0.39 -2.05 -14.44
C GLY G 550 0.11 -2.55 -13.03
N ILE G 551 -0.31 -3.80 -12.88
CA ILE G 551 -0.63 -4.28 -11.55
C ILE G 551 0.56 -4.13 -10.64
N LEU G 571 17.33 6.68 0.80
CA LEU G 571 17.50 7.74 -0.20
C LEU G 571 16.71 8.97 0.22
N GLY G 572 16.18 8.90 1.43
CA GLY G 572 15.43 10.00 2.00
C GLY G 572 14.15 10.27 1.24
N VAL G 573 14.02 11.49 0.74
CA VAL G 573 12.84 11.91 0.01
C VAL G 573 12.60 11.05 -1.23
N TRP G 574 13.66 10.47 -1.77
CA TRP G 574 13.51 9.64 -2.94
C TRP G 574 12.81 8.32 -2.58
N GLY G 575 12.94 7.88 -1.32
CA GLY G 575 12.30 6.67 -0.87
C GLY G 575 10.82 6.98 -0.79
N ILE G 576 10.53 8.20 -0.32
CA ILE G 576 9.15 8.63 -0.21
C ILE G 576 8.53 8.74 -1.57
N LYS G 577 9.23 9.34 -2.53
CA LYS G 577 8.62 9.44 -3.84
C LYS G 577 8.22 8.06 -4.36
N GLN G 578 9.08 7.06 -4.17
CA GLN G 578 8.71 5.76 -4.63
C GLN G 578 7.55 5.17 -3.85
N LEU G 579 7.53 5.37 -2.53
CA LEU G 579 6.42 4.81 -1.77
C LEU G 579 5.12 5.46 -2.13
N GLN G 580 5.12 6.75 -2.36
CA GLN G 580 3.86 7.39 -2.71
C GLN G 580 3.41 6.88 -4.04
N THR G 581 4.34 6.67 -4.96
CA THR G 581 4.00 6.18 -6.27
C THR G 581 3.39 4.80 -6.19
N ARG G 582 3.99 3.90 -5.41
CA ARG G 582 3.45 2.56 -5.33
C ARG G 582 2.11 2.55 -4.62
N VAL G 583 1.98 3.34 -3.56
CA VAL G 583 0.74 3.34 -2.84
C VAL G 583 -0.35 3.88 -3.70
N LEU G 584 -0.09 4.95 -4.44
CA LEU G 584 -1.11 5.46 -5.29
C LEU G 584 -1.50 4.45 -6.34
N ALA G 585 -0.52 3.78 -6.97
CA ALA G 585 -0.91 2.83 -7.98
C ALA G 585 -1.83 1.78 -7.40
N ILE G 586 -1.55 1.35 -6.16
CA ILE G 586 -2.40 0.37 -5.54
C ILE G 586 -3.76 0.96 -5.27
N GLU G 587 -3.81 2.17 -4.74
CA GLU G 587 -5.07 2.78 -4.45
C GLU G 587 -5.95 2.90 -5.68
N ARG G 588 -5.40 3.35 -6.80
CA ARG G 588 -6.26 3.51 -7.95
C ARG G 588 -6.74 2.17 -8.44
N TYR G 589 -5.85 1.18 -8.42
CA TYR G 589 -6.23 -0.14 -8.85
C TYR G 589 -7.38 -0.65 -8.04
N LEU G 590 -7.26 -0.55 -6.72
CA LEU G 590 -8.30 -1.08 -5.90
C LEU G 590 -9.59 -0.34 -6.08
N LYS G 591 -9.55 0.98 -6.28
CA LYS G 591 -10.83 1.66 -6.46
C LYS G 591 -11.54 1.16 -7.71
N ASP G 592 -10.81 0.92 -8.80
CA ASP G 592 -11.50 0.44 -9.97
C ASP G 592 -12.00 -0.97 -9.76
N GLN G 593 -11.23 -1.80 -9.08
CA GLN G 593 -11.69 -3.15 -8.89
C GLN G 593 -12.93 -3.14 -8.04
N GLN G 594 -12.94 -2.26 -7.06
CA GLN G 594 -14.08 -2.17 -6.18
C GLN G 594 -15.32 -1.71 -6.89
N LEU G 595 -15.21 -0.75 -7.80
CA LEU G 595 -16.40 -0.30 -8.48
C LEU G 595 -16.96 -1.39 -9.35
N LEU G 596 -16.09 -2.12 -10.01
CA LEU G 596 -16.56 -3.18 -10.86
C LEU G 596 -17.20 -4.26 -10.04
N GLY G 597 -16.66 -4.52 -8.86
CA GLY G 597 -17.24 -5.52 -8.01
C GLY G 597 -18.67 -5.15 -7.64
N ILE G 598 -18.87 -3.93 -7.17
CA ILE G 598 -20.21 -3.52 -6.73
C ILE G 598 -21.20 -3.39 -7.87
N TRP G 599 -20.73 -3.15 -9.08
CA TRP G 599 -21.62 -3.07 -10.22
C TRP G 599 -21.91 -4.43 -10.82
N GLY G 600 -21.33 -5.48 -10.26
CA GLY G 600 -21.56 -6.82 -10.78
C GLY G 600 -20.81 -7.07 -12.05
N CYS G 601 -19.68 -6.40 -12.24
CA CYS G 601 -18.94 -6.52 -13.48
C CYS G 601 -17.61 -7.22 -13.34
N SER G 602 -17.63 -8.44 -12.85
CA SER G 602 -16.45 -9.28 -12.91
C SER G 602 -16.42 -9.66 -14.38
N GLY G 603 -15.27 -10.00 -14.98
CA GLY G 603 -15.34 -10.29 -16.43
C GLY G 603 -15.58 -8.95 -17.10
N LYS G 604 -14.96 -7.96 -16.47
CA LYS G 604 -15.05 -6.55 -16.68
C LYS G 604 -14.84 -6.00 -18.06
N LEU G 605 -14.20 -6.70 -18.96
CA LEU G 605 -14.03 -6.03 -20.23
C LEU G 605 -15.37 -5.59 -20.81
N ILE G 606 -16.41 -6.45 -20.73
CA ILE G 606 -17.73 -6.04 -21.20
C ILE G 606 -18.77 -6.43 -20.17
N CYS G 607 -19.49 -5.45 -19.65
CA CYS G 607 -20.49 -5.75 -18.66
C CYS G 607 -21.83 -5.10 -18.87
N THR G 608 -22.82 -5.88 -19.26
CA THR G 608 -24.13 -5.30 -19.47
C THR G 608 -24.75 -5.11 -18.12
N THR G 609 -25.66 -4.14 -18.02
CA THR G 609 -26.32 -3.84 -16.77
C THR G 609 -27.81 -3.70 -16.97
N ALA G 610 -28.52 -3.49 -15.89
CA ALA G 610 -29.96 -3.29 -15.90
C ALA G 610 -30.34 -1.81 -15.83
N VAL G 611 -29.38 -0.90 -15.97
CA VAL G 611 -29.70 0.52 -15.94
C VAL G 611 -30.05 0.98 -17.35
N PRO G 612 -31.22 1.58 -17.60
CA PRO G 612 -31.66 2.07 -18.89
C PRO G 612 -30.89 3.29 -19.29
N TRP G 613 -30.76 3.51 -20.59
CA TRP G 613 -30.12 4.70 -21.09
C TRP G 613 -31.03 5.91 -21.07
N ASN G 614 -30.51 7.02 -20.59
CA ASN G 614 -31.24 8.28 -20.60
C ASN G 614 -30.94 9.11 -21.83
N SER G 615 -31.99 9.49 -22.53
CA SER G 615 -31.87 10.33 -23.71
C SER G 615 -31.39 11.71 -23.29
N SER G 616 -31.53 12.00 -22.00
CA SER G 616 -31.09 13.26 -21.43
C SER G 616 -29.58 13.30 -21.30
N TRP G 617 -28.92 12.15 -21.31
CA TRP G 617 -27.48 12.11 -21.22
C TRP G 617 -27.03 12.30 -22.65
N SER G 618 -27.63 11.50 -23.52
CA SER G 618 -27.37 11.58 -24.95
C SER G 618 -28.54 11.11 -25.76
N ASN G 619 -28.95 11.92 -26.72
CA ASN G 619 -30.04 11.62 -27.60
C ASN G 619 -29.59 11.23 -28.98
N LYS G 620 -28.32 10.82 -29.09
CA LYS G 620 -27.78 10.37 -30.36
C LYS G 620 -28.18 8.92 -30.55
N SER G 621 -28.32 8.48 -31.79
CA SER G 621 -28.72 7.11 -32.07
C SER G 621 -27.61 6.12 -31.89
N HIS G 622 -27.95 4.84 -31.91
CA HIS G 622 -26.95 3.81 -31.72
C HIS G 622 -25.79 3.94 -32.68
N ASP G 623 -26.06 4.17 -33.96
CA ASP G 623 -24.96 4.27 -34.90
C ASP G 623 -24.34 5.64 -34.87
N GLU G 624 -25.12 6.69 -34.58
CA GLU G 624 -24.51 8.01 -34.52
C GLU G 624 -23.46 8.04 -33.43
N ILE G 625 -23.70 7.34 -32.34
CA ILE G 625 -22.73 7.30 -31.27
C ILE G 625 -21.57 6.36 -31.59
N TRP G 626 -21.87 5.12 -31.89
CA TRP G 626 -20.79 4.16 -32.02
C TRP G 626 -19.91 4.30 -33.25
N GLY G 627 -20.45 4.81 -34.35
CA GLY G 627 -19.64 4.95 -35.55
C GLY G 627 -19.19 6.38 -35.85
N ASN G 628 -19.46 7.34 -34.98
CA ASN G 628 -19.06 8.70 -35.35
C ASN G 628 -18.38 9.42 -34.20
N MET G 629 -17.95 8.66 -33.23
CA MET G 629 -17.30 9.22 -32.08
C MET G 629 -16.17 8.34 -31.65
N THR G 630 -15.15 8.96 -31.09
CA THR G 630 -14.05 8.25 -30.46
C THR G 630 -14.39 8.18 -28.99
N TRP G 631 -13.66 7.40 -28.22
CA TRP G 631 -14.01 7.33 -26.82
C TRP G 631 -13.79 8.61 -26.05
N MET G 632 -12.84 9.44 -26.46
CA MET G 632 -12.64 10.66 -25.71
C MET G 632 -13.76 11.63 -25.99
N GLN G 633 -14.28 11.60 -27.21
CA GLN G 633 -15.32 12.54 -27.54
C GLN G 633 -16.54 12.20 -26.74
N TRP G 634 -16.79 10.91 -26.62
CA TRP G 634 -17.90 10.42 -25.86
C TRP G 634 -17.74 10.78 -24.42
N ASP G 635 -16.54 10.55 -23.88
CA ASP G 635 -16.33 10.86 -22.49
C ASP G 635 -16.64 12.32 -22.21
N ARG G 636 -16.29 13.21 -23.13
CA ARG G 636 -16.65 14.59 -22.88
C ARG G 636 -18.16 14.81 -22.98
N GLU G 637 -18.83 14.21 -23.95
CA GLU G 637 -20.25 14.46 -24.15
C GLU G 637 -21.15 14.03 -23.01
N ILE G 638 -20.79 12.96 -22.32
CA ILE G 638 -21.59 12.50 -21.19
C ILE G 638 -20.83 12.53 -19.87
N GLY G 639 -19.74 13.28 -19.82
CA GLY G 639 -18.88 13.27 -18.66
C GLY G 639 -19.50 13.68 -17.33
N ASN G 640 -20.46 14.58 -17.35
CA ASN G 640 -21.03 15.05 -16.09
C ASN G 640 -22.15 14.16 -15.60
N TYR G 641 -22.34 13.03 -16.25
CA TYR G 641 -23.34 12.12 -15.76
C TYR G 641 -22.64 10.96 -15.12
N THR G 642 -21.32 11.05 -14.98
CA THR G 642 -20.57 9.94 -14.42
C THR G 642 -21.09 9.52 -13.06
N ASN G 643 -21.34 10.47 -12.19
CA ASN G 643 -21.79 10.10 -10.87
C ASN G 643 -23.20 9.57 -10.90
N THR G 644 -24.01 10.06 -11.83
CA THR G 644 -25.37 9.61 -11.92
C THR G 644 -25.41 8.17 -12.30
N ILE G 645 -24.61 7.80 -13.29
CA ILE G 645 -24.64 6.45 -13.75
C ILE G 645 -24.13 5.55 -12.67
N TYR G 646 -23.06 5.93 -12.00
CA TYR G 646 -22.52 5.07 -10.99
C TYR G 646 -23.54 4.84 -9.90
N ARG G 647 -24.28 5.87 -9.48
CA ARG G 647 -25.27 5.64 -8.44
C ARG G 647 -26.34 4.69 -8.91
N LEU G 648 -26.78 4.83 -10.15
CA LEU G 648 -27.83 3.96 -10.63
C LEU G 648 -27.35 2.52 -10.61
N LEU G 649 -26.09 2.31 -10.97
CA LEU G 649 -25.58 0.96 -10.98
C LEU G 649 -25.34 0.38 -9.59
N GLU G 650 -24.73 1.14 -8.68
CA GLU G 650 -24.40 0.55 -7.40
C GLU G 650 -25.49 0.56 -6.35
N ASP G 651 -26.30 1.60 -6.31
CA ASP G 651 -27.30 1.69 -5.27
C ASP G 651 -28.58 1.01 -5.63
N SER G 652 -28.86 0.92 -6.91
CA SER G 652 -30.12 0.37 -7.29
C SER G 652 -29.99 -0.93 -8.04
N GLN G 653 -29.44 -0.92 -9.22
CA GLN G 653 -29.54 -2.15 -9.98
C GLN G 653 -28.76 -3.31 -9.43
N ASN G 654 -27.61 -3.09 -8.82
CA ASN G 654 -26.91 -4.25 -8.32
C ASN G 654 -27.26 -4.58 -6.91
N GLN G 655 -28.29 -3.94 -6.40
CA GLN G 655 -28.76 -4.28 -5.08
C GLN G 655 -30.05 -5.00 -5.30
N GLN G 656 -30.91 -4.38 -6.11
CA GLN G 656 -32.21 -4.89 -6.42
C GLN G 656 -32.10 -6.23 -7.11
N GLU G 657 -31.13 -6.37 -8.02
CA GLU G 657 -30.92 -7.60 -8.74
C GLU G 657 -30.43 -8.74 -7.87
N GLN G 658 -30.01 -8.46 -6.64
CA GLN G 658 -29.62 -9.55 -5.78
C GLN G 658 -30.73 -9.80 -4.78
N ASN G 659 -31.29 -8.74 -4.24
CA ASN G 659 -32.25 -8.93 -3.17
C ASN G 659 -33.54 -9.57 -3.65
N GLU G 660 -33.95 -9.21 -4.86
CA GLU G 660 -35.19 -9.70 -5.41
C GLU G 660 -35.04 -11.06 -6.05
N LYS G 661 -33.84 -11.62 -6.04
CA LYS G 661 -33.71 -12.93 -6.63
C LYS G 661 -33.24 -13.94 -5.60
N ASP G 662 -32.26 -13.55 -4.77
CA ASP G 662 -31.68 -14.47 -3.82
C ASP G 662 -32.33 -14.49 -2.45
N LEU G 663 -32.93 -13.40 -1.96
CA LEU G 663 -33.43 -13.49 -0.60
C LEU G 663 -34.73 -14.29 -0.59
N LEU G 664 -35.31 -14.44 -1.77
CA LEU G 664 -36.55 -15.14 -1.96
C LEU G 664 -36.32 -16.63 -1.91
N ALA G 665 -35.06 -17.04 -1.96
CA ALA G 665 -34.70 -18.43 -1.95
C ALA G 665 -34.64 -18.97 -0.52
N CYS G 666 -34.76 -18.07 0.47
CA CYS G 666 -34.65 -18.42 1.88
C CYS G 666 -34.68 -19.93 2.11
N GLN H 23 -15.70 8.87 -56.81
CA GLN H 23 -14.89 7.93 -56.05
C GLN H 23 -15.04 6.52 -56.60
N SER H 24 -13.91 5.85 -56.81
CA SER H 24 -13.95 4.48 -57.30
C SER H 24 -12.72 3.71 -56.90
N LEU H 25 -12.79 2.39 -57.00
CA LEU H 25 -11.62 1.61 -56.71
C LEU H 25 -10.98 1.03 -57.95
N GLU H 26 -9.67 1.09 -57.97
CA GLU H 26 -8.90 0.47 -59.04
C GLU H 26 -8.22 -0.73 -58.46
N GLU H 27 -7.96 -1.74 -59.28
CA GLU H 27 -7.30 -2.91 -58.75
C GLU H 27 -6.35 -3.52 -59.76
N SER H 28 -5.15 -3.86 -59.31
CA SER H 28 -4.15 -4.46 -60.19
C SER H 28 -3.06 -5.26 -59.49
N GLY H 29 -2.26 -5.98 -60.28
CA GLY H 29 -1.13 -6.76 -59.76
C GLY H 29 -1.24 -8.26 -60.03
N GLY H 30 -2.37 -8.70 -60.57
CA GLY H 30 -2.53 -10.11 -60.87
C GLY H 30 -1.76 -10.45 -62.14
N ASP H 31 -1.20 -11.66 -62.20
CA ASP H 31 -0.48 -12.18 -63.36
C ASP H 31 -0.44 -13.69 -63.26
N LEU H 32 0.15 -14.37 -64.22
CA LEU H 32 0.28 -15.83 -64.11
C LEU H 32 1.59 -16.12 -63.42
N VAL H 33 1.50 -16.88 -62.34
CA VAL H 33 2.68 -17.21 -61.57
C VAL H 33 2.82 -18.71 -61.32
N LYS H 34 3.96 -19.14 -60.82
CA LYS H 34 4.15 -20.55 -60.50
C LYS H 34 3.10 -20.99 -59.45
N PRO H 35 2.53 -22.21 -59.50
CA PRO H 35 1.65 -22.72 -58.47
C PRO H 35 2.39 -22.64 -57.16
N GLY H 36 1.72 -22.18 -56.12
CA GLY H 36 2.36 -22.07 -54.81
C GLY H 36 3.13 -20.75 -54.63
N ALA H 37 3.10 -19.89 -55.65
CA ALA H 37 3.77 -18.59 -55.64
C ALA H 37 2.99 -17.58 -54.84
N SER H 38 3.68 -16.52 -54.42
CA SER H 38 3.05 -15.41 -53.70
C SER H 38 2.34 -14.42 -54.62
N LEU H 39 1.52 -13.58 -54.01
CA LEU H 39 0.75 -12.52 -54.68
C LEU H 39 0.58 -11.25 -53.87
N THR H 40 0.74 -10.10 -54.51
CA THR H 40 0.47 -8.83 -53.86
C THR H 40 -0.46 -7.95 -54.68
N LEU H 41 -1.78 -8.07 -54.49
CA LEU H 41 -2.69 -7.24 -55.30
C LEU H 41 -2.91 -5.93 -54.63
N THR H 42 -2.97 -4.86 -55.41
CA THR H 42 -3.20 -3.57 -54.81
C THR H 42 -4.51 -2.96 -55.22
N CYS H 43 -5.26 -2.53 -54.22
CA CYS H 43 -6.52 -1.84 -54.45
C CYS H 43 -6.39 -0.37 -54.06
N THR H 44 -6.73 0.51 -55.00
CA THR H 44 -6.54 1.95 -54.83
C THR H 44 -7.79 2.81 -54.77
N ALA H 45 -7.81 3.71 -53.78
CA ALA H 45 -8.87 4.66 -53.54
C ALA H 45 -8.79 5.84 -54.48
N SER H 46 -9.31 5.68 -55.68
CA SER H 46 -9.17 6.74 -56.63
C SER H 46 -10.16 7.85 -56.30
N GLY H 47 -9.61 9.03 -56.01
CA GLY H 47 -10.39 10.19 -55.64
C GLY H 47 -10.69 10.29 -54.14
N PHE H 48 -10.12 9.40 -53.32
CA PHE H 48 -10.42 9.45 -51.88
C PHE H 48 -9.39 8.77 -51.02
N SER H 49 -9.53 8.92 -49.71
CA SER H 49 -8.71 8.20 -48.76
C SER H 49 -9.67 7.42 -47.87
N PHE H 50 -9.17 6.42 -47.19
CA PHE H 50 -10.06 5.64 -46.34
C PHE H 50 -10.05 6.22 -44.92
N GLY H 51 -11.22 6.37 -44.31
CA GLY H 51 -11.31 6.94 -42.96
C GLY H 51 -12.13 6.12 -41.98
N TRP H 52 -12.80 6.79 -41.06
CA TRP H 52 -13.57 6.06 -40.07
C TRP H 52 -14.61 5.23 -40.72
N ASN H 53 -14.75 4.03 -40.21
CA ASN H 53 -15.71 3.05 -40.62
C ASN H 53 -15.50 2.53 -42.02
N ASP H 54 -14.36 2.81 -42.60
CA ASP H 54 -14.07 2.23 -43.89
C ASP H 54 -13.37 0.92 -43.74
N TYR H 55 -14.09 -0.11 -44.08
CA TYR H 55 -13.59 -1.45 -44.01
C TYR H 55 -13.19 -1.82 -45.40
N MET H 56 -11.91 -2.02 -45.56
CA MET H 56 -11.44 -2.30 -46.89
C MET H 56 -11.26 -3.78 -47.02
N SER H 57 -12.13 -4.39 -47.82
CA SER H 57 -12.24 -5.83 -47.92
C SER H 57 -11.90 -6.47 -49.25
N TRP H 58 -11.67 -7.77 -49.17
CA TRP H 58 -11.45 -8.60 -50.34
C TRP H 58 -12.37 -9.83 -50.34
N VAL H 59 -12.80 -10.21 -51.55
CA VAL H 59 -13.62 -11.41 -51.81
C VAL H 59 -13.11 -12.30 -52.98
N ARG H 60 -13.58 -13.56 -53.01
CA ARG H 60 -13.27 -14.53 -54.07
C ARG H 60 -14.49 -14.94 -54.90
N GLN H 61 -14.46 -14.67 -56.20
CA GLN H 61 -15.59 -15.01 -57.07
C GLN H 61 -15.35 -16.20 -57.99
N ALA H 62 -15.89 -17.35 -57.62
CA ALA H 62 -15.70 -18.57 -58.42
C ALA H 62 -16.80 -18.61 -59.47
N PRO H 63 -16.61 -19.23 -60.64
CA PRO H 63 -17.65 -19.42 -61.61
C PRO H 63 -18.77 -20.22 -60.97
N GLY H 64 -20.01 -19.77 -61.16
CA GLY H 64 -21.17 -20.49 -60.63
C GLY H 64 -21.46 -20.19 -59.16
N LYS H 65 -20.62 -19.37 -58.54
CA LYS H 65 -20.76 -19.06 -57.13
C LYS H 65 -20.93 -17.56 -56.92
N GLY H 66 -20.88 -17.17 -55.66
CA GLY H 66 -20.93 -15.78 -55.26
C GLY H 66 -19.56 -15.36 -54.78
N LEU H 67 -19.53 -14.52 -53.78
CA LEU H 67 -18.32 -13.96 -53.24
C LEU H 67 -17.92 -14.60 -51.93
N GLU H 68 -16.83 -15.34 -51.93
CA GLU H 68 -16.44 -15.94 -50.69
C GLU H 68 -15.60 -14.90 -49.97
N TRP H 69 -15.69 -14.83 -48.65
CA TRP H 69 -14.96 -13.82 -47.90
C TRP H 69 -13.49 -14.10 -47.67
N ILE H 70 -12.64 -13.10 -47.94
CA ILE H 70 -11.23 -13.20 -47.67
C ILE H 70 -10.92 -12.50 -46.36
N GLY H 71 -11.34 -11.24 -46.25
CA GLY H 71 -11.04 -10.44 -45.07
C GLY H 71 -11.03 -8.95 -45.34
N CYS H 72 -10.72 -8.16 -44.30
CA CYS H 72 -10.68 -6.71 -44.43
C CYS H 72 -9.83 -6.01 -43.38
N ILE H 73 -9.50 -4.75 -43.65
CA ILE H 73 -8.78 -3.94 -42.66
C ILE H 73 -9.54 -2.68 -42.29
N TYR H 74 -9.22 -2.12 -41.12
CA TYR H 74 -9.91 -0.92 -40.68
C TYR H 74 -9.11 0.37 -40.84
N ALA H 75 -9.55 1.27 -41.69
CA ALA H 75 -8.78 2.49 -41.85
C ALA H 75 -8.84 3.27 -40.53
N GLY H 76 -7.73 3.84 -40.10
CA GLY H 76 -7.67 4.58 -38.84
C GLY H 76 -7.03 3.72 -37.76
N SER H 77 -6.87 2.44 -38.03
CA SER H 77 -6.21 1.57 -37.09
C SER H 77 -5.34 0.58 -37.84
N THR H 78 -4.87 -0.41 -37.10
CA THR H 78 -3.98 -1.42 -37.65
C THR H 78 -4.57 -2.81 -37.58
N ARG H 79 -5.87 -2.89 -37.33
CA ARG H 79 -6.51 -4.19 -37.22
C ARG H 79 -6.78 -4.76 -38.60
N SER H 80 -6.46 -6.03 -38.76
CA SER H 80 -6.66 -6.76 -40.00
C SER H 80 -7.33 -8.07 -39.68
N THR H 81 -8.54 -8.22 -40.19
CA THR H 81 -9.39 -9.36 -39.89
C THR H 81 -9.53 -10.24 -41.11
N TYR H 82 -9.18 -11.50 -40.99
CA TYR H 82 -9.32 -12.32 -42.17
C TYR H 82 -9.71 -13.72 -41.85
N TYR H 83 -10.30 -14.38 -42.83
CA TYR H 83 -10.80 -15.70 -42.61
C TYR H 83 -9.72 -16.74 -42.74
N ALA H 84 -9.00 -16.90 -41.63
CA ALA H 84 -7.87 -17.81 -41.47
C ALA H 84 -8.32 -19.26 -41.68
N ASN H 85 -9.60 -19.50 -41.51
CA ASN H 85 -10.15 -20.82 -41.70
C ASN H 85 -10.08 -21.22 -43.18
N TRP H 86 -9.85 -20.24 -44.04
CA TRP H 86 -9.62 -20.41 -45.45
C TRP H 86 -8.12 -20.33 -45.70
N ALA H 87 -7.49 -19.30 -45.13
CA ALA H 87 -6.08 -19.05 -45.40
C ALA H 87 -5.18 -18.73 -44.19
N LYS H 88 -5.25 -19.50 -43.12
CA LYS H 88 -4.30 -19.25 -42.04
C LYS H 88 -2.90 -19.56 -42.58
N GLY H 89 -2.00 -18.58 -42.50
CA GLY H 89 -0.63 -18.74 -42.98
C GLY H 89 -0.50 -18.49 -44.48
N ARG H 90 -1.66 -18.26 -45.11
CA ARG H 90 -1.68 -18.05 -46.53
C ARG H 90 -2.07 -16.63 -46.85
N LEU H 91 -2.86 -16.03 -45.97
CA LEU H 91 -3.38 -14.68 -46.19
C LEU H 91 -3.01 -13.60 -45.20
N THR H 92 -2.53 -12.50 -45.74
CA THR H 92 -2.25 -11.28 -45.01
C THR H 92 -2.92 -10.10 -45.72
N ILE H 93 -3.62 -9.26 -44.99
CA ILE H 93 -4.17 -8.09 -45.66
C ILE H 93 -3.50 -6.92 -44.99
N SER H 94 -2.78 -6.15 -45.79
CA SER H 94 -1.99 -5.07 -45.23
C SER H 94 -2.35 -3.69 -45.73
N LYS H 95 -2.39 -2.76 -44.81
CA LYS H 95 -2.63 -1.36 -45.12
C LYS H 95 -1.34 -0.80 -45.69
N THR H 96 -1.40 0.06 -46.70
CA THR H 96 -0.16 0.65 -47.17
C THR H 96 -0.31 2.15 -47.01
N SER H 97 -0.74 2.80 -48.05
CA SER H 97 -0.96 4.23 -48.03
C SER H 97 -2.33 4.44 -47.42
N SER H 98 -2.67 5.68 -47.15
CA SER H 98 -4.00 5.99 -46.63
C SER H 98 -5.07 5.77 -47.69
N THR H 99 -4.62 5.57 -48.94
CA THR H 99 -5.42 5.35 -50.11
C THR H 99 -5.33 3.93 -50.66
N ALA H 100 -4.62 3.01 -49.99
CA ALA H 100 -4.50 1.69 -50.61
C ALA H 100 -4.29 0.54 -49.64
N VAL H 101 -4.68 -0.64 -50.13
CA VAL H 101 -4.49 -1.89 -49.42
C VAL H 101 -3.86 -2.96 -50.30
N THR H 102 -3.01 -3.78 -49.71
CA THR H 102 -2.43 -4.88 -50.45
C THR H 102 -2.95 -6.23 -49.96
N LEU H 103 -3.40 -7.06 -50.90
CA LEU H 103 -3.81 -8.40 -50.55
C LEU H 103 -2.61 -9.28 -50.75
N GLN H 104 -2.11 -9.86 -49.67
CA GLN H 104 -0.90 -10.63 -49.74
C GLN H 104 -1.12 -12.12 -49.55
N MET H 105 -0.77 -12.90 -50.58
CA MET H 105 -0.91 -14.34 -50.48
C MET H 105 0.47 -14.97 -50.45
N THR H 106 0.63 -16.02 -49.64
CA THR H 106 1.93 -16.68 -49.57
C THR H 106 2.03 -17.91 -50.48
N SER H 107 0.88 -18.46 -50.92
CA SER H 107 0.87 -19.64 -51.80
C SER H 107 -0.42 -19.74 -52.60
N LEU H 108 -0.37 -19.55 -53.92
CA LEU H 108 -1.62 -19.59 -54.69
C LEU H 108 -2.02 -20.92 -55.31
N THR H 109 -3.31 -21.25 -55.12
CA THR H 109 -3.96 -22.42 -55.68
C THR H 109 -5.26 -21.97 -56.38
N ALA H 110 -6.31 -21.78 -55.55
CA ALA H 110 -7.71 -21.45 -55.92
C ALA H 110 -7.83 -20.11 -56.64
N ALA H 111 -6.76 -19.34 -56.61
CA ALA H 111 -6.63 -18.05 -57.26
C ALA H 111 -6.84 -18.19 -58.76
N ASP H 112 -6.63 -19.43 -59.26
CA ASP H 112 -6.78 -19.77 -60.66
C ASP H 112 -8.22 -20.10 -61.03
N THR H 113 -9.10 -20.02 -60.06
CA THR H 113 -10.50 -20.32 -60.26
C THR H 113 -11.33 -19.10 -59.96
N ALA H 114 -11.19 -18.60 -58.76
CA ALA H 114 -11.98 -17.48 -58.33
C ALA H 114 -11.24 -16.20 -58.56
N THR H 115 -11.92 -15.16 -59.01
CA THR H 115 -11.24 -13.90 -59.17
C THR H 115 -11.26 -13.14 -57.88
N TYR H 116 -10.40 -12.18 -57.78
CA TYR H 116 -10.39 -11.37 -56.59
C TYR H 116 -11.00 -10.05 -56.87
N PHE H 117 -11.72 -9.55 -55.89
CA PHE H 117 -12.21 -8.18 -55.95
C PHE H 117 -11.93 -7.49 -54.65
N CYS H 118 -11.61 -6.21 -54.72
CA CYS H 118 -11.51 -5.42 -53.52
C CYS H 118 -12.78 -4.59 -53.38
N ALA H 119 -13.14 -4.21 -52.16
CA ALA H 119 -14.31 -3.37 -51.97
C ALA H 119 -14.26 -2.50 -50.73
N ARG H 120 -14.97 -1.38 -50.80
CA ARG H 120 -15.12 -0.48 -49.67
C ARG H 120 -16.48 -0.65 -49.06
N GLY H 121 -16.47 -1.15 -47.82
CA GLY H 121 -17.70 -1.39 -47.13
C GLY H 121 -17.77 -0.71 -45.78
N ALA H 122 -18.80 -1.06 -45.03
CA ALA H 122 -19.07 -0.50 -43.71
C ALA H 122 -19.91 -1.46 -42.90
N VAL H 123 -19.84 -1.30 -41.58
CA VAL H 123 -20.55 -2.14 -40.64
C VAL H 123 -21.29 -1.35 -39.60
N THR H 124 -22.17 -2.03 -38.91
CA THR H 124 -22.82 -1.49 -37.73
C THR H 124 -22.23 -2.19 -36.54
N TYR H 125 -21.88 -1.44 -35.52
CA TYR H 125 -21.26 -2.03 -34.34
C TYR H 125 -22.33 -2.40 -33.36
N ASP H 126 -22.14 -3.50 -32.63
CA ASP H 126 -23.12 -3.88 -31.62
C ASP H 126 -22.85 -3.30 -30.24
N GLY H 127 -21.62 -2.89 -29.98
CA GLY H 127 -21.23 -2.34 -28.68
C GLY H 127 -20.93 -3.48 -27.70
N LEU H 128 -20.98 -4.70 -28.19
CA LEU H 128 -20.76 -5.88 -27.40
C LEU H 128 -19.48 -6.59 -27.84
N GLY H 129 -18.66 -5.87 -28.62
CA GLY H 129 -17.39 -6.42 -29.08
C GLY H 129 -17.36 -6.87 -30.55
N GLY H 130 -18.37 -6.56 -31.35
CA GLY H 130 -18.34 -6.96 -32.75
C GLY H 130 -19.15 -6.05 -33.67
N ALA H 131 -19.26 -6.47 -34.92
CA ALA H 131 -19.98 -5.67 -35.90
C ALA H 131 -20.56 -6.48 -37.04
N TYR H 132 -21.58 -5.94 -37.70
CA TYR H 132 -22.19 -6.65 -38.82
C TYR H 132 -22.09 -5.87 -40.11
N LEU H 133 -21.97 -6.58 -41.21
CA LEU H 133 -21.87 -5.95 -42.51
C LEU H 133 -23.15 -5.27 -42.96
N LYS H 134 -22.98 -4.11 -43.59
CA LYS H 134 -24.11 -3.41 -44.19
C LYS H 134 -23.85 -3.00 -45.62
N HIS H 135 -22.74 -2.34 -45.83
CA HIS H 135 -22.47 -1.72 -47.10
C HIS H 135 -21.25 -2.27 -47.75
N PHE H 136 -21.31 -2.36 -49.06
CA PHE H 136 -20.23 -2.61 -49.99
C PHE H 136 -20.54 -1.74 -51.17
N ASN H 137 -20.14 -0.48 -51.08
CA ASN H 137 -20.60 0.47 -52.06
C ASN H 137 -19.63 0.65 -53.20
N LEU H 138 -18.33 0.54 -52.91
CA LEU H 138 -17.40 0.69 -54.01
C LEU H 138 -16.70 -0.60 -54.24
N TRP H 139 -16.58 -0.97 -55.48
CA TRP H 139 -15.91 -2.21 -55.84
C TRP H 139 -14.85 -1.96 -56.87
N GLY H 140 -13.75 -2.70 -56.79
CA GLY H 140 -12.73 -2.61 -57.82
C GLY H 140 -13.20 -3.50 -58.95
N PRO H 141 -12.57 -3.44 -60.13
CA PRO H 141 -12.88 -4.28 -61.28
C PRO H 141 -12.55 -5.75 -61.08
N GLY H 142 -11.63 -6.05 -60.18
CA GLY H 142 -11.24 -7.41 -59.90
C GLY H 142 -10.23 -7.98 -60.88
N THR H 143 -9.66 -9.13 -60.53
CA THR H 143 -8.71 -9.81 -61.41
C THR H 143 -8.54 -11.29 -61.08
N LEU H 144 -8.23 -12.12 -62.07
CA LEU H 144 -7.95 -13.53 -61.80
C LEU H 144 -6.47 -13.69 -61.65
N VAL H 145 -6.01 -14.49 -60.69
CA VAL H 145 -4.59 -14.66 -60.61
C VAL H 145 -4.29 -16.13 -60.73
N THR H 146 -3.96 -16.56 -61.91
CA THR H 146 -3.81 -17.98 -62.08
C THR H 146 -2.39 -18.43 -61.99
N VAL H 147 -2.25 -19.74 -62.06
CA VAL H 147 -0.94 -20.32 -61.96
C VAL H 147 -0.68 -21.37 -63.02
N SER H 148 0.60 -21.60 -63.29
CA SER H 148 1.10 -22.64 -64.20
C SER H 148 2.61 -22.50 -64.44
N ILE I 22 -19.89 -19.09 -42.02
CA ILE I 22 -21.26 -19.26 -41.54
C ILE I 22 -21.94 -20.43 -42.21
N LYS I 23 -23.02 -20.87 -41.61
CA LYS I 23 -23.80 -21.89 -42.24
C LYS I 23 -25.06 -21.30 -42.89
N MET I 24 -25.10 -21.37 -44.22
CA MET I 24 -26.25 -20.87 -44.97
C MET I 24 -26.48 -21.68 -46.21
N THR I 25 -27.73 -21.70 -46.64
CA THR I 25 -28.21 -22.32 -47.86
C THR I 25 -29.11 -21.32 -48.59
N GLN I 26 -29.57 -21.70 -49.76
CA GLN I 26 -30.46 -20.86 -50.55
C GLN I 26 -31.34 -21.73 -51.41
N THR I 27 -32.41 -21.16 -51.90
CA THR I 27 -33.24 -21.83 -52.88
C THR I 27 -33.97 -20.78 -53.70
N PRO I 28 -34.18 -21.00 -54.98
CA PRO I 28 -33.76 -22.04 -55.91
C PRO I 28 -32.33 -21.76 -56.37
N SER I 29 -31.84 -22.56 -57.33
CA SER I 29 -30.55 -22.27 -57.98
C SER I 29 -30.73 -21.26 -59.16
N SER I 30 -31.95 -21.18 -59.69
CA SER I 30 -32.24 -20.26 -60.79
C SER I 30 -33.69 -19.86 -60.72
N VAL I 31 -33.99 -18.72 -61.31
CA VAL I 31 -35.34 -18.20 -61.36
C VAL I 31 -35.79 -17.71 -62.73
N SER I 32 -37.09 -17.63 -62.89
CA SER I 32 -37.67 -17.11 -64.10
C SER I 32 -38.97 -16.45 -63.76
N ALA I 33 -39.42 -15.63 -64.69
CA ALA I 33 -40.70 -14.93 -64.56
C ALA I 33 -41.15 -14.41 -65.89
N ALA I 34 -42.42 -14.04 -65.96
CA ALA I 34 -42.89 -13.34 -67.15
C ALA I 34 -42.39 -11.93 -67.05
N VAL I 35 -42.10 -11.31 -68.17
CA VAL I 35 -41.65 -9.93 -68.05
C VAL I 35 -42.81 -9.12 -67.49
N GLY I 36 -42.51 -8.27 -66.52
CA GLY I 36 -43.49 -7.42 -65.87
C GLY I 36 -44.12 -8.11 -64.64
N GLY I 37 -43.75 -9.35 -64.39
CA GLY I 37 -44.27 -10.14 -63.29
C GLY I 37 -43.32 -10.12 -62.10
N THR I 38 -43.31 -11.24 -61.34
CA THR I 38 -42.48 -11.27 -60.15
C THR I 38 -41.54 -12.46 -60.09
N VAL I 39 -40.46 -12.26 -59.34
CA VAL I 39 -39.41 -13.22 -59.04
C VAL I 39 -39.11 -13.34 -57.57
N THR I 40 -39.00 -14.57 -57.04
CA THR I 40 -38.64 -14.69 -55.62
C THR I 40 -37.37 -15.51 -55.41
N VAL I 41 -36.45 -14.94 -54.66
CA VAL I 41 -35.18 -15.56 -54.32
C VAL I 41 -35.12 -15.75 -52.81
N ASN I 42 -34.89 -16.98 -52.35
CA ASN I 42 -34.88 -17.25 -50.91
C ASN I 42 -33.52 -17.55 -50.31
N CYS I 43 -33.19 -16.78 -49.30
CA CYS I 43 -31.96 -16.97 -48.55
C CYS I 43 -32.29 -17.75 -47.30
N ARG I 44 -31.68 -18.92 -47.14
CA ARG I 44 -32.04 -19.76 -46.02
C ARG I 44 -30.85 -20.09 -45.17
N ALA I 45 -30.65 -19.29 -44.15
CA ALA I 45 -29.51 -19.41 -43.30
C ALA I 45 -29.72 -20.59 -42.41
N SER I 46 -28.65 -21.21 -41.94
CA SER I 46 -28.90 -22.20 -40.90
C SER I 46 -28.90 -21.42 -39.60
N GLU I 47 -28.10 -20.36 -39.60
CA GLU I 47 -27.93 -19.48 -38.45
C GLU I 47 -29.05 -18.45 -38.32
N ASP I 48 -29.42 -18.15 -37.08
CA ASP I 48 -30.46 -17.17 -36.77
C ASP I 48 -29.89 -15.74 -36.75
N ILE I 49 -30.29 -14.95 -37.75
CA ILE I 49 -29.75 -13.62 -37.93
C ILE I 49 -30.76 -12.51 -37.70
N GLU I 50 -30.42 -11.61 -36.79
CA GLU I 50 -31.30 -10.51 -36.42
C GLU I 50 -31.27 -9.32 -37.38
N SER I 51 -31.82 -9.56 -38.55
CA SER I 51 -31.93 -8.60 -39.65
C SER I 51 -30.63 -7.94 -40.11
N TYR I 52 -29.58 -8.73 -40.28
CA TYR I 52 -28.28 -8.25 -40.74
C TYR I 52 -27.83 -8.74 -42.11
N LEU I 53 -28.75 -9.05 -42.99
CA LEU I 53 -28.34 -9.57 -44.29
C LEU I 53 -28.59 -8.56 -45.39
N ALA I 54 -27.98 -8.81 -46.53
CA ALA I 54 -28.16 -7.88 -47.64
C ALA I 54 -28.29 -8.58 -48.98
N TRP I 55 -29.01 -7.94 -49.88
CA TRP I 55 -29.18 -8.51 -51.21
C TRP I 55 -28.37 -7.77 -52.22
N TYR I 56 -27.76 -8.53 -53.12
CA TYR I 56 -26.95 -8.03 -54.23
C TYR I 56 -27.37 -8.51 -55.62
N GLN I 57 -27.13 -7.66 -56.61
CA GLN I 57 -27.37 -7.97 -58.01
C GLN I 57 -26.11 -8.02 -58.84
N GLN I 58 -25.74 -9.18 -59.37
CA GLN I 58 -24.51 -9.22 -60.14
C GLN I 58 -24.70 -9.44 -61.60
N LYS I 59 -24.44 -8.39 -62.37
CA LYS I 59 -24.56 -8.48 -63.80
C LYS I 59 -23.28 -9.18 -64.25
N PRO I 60 -23.26 -9.95 -65.32
CA PRO I 60 -22.07 -10.62 -65.79
C PRO I 60 -20.92 -9.66 -66.00
N GLY I 61 -19.75 -10.03 -65.50
CA GLY I 61 -18.54 -9.24 -65.63
C GLY I 61 -18.40 -8.15 -64.57
N GLN I 62 -19.41 -8.00 -63.72
CA GLN I 62 -19.40 -6.95 -62.71
C GLN I 62 -19.25 -7.50 -61.29
N PRO I 63 -18.79 -6.67 -60.34
CA PRO I 63 -18.90 -6.92 -58.92
C PRO I 63 -20.40 -6.86 -58.70
N PRO I 64 -20.98 -7.52 -57.70
CA PRO I 64 -22.38 -7.38 -57.36
C PRO I 64 -22.73 -5.98 -56.88
N LYS I 65 -23.90 -5.48 -57.25
CA LYS I 65 -24.37 -4.20 -56.76
C LYS I 65 -25.28 -4.38 -55.57
N LEU I 66 -25.10 -3.58 -54.54
CA LEU I 66 -26.00 -3.70 -53.39
C LEU I 66 -27.39 -3.23 -53.69
N LEU I 67 -28.37 -4.06 -53.35
CA LEU I 67 -29.76 -3.75 -53.55
C LEU I 67 -30.49 -3.39 -52.27
N ILE I 68 -30.34 -4.26 -51.27
CA ILE I 68 -31.06 -4.14 -50.00
C ILE I 68 -30.21 -4.25 -48.74
N TYR I 69 -30.44 -3.36 -47.77
CA TYR I 69 -29.76 -3.39 -46.47
C TYR I 69 -30.63 -3.97 -45.36
N ASP I 70 -30.00 -4.64 -44.42
CA ASP I 70 -30.68 -5.09 -43.21
C ASP I 70 -31.93 -5.89 -43.55
N THR I 71 -31.83 -6.70 -44.58
CA THR I 71 -32.86 -7.58 -45.15
C THR I 71 -34.05 -6.88 -45.85
N SER I 72 -34.23 -5.56 -45.70
CA SER I 72 -35.43 -4.93 -46.31
C SER I 72 -35.32 -3.46 -46.77
N LYS I 73 -34.24 -2.76 -46.45
CA LYS I 73 -34.12 -1.35 -46.80
C LYS I 73 -33.54 -1.14 -48.18
N LEU I 74 -34.26 -0.41 -49.01
CA LEU I 74 -33.78 -0.21 -50.37
C LEU I 74 -32.53 0.65 -50.40
N ALA I 75 -31.51 0.20 -51.13
CA ALA I 75 -30.28 0.93 -51.27
C ALA I 75 -30.43 2.07 -52.27
N SER I 76 -29.69 3.15 -52.07
CA SER I 76 -29.76 4.25 -53.00
C SER I 76 -29.29 3.83 -54.38
N GLY I 77 -30.00 4.30 -55.41
CA GLY I 77 -29.65 4.00 -56.78
C GLY I 77 -30.30 2.72 -57.29
N VAL I 78 -31.05 2.06 -56.42
CA VAL I 78 -31.71 0.82 -56.75
C VAL I 78 -33.21 1.10 -56.82
N PRO I 79 -33.93 0.65 -57.85
CA PRO I 79 -35.34 0.86 -58.03
C PRO I 79 -36.17 0.08 -57.03
N SER I 80 -37.40 0.54 -56.84
CA SER I 80 -38.43 0.00 -55.96
C SER I 80 -38.84 -1.41 -56.32
N ARG I 81 -38.41 -1.86 -57.49
CA ARG I 81 -38.66 -3.20 -57.98
C ARG I 81 -38.11 -4.22 -57.01
N PHE I 82 -37.05 -3.86 -56.29
CA PHE I 82 -36.43 -4.81 -55.38
C PHE I 82 -36.86 -4.59 -53.94
N LYS I 83 -37.68 -5.49 -53.42
CA LYS I 83 -38.21 -5.39 -52.07
C LYS I 83 -38.01 -6.72 -51.35
N GLY I 84 -38.02 -6.73 -50.03
CA GLY I 84 -37.89 -8.02 -49.38
C GLY I 84 -38.04 -7.94 -47.90
N SER I 85 -37.98 -9.11 -47.27
CA SER I 85 -38.14 -9.24 -45.82
C SER I 85 -37.73 -10.59 -45.28
N GLY I 86 -37.88 -10.74 -43.97
CA GLY I 86 -37.61 -12.00 -43.31
C GLY I 86 -37.11 -11.84 -41.89
N SER I 87 -36.84 -12.98 -41.28
CA SER I 87 -36.37 -13.05 -39.91
C SER I 87 -35.73 -14.39 -39.65
N GLY I 88 -34.97 -14.50 -38.56
CA GLY I 88 -34.47 -15.82 -38.22
C GLY I 88 -33.56 -16.32 -39.33
N THR I 89 -33.96 -17.40 -39.93
CA THR I 89 -33.20 -18.03 -40.99
C THR I 89 -33.75 -17.79 -42.39
N GLN I 90 -34.98 -17.33 -42.51
CA GLN I 90 -35.61 -17.19 -43.82
C GLN I 90 -35.86 -15.79 -44.28
N PHE I 91 -35.16 -15.44 -45.36
CA PHE I 91 -35.25 -14.11 -45.91
C PHE I 91 -35.51 -14.20 -47.40
N ALA I 92 -36.21 -13.24 -47.96
CA ALA I 92 -36.40 -13.33 -49.39
C ALA I 92 -36.47 -12.01 -50.08
N LEU I 93 -36.01 -12.06 -51.32
CA LEU I 93 -36.04 -10.97 -52.26
C LEU I 93 -37.13 -11.18 -53.25
N THR I 94 -38.00 -10.20 -53.36
CA THR I 94 -39.07 -10.25 -54.34
C THR I 94 -38.81 -9.16 -55.33
N ILE I 95 -38.80 -9.51 -56.60
CA ILE I 95 -38.56 -8.49 -57.57
C ILE I 95 -39.90 -8.34 -58.27
N SER I 96 -40.42 -7.13 -58.41
CA SER I 96 -41.73 -6.94 -59.04
C SER I 96 -41.75 -5.92 -60.18
N GLY I 97 -42.38 -6.28 -61.32
CA GLY I 97 -42.37 -5.41 -62.48
C GLY I 97 -41.03 -5.68 -63.13
N VAL I 98 -40.67 -6.95 -63.03
CA VAL I 98 -39.42 -7.53 -63.43
C VAL I 98 -39.04 -7.53 -64.89
N GLN I 99 -37.80 -7.15 -65.12
CA GLN I 99 -37.16 -7.17 -66.40
C GLN I 99 -35.88 -7.93 -66.11
N CYS I 100 -35.32 -8.62 -67.10
CA CYS I 100 -34.07 -9.31 -66.84
C CYS I 100 -33.04 -8.70 -67.74
N ASP I 101 -33.22 -7.42 -68.05
CA ASP I 101 -32.32 -6.71 -68.94
C ASP I 101 -30.91 -6.74 -68.41
N ASP I 102 -30.80 -6.77 -67.09
CA ASP I 102 -29.54 -6.82 -66.39
C ASP I 102 -28.89 -8.22 -66.45
N ALA I 103 -29.71 -9.26 -66.67
CA ALA I 103 -29.28 -10.66 -66.72
C ALA I 103 -28.42 -11.01 -65.51
N ALA I 104 -28.83 -10.56 -64.35
CA ALA I 104 -28.08 -10.73 -63.13
C ALA I 104 -28.42 -11.97 -62.34
N THR I 105 -27.44 -12.35 -61.54
CA THR I 105 -27.61 -13.37 -60.53
C THR I 105 -27.87 -12.64 -59.22
N TYR I 106 -28.90 -13.03 -58.52
CA TYR I 106 -29.20 -12.35 -57.27
C TYR I 106 -28.65 -13.12 -56.10
N TYR I 107 -28.01 -12.42 -55.18
CA TYR I 107 -27.34 -13.01 -54.04
C TYR I 107 -27.66 -12.51 -52.66
N CYS I 108 -27.54 -13.41 -51.71
CA CYS I 108 -27.68 -13.10 -50.29
C CYS I 108 -26.32 -13.04 -49.59
N LEU I 109 -26.10 -11.93 -48.86
CA LEU I 109 -24.87 -11.63 -48.09
C LEU I 109 -25.08 -11.53 -46.59
N TYR I 110 -24.12 -12.06 -45.81
CA TYR I 110 -24.11 -11.90 -44.35
C TYR I 110 -22.72 -12.01 -43.74
N GLY I 111 -22.47 -11.25 -42.67
CA GLY I 111 -21.24 -11.47 -41.95
C GLY I 111 -21.07 -10.64 -40.69
N TYR I 112 -20.41 -11.27 -39.72
CA TYR I 112 -20.13 -10.73 -38.40
C TYR I 112 -18.67 -10.79 -37.95
N ILE I 113 -18.21 -9.67 -37.46
CA ILE I 113 -16.86 -9.47 -36.97
C ILE I 113 -16.80 -9.54 -35.47
N SER I 114 -15.88 -10.34 -34.96
CA SER I 114 -15.63 -10.42 -33.52
C SER I 114 -14.16 -10.71 -33.43
N SER I 115 -13.56 -10.60 -32.26
CA SER I 115 -12.16 -10.95 -32.16
C SER I 115 -11.93 -12.46 -32.03
N ASP I 116 -12.93 -13.21 -31.56
CA ASP I 116 -12.77 -14.66 -31.41
C ASP I 116 -13.15 -15.44 -32.66
N ARG I 117 -14.12 -14.96 -33.41
CA ARG I 117 -14.56 -15.69 -34.59
C ARG I 117 -14.92 -14.78 -35.75
N ILE I 118 -14.69 -15.27 -36.96
CA ILE I 118 -15.06 -14.53 -38.14
C ILE I 118 -16.16 -15.28 -38.85
N ASP I 119 -17.38 -14.75 -38.79
CA ASP I 119 -18.54 -15.43 -39.34
C ASP I 119 -19.00 -14.79 -40.63
N PHE I 120 -18.54 -15.28 -41.78
CA PHE I 120 -18.89 -14.65 -43.07
C PHE I 120 -19.30 -15.57 -44.18
N GLY I 121 -20.16 -15.07 -45.06
CA GLY I 121 -20.49 -15.83 -46.25
C GLY I 121 -21.43 -15.09 -47.20
N PHE I 122 -21.71 -15.77 -48.29
CA PHE I 122 -22.50 -15.23 -49.37
C PHE I 122 -23.04 -16.46 -50.12
N GLY I 123 -24.23 -16.38 -50.67
CA GLY I 123 -24.78 -17.54 -51.38
C GLY I 123 -24.27 -17.68 -52.82
N GLY I 124 -24.80 -18.70 -53.54
CA GLY I 124 -24.43 -18.96 -54.94
C GLY I 124 -25.28 -18.08 -55.84
N GLY I 125 -26.40 -17.67 -55.29
CA GLY I 125 -27.35 -16.78 -55.91
C GLY I 125 -28.23 -17.49 -56.90
N THR I 126 -29.17 -16.76 -57.48
CA THR I 126 -30.05 -17.31 -58.50
C THR I 126 -29.98 -16.53 -59.78
N GLU I 127 -29.83 -17.25 -60.89
CA GLU I 127 -29.78 -16.56 -62.19
C GLU I 127 -31.16 -16.25 -62.72
N LEU I 128 -31.42 -15.00 -63.10
CA LEU I 128 -32.75 -14.65 -63.61
C LEU I 128 -32.93 -14.36 -65.09
N VAL I 129 -33.88 -15.07 -65.69
CA VAL I 129 -34.30 -14.86 -67.08
C VAL I 129 -35.83 -14.65 -67.15
N VAL I 130 -36.29 -13.59 -67.82
CA VAL I 130 -37.73 -13.41 -67.93
C VAL I 130 -38.15 -13.18 -69.36
N LYS I 131 -39.43 -13.40 -69.58
CA LYS I 131 -40.11 -13.18 -70.84
C LYS I 131 -41.55 -13.64 -70.73
C1 NAG J . 13.15 -39.28 0.11
C2 NAG J . 12.03 -40.31 0.00
C3 NAG J . 12.45 -41.46 -0.83
C4 NAG J . 12.77 -40.94 -2.23
C5 NAG J . 13.91 -39.95 -2.07
C6 NAG J . 14.27 -39.35 -3.39
C7 NAG J . 10.54 -40.42 1.88
C8 NAG J . 10.28 -40.94 3.25
N2 NAG J . 11.66 -40.78 1.32
O3 NAG J . 11.39 -42.45 -0.83
O4 NAG J . 13.18 -41.97 -3.14
O5 NAG J . 13.50 -38.88 -1.24
O6 NAG J . 14.91 -40.28 -4.24
O7 NAG J . 9.75 -39.70 1.29
C1 NAG J . 12.06 -42.76 -3.71
C2 NAG J . 12.28 -42.95 -5.20
C3 NAG J . 11.17 -43.76 -5.77
C4 NAG J . 11.21 -45.11 -5.05
C5 NAG J . 10.93 -44.88 -3.57
C6 NAG J . 10.99 -46.13 -2.74
C7 NAG J . 13.29 -41.24 -6.55
C8 NAG J . 13.20 -39.88 -7.16
N2 NAG J . 12.28 -41.65 -5.83
O3 NAG J . 11.32 -43.85 -7.20
O4 NAG J . 10.28 -46.03 -5.65
O5 NAG J . 11.99 -44.05 -3.05
O6 NAG J . 12.28 -46.71 -2.63
O7 NAG J . 14.28 -41.96 -6.71
C1 BMA J . 10.92 -47.31 -6.05
C2 BMA J . 9.87 -48.41 -5.98
C3 BMA J . 10.47 -49.72 -6.34
C4 BMA J . 10.97 -49.61 -7.77
C5 BMA J . 12.04 -48.47 -7.85
C6 BMA J . 12.50 -48.25 -9.35
O2 BMA J . 8.91 -48.12 -6.86
O3 BMA J . 9.46 -50.77 -6.25
O4 BMA J . 11.51 -50.83 -8.12
O5 BMA J . 11.42 -47.24 -7.42
O6 BMA J . 11.39 -48.31 -10.34
C1 MAN J . 9.72 -51.78 -5.20
C2 MAN J . 9.40 -53.17 -5.76
C3 MAN J . 7.97 -53.33 -6.10
C4 MAN J . 7.20 -53.12 -4.82
C5 MAN J . 7.50 -51.70 -4.28
C6 MAN J . 6.67 -51.45 -2.98
O2 MAN J . 9.73 -54.06 -4.83
O3 MAN J . 7.76 -54.66 -6.63
O4 MAN J . 5.83 -53.26 -5.02
O5 MAN J . 8.91 -51.58 -4.01
O6 MAN J . 5.23 -51.72 -3.15
C1 MAN J . 11.87 -48.59 -11.69
C2 MAN J . 10.96 -47.88 -12.70
C3 MAN J . 9.56 -48.40 -12.65
C4 MAN J . 9.63 -49.87 -12.98
C5 MAN J . 10.55 -50.59 -11.95
C6 MAN J . 10.68 -52.12 -12.31
O2 MAN J . 11.45 -48.11 -13.92
O3 MAN J . 8.75 -47.70 -13.62
O4 MAN J . 8.35 -50.41 -12.93
O5 MAN J . 11.88 -50.02 -12.02
O6 MAN J . 9.42 -52.74 -12.72
C1 NAG K . 48.25 15.62 37.49
C2 NAG K . 48.37 14.98 38.85
C3 NAG K . 47.65 15.87 39.80
C4 NAG K . 48.22 17.28 39.83
C5 NAG K . 48.09 17.82 38.39
C6 NAG K . 48.76 19.13 38.14
C7 NAG K . 48.19 12.58 39.25
C8 NAG K . 47.28 11.38 39.15
N2 NAG K . 47.69 13.70 38.80
O3 NAG K . 47.71 15.27 41.11
O4 NAG K . 47.38 18.02 40.73
O5 NAG K . 48.78 16.96 37.49
O6 NAG K . 49.50 19.17 36.92
O7 NAG K . 49.33 12.47 39.69
C1 NAG K . 48.12 18.93 41.62
C2 NAG K . 47.10 19.89 42.25
C3 NAG K . 47.75 20.92 43.11
C4 NAG K . 48.47 20.12 44.19
C5 NAG K . 49.48 19.17 43.57
C6 NAG K . 50.15 18.39 44.66
C7 NAG K . 46.77 21.29 40.26
C8 NAG K . 45.78 21.81 39.27
N2 NAG K . 46.29 20.51 41.21
O3 NAG K . 46.74 21.80 43.65
O4 NAG K . 49.12 20.99 45.09
O5 NAG K . 48.81 18.23 42.70
O6 NAG K . 50.38 19.17 45.83
O7 NAG K . 47.96 21.60 40.18
C1 NAG L . 47.02 28.72 28.38
C2 NAG L . 48.28 27.95 27.98
C3 NAG L . 49.42 28.51 28.74
C4 NAG L . 49.59 29.99 28.41
C5 NAG L . 48.29 30.69 28.80
C6 NAG L . 48.25 32.15 28.42
C7 NAG L . 48.53 25.57 27.62
C8 NAG L . 48.16 24.20 28.09
N2 NAG L . 48.09 26.57 28.35
O3 NAG L . 50.61 27.76 28.41
O4 NAG L . 50.68 30.44 29.23
O5 NAG L . 47.19 30.13 28.08
O6 NAG L . 48.77 33.04 29.38
O7 NAG L . 49.20 25.77 26.60
C1 NAG L . 51.64 31.31 28.53
C2 NAG L . 52.72 31.72 29.53
C3 NAG L . 53.67 32.66 28.89
C4 NAG L . 54.29 31.94 27.70
C5 NAG L . 53.20 31.53 26.73
C6 NAG L . 53.79 30.77 25.57
C7 NAG L . 51.97 31.80 31.82
C8 NAG L . 51.32 32.60 32.91
N2 NAG L . 52.11 32.38 30.66
O3 NAG L . 54.67 33.05 29.86
O4 NAG L . 55.22 32.82 27.07
O5 NAG L . 52.28 30.65 27.39
O6 NAG L . 54.98 31.32 25.05
O7 NAG L . 52.37 30.65 32.03
C1 NAG M . 47.54 12.11 11.99
C2 NAG M . 47.83 11.73 10.53
C3 NAG M . 48.26 10.32 10.44
C4 NAG M . 49.53 10.15 11.26
C5 NAG M . 49.18 10.53 12.70
C6 NAG M . 50.36 10.47 13.65
C7 NAG M . 46.41 12.97 9.06
C8 NAG M . 45.06 13.11 8.44
N2 NAG M . 46.62 11.90 9.77
O3 NAG M . 48.49 9.98 9.05
O4 NAG M . 49.95 8.78 11.18
O5 NAG M . 48.74 11.90 12.77
O6 NAG M . 51.45 11.31 13.31
O7 NAG M . 47.29 13.82 8.91
C1 NAG M . 51.38 8.63 10.86
C2 NAG M . 51.82 7.22 11.25
C3 NAG M . 53.26 7.04 10.99
C4 NAG M . 53.49 7.27 9.50
C5 NAG M . 53.05 8.68 9.13
C6 NAG M . 53.20 8.90 7.66
C7 NAG M . 50.87 6.02 13.12
C8 NAG M . 50.66 5.98 14.59
N2 NAG M . 51.57 7.03 12.66
O3 NAG M . 53.65 5.70 11.40
O4 NAG M . 54.86 7.10 9.21
O5 NAG M . 51.65 8.83 9.43
O6 NAG M . 54.22 8.11 7.05
O7 NAG M . 50.42 5.16 12.36
C1 NAG N . 25.27 -33.19 6.03
C2 NAG N . 26.72 -32.96 5.54
C3 NAG N . 27.06 -34.17 4.73
C4 NAG N . 27.02 -35.43 5.61
C5 NAG N . 25.61 -35.53 6.15
C6 NAG N . 25.42 -36.57 7.21
C7 NAG N . 28.08 -31.18 4.61
C8 NAG N . 28.27 -29.98 3.72
N2 NAG N . 26.88 -31.75 4.71
O3 NAG N . 28.35 -33.99 4.11
O4 NAG N . 27.22 -36.59 4.80
O5 NAG N . 25.23 -34.37 6.86
O6 NAG N . 24.37 -36.26 8.11
O7 NAG N . 29.03 -31.64 5.23
C1 NAG N . 28.63 -36.95 4.56
C2 NAG N . 28.77 -38.45 4.77
C3 NAG N . 30.17 -38.87 4.53
C4 NAG N . 30.51 -38.50 3.09
C5 NAG N . 30.36 -37.00 2.89
C6 NAG N . 30.62 -36.63 1.45
C7 NAG N . 27.54 -39.66 6.47
C8 NAG N . 27.24 -39.82 7.92
N2 NAG N . 28.41 -38.73 6.14
O3 NAG N . 30.28 -40.29 4.76
O4 NAG N . 31.84 -38.90 2.81
O5 NAG N . 29.01 -36.62 3.19
O6 NAG N . 31.58 -37.45 0.81
O7 NAG N . 27.00 -40.36 5.61
C1 NAG O . 32.21 -28.62 2.57
C2 NAG O . 33.53 -28.30 1.88
C3 NAG O . 33.30 -28.40 0.43
C4 NAG O . 32.85 -29.81 0.08
C5 NAG O . 31.54 -30.09 0.83
C6 NAG O . 31.03 -31.50 0.68
C7 NAG O . 34.88 -26.69 3.04
C8 NAG O . 35.13 -25.25 3.36
N2 NAG O . 33.91 -26.94 2.21
O3 NAG O . 34.53 -28.07 -0.27
O4 NAG O . 32.60 -29.76 -1.33
O5 NAG O . 31.77 -29.95 2.25
O6 NAG O . 31.99 -32.52 0.91
O7 NAG O . 35.55 -27.59 3.53
C1 NAG O . 33.14 -30.91 -2.05
C2 NAG O . 32.38 -31.00 -3.38
C3 NAG O . 32.85 -32.18 -4.14
C4 NAG O . 34.35 -31.99 -4.38
C5 NAG O . 35.08 -31.90 -3.04
C6 NAG O . 36.55 -31.65 -3.26
C7 NAG O . 30.16 -30.11 -2.99
C8 NAG O . 28.72 -30.39 -2.69
N2 NAG O . 30.96 -31.15 -3.13
O3 NAG O . 32.11 -32.28 -5.39
O4 NAG O . 34.85 -33.09 -5.13
O5 NAG O . 34.57 -30.77 -2.31
O6 NAG O . 37.10 -32.30 -4.39
O7 NAG O . 30.58 -28.95 -3.09
C1 NAG P . 17.15 -33.23 11.95
C2 NAG P . 17.61 -34.22 13.02
C3 NAG P . 16.50 -34.41 14.00
C4 NAG P . 16.22 -33.06 14.64
C5 NAG P . 15.82 -32.09 13.54
C6 NAG P . 15.69 -30.70 14.11
C7 NAG P . 19.22 -35.83 12.25
C8 NAG P . 19.48 -37.14 11.60
N2 NAG P . 17.96 -35.48 12.41
O3 NAG P . 16.89 -35.38 15.00
O4 NAG P . 15.09 -33.15 15.52
O5 NAG P . 16.86 -31.97 12.57
O6 NAG P . 16.84 -30.24 14.81
O7 NAG P . 20.14 -35.09 12.62
C1 NAG P . 15.43 -32.97 16.94
C2 NAG P . 14.18 -32.50 17.68
C3 NAG P . 14.47 -32.36 19.13
C4 NAG P . 14.91 -33.72 19.65
C5 NAG P . 16.18 -34.15 18.91
C6 NAG P . 16.58 -35.53 19.35
C7 NAG P . 12.62 -30.97 16.61
C8 NAG P . 12.35 -29.57 16.15
N2 NAG P . 13.79 -31.20 17.19
O3 NAG P . 13.28 -31.89 19.81
O4 NAG P . 15.17 -33.64 21.03
O5 NAG P . 15.88 -34.24 17.51
O6 NAG P . 16.16 -35.89 20.66
O7 NAG P . 11.81 -31.89 16.44
C1 NAG Q . 29.41 -12.39 27.79
C2 NAG Q . 29.85 -10.93 27.74
C3 NAG Q . 30.16 -10.45 29.11
C4 NAG Q . 28.91 -10.54 29.95
C5 NAG Q . 28.51 -12.02 29.96
C6 NAG Q . 27.24 -12.29 30.74
C7 NAG Q . 31.29 -9.71 26.28
C8 NAG Q . 32.55 -9.70 25.50
N2 NAG Q . 31.02 -10.80 26.92
O3 NAG Q . 30.69 -9.11 29.07
O4 NAG Q . 29.26 -10.09 31.27
O5 NAG Q . 28.23 -12.48 28.63
O6 NAG Q . 26.13 -11.47 30.41
O7 NAG Q . 30.55 -8.73 26.34
C1 NAG Q . 28.27 -9.16 31.83
C2 NAG Q . 28.54 -9.01 33.32
C3 NAG Q . 27.50 -8.17 33.95
C4 NAG Q . 27.57 -6.80 33.29
C5 NAG Q . 27.33 -6.98 31.79
C6 NAG Q . 27.49 -5.68 31.07
C7 NAG Q . 29.71 -10.94 34.14
C8 NAG Q . 29.66 -12.30 34.74
N2 NAG Q . 28.57 -10.31 33.95
O3 NAG Q . 27.75 -8.12 35.37
O4 NAG Q . 26.50 -5.98 33.79
O5 NAG Q . 28.31 -7.85 31.22
O6 NAG Q . 27.15 -5.71 29.69
O7 NAG Q . 30.76 -10.40 33.81
C1 BMA Q . 26.92 -4.96 34.75
C2 BMA Q . 25.87 -3.86 34.74
C3 BMA Q . 26.21 -2.78 35.70
C4 BMA Q . 26.27 -3.43 37.06
C5 BMA Q . 27.36 -4.55 37.08
C6 BMA Q . 27.33 -5.30 38.47
O2 BMA Q . 24.71 -4.42 35.11
O3 BMA Q . 25.20 -1.75 35.68
O4 BMA Q . 26.57 -2.45 38.02
O5 BMA Q . 27.01 -5.52 36.10
O6 BMA Q . 25.96 -5.67 38.91
C1 MAN Q . 25.37 -0.74 34.62
C2 MAN Q . 25.26 0.65 35.25
C3 MAN Q . 23.91 0.92 35.79
C4 MAN Q . 22.93 0.81 34.64
C5 MAN Q . 23.04 -0.63 34.05
C6 MAN Q . 22.04 -0.80 32.86
O2 MAN Q . 25.52 1.55 34.28
O3 MAN Q . 23.88 2.25 36.37
O4 MAN Q . 21.63 1.02 35.08
O5 MAN Q . 24.38 -0.84 33.55
O6 MAN Q . 20.73 -0.15 33.10
C1 MAN Q . 25.81 -5.85 40.37
C2 MAN Q . 26.29 -7.25 40.77
C3 MAN Q . 25.48 -8.32 40.15
C4 MAN Q . 24.06 -8.15 40.62
C5 MAN Q . 23.57 -6.74 40.19
C6 MAN Q . 22.09 -6.50 40.68
O2 MAN Q . 26.15 -7.33 42.10
O3 MAN Q . 26.01 -9.62 40.54
O4 MAN Q . 23.24 -9.13 40.05
O5 MAN Q . 24.41 -5.73 40.80
O6 MAN Q . 21.17 -7.63 40.41
C1 NAG R . 40.72 -21.34 -3.59
C2 NAG R . 40.40 -22.50 -4.54
C3 NAG R . 41.64 -22.78 -5.28
C4 NAG R . 42.13 -21.59 -6.09
C5 NAG R . 42.35 -20.44 -5.09
C6 NAG R . 42.64 -19.12 -5.74
C7 NAG R . 38.85 -24.13 -3.66
C8 NAG R . 38.67 -25.26 -2.70
N2 NAG R . 40.07 -23.65 -3.75
O3 NAG R . 41.41 -23.91 -6.14
O4 NAG R . 43.38 -22.06 -6.65
O5 NAG R . 41.14 -20.18 -4.37
O6 NAG R . 42.09 -17.99 -5.08
O7 NAG R . 37.93 -23.67 -4.33
C1 NAG R . 43.78 -21.41 -7.91
C2 NAG R . 44.85 -22.29 -8.56
C3 NAG R . 45.38 -21.64 -9.79
C4 NAG R . 44.19 -21.45 -10.72
C5 NAG R . 43.14 -20.57 -10.05
C6 NAG R . 41.92 -20.43 -10.94
C7 NAG R . 46.48 -23.67 -7.44
C8 NAG R . 47.55 -23.75 -6.41
N2 NAG R . 45.92 -22.50 -7.61
O3 NAG R . 46.40 -22.48 -10.37
O4 NAG R . 44.65 -20.83 -11.91
O5 NAG R . 42.69 -21.22 -8.85
O6 NAG R . 42.21 -20.38 -12.32
O7 NAG R . 46.12 -24.65 -8.10
C1 NAG S . 34.42 -31.44 21.16
C2 NAG S . 33.93 -32.61 22.02
C3 NAG S . 35.06 -33.42 22.47
C4 NAG S . 35.79 -33.97 21.24
C5 NAG S . 36.21 -32.77 20.41
C6 NAG S . 36.85 -33.23 19.13
C7 NAG S . 31.92 -32.19 23.25
C8 NAG S . 31.27 -31.48 24.38
N2 NAG S . 33.22 -32.08 23.15
O3 NAG S . 34.56 -34.50 23.29
O4 NAG S . 37.00 -34.62 21.66
O5 NAG S . 35.11 -31.96 20.00
O6 NAG S . 36.15 -34.26 18.46
O7 NAG S . 31.29 -32.88 22.44
C1 NAG S . 36.87 -36.06 21.94
C2 NAG S . 38.10 -36.76 21.39
C3 NAG S . 38.00 -38.22 21.64
C4 NAG S . 37.93 -38.44 23.16
C5 NAG S . 36.68 -37.72 23.67
C6 NAG S . 36.60 -37.79 25.18
C7 NAG S . 39.29 -36.09 19.41
C8 NAG S . 39.24 -35.89 17.93
N2 NAG S . 38.19 -36.54 19.97
O3 NAG S . 39.12 -38.90 21.06
O4 NAG S . 37.84 -39.86 23.36
O5 NAG S . 36.78 -36.31 23.38
O6 NAG S . 35.50 -37.09 25.75
O7 NAG S . 40.30 -35.86 20.07
C1 BMA S . 38.99 -40.46 24.08
C2 BMA S . 39.17 -41.90 23.57
C3 BMA S . 40.28 -42.58 24.29
C4 BMA S . 41.55 -41.80 24.04
C5 BMA S . 41.36 -40.36 24.57
C6 BMA S . 42.64 -39.49 24.28
O2 BMA S . 39.48 -41.82 22.27
O3 BMA S . 40.42 -43.94 23.78
O4 BMA S . 42.60 -42.42 24.70
O5 BMA S . 40.25 -39.75 23.88
O6 BMA S . 43.92 -40.17 24.58
C1 NAG T . 43.41 -14.47 37.85
C2 NAG T . 44.94 -14.29 37.79
C3 NAG T . 45.56 -14.77 39.03
C4 NAG T . 45.04 -13.95 40.21
C5 NAG T . 43.52 -14.09 40.19
C6 NAG T . 42.90 -13.20 41.22
C7 NAG T . 46.01 -14.50 35.71
C8 NAG T . 46.10 -15.36 34.52
N2 NAG T . 45.41 -15.05 36.69
O3 NAG T . 47.00 -14.64 38.89
O4 NAG T . 45.50 -14.57 41.42
O5 NAG T . 42.93 -13.66 38.95
O6 NAG T . 41.59 -12.76 40.91
O7 NAG T . 46.49 -13.36 35.79
C1 NAG T . 46.71 -13.97 42.02
C2 NAG T . 46.73 -14.36 43.50
C3 NAG T . 47.92 -13.78 44.19
C4 NAG T . 49.14 -14.36 43.48
C5 NAG T . 49.12 -13.95 42.01
C6 NAG T . 50.29 -14.60 41.30
C7 NAG T . 44.94 -14.53 45.10
C8 NAG T . 43.69 -13.94 45.68
N2 NAG T . 45.54 -13.87 44.13
O3 NAG T . 47.89 -14.15 45.59
O4 NAG T . 50.32 -13.88 44.10
O5 NAG T . 47.92 -14.48 41.41
O6 NAG T . 51.43 -14.81 42.11
O7 NAG T . 45.39 -15.61 45.51
C1 NAG U . 56.58 -24.13 14.42
C2 NAG U . 57.77 -23.48 13.73
C3 NAG U . 59.01 -24.04 14.31
C4 NAG U . 59.06 -23.75 15.82
C5 NAG U . 57.84 -24.41 16.44
C6 NAG U . 57.75 -24.11 17.91
C7 NAG U . 57.58 -22.90 11.37
C8 NAG U . 57.63 -23.41 9.96
N2 NAG U . 57.76 -23.80 12.31
O3 NAG U . 60.14 -23.47 13.61
O4 NAG U . 60.22 -24.32 16.43
O5 NAG U . 56.65 -23.89 15.84
O6 NAG U . 56.52 -24.43 18.52
O7 NAG U . 57.38 -21.72 11.64
C1 NAG U . 61.43 -23.47 16.37
C2 NAG U . 62.13 -23.51 17.73
C3 NAG U . 63.34 -22.64 17.68
C4 NAG U . 64.25 -23.18 16.58
C5 NAG U . 63.51 -23.13 15.24
C6 NAG U . 64.35 -23.72 14.15
C7 NAG U . 61.31 -23.43 20.00
C8 NAG U . 60.31 -22.87 20.97
N2 NAG U . 61.23 -23.03 18.75
O3 NAG U . 64.00 -22.64 18.97
O4 NAG U . 65.43 -22.39 16.52
O5 NAG U . 62.34 -23.94 15.34
O6 NAG U . 65.75 -23.54 14.33
O7 NAG U . 62.18 -24.22 20.35
C1 NAG V . 52.87 -9.18 22.88
C2 NAG V . 53.59 -8.04 22.17
C3 NAG V . 54.85 -8.57 21.63
C4 NAG V . 55.72 -9.12 22.77
C5 NAG V . 54.92 -10.25 23.43
C6 NAG V . 55.59 -10.85 24.63
C7 NAG V . 52.07 -6.48 21.08
C8 NAG V . 51.19 -6.17 19.90
N2 NAG V . 52.74 -7.60 21.06
O3 NAG V . 55.54 -7.51 20.93
O4 NAG V . 56.94 -9.65 22.21
O5 NAG V . 53.70 -9.73 23.92
O6 NAG V . 56.04 -9.92 25.61
O7 NAG V . 52.14 -5.71 22.04
C1 NAG V . 58.15 -9.12 22.87
C2 NAG V . 59.30 -10.10 22.66
C3 NAG V . 60.51 -9.59 23.35
C4 NAG V . 60.85 -8.24 22.74
C5 NAG V . 59.68 -7.29 22.96
C6 NAG V . 59.97 -5.95 22.32
C7 NAG V . 59.08 -12.51 22.59
C8 NAG V . 58.65 -13.76 23.30
N2 NAG V . 58.96 -11.37 23.25
O3 NAG V . 61.59 -10.55 23.17
O4 NAG V . 62.02 -7.73 23.38
O5 NAG V . 58.52 -7.82 22.32
O6 NAG V . 61.31 -5.52 22.44
O7 NAG V . 59.55 -12.54 21.45
C1 NAG W . 56.44 -19.93 23.55
C2 NAG W . 56.79 -18.92 24.64
C3 NAG W . 58.25 -18.95 24.84
C4 NAG W . 58.71 -20.35 25.27
C5 NAG W . 58.30 -21.30 24.13
C6 NAG W . 58.59 -22.75 24.41
C7 NAG W . 55.30 -17.00 24.61
C8 NAG W . 54.91 -15.71 23.95
N2 NAG W . 56.38 -17.61 24.16
O3 NAG W . 58.60 -17.97 25.85
O4 NAG W . 60.13 -20.29 25.42
O5 NAG W . 56.87 -21.26 23.95
O6 NAG W . 57.94 -23.67 23.53
O7 NAG W . 54.65 -17.47 25.53
C1 NAG W . 60.65 -21.09 26.55
C2 NAG W . 62.16 -21.24 26.37
C3 NAG W . 62.73 -22.10 27.44
C4 NAG W . 62.40 -21.41 28.76
C5 NAG W . 60.89 -21.29 28.92
C6 NAG W . 60.57 -20.58 30.22
C7 NAG W . 63.23 -21.34 24.20
C8 NAG W . 63.39 -22.08 22.90
N2 NAG W . 62.42 -21.86 25.09
O3 NAG W . 64.15 -22.22 27.24
O4 NAG W . 62.94 -22.20 29.83
O5 NAG W . 60.38 -20.48 27.84
O6 NAG W . 61.31 -21.03 31.34
O7 NAG W . 63.84 -20.29 24.43
C1 NAG X . 11.79 -41.70 -10.03
C2 NAG X . 11.83 -42.95 -10.90
C3 NAG X . 13.13 -43.65 -10.72
C4 NAG X . 14.25 -42.70 -11.16
C5 NAG X . 14.18 -41.46 -10.28
C6 NAG X . 15.16 -40.41 -10.71
C7 NAG X . 9.78 -44.15 -11.27
C8 NAG X . 8.76 -45.11 -10.74
N2 NAG X . 10.77 -43.85 -10.48
O3 NAG X . 13.12 -44.85 -11.53
O4 NAG X . 15.49 -43.39 -10.94
O5 NAG X . 12.89 -40.84 -10.42
O6 NAG X . 15.51 -40.46 -12.09
O7 NAG X . 9.70 -43.67 -12.40
C1 NAG X . 16.27 -43.63 -12.17
C2 NAG X . 17.76 -43.69 -11.81
C3 NAG X . 18.57 -43.90 -13.04
C4 NAG X . 18.14 -45.21 -13.67
C5 NAG X . 16.65 -45.13 -14.02
C6 NAG X . 16.17 -46.44 -14.58
C7 NAG X . 18.70 -42.35 -10.05
C8 NAG X . 19.01 -40.97 -9.56
N2 NAG X . 18.13 -42.43 -11.23
O3 NAG X . 19.97 -43.91 -12.68
O4 NAG X . 18.90 -45.43 -14.84
O5 NAG X . 15.89 -44.88 -12.82
O6 NAG X . 17.06 -47.06 -15.51
O7 NAG X . 18.96 -43.35 -9.39
C1 FUC X . 15.92 -39.18 -12.62
C2 FUC X . 16.81 -39.43 -13.84
C3 FUC X . 16.02 -40.16 -14.92
C4 FUC X . 14.85 -39.29 -15.33
C5 FUC X . 14.00 -39.04 -14.06
C6 FUC X . 12.82 -38.15 -14.43
O2 FUC X . 17.91 -40.24 -13.47
O3 FUC X . 16.85 -40.39 -16.06
O4 FUC X . 15.37 -38.07 -15.85
O5 FUC X . 14.78 -38.39 -13.03
C1 NAG Y . -33.63 3.24 23.96
C2 NAG Y . -34.92 2.72 23.31
C3 NAG Y . -35.78 2.06 24.30
C4 NAG Y . -35.00 0.86 24.88
C5 NAG Y . -33.76 1.44 25.54
C6 NAG Y . -32.91 0.34 26.09
C7 NAG Y . -35.70 3.98 21.41
C8 NAG Y . -36.46 5.16 20.90
N2 NAG Y . -35.64 3.82 22.71
O3 NAG Y . -37.02 1.65 23.67
O4 NAG Y . -35.74 0.11 25.85
O5 NAG Y . -32.97 2.11 24.57
O6 NAG Y . -33.50 -0.27 27.22
O7 NAG Y . -35.15 3.18 20.66
C1 NAG Y . -36.72 -0.83 25.26
C2 NAG Y . -36.64 -2.16 25.98
C3 NAG Y . -37.63 -3.10 25.42
C4 NAG Y . -39.02 -2.46 25.66
C5 NAG Y . -39.08 -1.15 24.86
C6 NAG Y . -40.36 -0.40 25.05
C7 NAG Y . -34.55 -3.02 26.79
C8 NAG Y . -33.19 -3.58 26.47
N2 NAG Y . -35.32 -2.72 25.78
O3 NAG Y . -37.49 -4.40 26.04
O4 NAG Y . -40.06 -3.38 25.29
O5 NAG Y . -38.06 -0.28 25.39
O6 NAG Y . -40.57 0.13 26.35
O7 NAG Y . -34.93 -2.86 27.95
C1 BMA Y . -41.04 -3.58 26.39
C2 BMA Y . -42.40 -3.90 25.76
C3 BMA Y . -43.43 -4.09 26.83
C4 BMA Y . -42.97 -5.26 27.69
C5 BMA Y . -41.59 -4.93 28.32
C6 BMA Y . -41.04 -6.16 29.13
O2 BMA Y . -42.27 -5.05 25.08
O3 BMA Y . -44.72 -4.38 26.22
O4 BMA Y . -43.95 -5.43 28.67
O5 BMA Y . -40.65 -4.69 27.25
O6 BMA Y . -41.28 -7.48 28.48
C1 MAN Y . -45.75 -3.35 26.44
C2 MAN Y . -47.07 -4.03 26.76
C3 MAN Y . -47.59 -4.84 25.63
C4 MAN Y . -47.78 -3.89 24.47
C5 MAN Y . -46.42 -3.24 24.13
C6 MAN Y . -46.59 -2.29 22.90
O2 MAN Y . -47.96 -3.06 27.03
O3 MAN Y . -48.84 -5.45 26.02
O4 MAN Y . -48.27 -4.55 23.35
O5 MAN Y . -45.95 -2.49 25.27
O6 MAN Y . -47.23 -2.95 21.74
C1 MAN Y . -41.22 -8.60 29.42
C2 MAN Y . -40.67 -9.82 28.70
C3 MAN Y . -41.56 -10.28 27.59
C4 MAN Y . -42.90 -10.62 28.22
C5 MAN Y . -43.46 -9.36 28.94
C6 MAN Y . -44.82 -9.71 29.64
O2 MAN Y . -40.58 -10.82 29.60
O3 MAN Y . -40.99 -11.45 26.96
O4 MAN Y . -43.77 -11.03 27.22
O5 MAN Y . -42.53 -8.95 29.97
O6 MAN Y . -45.72 -10.55 28.84
C1 NAG Z . 23.25 52.24 26.60
C2 NAG Z . 22.48 53.55 26.48
C3 NAG Z . 22.99 54.21 25.26
C4 NAG Z . 24.50 54.49 25.32
C5 NAG Z . 25.16 53.11 25.49
C6 NAG Z . 26.64 53.15 25.77
C7 NAG Z . 20.09 53.77 26.94
C8 NAG Z . 18.72 53.32 26.52
N2 NAG Z . 21.08 53.23 26.27
O3 NAG Z . 22.26 55.45 25.08
O4 NAG Z . 24.83 55.07 24.06
O5 NAG Z . 24.66 52.48 26.66
O6 NAG Z . 27.04 52.27 26.80
O7 NAG Z . 20.25 54.57 27.85
C1 NAG Z . 25.79 56.19 24.15
C2 NAG Z . 26.32 56.47 22.75
C3 NAG Z . 27.36 57.54 22.74
C4 NAG Z . 26.66 58.77 23.28
C5 NAG Z . 26.13 58.50 24.69
C6 NAG Z . 25.43 59.73 25.18
C7 NAG Z . 27.84 54.54 22.64
C8 NAG Z . 28.18 53.29 21.91
N2 NAG Z . 26.83 55.24 22.16
O3 NAG Z . 27.84 57.74 21.39
O4 NAG Z . 27.55 59.87 23.32
O5 NAG Z . 25.17 57.42 24.65
O6 NAG Z . 26.06 60.93 24.79
O7 NAG Z . 28.47 54.88 23.63
C1 NAG AA . 36.59 43.73 24.30
C2 NAG AA . 36.27 43.75 25.80
C3 NAG AA . 37.01 44.88 26.41
C4 NAG AA . 38.52 44.68 26.21
C5 NAG AA . 38.76 44.62 24.70
C6 NAG AA . 40.19 44.30 24.33
C7 NAG AA . 34.13 43.41 26.86
C8 NAG AA . 32.65 43.69 26.82
N2 NAG AA . 34.85 43.99 25.95
O3 NAG AA . 36.68 44.94 27.82
O4 NAG AA . 39.14 45.84 26.78
O5 NAG AA . 38.02 43.55 24.11
O6 NAG AA . 41.05 45.42 24.21
O7 NAG AA . 34.65 42.70 27.73
C1 NAG AA . 40.33 45.53 27.59
C2 NAG AA . 40.89 46.85 28.13
C3 NAG AA . 42.13 46.61 28.89
C4 NAG AA . 41.79 45.69 30.04
C5 NAG AA . 41.23 44.38 29.49
C6 NAG AA . 40.82 43.47 30.62
C7 NAG AA . 40.44 48.75 26.70
C8 NAG AA . 40.86 49.58 25.52
N2 NAG AA . 41.19 47.72 27.01
O3 NAG AA . 42.65 47.88 29.36
O4 NAG AA . 42.96 45.44 30.80
O5 NAG AA . 40.04 44.65 28.73
O6 NAG AA . 41.75 43.42 31.68
O7 NAG AA . 39.43 49.03 27.35
C1 NAG BA . 23.21 27.93 35.09
C2 NAG BA . 23.13 26.65 35.93
C3 NAG BA . 21.92 26.67 36.78
C4 NAG BA . 22.01 27.86 37.71
C5 NAG BA . 22.06 29.12 36.83
C6 NAG BA . 22.21 30.40 37.61
C7 NAG BA . 24.11 24.83 34.73
C8 NAG BA . 23.95 23.79 33.68
N2 NAG BA . 23.05 25.53 35.03
O3 NAG BA . 21.85 25.43 37.52
O4 NAG BA . 20.84 27.88 38.55
O5 NAG BA . 23.23 29.07 35.99
O6 NAG BA . 23.36 30.48 38.43
O7 NAG BA . 25.18 25.02 35.31
C1 NAG BA . 21.14 28.07 39.97
C2 NAG BA . 19.86 28.54 40.68
C3 NAG BA . 20.13 28.78 42.11
C4 NAG BA . 20.62 27.47 42.71
C5 NAG BA . 21.89 27.02 41.99
C6 NAG BA . 22.34 25.69 42.54
C7 NAG BA . 18.20 29.92 39.62
C8 NAG BA . 17.90 31.23 38.98
N2 NAG BA . 19.42 29.77 40.07
O3 NAG BA . 18.92 29.25 42.75
O4 NAG BA . 20.88 27.66 44.09
O5 NAG BA . 21.60 26.83 40.60
O6 NAG BA . 21.97 25.44 43.88
O7 NAG BA . 17.36 29.03 39.72
C1 NAG CA . -25.26 13.16 31.08
C2 NAG CA . -24.57 13.20 32.45
C3 NAG CA . -25.52 12.52 33.39
C4 NAG CA . -26.84 13.29 33.47
C5 NAG CA . -27.40 13.30 32.06
C6 NAG CA . -28.60 14.20 31.89
C7 NAG CA . -22.36 12.85 33.41
C8 NAG CA . -21.05 12.13 33.49
N2 NAG CA . -23.25 12.52 32.48
O3 NAG CA . -24.89 12.38 34.68
O4 NAG CA . -27.78 12.55 34.26
O5 NAG CA . -26.50 13.89 31.13
O6 NAG CA . -28.71 14.70 30.55
O7 NAG CA . -22.63 13.76 34.21
C1 NAG CA . -27.69 12.79 35.71
C2 NAG CA . -29.10 12.99 36.23
C3 NAG CA . -29.07 13.23 37.70
C4 NAG CA . -28.43 12.01 38.34
C5 NAG CA . -27.02 11.83 37.80
C6 NAG CA . -26.40 10.57 38.38
C7 NAG CA . -30.83 14.13 34.97
C8 NAG CA . -31.26 15.38 34.29
N2 NAG CA . -29.66 14.15 35.57
O3 NAG CA . -30.43 13.44 38.17
O4 NAG CA . -28.40 12.19 39.75
O5 NAG CA . -27.08 11.65 36.39
O6 NAG CA . -26.82 10.27 39.70
O7 NAG CA . -31.53 13.11 34.98
C1 NAG DA . -18.49 12.44 36.96
C2 NAG DA . -17.73 12.26 38.26
C3 NAG DA . -17.68 10.81 38.55
C4 NAG DA . -19.10 10.28 38.68
C5 NAG DA . -19.84 10.54 37.36
C6 NAG DA . -21.30 10.17 37.40
C7 NAG DA . -15.97 13.87 38.61
C8 NAG DA . -14.58 14.30 38.29
N2 NAG DA . -16.38 12.74 38.08
O3 NAG DA . -16.94 10.58 39.77
O4 NAG DA . -18.93 8.88 38.89
O5 NAG DA . -19.84 11.95 37.09
O6 NAG DA . -22.04 10.68 38.50
O7 NAG DA . -16.72 14.52 39.34
C1 NAG DA . -19.77 8.34 39.96
C2 NAG DA . -19.89 6.83 39.73
C3 NAG DA . -20.78 6.24 40.76
C4 NAG DA . -20.15 6.53 42.12
C5 NAG DA . -20.04 8.04 42.32
C6 NAG DA . -19.36 8.35 43.63
C7 NAG DA . -19.73 6.47 37.33
C8 NAG DA . -20.43 6.24 36.04
N2 NAG DA . -20.47 6.58 38.41
O3 NAG DA . -20.91 4.81 40.51
O4 NAG DA . -20.94 5.96 43.14
O5 NAG DA . -19.21 8.58 41.28
O6 NAG DA . -19.67 7.45 44.69
O7 NAG DA . -18.50 6.57 37.39
C1 NAG EA . -28.40 15.94 21.93
C2 NAG EA . -29.35 17.07 22.32
C3 NAG EA . -29.98 17.60 21.07
C4 NAG EA . -28.86 18.16 20.19
C5 NAG EA . -27.90 17.03 19.89
C6 NAG EA . -26.70 17.56 19.16
C7 NAG EA . -30.32 16.84 24.50
C8 NAG EA . -31.41 16.28 25.35
N2 NAG EA . -30.37 16.58 23.22
O3 NAG EA . -30.93 18.65 21.40
O4 NAG EA . -29.39 18.60 18.93
O5 NAG EA . -27.36 16.47 21.08
O6 NAG EA . -26.03 18.62 19.82
O7 NAG EA . -29.40 17.53 24.98
C1 NAG EA . -29.32 20.05 18.74
C2 NAG EA . -29.32 20.34 17.24
C3 NAG EA . -29.29 21.79 16.99
C4 NAG EA . -30.54 22.38 17.65
C5 NAG EA . -30.50 22.12 19.16
C6 NAG EA . -31.76 22.62 19.81
C7 NAG EA . -28.15 18.84 15.70
C8 NAG EA . -26.84 18.37 15.16
N2 NAG EA . -28.12 19.78 16.63
O3 NAG EA . -29.28 22.04 15.57
O4 NAG EA . -30.58 23.78 17.42
O5 NAG EA . -30.47 20.69 19.36
O6 NAG EA . -32.38 23.68 19.12
O7 NAG EA . -29.23 18.38 15.31
C1 NAG FA . -7.32 35.72 21.46
C2 NAG FA . -5.80 35.88 21.41
C3 NAG FA . -5.46 37.29 21.12
C4 NAG FA . -6.01 37.66 19.75
C5 NAG FA . -7.52 37.47 19.85
C6 NAG FA . -8.24 37.76 18.56
C7 NAG FA . -4.04 35.05 22.79
C8 NAG FA . -3.57 34.74 24.16
N2 NAG FA . -5.25 35.51 22.69
O3 NAG FA . -4.02 37.48 21.18
O4 NAG FA . -5.66 39.02 19.51
O5 NAG FA . -7.86 36.11 20.17
O6 NAG FA . -7.73 37.11 17.41
O7 NAG FA . -3.32 34.88 21.80
C1 NAG FA . -5.14 39.24 18.16
C2 NAG FA . -5.12 40.74 17.89
C3 NAG FA . -4.70 41.00 16.51
C4 NAG FA . -3.28 40.45 16.34
C5 NAG FA . -3.33 38.96 16.66
C6 NAG FA . -1.93 38.37 16.63
C7 NAG FA . -6.73 41.84 19.28
C8 NAG FA . -8.13 42.34 19.46
N2 NAG FA . -6.43 41.30 18.12
O3 NAG FA . -4.77 42.42 16.26
O4 NAG FA . -2.88 40.59 14.98
O5 NAG FA . -3.79 38.73 17.99
O6 NAG FA . -1.87 36.96 16.76
O7 NAG FA . -5.88 41.92 20.16
C1 BMA FA . -1.92 41.67 14.74
C2 BMA FA . -1.17 41.34 13.46
C3 BMA FA . -0.17 42.39 13.12
C4 BMA FA . -0.96 43.67 12.94
C5 BMA FA . -1.72 44.02 14.25
C6 BMA FA . -2.64 45.29 14.02
O2 BMA FA . -2.08 41.28 12.47
O3 BMA FA . 0.52 42.06 11.89
O4 BMA FA . -0.08 44.70 12.60
O5 BMA FA . -2.61 42.94 14.56
O6 BMA FA . -3.44 45.23 12.78
C1 MAN FA . 1.68 41.16 12.07
C2 MAN FA . 2.88 41.76 11.34
C3 MAN FA . 2.68 41.83 9.87
C4 MAN FA . 2.45 40.41 9.40
C5 MAN FA . 1.21 39.82 10.13
C6 MAN FA . 0.93 38.36 9.65
O2 MAN FA . 3.94 40.96 11.59
O3 MAN FA . 3.85 42.40 9.25
O4 MAN FA . 2.23 40.37 8.02
O5 MAN FA . 1.45 39.82 11.54
O6 MAN FA . 1.14 38.17 8.20
C1 MAN FA . -3.85 46.53 12.23
C2 MAN FA . -5.10 47.03 12.98
C3 MAN FA . -6.26 46.13 12.79
C4 MAN FA . -6.56 46.09 11.30
C5 MAN FA . -5.30 45.57 10.56
C6 MAN FA . -5.56 45.54 9.01
O2 MAN FA . -5.40 48.23 12.46
O3 MAN FA . -7.40 46.63 13.53
O4 MAN FA . -7.63 45.24 11.06
O5 MAN FA . -4.19 46.46 10.81
O6 MAN FA . -6.84 44.93 8.61
C1 NAG GA . -8.34 9.82 44.28
C2 NAG GA . -9.41 8.78 44.64
C3 NAG GA . -9.22 8.50 46.08
C4 NAG GA . -7.84 7.95 46.41
C5 NAG GA . -6.83 9.00 45.93
C6 NAG GA . -5.40 8.53 45.98
C7 NAG GA . -11.51 9.02 43.50
C8 NAG GA . -12.76 9.81 43.38
N2 NAG GA . -10.70 9.37 44.46
O3 NAG GA . -10.25 7.57 46.50
O4 NAG GA . -7.86 7.83 47.85
O5 NAG GA . -7.02 9.27 44.53
O6 NAG GA . -4.57 9.00 44.94
O7 NAG GA . -11.24 8.08 42.73
C1 NAG GA . -6.96 6.82 48.41
C2 NAG GA . -7.41 6.53 49.83
C3 NAG GA . -6.48 5.59 50.50
C4 NAG GA . -6.50 4.31 49.67
C5 NAG GA . -6.06 4.61 48.24
C6 NAG GA . -6.14 3.37 47.39
C7 NAG GA . -8.42 8.10 51.38
C8 NAG GA . -8.34 9.43 52.04
N2 NAG GA . -7.43 7.78 50.56
O3 NAG GA . -6.91 5.36 51.86
O4 NAG GA . -5.62 3.36 50.26
O5 NAG GA . -6.96 5.56 47.66
O6 NAG GA . -5.82 2.16 48.07
O7 NAG GA . -9.36 7.31 51.57
C1 NAG HA . -23.10 30.56 33.97
C2 NAG HA . -24.46 31.16 33.61
C3 NAG HA . -24.99 31.95 34.74
C4 NAG HA . -25.13 31.01 35.94
C5 NAG HA . -23.77 30.42 36.22
C6 NAG HA . -23.84 29.42 37.33
C7 NAG HA . -24.81 31.64 31.30
C8 NAG HA . -24.47 32.50 30.13
N2 NAG HA . -24.32 32.00 32.45
O3 NAG HA . -26.27 32.51 34.36
O4 NAG HA . -25.47 31.80 37.10
O5 NAG HA . -23.25 29.69 35.11
O6 NAG HA . -24.93 28.52 37.24
O7 NAG HA . -25.52 30.64 31.19
C1 NAG HA . -26.91 31.97 37.35
C2 NAG HA . -27.16 31.85 38.85
C3 NAG HA . -28.60 32.00 39.12
C4 NAG HA . -29.04 33.39 38.65
C5 NAG HA . -28.78 33.47 37.14
C6 NAG HA . -29.07 34.86 36.61
C7 NAG HA . -25.91 30.41 40.32
C8 NAG HA . -25.53 29.02 40.68
N2 NAG HA . -26.72 30.56 39.31
O3 NAG HA . -28.85 31.81 40.53
O4 NAG HA . -30.45 33.51 38.95
O5 NAG HA . -27.37 33.28 36.90
O6 NAG HA . -28.81 35.05 35.24
O7 NAG HA . -25.50 31.39 40.94
C1 BMA HA . -30.80 34.56 39.94
C2 BMA HA . -32.03 34.09 40.71
C3 BMA HA . -32.47 35.12 41.69
C4 BMA HA . -31.34 35.35 42.66
C5 BMA HA . -30.09 35.83 41.87
C6 BMA HA . -28.87 36.02 42.86
O2 BMA HA . -31.70 32.97 41.37
O3 BMA HA . -33.65 34.64 42.39
O4 BMA HA . -31.72 36.31 43.59
O5 BMA HA . -29.74 34.82 40.91
O6 BMA HA . -29.20 36.73 44.10
C1 NAG IA . -6.75 49.90 31.49
C2 NAG IA . -6.14 50.37 32.82
C3 NAG IA . -6.59 51.73 33.15
C4 NAG IA . -6.12 52.67 32.05
C5 NAG IA . -6.67 52.14 30.74
C6 NAG IA . -6.14 52.92 29.58
C7 NAG IA . -5.75 48.77 34.51
C8 NAG IA . -6.38 47.65 35.23
N2 NAG IA . -6.58 49.47 33.83
O3 NAG IA . -6.05 52.09 34.43
O4 NAG IA . -6.75 53.96 32.27
O5 NAG IA . -6.26 50.79 30.46
O6 NAG IA . -6.06 52.21 28.36
O7 NAG IA . -4.55 49.04 34.56
C1 NAG IA . -5.92 54.95 32.98
C2 NAG IA . -6.49 56.34 32.66
C3 NAG IA . -5.70 57.41 33.33
C4 NAG IA . -5.81 57.13 34.83
C5 NAG IA . -5.22 55.77 35.14
C6 NAG IA . -5.40 55.47 36.61
C7 NAG IA . -7.37 57.22 30.59
C8 NAG IA . -7.24 57.36 29.11
N2 NAG IA . -6.44 56.54 31.22
O3 NAG IA . -6.25 58.70 32.98
O4 NAG IA . -5.10 58.15 35.52
O5 NAG IA . -5.98 54.78 34.43
O6 NAG IA . -5.40 56.62 37.46
O7 NAG IA . -8.33 57.72 31.21
C1 NAG JA . -9.02 32.06 53.69
C2 NAG JA . -7.97 31.84 54.78
C3 NAG JA . -8.23 32.79 55.88
C4 NAG JA . -8.15 34.24 55.35
C5 NAG JA . -9.20 34.37 54.27
C6 NAG JA . -9.15 35.73 53.63
C7 NAG JA . -7.16 29.58 55.16
C8 NAG JA . -7.42 28.26 55.81
N2 NAG JA . -8.08 30.50 55.30
O3 NAG JA . -7.28 32.54 56.94
O4 NAG JA . -8.45 35.19 56.38
O5 NAG JA . -8.96 33.44 53.23
O6 NAG JA . -9.87 35.88 52.43
O7 NAG JA . -6.12 29.81 54.53
C1 NAG JA . -7.29 35.57 57.21
C2 NAG JA . -7.32 37.09 57.43
C3 NAG JA . -6.15 37.49 58.26
C4 NAG JA . -6.26 36.75 59.58
C5 NAG JA . -6.23 35.24 59.33
C6 NAG JA . -6.41 34.48 60.62
C7 NAG JA . -7.78 38.94 55.95
C8 NAG JA . -7.67 39.53 54.57
N2 NAG JA . -7.26 37.76 56.14
O3 NAG JA . -6.14 38.92 58.45
O4 NAG JA . -5.17 37.12 60.42
O5 NAG JA . -7.34 34.90 58.49
O6 NAG JA . -5.87 35.13 61.76
O7 NAG JA . -8.35 39.55 56.87
C1 NAG KA . 2.99 39.25 43.06
C2 NAG KA . 4.37 38.88 43.56
C3 NAG KA . 4.29 38.78 45.04
C4 NAG KA . 3.85 40.12 45.63
C5 NAG KA . 2.47 40.43 45.05
C6 NAG KA . 1.92 41.77 45.45
C7 NAG KA . 5.57 37.38 42.06
C8 NAG KA . 5.78 35.98 41.55
N2 NAG KA . 4.69 37.56 43.02
O3 NAG KA . 5.59 38.40 45.54
O4 NAG KA . 3.77 40.00 47.06
O5 NAG KA . 2.54 40.50 43.64
O6 NAG KA . 2.80 42.87 45.26
O7 NAG KA . 6.20 38.33 41.58
C1 NAG KA . 4.53 41.05 47.77
C2 NAG KA . 3.94 41.22 49.17
C3 NAG KA . 4.67 42.29 49.89
C4 NAG KA . 6.14 41.89 49.96
C5 NAG KA . 6.68 41.72 48.55
C6 NAG KA . 8.12 41.27 48.59
C7 NAG KA . 1.60 40.99 49.75
C8 NAG KA . 0.20 41.47 49.52
N2 NAG KA . 2.56 41.60 49.08
O3 NAG KA . 4.10 42.46 51.20
O4 NAG KA . 6.86 42.90 50.65
O5 NAG KA . 5.94 40.70 47.87
O6 NAG KA . 8.89 41.86 49.62
O7 NAG KA . 1.86 40.08 50.54
C1 NAG LA . -6.31 40.73 49.37
C2 NAG LA . -5.41 41.91 49.04
C3 NAG LA . -5.05 42.60 50.29
C4 NAG LA . -6.31 43.11 51.00
C5 NAG LA . -7.18 41.87 51.28
C6 NAG LA . -8.51 42.18 51.91
C7 NAG LA . -4.00 41.44 47.11
C8 NAG LA . -2.79 40.73 46.57
N2 NAG LA . -4.21 41.36 48.41
O3 NAG LA . -4.16 43.71 49.98
O4 NAG LA . -5.88 43.74 52.22
O5 NAG LA . -7.51 41.21 50.06
O6 NAG LA . -9.44 41.10 51.90
O7 NAG LA . -4.76 42.07 46.38
C1 NAG LA . -6.65 44.95 52.57
C2 NAG LA . -6.34 45.29 54.02
C3 NAG LA . -7.14 46.46 54.46
C4 NAG LA . -6.77 47.62 53.54
C5 NAG LA . -7.10 47.25 52.10
C6 NAG LA . -6.69 48.38 51.18
C7 NAG LA . -5.84 43.61 55.71
C8 NAG LA . -6.31 42.43 56.48
N2 NAG LA . -6.68 44.15 54.86
O3 NAG LA . -6.84 46.75 55.85
O4 NAG LA . -7.50 48.77 53.93
O5 NAG LA . -6.32 46.09 51.72
O6 NAG LA . -7.06 49.67 51.64
O7 NAG LA . -4.70 44.07 55.85
C1 NAG MA . -34.92 -6.83 26.68
C2 NAG MA . -35.99 -7.67 27.38
C3 NAG MA . -36.31 -7.08 28.71
C4 NAG MA . -35.04 -7.07 29.56
C5 NAG MA . -33.99 -6.23 28.82
C6 NAG MA . -32.66 -6.27 29.52
C7 NAG MA . -37.65 -8.76 26.03
C8 NAG MA . -38.92 -8.64 25.25
N2 NAG MA . -37.20 -7.67 26.59
O3 NAG MA . -37.34 -7.89 29.33
O4 NAG MA . -35.37 -6.47 30.81
O5 NAG MA . -33.74 -6.79 27.52
O6 NAG MA . -32.42 -7.44 30.28
O7 NAG MA . -37.06 -9.83 26.17
C1 NAG MA . -35.20 -7.37 31.98
C2 NAG MA . -34.89 -6.53 33.22
C3 NAG MA . -34.70 -7.41 34.40
C4 NAG MA . -35.98 -8.20 34.61
C5 NAG MA . -36.27 -9.02 33.37
C6 NAG MA . -37.58 -9.76 33.52
C7 NAG MA . -33.60 -4.50 33.09
C8 NAG MA . -32.27 -3.88 32.79
N2 NAG MA . -33.68 -5.81 32.99
O3 NAG MA . -34.37 -6.59 35.55
O4 NAG MA . -35.82 -9.04 35.74
O5 NAG MA . -36.42 -8.15 32.23
O6 NAG MA . -37.78 -10.35 34.79
O7 NAG MA . -34.58 -3.82 33.43
C1 FUC MA . -31.02 -7.76 30.42
C2 FUC MA . -30.84 -8.61 31.69
C3 FUC MA . -31.60 -9.92 31.54
C4 FUC MA . -31.05 -10.66 30.35
C5 FUC MA . -31.23 -9.77 29.11
C6 FUC MA . -30.67 -10.48 27.89
O2 FUC MA . -31.35 -7.91 32.80
O3 FUC MA . -31.44 -10.71 32.71
O4 FUC MA . -29.67 -10.94 30.60
O5 FUC MA . -30.53 -8.50 29.28
C1 NAG NA . -9.65 11.10 -38.72
C2 NAG NA . -10.41 10.04 -39.51
C3 NAG NA . -11.42 10.66 -40.39
C4 NAG NA . -12.42 11.42 -39.49
C5 NAG NA . -11.61 12.48 -38.77
C6 NAG NA . -12.50 13.26 -37.85
C7 NAG NA . -9.18 8.03 -40.00
C8 NAG NA . -8.21 7.34 -40.88
N2 NAG NA . -9.50 9.27 -40.31
O3 NAG NA . -12.07 9.62 -41.16
O4 NAG NA . -13.47 12.06 -40.24
O5 NAG NA . -10.62 11.86 -37.96
O6 NAG NA . -13.39 14.09 -38.54
O7 NAG NA . -9.69 7.49 -39.02
C1 NAG NA . -14.57 11.13 -40.63
C2 NAG NA . -15.90 11.80 -40.38
C3 NAG NA . -17.00 10.89 -40.80
C4 NAG NA . -16.82 10.67 -42.31
C5 NAG NA . -15.48 9.94 -42.52
C6 NAG NA . -15.15 9.71 -43.97
C7 NAG NA . -16.25 13.24 -38.48
C8 NAG NA . -16.35 13.39 -37.00
N2 NAG NA . -16.04 12.04 -38.96
O3 NAG NA . -18.28 11.48 -40.46
O4 NAG NA . -17.93 9.93 -42.86
O5 NAG NA . -14.44 10.82 -42.05
O6 NAG NA . -14.88 10.87 -44.72
O7 NAG NA . -16.35 14.20 -39.24
C1 BMA NA . -18.54 10.62 -44.01
C2 BMA NA . -19.15 9.57 -44.94
C3 BMA NA . -19.76 10.20 -46.13
C4 BMA NA . -20.85 11.12 -45.64
C5 BMA NA . -20.24 12.20 -44.70
C6 BMA NA . -21.37 13.11 -44.08
O2 BMA NA . -20.10 8.92 -44.25
O3 BMA NA . -20.31 9.18 -47.01
O4 BMA NA . -21.44 11.71 -46.76
O5 BMA NA . -19.61 11.52 -43.59
O6 BMA NA . -22.59 12.37 -43.67
C1 MAN NA . -19.64 9.06 -48.32
C2 MAN NA . -20.72 8.89 -49.39
C3 MAN NA . -21.47 7.62 -49.24
C4 MAN NA . -20.47 6.51 -49.35
C5 MAN NA . -19.42 6.67 -48.23
C6 MAN NA . -18.40 5.49 -48.29
O2 MAN NA . -20.08 8.88 -50.59
O3 MAN NA . -22.46 7.54 -50.30
O4 MAN NA . -21.08 5.26 -49.22
O5 MAN NA . -18.73 7.93 -48.39
O6 MAN NA . -19.05 4.17 -48.29
C1 MAN NA . -23.77 13.24 -43.58
C2 MAN NA . -24.69 12.70 -42.46
C3 MAN NA . -25.21 11.34 -42.78
C4 MAN NA . -26.00 11.46 -44.07
C5 MAN NA . -25.06 11.99 -45.18
C6 MAN NA . -25.87 12.18 -46.52
O2 MAN NA . -25.73 13.54 -42.35
O3 MAN NA . -26.08 10.89 -41.70
O4 MAN NA . -26.50 10.22 -44.41
O5 MAN NA . -24.55 13.29 -44.81
O6 MAN NA . -26.80 11.08 -46.82
C1 NAG OA . 52.51 34.74 -3.77
C2 NAG OA . 53.55 34.40 -4.82
C3 NAG OA . 54.49 33.45 -4.18
C4 NAG OA . 55.16 34.04 -2.94
C5 NAG OA . 54.03 34.37 -1.97
C6 NAG OA . 54.43 35.14 -0.74
C7 NAG OA . 53.02 34.03 -7.17
C8 NAG OA . 52.28 33.15 -8.14
N2 NAG OA . 52.87 33.72 -5.90
O3 NAG OA . 55.49 33.08 -5.16
O4 NAG OA . 55.99 32.98 -2.41
O5 NAG OA . 53.12 35.28 -2.58
O6 NAG OA . 53.57 36.21 -0.42
O7 NAG OA . 53.71 34.96 -7.56
C1 NAG OA . 57.31 33.44 -1.94
C2 NAG OA . 57.91 32.32 -1.10
C3 NAG OA . 59.22 32.70 -0.50
C4 NAG OA . 60.12 33.01 -1.69
C5 NAG OA . 59.52 34.14 -2.52
C6 NAG OA . 60.42 34.41 -3.69
C7 NAG OA . 56.52 32.66 0.89
C8 NAG OA . 55.52 32.05 1.82
N2 NAG OA . 56.96 31.89 -0.08
O3 NAG OA . 59.73 31.60 0.29
O4 NAG OA . 61.41 33.38 -1.24
O5 NAG OA . 58.23 33.73 -3.03
O6 NAG OA . 61.80 34.29 -3.36
O7 NAG OA . 56.89 33.82 1.04
C1 NAG PA . 48.47 36.84 11.57
C2 NAG PA . 48.21 38.14 10.80
C3 NAG PA . 49.40 39.00 10.93
C4 NAG PA . 49.66 39.33 12.40
C5 NAG PA . 49.88 37.99 13.12
C6 NAG PA . 50.02 38.13 14.61
C7 NAG PA . 47.14 38.40 8.65
C8 NAG PA . 46.98 37.86 7.27
N2 NAG PA . 48.01 37.80 9.41
O3 NAG PA . 49.18 40.22 10.17
O4 NAG PA . 50.86 40.11 12.42
O5 NAG PA . 48.73 37.15 12.97
O6 NAG PA . 51.35 38.34 15.08
O7 NAG PA . 46.49 39.35 9.08
C1 NAG PA . 50.79 41.27 13.32
C2 NAG PA . 52.13 42.01 13.26
C3 NAG PA . 52.15 43.14 14.21
C4 NAG PA . 51.01 44.07 13.82
C5 NAG PA . 49.69 43.33 13.89
C6 NAG PA . 48.55 44.21 13.46
C7 NAG PA . 54.01 40.58 12.71
C8 NAG PA . 55.07 39.66 13.20
N2 NAG PA . 53.20 41.10 13.60
O3 NAG PA . 53.43 43.80 14.13
O4 NAG PA . 51.00 45.18 14.71
O5 NAG PA . 49.72 42.21 12.99
O6 NAG PA . 48.62 45.53 13.98
O7 NAG PA . 53.90 40.85 11.51
C1 NAG QA . 28.24 41.85 1.08
C2 NAG QA . 26.88 42.57 1.13
C3 NAG QA . 26.44 42.96 -0.21
C4 NAG QA . 27.48 43.90 -0.81
C5 NAG QA . 28.80 43.14 -0.86
C6 NAG QA . 29.95 43.96 -1.38
C7 NAG QA . 25.59 41.72 2.96
C8 NAG QA . 24.70 40.64 3.47
N2 NAG QA . 25.92 41.66 1.70
O3 NAG QA . 25.14 43.59 -0.12
O4 NAG QA . 27.06 44.28 -2.13
O5 NAG QA . 29.20 42.75 0.47
O6 NAG QA . 30.25 45.13 -0.64
O7 NAG QA . 26.00 42.63 3.68
C1 NAG QA . 27.12 45.73 -2.36
C2 NAG QA . 27.11 45.98 -3.87
C3 NAG QA . 27.22 47.42 -4.16
C4 NAG QA . 26.03 48.11 -3.50
C5 NAG QA . 26.05 47.85 -2.00
C6 NAG QA . 24.85 48.47 -1.34
C7 NAG QA . 28.10 44.46 -5.46
C8 NAG QA . 29.35 43.80 -5.94
N2 NAG QA . 28.23 45.30 -4.46
O3 NAG QA . 27.24 47.63 -5.59
O4 NAG QA . 26.08 49.50 -3.76
O5 NAG QA . 25.99 46.43 -1.76
O6 NAG QA . 24.32 49.60 -2.03
O7 NAG QA . 27.00 44.23 -5.96
C1 NAG RA . 1.15 20.99 -36.53
C2 NAG RA . 1.20 22.52 -36.36
C3 NAG RA . 0.16 23.05 -37.29
C4 NAG RA . 0.50 22.71 -38.75
C5 NAG RA . 0.55 21.19 -38.81
C6 NAG RA . 1.09 20.65 -40.10
C7 NAG RA . 1.35 24.17 -34.58
C8 NAG RA . 1.02 24.66 -33.20
N2 NAG RA . 0.91 22.98 -34.98
O3 NAG RA . 0.01 24.49 -37.10
O4 NAG RA . -0.58 23.11 -39.61
O5 NAG RA . 1.48 20.65 -37.90
O6 NAG RA . 1.71 19.38 -39.94
O7 NAG RA . 2.02 24.86 -35.34
C1 NAG RA . -0.52 24.51 -40.05
C2 NAG RA . -0.80 24.52 -41.55
C3 NAG RA . -0.76 25.91 -42.07
C4 NAG RA . -1.83 26.70 -41.31
C5 NAG RA . -1.53 26.66 -39.82
C6 NAG RA . -2.63 27.37 -39.06
C7 NAG RA . -0.03 22.78 -43.06
C8 NAG RA . 1.14 22.04 -43.62
N2 NAG RA . 0.24 23.74 -42.20
O3 NAG RA . -1.01 25.89 -43.49
O4 NAG RA . -1.85 28.04 -41.78
O5 NAG RA . -1.53 25.30 -39.37
O6 NAG RA . -3.22 28.46 -39.75
O7 NAG RA . -1.19 22.51 -43.37
C1 NAG SA . 1.55 28.81 -32.09
C2 NAG SA . 1.41 30.29 -31.76
C3 NAG SA . 0.02 30.52 -31.37
C4 NAG SA . -0.90 30.15 -32.51
C5 NAG SA . -0.68 28.66 -32.85
C6 NAG SA . -1.45 28.18 -34.05
C7 NAG SA . 3.39 31.27 -30.80
C8 NAG SA . 4.24 31.46 -29.59
N2 NAG SA . 2.28 30.60 -30.65
O3 NAG SA . -0.15 31.92 -31.01
O4 NAG SA . -2.21 30.36 -32.00
O5 NAG SA . 0.69 28.45 -33.19
O6 NAG SA . -1.33 28.99 -35.22
O7 NAG SA . 3.71 31.72 -31.90
C1 NAG SA . -3.11 31.05 -32.92
C2 NAG SA . -4.55 30.74 -32.49
C3 NAG SA . -5.50 31.39 -33.42
C4 NAG SA . -5.23 32.88 -33.37
C5 NAG SA . -3.80 33.17 -33.81
C6 NAG SA . -3.49 34.64 -33.70
C7 NAG SA . -4.51 28.53 -31.47
C8 NAG SA . -4.74 27.06 -31.62
N2 NAG SA . -4.76 29.30 -32.51
O3 NAG SA . -6.86 31.06 -33.01
O4 NAG SA . -6.13 33.55 -34.24
O5 NAG SA . -2.90 32.50 -32.91
O6 NAG SA . -4.57 35.50 -34.04
O7 NAG SA . -4.08 29.01 -30.41
C1 NAG TA . 4.17 11.43 -37.33
C2 NAG TA . 4.91 11.50 -38.65
C3 NAG TA . 5.41 10.14 -38.99
C4 NAG TA . 6.38 9.71 -37.87
C5 NAG TA . 5.62 9.72 -36.57
C6 NAG TA . 6.56 9.46 -35.43
C7 NAG TA . 4.12 13.22 -40.14
C8 NAG TA . 3.17 13.62 -41.20
N2 NAG TA . 4.04 11.99 -39.70
O3 NAG TA . 6.09 10.16 -40.27
O4 NAG TA . 6.82 8.37 -38.10
O5 NAG TA . 5.08 11.01 -36.29
O6 NAG TA . 7.67 10.35 -35.38
O7 NAG TA . 4.97 14.01 -39.69
C1 NAG TA . 8.25 8.26 -38.42
C2 NAG TA . 8.72 6.85 -38.04
C3 NAG TA . 10.15 6.69 -38.40
C4 NAG TA . 10.27 6.91 -39.91
C5 NAG TA . 9.82 8.33 -40.26
C6 NAG TA . 9.85 8.53 -41.75
C7 NAG TA . 7.84 5.77 -36.05
C8 NAG TA . 7.84 5.69 -34.55
N2 NAG TA . 8.61 6.68 -36.60
O3 NAG TA . 10.58 5.36 -38.01
O4 NAG TA . 11.62 6.71 -40.30
O5 NAG TA . 8.45 8.47 -39.85
O6 NAG TA . 10.79 7.70 -42.43
O7 NAG TA . 7.15 5.01 -36.75
C1 NAG UA . 28.94 18.88 -24.42
C2 NAG UA . 29.52 19.36 -23.09
C3 NAG UA . 30.99 19.25 -23.13
C4 NAG UA . 31.38 17.79 -23.31
C5 NAG UA . 30.76 17.36 -24.64
C6 NAG UA . 31.01 15.91 -24.97
C7 NAG UA . 29.04 21.22 -21.69
C8 NAG UA . 28.69 22.67 -21.61
N2 NAG UA . 29.15 20.73 -22.89
O3 NAG UA . 31.56 19.81 -21.92
O4 NAG UA . 32.80 17.73 -23.35
O5 NAG UA . 29.33 17.50 -24.62
O6 NAG UA . 30.69 14.98 -23.94
O7 NAG UA . 29.21 20.54 -20.68
C1 NAG UA . 33.35 16.65 -22.52
C2 NAG UA . 34.81 16.45 -22.89
C3 NAG UA . 35.36 15.31 -22.15
C4 NAG UA . 35.26 15.62 -20.66
C5 NAG UA . 33.79 15.85 -20.33
C6 NAG UA . 33.63 16.27 -18.89
C7 NAG UA . 35.21 17.24 -25.11
C8 NAG UA . 35.27 16.96 -26.57
N2 NAG UA . 34.94 16.24 -24.31
O3 NAG UA . 36.73 15.09 -22.58
O4 NAG UA . 35.70 14.47 -19.91
O5 NAG UA . 33.26 16.93 -21.10
O6 NAG UA . 32.28 16.38 -18.44
O7 NAG UA . 35.41 18.37 -24.65
C1 BMA UA . 37.02 14.61 -19.31
C2 BMA UA . 37.10 13.66 -18.12
C3 BMA UA . 38.43 13.72 -17.46
C4 BMA UA . 39.44 13.33 -18.51
C5 BMA UA . 39.38 14.31 -19.72
C6 BMA UA . 40.36 13.83 -20.85
O2 BMA UA . 36.92 12.42 -18.61
O3 BMA UA . 38.47 12.79 -16.34
O4 BMA UA . 40.71 13.35 -17.93
O5 BMA UA . 38.06 14.26 -20.26
O6 BMA UA . 40.25 12.38 -21.15
C1 MAN UA . 37.92 13.32 -15.08
C2 MAN UA . 38.92 13.07 -13.95
C3 MAN UA . 39.13 11.63 -13.70
C4 MAN UA . 37.78 11.06 -13.31
C5 MAN UA . 36.78 11.30 -14.48
C6 MAN UA . 35.37 10.71 -14.12
O2 MAN UA . 38.43 13.65 -12.85
O3 MAN UA . 40.09 11.47 -12.63
O4 MAN UA . 37.88 9.69 -13.07
O5 MAN UA . 36.65 12.71 -14.71
O6 MAN UA . 35.45 9.41 -13.42
C1 MAN UA . 41.45 11.77 -21.76
C2 MAN UA . 41.47 12.07 -23.27
C3 MAN UA . 40.31 11.45 -23.97
C4 MAN UA . 40.39 9.96 -23.76
C5 MAN UA . 40.35 9.67 -22.23
C6 MAN UA . 40.46 8.13 -21.96
O2 MAN UA . 42.59 11.52 -23.75
O3 MAN UA . 40.36 11.79 -25.38
O4 MAN UA . 39.32 9.33 -24.38
O5 MAN UA . 41.48 10.32 -21.59
O6 MAN UA . 39.58 7.30 -22.81
C1 NAG VA . 0.92 39.07 -24.49
C2 NAG VA . -0.42 39.01 -25.23
C3 NAG VA . -0.83 40.41 -25.44
C4 NAG VA . -1.02 41.17 -24.13
C5 NAG VA . 0.33 41.11 -23.40
C6 NAG VA . 0.28 41.63 -21.99
C7 NAG VA . -0.62 37.21 -26.84
C8 NAG VA . -0.21 36.71 -28.17
N2 NAG VA . -0.20 38.41 -26.52
O3 NAG VA . -2.06 40.42 -26.20
O4 NAG VA . -1.33 42.51 -24.57
O5 NAG VA . 0.73 39.73 -23.22
O6 NAG VA . 1.10 40.95 -21.07
O7 NAG VA . -1.33 36.55 -26.05
C1 NAG VA . -2.12 43.31 -23.62
C2 NAG VA . -2.71 44.49 -24.38
C3 NAG VA . -3.43 45.39 -23.46
C4 NAG VA . -4.55 44.57 -22.82
C5 NAG VA . -3.94 43.39 -22.06
C6 NAG VA . -5.03 42.52 -21.49
C7 NAG VA . -1.71 45.64 -26.26
C8 NAG VA . -0.52 46.34 -26.81
N2 NAG VA . -1.63 45.21 -25.02
O3 NAG VA . -3.97 46.53 -24.20
O4 NAG VA . -5.27 45.39 -21.93
O5 NAG VA . -3.21 42.57 -22.99
O6 NAG VA . -6.17 43.22 -21.04
O7 NAG VA . -2.75 45.48 -26.92
C1 NAG WA . 17.89 25.05 -40.91
C2 NAG WA . 18.12 24.27 -42.21
C3 NAG WA . 18.56 25.18 -43.28
C4 NAG WA . 17.48 26.23 -43.51
C5 NAG WA . 17.26 26.93 -42.17
C6 NAG WA . 16.13 27.92 -42.28
C7 NAG WA . 18.80 22.00 -41.94
C8 NAG WA . 19.88 21.04 -41.53
N2 NAG WA . 19.12 23.26 -41.97
O3 NAG WA . 18.79 24.41 -44.48
O4 NAG WA . 17.97 27.23 -44.42
O5 NAG WA . 16.86 26.05 -41.14
O6 NAG WA . 14.98 27.42 -42.95
O7 NAG WA . 17.66 21.62 -42.24
C1 NAG WA . 17.69 26.97 -45.84
C2 NAG WA . 17.31 28.29 -46.49
C3 NAG WA . 17.01 28.05 -47.92
C4 NAG WA . 18.26 27.52 -48.60
C5 NAG WA . 18.62 26.19 -47.91
C6 NAG WA . 19.93 25.64 -48.44
C7 NAG WA . 16.09 30.06 -45.39
C8 NAG WA . 14.81 30.47 -44.73
N2 NAG WA . 16.13 28.82 -45.84
O3 NAG WA . 16.56 29.29 -48.53
O4 NAG WA . 17.94 27.32 -49.99
O5 NAG WA . 18.86 26.43 -46.51
O6 NAG WA . 20.37 24.45 -47.82
O7 NAG WA . 17.05 30.81 -45.52
C1 BMA WA . 18.70 28.17 -50.94
C2 BMA WA . 17.80 28.45 -52.14
C3 BMA WA . 18.53 29.25 -53.17
C4 BMA WA . 18.93 30.56 -52.53
C5 BMA WA . 19.85 30.27 -51.32
C6 BMA WA . 20.24 31.61 -50.58
O2 BMA WA . 16.75 29.14 -51.69
O3 BMA WA . 17.64 29.49 -54.30
O4 BMA WA . 19.61 31.33 -53.46
O5 BMA WA . 19.11 29.45 -50.38
O6 BMA WA . 20.64 32.70 -51.50
C1 NAG XA . 41.18 28.99 -31.47
C2 NAG XA . 41.62 30.45 -31.49
C3 NAG XA . 42.75 30.65 -32.43
C4 NAG XA . 43.93 29.81 -31.95
C5 NAG XA . 43.44 28.38 -31.87
C6 NAG XA . 44.49 27.51 -31.27
C7 NAG XA . 39.98 32.12 -31.18
C8 NAG XA . 38.64 32.55 -31.63
N2 NAG XA . 40.51 31.22 -31.93
O3 NAG XA . 43.06 32.06 -32.45
O4 NAG XA . 44.94 29.85 -32.98
O5 NAG XA . 42.31 28.20 -30.99
O6 NAG XA . 44.00 26.36 -30.59
O7 NAG XA . 40.57 32.59 -30.20
C1 NAG XA . 46.02 30.83 -32.76
C2 NAG XA . 47.22 30.40 -33.61
C3 NAG XA . 48.37 31.33 -33.45
C4 NAG XA . 47.87 32.68 -33.93
C5 NAG XA . 46.69 33.14 -33.08
C6 NAG XA . 46.16 34.44 -33.61
C7 NAG XA . 48.09 28.18 -34.03
C8 NAG XA . 48.46 26.84 -33.48
N2 NAG XA . 47.62 29.07 -33.17
O3 NAG XA . 49.49 30.85 -34.23
O4 NAG XA . 48.93 33.62 -33.83
O5 NAG XA . 45.64 32.17 -33.23
O6 NAG XA . 47.13 35.27 -34.23
O7 NAG XA . 48.21 28.45 -35.22
C1 NAG YA . 20.56 48.45 -34.97
C2 NAG YA . 20.50 49.81 -34.30
C3 NAG YA . 21.17 50.79 -35.18
C4 NAG YA . 22.64 50.37 -35.38
C5 NAG YA . 22.63 49.00 -36.03
C6 NAG YA . 24.02 48.47 -36.21
C7 NAG YA . 18.52 50.38 -32.99
C8 NAG YA . 17.11 50.84 -33.02
N2 NAG YA . 19.11 50.22 -34.15
O3 NAG YA . 21.06 52.10 -34.58
O4 NAG YA . 23.32 51.27 -36.28
O5 NAG YA . 21.94 48.07 -35.19
O6 NAG YA . 24.12 47.10 -36.53
O7 NAG YA . 19.12 50.14 -31.93
C1 NAG YA . 23.90 52.45 -35.62
C2 NAG YA . 25.30 52.70 -36.18
C3 NAG YA . 25.89 53.89 -35.52
C4 NAG YA . 24.98 55.08 -35.81
C5 NAG YA . 23.59 54.80 -35.24
C6 NAG YA . 22.64 55.92 -35.56
C7 NAG YA . 27.14 51.21 -36.71
C8 NAG YA . 27.91 49.99 -36.36
N2 NAG YA . 26.13 51.54 -35.93
O3 NAG YA . 27.24 54.12 -36.02
O4 NAG YA . 25.53 56.25 -35.21
O5 NAG YA . 23.07 53.62 -35.86
O6 NAG YA . 23.26 57.20 -35.64
O7 NAG YA . 27.43 51.91 -37.69
C1 NAG ZA . 32.22 42.81 -23.09
C2 NAG ZA . 32.18 43.74 -21.88
C3 NAG ZA . 31.87 45.09 -22.39
C4 NAG ZA . 32.94 45.55 -23.39
C5 NAG ZA . 32.92 44.54 -24.54
C6 NAG ZA . 33.99 44.78 -25.57
C7 NAG ZA . 31.31 42.69 -19.86
C8 NAG ZA . 30.11 42.23 -19.08
N2 NAG ZA . 31.10 43.30 -21.01
O3 NAG ZA . 31.79 46.00 -21.26
O4 NAG ZA . 32.61 46.86 -23.87
O5 NAG ZA . 33.20 43.24 -24.05
O6 NAG ZA . 35.30 44.94 -25.07
O7 NAG ZA . 32.45 42.49 -19.45
C1 NAG ZA . 33.71 47.82 -23.74
C2 NAG ZA . 33.51 48.95 -24.76
C3 NAG ZA . 34.65 49.90 -24.67
C4 NAG ZA . 34.67 50.46 -23.26
C5 NAG ZA . 34.85 49.32 -22.27
C6 NAG ZA . 34.81 49.83 -20.85
C7 NAG ZA . 32.57 48.67 -26.98
C8 NAG ZA . 32.66 48.00 -28.31
N2 NAG ZA . 33.51 48.40 -26.10
O3 NAG ZA . 34.47 50.95 -25.65
O4 NAG ZA . 35.73 51.39 -23.13
O5 NAG ZA . 33.77 48.39 -22.41
O6 NAG ZA . 35.45 51.08 -20.66
O7 NAG ZA . 31.67 49.48 -26.71
C1 NAG AB . 30.15 45.61 -33.88
C2 NAG AB . 31.57 45.64 -33.31
C3 NAG AB . 32.15 46.97 -33.61
C4 NAG AB . 32.19 47.21 -35.13
C5 NAG AB . 30.73 47.15 -35.61
C6 NAG AB . 30.56 47.29 -37.09
C7 NAG AB . 31.78 44.30 -31.30
C8 NAG AB . 31.52 44.19 -29.84
N2 NAG AB . 31.47 45.45 -31.88
O3 NAG AB . 33.49 47.02 -33.07
O4 NAG AB . 32.74 48.53 -35.31
O5 NAG AB . 30.16 45.86 -35.30
O6 NAG AB . 29.27 46.92 -37.59
O7 NAG AB . 32.26 43.37 -31.95
C1 NAG AB . 33.62 48.64 -36.49
C2 NAG AB . 33.84 50.13 -36.78
C3 NAG AB . 34.66 50.30 -38.00
C4 NAG AB . 36.00 49.61 -37.74
C5 NAG AB . 35.75 48.13 -37.46
C6 NAG AB . 37.06 47.44 -37.16
C7 NAG AB . 32.15 51.82 -36.33
C8 NAG AB . 30.79 52.34 -36.64
N2 NAG AB . 32.54 50.75 -37.00
O3 NAG AB . 34.83 51.72 -38.25
O4 NAG AB . 36.83 49.76 -38.88
O5 NAG AB . 34.91 48.00 -36.29
O6 NAG AB . 38.12 47.79 -38.03
O7 NAG AB . 32.89 52.35 -35.51
C1 NAG BB . -19.95 12.88 -37.61
C2 NAG BB . -21.14 13.14 -38.53
C3 NAG BB . -20.86 14.29 -39.40
C4 NAG BB . -20.61 15.54 -38.54
C5 NAG BB . -19.41 15.23 -37.64
C6 NAG BB . -19.17 16.33 -36.65
C7 NAG BB . -22.46 11.27 -39.25
C8 NAG BB . -22.60 10.10 -40.18
N2 NAG BB . -21.38 11.98 -39.35
O3 NAG BB . -22.00 14.50 -40.28
O4 NAG BB . -20.31 16.62 -39.42
O5 NAG BB . -19.70 14.07 -36.82
O6 NAG BB . -20.32 17.09 -36.31
O7 NAG BB . -23.33 11.56 -38.44
C1 NAG BB . -21.27 17.74 -39.36
C2 NAG BB . -20.55 19.03 -39.74
C3 NAG BB . -21.50 20.18 -39.66
C4 NAG BB . -22.63 19.91 -40.64
C5 NAG BB . -23.33 18.61 -40.24
C6 NAG BB . -24.42 18.29 -41.23
C7 NAG BB . -18.25 19.42 -39.16
C8 NAG BB . -17.25 19.62 -38.07
N2 NAG BB . -19.50 19.26 -38.79
O3 NAG BB . -20.79 21.40 -39.98
O4 NAG BB . -23.54 21.00 -40.58
O5 NAG BB . -22.38 17.53 -40.29
O6 NAG BB . -25.21 19.39 -41.64
O7 NAG BB . -17.93 19.44 -40.35
C1 FUC BB . -20.25 17.69 -34.99
C2 FUC BB . -21.18 18.91 -34.97
C3 FUC BB . -22.62 18.46 -35.21
C4 FUC BB . -23.01 17.51 -34.10
C5 FUC BB . -22.04 16.32 -34.15
C6 FUC BB . -22.39 15.34 -33.04
O2 FUC BB . -20.81 19.81 -36.00
O3 FUC BB . -23.48 19.59 -35.18
O4 FUC BB . -22.92 18.21 -32.85
O5 FUC BB . -20.66 16.76 -33.97
C1 NAG CB . 64.02 18.06 32.66
C2 NAG CB . 64.16 19.52 32.22
C3 NAG CB . 65.45 19.73 31.54
C4 NAG CB . 66.55 19.37 32.52
C5 NAG CB . 66.40 17.92 32.94
C6 NAG CB . 67.45 17.55 33.95
C7 NAG CB . 62.13 20.66 31.53
C8 NAG CB . 61.09 20.77 30.47
N2 NAG CB . 63.11 19.83 31.27
O3 NAG CB . 65.54 21.11 31.10
O4 NAG CB . 67.81 19.57 31.90
O5 NAG CB . 65.13 17.74 33.57
O6 NAG CB . 68.70 18.21 33.77
O7 NAG CB . 62.10 21.31 32.58
C1 NAG DB . 38.70 2.90 44.87
C2 NAG DB . 37.99 1.56 45.11
C3 NAG DB . 36.82 1.80 45.98
C4 NAG DB . 37.32 2.40 47.29
C5 NAG DB . 38.03 3.71 47.00
C6 NAG DB . 38.57 4.32 48.27
C7 NAG DB . 38.07 -0.01 43.26
C8 NAG DB . 37.53 -0.38 41.91
N2 NAG DB . 37.52 1.04 43.84
O3 NAG DB . 36.14 0.53 46.20
O4 NAG DB . 36.23 2.61 48.16
O5 NAG DB . 39.13 3.47 46.13
O6 NAG DB . 37.71 4.23 49.38
O7 NAG DB . 38.98 -0.63 43.79
C1 NAG EB . 53.73 -38.08 10.15
C2 NAG EB . 55.27 -37.95 10.32
C3 NAG EB . 55.80 -37.05 9.27
C4 NAG EB . 55.47 -37.69 7.91
C5 NAG EB . 53.95 -37.83 7.78
C6 NAG EB . 53.61 -38.48 6.47
C7 NAG EB . 56.04 -38.11 12.62
C8 NAG EB . 56.14 -37.48 13.97
N2 NAG EB . 55.55 -37.39 11.64
O3 NAG EB . 57.22 -36.90 9.45
O4 NAG EB . 55.96 -36.86 6.88
O5 NAG EB . 53.45 -38.67 8.84
O6 NAG EB . 54.16 -37.85 5.33
O7 NAG EB . 56.38 -39.28 12.43
C1 NAG FB . 35.27 -7.10 41.57
C2 NAG FB . 35.82 -6.97 43.00
C3 NAG FB . 36.58 -8.19 43.36
C4 NAG FB . 35.61 -9.35 43.28
C5 NAG FB . 35.05 -9.47 41.86
C6 NAG FB . 34.03 -10.58 41.79
C7 NAG FB . 36.31 -4.69 43.71
C8 NAG FB . 37.25 -3.55 43.68
N2 NAG FB . 36.68 -5.81 43.10
O3 NAG FB . 37.13 -8.03 44.69
O4 NAG FB . 36.29 -10.55 43.62
O5 NAG FB . 34.37 -8.25 41.52
O6 NAG FB . 34.24 -11.63 42.72
O7 NAG FB . 35.22 -4.61 44.28
C1 NAG GB . 29.66 -20.15 29.46
C2 NAG GB . 28.23 -19.61 29.44
C3 NAG GB . 27.50 -20.06 30.65
C4 NAG GB . 27.51 -21.58 30.63
C5 NAG GB . 28.95 -22.08 30.66
C6 NAG GB . 28.99 -23.58 30.64
C7 NAG GB . 27.98 -17.43 28.42
C8 NAG GB . 28.24 -15.96 28.50
N2 NAG GB . 28.31 -18.15 29.46
O3 NAG GB . 26.15 -19.53 30.62
O4 NAG GB . 26.80 -22.06 31.76
O5 NAG GB . 29.65 -21.60 29.49
O6 NAG GB . 28.11 -24.20 31.57
O7 NAG GB . 27.48 -17.95 27.42
C1 NAG HB . 3.02 -27.22 -27.93
C2 NAG HB . 1.62 -26.82 -28.42
C3 NAG HB . 1.63 -26.80 -29.90
C4 NAG HB . 2.68 -25.77 -30.31
C5 NAG HB . 4.06 -26.18 -29.78
C6 NAG HB . 5.09 -25.15 -30.14
C7 NAG HB . -0.14 -27.48 -26.87
C8 NAG HB . -0.96 -28.58 -26.28
N2 NAG HB . 0.65 -27.78 -27.90
O3 NAG HB . 0.30 -26.44 -30.38
O4 NAG HB . 2.73 -25.68 -31.73
O5 NAG HB . 4.01 -26.24 -28.36
O6 NAG HB . 5.03 -24.67 -31.48
O7 NAG HB . -0.20 -26.33 -26.42
C1 NAG IB . 15.34 -23.12 -18.54
C2 NAG IB . 15.37 -24.64 -18.84
C3 NAG IB . 16.53 -25.27 -18.15
C4 NAG IB . 17.78 -24.59 -18.71
C5 NAG IB . 17.72 -23.10 -18.41
C6 NAG IB . 18.94 -22.40 -18.98
C7 NAG IB . 13.18 -25.58 -19.19
C8 NAG IB . 11.88 -26.00 -18.59
N2 NAG IB . 14.14 -25.25 -18.36
O3 NAG IB . 16.53 -26.70 -18.39
O4 NAG IB . 18.93 -25.16 -18.09
O5 NAG IB . 16.57 -22.52 -19.05
O6 NAG IB . 20.17 -23.03 -18.68
O7 NAG IB . 13.35 -25.54 -20.41
C1 NAG JB . 30.65 53.20 41.50
C2 NAG JB . 32.14 52.87 41.31
C3 NAG JB . 32.79 52.68 42.63
C4 NAG JB . 32.62 53.96 43.42
C5 NAG JB . 31.14 54.25 43.60
C6 NAG JB . 30.95 55.56 44.33
C7 NAG JB . 32.74 51.58 39.37
C8 NAG JB . 32.70 50.23 38.73
N2 NAG JB . 32.27 51.64 40.58
O3 NAG JB . 34.18 52.35 42.42
O4 NAG JB . 33.25 53.82 44.68
O5 NAG JB . 30.53 54.41 42.31
O6 NAG JB . 31.96 55.84 45.30
O7 NAG JB . 33.21 52.57 38.80
C1 NAG KB . 7.47 55.47 19.67
C2 NAG KB . 5.96 55.41 19.37
C3 NAG KB . 5.74 55.84 17.97
C4 NAG KB . 6.27 57.26 17.82
C5 NAG KB . 7.75 57.28 18.13
C6 NAG KB . 8.31 58.66 18.04
C7 NAG KB . 4.75 53.64 20.50
C8 NAG KB . 4.42 52.18 20.56
N2 NAG KB . 5.51 54.04 19.50
O3 NAG KB . 4.31 55.76 17.69
O4 NAG KB . 6.05 57.70 16.49
O5 NAG KB . 7.95 56.83 19.48
O6 NAG KB . 7.83 59.42 16.93
O7 NAG KB . 4.34 54.43 21.35
C1 NAG LB . -22.48 26.59 56.82
C2 NAG LB . -21.94 27.28 58.09
C3 NAG LB . -20.80 26.51 58.62
C4 NAG LB . -21.32 25.10 58.95
C5 NAG LB . -21.85 24.45 57.68
C6 NAG LB . -22.40 23.09 57.98
C7 NAG LB . -22.20 29.70 58.11
C8 NAG LB . -21.76 31.03 57.58
N2 NAG LB . -21.51 28.63 57.76
O3 NAG LB . -20.28 27.17 59.79
O4 NAG LB . -20.24 24.32 59.46
O5 NAG LB . -22.93 25.24 57.16
O6 NAG LB . -21.47 22.23 58.64
O7 NAG LB . -23.19 29.59 58.85
C1 NAG MB . -2.54 50.85 20.73
C2 NAG MB . -2.46 52.39 20.73
C3 NAG MB . -3.45 52.95 21.68
C4 NAG MB . -4.82 52.49 21.19
C5 NAG MB . -4.90 50.97 21.17
C6 NAG MB . -6.22 50.52 20.62
C7 NAG MB . -0.26 53.30 20.24
C8 NAG MB . 1.10 53.64 20.75
N2 NAG MB . -1.12 52.81 21.11
O3 NAG MB . -3.33 54.39 21.71
O4 NAG MB . -5.81 53.01 22.07
O5 NAG MB . -3.88 50.46 20.30
O6 NAG MB . -7.29 51.42 20.86
O7 NAG MB . -0.57 53.47 19.06
C1 NAG NB . -14.86 37.11 23.57
C2 NAG NB . -14.74 36.63 22.12
C3 NAG NB . -15.53 37.49 21.23
C4 NAG NB . -16.97 37.43 21.71
C5 NAG NB . -17.05 37.93 23.15
C6 NAG NB . -18.46 37.87 23.67
C7 NAG NB . -12.60 35.66 21.55
C8 NAG NB . -11.14 35.87 21.30
N2 NAG NB . -13.34 36.71 21.74
O3 NAG NB . -15.41 37.02 19.86
O4 NAG NB . -17.79 38.24 20.87
O5 NAG NB . -16.24 37.09 24.00
O6 NAG NB . -19.43 38.42 22.78
O7 NAG NB . -13.10 34.53 21.58
C1 NAG OB . -21.19 -26.13 19.96
C2 NAG OB . -21.12 -27.06 18.74
C3 NAG OB . -20.90 -28.44 19.20
C4 NAG OB . -19.57 -28.43 19.96
C5 NAG OB . -19.65 -27.48 21.15
C6 NAG OB . -18.33 -27.43 21.88
C7 NAG OB . -22.46 -26.23 16.88
C8 NAG OB . -23.81 -25.99 16.30
N2 NAG OB . -22.38 -26.93 18.00
O3 NAG OB . -20.87 -29.33 18.06
O4 NAG OB . -19.28 -29.74 20.42
O5 NAG OB . -19.92 -26.16 20.68
O6 NAG OB . -17.71 -28.69 22.09
O7 NAG OB . -21.45 -25.78 16.33
C1 NAG PB . -15.12 -12.96 26.78
C2 NAG PB . -16.51 -13.28 27.37
C3 NAG PB . -16.87 -12.26 28.39
C4 NAG PB . -15.80 -12.33 29.48
C5 NAG PB . -14.44 -12.03 28.87
C6 NAG PB . -13.37 -12.12 29.92
C7 NAG PB . -17.96 -14.40 25.81
C8 NAG PB . -18.81 -14.29 24.59
N2 NAG PB . -17.49 -13.28 26.30
O3 NAG PB . -18.20 -12.53 28.90
O4 NAG PB . -16.11 -11.38 30.49
O5 NAG PB . -14.13 -12.99 27.86
O6 NAG PB . -13.65 -11.44 31.13
O7 NAG PB . -17.72 -15.48 26.34
C1 NAG QB . 53.45 51.29 -2.12
C2 NAG QB . 53.58 51.61 -0.62
C3 NAG QB . 53.40 53.06 -0.39
C4 NAG QB . 54.47 53.79 -1.19
C5 NAG QB . 54.30 53.46 -2.67
C6 NAG QB . 55.39 54.13 -3.46
C7 NAG QB . 52.78 49.95 0.94
C8 NAG QB . 51.58 49.28 1.52
N2 NAG QB . 52.55 50.92 0.10
O3 NAG QB . 53.51 53.33 1.03
O4 NAG QB . 54.34 55.18 -0.98
O5 NAG QB . 54.45 52.06 -2.85
O6 NAG QB . 55.81 55.39 -2.97
O7 NAG QB . 53.94 49.61 1.22
C1 NAG RB . 52.10 22.93 -16.72
C2 NAG RB . 51.65 22.14 -17.97
C3 NAG RB . 52.19 20.76 -17.86
C4 NAG RB . 53.71 20.85 -17.78
C5 NAG RB . 54.09 21.65 -16.54
C6 NAG RB . 55.59 21.80 -16.45
C7 NAG RB . 49.48 22.73 -18.86
C8 NAG RB . 47.99 22.62 -18.72
N2 NAG RB . 50.21 22.06 -18.00
O3 NAG RB . 51.75 20.01 -19.02
O4 NAG RB . 54.25 19.54 -17.70
O5 NAG RB . 53.54 22.97 -16.66
O6 NAG RB . 56.32 20.63 -16.76
O7 NAG RB . 50.00 23.41 -19.75
C1 NAG SB . 11.16 46.58 -46.33
C2 NAG SB . 11.79 47.99 -46.46
C3 NAG SB . 11.31 48.85 -45.36
C4 NAG SB . 9.78 48.93 -45.49
C5 NAG SB . 9.18 47.54 -45.37
C6 NAG SB . 7.70 47.58 -45.53
C7 NAG SB . 14.01 48.00 -47.46
C8 NAG SB . 15.46 47.71 -47.30
N2 NAG SB . 13.24 47.87 -46.39
O3 NAG SB . 11.92 50.15 -45.47
O4 NAG SB . 9.27 49.75 -44.45
O5 NAG SB . 9.71 46.70 -46.43
O6 NAG SB . 7.05 48.48 -44.65
O7 NAG SB . 13.53 48.34 -48.54
C1 NAG TB . 44.75 20.35 -24.61
C2 NAG TB . 46.24 20.43 -25.01
C3 NAG TB . 46.36 21.00 -26.37
C4 NAG TB . 45.61 20.06 -27.31
C5 NAG TB . 44.14 19.97 -26.90
C6 NAG TB . 43.41 18.98 -27.77
C7 NAG TB . 47.78 20.76 -23.16
C8 NAG TB . 48.41 21.70 -22.20
N2 NAG TB . 46.96 21.26 -24.07
O3 NAG TB . 47.75 21.12 -26.71
O4 NAG TB . 45.70 20.56 -28.63
O5 NAG TB . 44.06 19.48 -25.55
O6 NAG TB . 43.95 18.86 -29.08
O7 NAG TB . 48.02 19.54 -23.12
C1 NAG UB . 27.85 18.33 -32.27
C2 NAG UB . 27.62 16.99 -31.56
C3 NAG UB . 28.35 15.91 -32.26
C4 NAG UB . 27.82 15.87 -33.69
C5 NAG UB . 28.07 17.22 -34.37
C6 NAG UB . 27.55 17.21 -35.78
C7 NAG UB . 27.38 17.16 -29.17
C8 NAG UB . 28.02 17.42 -27.85
N2 NAG UB . 28.15 17.12 -30.22
O3 NAG UB . 28.12 14.66 -31.57
O4 NAG UB . 28.47 14.83 -34.40
O5 NAG UB . 27.38 18.26 -33.65
O6 NAG UB . 27.92 16.07 -36.53
O7 NAG UB . 26.16 16.98 -29.27
C1 NAG VB . -33.51 10.60 -17.18
C2 NAG VB . -34.21 9.44 -16.45
C3 NAG VB . -35.52 9.91 -15.96
C4 NAG VB . -35.25 11.08 -15.01
C5 NAG VB . -34.53 12.20 -15.75
C6 NAG VB . -34.19 13.33 -14.82
C7 NAG VB . -33.53 7.26 -17.32
C8 NAG VB . -33.61 6.27 -18.42
N2 NAG VB . -34.34 8.32 -17.38
O3 NAG VB . -36.20 8.81 -15.29
O4 NAG VB . -36.46 11.56 -14.50
O5 NAG VB . -33.27 11.71 -16.26
O6 NAG VB . -35.25 13.69 -13.93
O7 NAG VB . -32.75 7.10 -16.37
C1 NAG WB . -20.23 19.53 -17.98
C2 NAG WB . -21.01 19.60 -19.31
C3 NAG WB . -20.28 20.47 -20.27
C4 NAG WB . -20.20 21.86 -19.63
C5 NAG WB . -19.44 21.76 -18.32
C6 NAG WB . -19.37 23.11 -17.65
C7 NAG WB . -22.26 17.60 -19.78
C8 NAG WB . -22.23 16.17 -20.19
N2 NAG WB . -21.13 18.26 -19.86
O3 NAG WB . -20.98 20.49 -21.55
O4 NAG WB . -19.52 22.73 -20.52
O5 NAG WB . -20.13 20.88 -17.42
O6 NAG WB . -18.97 24.17 -18.50
O7 NAG WB . -23.29 18.14 -19.38
#